data_7T4G
#
_entry.id   7T4G
#
loop_
_entity.id
_entity.type
_entity.pdbx_description
1 polymer 'Envelope glycoprotein gp120'
2 polymer 'Envelope glycoprotein gp41'
3 polymer 'K11 IgG heavy chain'
4 polymer 'K11 IgG light chain'
5 branched alpha-D-mannopyranose-(1-2)-alpha-D-mannopyranose-(1-3)-[alpha-D-mannopyranose-(1-6)]alpha-D-mannopyranose-(1-6)-[alpha-D-mannopyranose-(1-3)]beta-D-mannopyranose-(1-4)-2-acetamido-2-deoxy-beta-D-glucopyranose-(1-4)-2-acetamido-2-deoxy-beta-D-glucopyranose
6 branched 2-acetamido-2-deoxy-beta-D-glucopyranose-(1-4)-2-acetamido-2-deoxy-beta-D-glucopyranose
7 branched 2-acetamido-2-deoxy-beta-D-glucopyranose-(1-4)-[alpha-L-fucopyranose-(1-6)]2-acetamido-2-deoxy-beta-D-glucopyranose
8 branched alpha-D-mannopyranose-(1-2)-alpha-D-mannopyranose-(1-2)-alpha-D-mannopyranose-(1-3)-[alpha-D-mannopyranose-(1-6)]beta-D-mannopyranose-(1-4)-2-acetamido-2-deoxy-beta-D-glucopyranose-(1-4)-2-acetamido-2-deoxy-beta-D-glucopyranose
9 branched alpha-D-mannopyranose-(1-6)-beta-D-mannopyranose-(1-4)-2-acetamido-2-deoxy-beta-D-glucopyranose-(1-4)-2-acetamido-2-deoxy-beta-D-glucopyranose
10 branched beta-D-mannopyranose-(1-4)-2-acetamido-2-deoxy-beta-D-glucopyranose-(1-4)-2-acetamido-2-deoxy-beta-D-glucopyranose
11 branched alpha-D-mannopyranose-(1-3)-[alpha-D-mannopyranose-(1-6)]beta-D-mannopyranose-(1-4)-2-acetamido-2-deoxy-beta-D-glucopyranose-(1-4)-2-acetamido-2-deoxy-beta-D-glucopyranose
12 branched alpha-D-mannopyranose-(1-3)-beta-D-mannopyranose-(1-4)-2-acetamido-2-deoxy-beta-D-glucopyranose-(1-4)-2-acetamido-2-deoxy-beta-D-glucopyranose
13 non-polymer 2-acetamido-2-deoxy-beta-D-glucopyranose
#
loop_
_entity_poly.entity_id
_entity_poly.type
_entity_poly.pdbx_seq_one_letter_code
_entity_poly.pdbx_strand_id
1 'polypeptide(L)'
;MGCLGNQLLIAILLLSVYGIYCTLYVTVFYGVPAWRNATIPLFCATKNRDTWGTTQCLPDNGDYSEMALNVTESFDAWNN
TVTEQAIEDVWQLFETSIKPCVKLSPLCITMRCNKSETDRWGLTKSITTTASTTSTTASAKVDMVNETSSCIAQDNCTGL
EQEQMISCKFNMTGLKRDKSKEYNETWYSADLVCEQGNNTGNESRCYMNHCNTSVIQESCDKHYWDAIRFRYCAPPGYAL
LRCNDTNYSGFMPKCSKVVVSSCTRMMETQTSTWFGFNGTRAENRTYIYWHGRDNRTIISLNKYYNLTMKCRRPGNKTVL
PVTIMSGLVFHSQPINDRPKQAWCWFGGKWKDAIKEVKQTIVKHPRYTGTNNTDKINLTAPGGGDPEVTFMWTNCRGEFL
YCKMNWFLNWVEDRNTANQKPKEQHKRNYVPCHIRQIINTWHKVGKNVYLPPREGDLTCNSTVTSLIANIDWIDGNQTNI
TMSAEVAELYRLELGDYKLVEITPIGLAPTSCKRYTTGGTSRRRRRR
;
A,C,E
2 'polypeptide(L)'
;GVFVLGFLGFLATAGSAMGAASLTLTAQSRTLLAGIVQQQQQLLDVPKRQQELLRLTVWGTKNLQTRVTAIEKYLKDQAQ
LNAWGCAFRQVCCTTVPWPNASLIPKWNNETWQEWERKVDFLEENITALLEEAQIQQEKNMYELQKLNGSGHHHHHHHH
;
B,D,F
3 'polypeptide(L)'
;DWTWRILFLVAAATGAHSQVQLQESGPGVVRPSQTLSLTCAVSGDTVSSCCFFWTWIRQPPGKGLEWIGNIYSDNDNTNY
NPSLKTRISISKDMSKNQFSLKLNSLTATDTAIYYCARESPSRGNFCYAYLYGNCPLHFDLWGQGVLVTVSSASTKGPSV
FPLAPSSRSTSESTAALGCLVKDYFPEPVTVSWNSGSLTSGVHTFPAVLQSSGLYSLSSVVTVPSSSLGTQTYVCNVNHK
PSNTKVDKRVEIKTCGGGSKPPTCPPCTSPELLGGPSVFLFPPKPKDTLMISRTPEVTCVVVDVSQEDPDVKFNWYVNGA
EVHHAQTKPRETQYNSTYRVVSVLTVTHQDWLNGKEYTCKVSNKALPAPIQKTISKDKGQPREPQVYTLPPSREELTKNQ
VSLTCLVKGFYPSDIVVEWESSGQPENTYKTTPPVLDSDGSYFLYSKLTVDKSRWQQGNVFSCSVMHEALHNHYTQKSLS
LSPGK
;
H,G,J
4 'polypeptide(L)'
;ETDTLLLWVLLLWVPGSTGDILLTQSPSSLSGSVGDRVTITCRASQGINSYLNWYQQKPGKAPKLLIYFANRLQSGVPSR
FSGSGSGTEFTLTISSLQSEDGATYYCQQYDTFPTFGPGTKLDIKRTVAAPSVFIFPPSEDQVKSGTVSVVCLLNNFYPR
EASVKWKVDGALKTGNSQESVTEQDSKDNTYSLSSTLTLSSTEYQSHKVYACEVTHQGLSSPVTKSFNRGEC
;
L,I,K
#
# COMPACT_ATOMS: atom_id res chain seq x y z
N THR A 23 22.98 -4.09 -43.39
CA THR A 23 23.73 -5.27 -43.00
C THR A 23 23.61 -5.56 -41.50
N LEU A 24 23.95 -4.56 -40.65
CA LEU A 24 23.97 -4.65 -39.20
C LEU A 24 22.70 -4.09 -38.61
N TYR A 25 22.03 -4.95 -37.86
CA TYR A 25 20.76 -4.70 -37.24
C TYR A 25 20.97 -4.52 -35.76
N VAL A 26 20.08 -3.77 -35.15
CA VAL A 26 20.31 -3.39 -33.77
C VAL A 26 20.44 -4.55 -32.80
N THR A 27 19.53 -5.50 -32.90
CA THR A 27 19.45 -6.71 -32.05
C THR A 27 19.37 -6.28 -30.59
N VAL A 28 18.73 -7.05 -29.75
CA VAL A 28 18.70 -6.59 -28.38
C VAL A 28 19.10 -7.77 -27.56
N PHE A 29 20.04 -7.57 -26.68
CA PHE A 29 20.59 -8.65 -25.89
C PHE A 29 20.05 -8.59 -24.49
N TYR A 30 19.59 -9.71 -23.96
CA TYR A 30 19.04 -9.63 -22.61
C TYR A 30 19.90 -10.42 -21.63
N GLY A 31 20.13 -9.87 -20.44
CA GLY A 31 20.98 -10.54 -19.45
C GLY A 31 22.34 -9.87 -19.43
N VAL A 32 22.39 -8.69 -20.02
CA VAL A 32 23.60 -7.90 -20.13
C VAL A 32 24.17 -7.39 -18.79
N PRO A 33 25.46 -7.63 -18.51
CA PRO A 33 26.16 -7.25 -17.30
C PRO A 33 26.54 -5.78 -17.27
N ALA A 34 25.55 -4.90 -17.12
CA ALA A 34 25.80 -3.46 -17.12
C ALA A 34 24.83 -2.74 -16.18
N TRP A 35 25.26 -1.58 -15.68
CA TRP A 35 24.50 -0.80 -14.70
C TRP A 35 24.65 0.72 -14.75
N ARG A 36 23.76 1.38 -14.01
CA ARG A 36 23.76 2.84 -13.87
C ARG A 36 23.51 3.25 -12.41
N ASN A 37 23.80 4.53 -12.02
CA ASN A 37 23.57 5.06 -10.67
C ASN A 37 22.08 4.98 -10.28
N ALA A 38 21.77 4.40 -9.08
CA ALA A 38 20.41 4.26 -8.55
C ALA A 38 20.17 5.22 -7.42
N THR A 39 18.94 5.72 -7.32
CA THR A 39 18.54 6.61 -6.25
C THR A 39 17.24 6.11 -5.65
N ILE A 40 17.29 4.97 -4.98
CA ILE A 40 16.09 4.35 -4.46
C ILE A 40 16.29 4.02 -2.98
N PRO A 41 15.23 3.80 -2.20
CA PRO A 41 15.27 3.30 -0.83
C PRO A 41 15.86 1.90 -0.70
N LEU A 42 16.62 1.69 0.38
CA LEU A 42 17.19 0.41 0.74
C LEU A 42 16.41 -0.21 1.89
N PHE A 43 16.46 -1.52 1.98
CA PHE A 43 15.80 -2.19 3.08
C PHE A 43 16.69 -2.25 4.28
N CYS A 44 16.13 -2.13 5.46
CA CYS A 44 16.95 -2.34 6.62
C CYS A 44 16.76 -3.78 7.03
N ALA A 45 17.81 -4.38 7.60
CA ALA A 45 17.72 -5.72 8.14
C ALA A 45 18.49 -5.81 9.45
N THR A 46 17.91 -6.47 10.45
CA THR A 46 18.57 -6.54 11.76
C THR A 46 18.49 -7.86 12.50
N LYS A 47 19.14 -7.87 13.66
CA LYS A 47 19.12 -8.98 14.59
C LYS A 47 18.31 -8.63 15.83
N ASN A 48 18.24 -7.33 16.15
CA ASN A 48 17.53 -6.88 17.34
C ASN A 48 16.11 -6.58 16.94
N ARG A 49 15.22 -7.47 17.30
CA ARG A 49 13.86 -7.38 16.86
C ARG A 49 12.90 -7.09 17.99
N ASP A 50 13.40 -6.54 19.09
CA ASP A 50 12.55 -6.31 20.25
C ASP A 50 11.42 -5.30 20.00
N THR A 51 11.69 -4.24 19.24
CA THR A 51 10.68 -3.23 18.93
C THR A 51 10.69 -2.90 17.43
N TRP A 52 11.52 -1.93 17.06
CA TRP A 52 11.67 -1.46 15.68
C TRP A 52 12.11 -2.54 14.72
N GLY A 53 12.87 -3.54 15.15
CA GLY A 53 13.28 -4.55 14.21
C GLY A 53 12.10 -5.34 13.68
N THR A 54 11.27 -5.93 14.56
CA THR A 54 10.13 -6.70 14.07
C THR A 54 9.23 -5.83 13.25
N THR A 55 8.97 -4.62 13.71
CA THR A 55 8.04 -3.80 12.98
C THR A 55 8.52 -3.34 11.60
N GLN A 56 9.77 -2.90 11.49
CA GLN A 56 10.22 -2.27 10.25
C GLN A 56 11.22 -3.03 9.36
N CYS A 57 12.03 -3.89 9.96
CA CYS A 57 13.18 -4.50 9.28
C CYS A 57 13.05 -5.96 8.90
N LEU A 58 13.76 -6.32 7.86
CA LEU A 58 13.87 -7.68 7.46
C LEU A 58 14.80 -8.28 8.49
N PRO A 59 14.81 -9.58 8.72
CA PRO A 59 15.77 -10.22 9.57
C PRO A 59 17.08 -10.19 8.85
N ASP A 60 18.15 -10.17 9.60
CA ASP A 60 19.48 -10.26 9.01
C ASP A 60 19.65 -11.64 8.39
N ASN A 61 19.92 -11.65 7.09
CA ASN A 61 20.08 -12.89 6.34
C ASN A 61 21.36 -13.61 6.75
N GLY A 62 22.31 -12.87 7.30
CA GLY A 62 23.58 -13.41 7.79
C GLY A 62 24.66 -13.57 6.73
N ASP A 63 24.37 -13.18 5.51
CA ASP A 63 25.31 -13.32 4.42
C ASP A 63 26.20 -12.09 4.29
N TYR A 64 27.46 -12.26 4.66
CA TYR A 64 28.47 -11.20 4.63
C TYR A 64 29.54 -11.45 3.58
N SER A 65 29.26 -12.35 2.64
CA SER A 65 30.24 -12.64 1.59
C SER A 65 30.24 -11.56 0.53
N GLU A 66 31.34 -11.50 -0.23
CA GLU A 66 31.48 -10.54 -1.33
C GLU A 66 32.30 -11.14 -2.48
N MET A 67 32.12 -10.63 -3.70
CA MET A 67 32.95 -11.08 -4.84
C MET A 67 33.57 -9.87 -5.53
N ALA A 68 34.75 -10.02 -6.13
CA ALA A 68 35.33 -8.83 -6.79
C ALA A 68 35.12 -8.82 -8.29
N LEU A 69 35.00 -7.62 -8.84
CA LEU A 69 34.91 -7.45 -10.28
C LEU A 69 36.15 -6.74 -10.83
N ASN A 70 36.55 -7.06 -12.08
CA ASN A 70 37.64 -6.39 -12.80
C ASN A 70 37.09 -5.12 -13.51
N VAL A 71 36.58 -4.16 -12.71
CA VAL A 71 35.95 -2.93 -13.21
C VAL A 71 36.52 -1.73 -12.50
N THR A 72 36.32 -0.57 -13.08
CA THR A 72 36.72 0.68 -12.44
C THR A 72 35.48 1.48 -12.23
N GLU A 73 35.33 2.05 -11.05
CA GLU A 73 34.14 2.83 -10.74
C GLU A 73 34.46 4.06 -9.88
N SER A 74 33.62 5.08 -9.96
CA SER A 74 33.82 6.32 -9.20
C SER A 74 33.08 6.30 -7.87
N PHE A 75 33.78 6.55 -6.77
CA PHE A 75 33.14 6.56 -5.45
C PHE A 75 33.23 7.89 -4.73
N ASP A 76 32.16 8.22 -3.99
CA ASP A 76 32.12 9.51 -3.24
C ASP A 76 31.26 9.34 -1.99
N ALA A 77 31.88 9.41 -0.80
CA ALA A 77 31.14 9.18 0.46
C ALA A 77 30.09 10.28 0.74
N TRP A 78 30.46 11.55 0.57
CA TRP A 78 29.51 12.63 0.94
C TRP A 78 28.28 12.65 0.02
N ASN A 79 28.49 12.66 -1.30
CA ASN A 79 27.36 12.69 -2.26
C ASN A 79 26.88 11.26 -2.49
N ASN A 80 26.39 10.60 -1.44
CA ASN A 80 26.00 9.17 -1.58
C ASN A 80 24.56 9.00 -1.14
N THR A 81 23.85 8.03 -1.73
CA THR A 81 22.50 7.74 -1.32
C THR A 81 22.51 6.74 -0.20
N VAL A 82 23.59 5.99 -0.09
CA VAL A 82 23.66 4.95 0.92
C VAL A 82 23.83 5.60 2.29
N THR A 83 24.74 6.57 2.34
CA THR A 83 25.01 7.31 3.60
C THR A 83 23.86 8.25 3.90
N GLU A 84 23.19 8.75 2.86
CA GLU A 84 22.13 9.69 3.07
C GLU A 84 20.97 8.97 3.73
N GLN A 85 20.69 7.75 3.28
CA GLN A 85 19.63 7.03 3.94
C GLN A 85 20.04 6.65 5.33
N ALA A 86 21.28 6.25 5.56
CA ALA A 86 21.60 5.90 6.93
C ALA A 86 21.33 7.04 7.89
N ILE A 87 21.67 8.25 7.49
CA ILE A 87 21.45 9.36 8.37
C ILE A 87 19.97 9.63 8.59
N GLU A 88 19.20 9.66 7.49
CA GLU A 88 17.80 9.97 7.63
C GLU A 88 16.99 8.87 8.31
N ASP A 89 17.32 7.60 8.06
CA ASP A 89 16.59 6.49 8.66
C ASP A 89 16.83 6.39 10.13
N VAL A 90 18.04 6.69 10.60
CA VAL A 90 18.24 6.65 12.03
C VAL A 90 17.38 7.72 12.65
N TRP A 91 17.38 8.89 12.05
CA TRP A 91 16.56 9.93 12.58
C TRP A 91 15.08 9.59 12.61
N GLN A 92 14.56 9.05 11.52
CA GLN A 92 13.14 8.76 11.53
C GLN A 92 12.78 7.65 12.49
N LEU A 93 13.63 6.64 12.69
CA LEU A 93 13.20 5.61 13.62
C LEU A 93 13.15 6.22 15.03
N PHE A 94 14.00 7.20 15.31
CA PHE A 94 13.88 7.92 16.58
C PHE A 94 12.52 8.62 16.69
N GLU A 95 12.16 9.38 15.66
CA GLU A 95 10.91 10.14 15.72
C GLU A 95 9.67 9.28 15.82
N THR A 96 9.66 8.12 15.18
CA THR A 96 8.47 7.31 15.25
C THR A 96 8.38 6.59 16.59
N SER A 97 9.45 6.62 17.38
CA SER A 97 9.46 5.96 18.66
C SER A 97 8.93 6.89 19.73
N ILE A 98 9.29 8.18 19.62
CA ILE A 98 8.85 9.15 20.62
C ILE A 98 7.46 9.69 20.32
N LYS A 99 7.09 9.74 19.05
CA LYS A 99 5.81 10.29 18.64
C LYS A 99 4.62 10.06 19.59
N PRO A 100 4.28 8.84 20.06
CA PRO A 100 3.15 8.59 20.95
C PRO A 100 3.32 8.83 22.48
N CYS A 101 4.49 9.34 22.94
CA CYS A 101 4.85 9.53 24.35
C CYS A 101 4.20 10.79 24.94
N VAL A 102 4.13 10.82 26.26
CA VAL A 102 3.55 11.91 27.00
C VAL A 102 4.19 13.26 26.76
N LYS A 103 3.33 14.25 26.56
CA LYS A 103 3.78 15.62 26.38
C LYS A 103 3.94 16.21 27.75
N LEU A 104 4.97 17.00 27.95
CA LEU A 104 5.21 17.57 29.25
C LEU A 104 4.77 19.02 29.37
N SER A 105 3.90 19.49 28.50
CA SER A 105 3.45 20.86 28.68
C SER A 105 2.76 21.07 30.05
N PRO A 106 2.07 20.09 30.69
CA PRO A 106 1.48 20.23 32.00
C PRO A 106 2.51 20.54 33.07
N LEU A 107 3.78 20.31 32.79
CA LEU A 107 4.82 20.58 33.78
C LEU A 107 5.43 22.00 33.67
N CYS A 108 5.05 22.82 32.65
CA CYS A 108 5.62 24.14 32.39
C CYS A 108 4.89 25.17 33.25
N ILE A 109 5.03 25.00 34.54
CA ILE A 109 4.40 25.79 35.55
C ILE A 109 5.47 26.27 36.48
N THR A 110 5.22 27.27 37.29
CA THR A 110 6.26 27.64 38.21
C THR A 110 6.51 26.56 39.23
N MET A 111 7.77 26.19 39.40
CA MET A 111 8.18 25.22 40.39
C MET A 111 8.86 25.98 41.52
N ARG A 112 8.72 25.51 42.75
CA ARG A 112 9.32 26.16 43.92
C ARG A 112 10.64 25.47 44.29
N CYS A 113 11.78 26.11 43.93
CA CYS A 113 13.13 25.53 44.03
C CYS A 113 13.94 26.07 45.20
N ASN A 114 14.76 25.22 45.76
CA ASN A 114 15.64 25.66 46.82
C ASN A 114 16.56 26.77 46.30
N LYS A 115 16.56 27.92 47.00
CA LYS A 115 17.30 29.13 46.67
C LYS A 115 18.79 28.95 46.81
N SER A 116 19.23 28.17 47.79
CA SER A 116 20.66 28.07 47.98
C SER A 116 21.27 27.43 46.76
N GLU A 117 20.58 26.44 46.22
CA GLU A 117 21.02 25.71 45.06
C GLU A 117 20.90 26.52 43.77
N THR A 118 19.82 27.29 43.60
CA THR A 118 19.75 28.04 42.36
C THR A 118 20.76 29.20 42.39
N ASP A 119 21.07 29.73 43.58
CA ASP A 119 22.07 30.80 43.60
C ASP A 119 23.46 30.19 43.44
N ARG A 120 23.71 29.08 44.12
CA ARG A 120 25.03 28.46 44.13
C ARG A 120 25.53 28.04 42.78
N TRP A 121 24.65 27.53 41.93
CA TRP A 121 25.11 27.06 40.65
C TRP A 121 24.80 28.01 39.50
N GLY A 122 24.51 29.27 39.84
CA GLY A 122 24.33 30.31 38.84
C GLY A 122 23.02 30.43 38.07
N LEU A 123 21.90 29.89 38.56
CA LEU A 123 20.68 30.07 37.78
C LEU A 123 20.03 31.36 38.18
N THR A 124 20.25 31.73 39.43
CA THR A 124 19.73 32.94 40.03
C THR A 124 20.87 33.73 40.60
N LYS A 125 20.62 34.97 40.95
CA LYS A 125 21.70 35.81 41.43
C LYS A 125 21.58 36.20 42.88
N SER A 126 22.73 36.41 43.49
CA SER A 126 22.85 36.87 44.84
C SER A 126 24.12 37.66 45.01
N ILE A 127 24.04 38.72 45.80
CA ILE A 127 25.18 39.56 46.10
C ILE A 127 25.52 39.55 47.57
N THR A 128 24.96 38.60 48.30
CA THR A 128 25.13 38.51 49.74
C THR A 128 26.10 37.42 50.15
N THR A 129 26.77 36.83 49.16
CA THR A 129 27.69 35.74 49.41
C THR A 129 29.11 36.26 49.69
N THR A 130 29.35 37.51 49.33
CA THR A 130 30.61 38.26 49.49
C THR A 130 31.85 37.40 49.73
N ALA A 131 32.11 36.45 48.84
CA ALA A 131 33.24 35.56 48.96
C ALA A 131 34.53 36.26 48.57
N SER A 132 35.63 35.85 49.20
CA SER A 132 36.96 36.34 48.85
C SER A 132 37.98 35.23 48.99
N THR A 133 38.66 34.89 47.90
CA THR A 133 39.62 33.79 47.92
C THR A 133 41.03 34.18 47.53
N THR A 134 41.98 33.76 48.36
CA THR A 134 43.39 33.93 48.10
C THR A 134 43.98 32.53 47.99
N SER A 135 44.73 32.27 46.92
CA SER A 135 45.30 30.94 46.73
C SER A 135 46.55 30.97 45.87
N THR A 136 47.29 29.86 45.90
CA THR A 136 48.47 29.64 45.09
C THR A 136 48.09 29.41 43.64
N THR A 137 48.75 30.12 42.72
CA THR A 137 48.46 29.96 41.31
C THR A 137 49.37 28.92 40.65
N ALA A 138 50.52 28.65 41.26
CA ALA A 138 51.45 27.64 40.77
C ALA A 138 51.02 26.29 41.33
N SER A 139 49.84 25.86 40.92
CA SER A 139 49.19 24.68 41.44
C SER A 139 48.77 23.61 40.43
N ALA A 140 49.23 23.68 39.18
CA ALA A 140 48.80 22.66 38.23
C ALA A 140 49.33 21.28 38.64
N LYS A 141 48.49 20.27 38.50
CA LYS A 141 48.83 18.89 38.84
C LYS A 141 48.67 17.96 37.65
N VAL A 142 49.31 16.80 37.73
CA VAL A 142 49.14 15.76 36.74
C VAL A 142 48.56 14.55 37.44
N ASP A 143 47.41 14.08 37.00
CA ASP A 143 46.76 12.95 37.66
C ASP A 143 46.26 11.89 36.71
N MET A 144 46.87 10.74 36.82
CA MET A 144 46.53 9.60 36.00
C MET A 144 45.72 8.59 36.78
N VAL A 145 44.72 8.02 36.14
CA VAL A 145 43.97 6.95 36.78
C VAL A 145 43.92 5.74 35.84
N ASN A 146 43.73 4.53 36.41
CA ASN A 146 43.60 3.26 35.70
C ASN A 146 42.71 2.32 36.54
N GLU A 147 42.43 1.10 36.05
CA GLU A 147 41.51 0.13 36.69
C GLU A 147 41.85 -0.25 38.11
N THR A 148 43.13 -0.36 38.38
CA THR A 148 43.61 -0.75 39.68
C THR A 148 43.74 0.45 40.59
N SER A 149 42.63 1.13 40.88
CA SER A 149 42.65 2.30 41.75
C SER A 149 41.37 2.57 42.52
N SER A 150 41.54 2.90 43.79
CA SER A 150 40.46 3.20 44.71
C SER A 150 39.79 4.52 44.40
N CYS A 151 40.47 5.36 43.63
CA CYS A 151 39.93 6.68 43.32
C CYS A 151 38.83 6.54 42.29
N ILE A 152 38.78 5.39 41.61
CA ILE A 152 37.75 5.23 40.63
C ILE A 152 36.61 4.57 41.33
N ALA A 153 36.92 3.55 42.12
CA ALA A 153 35.86 2.83 42.82
C ALA A 153 35.04 3.75 43.72
N GLN A 154 35.67 4.73 44.32
CA GLN A 154 35.01 5.69 45.20
C GLN A 154 34.58 6.98 44.51
N ASP A 155 34.77 7.08 43.19
CA ASP A 155 34.42 8.28 42.43
C ASP A 155 34.98 9.57 43.02
N ASN A 156 36.28 9.58 43.42
CA ASN A 156 36.90 10.75 44.03
C ASN A 156 38.35 10.90 43.55
N CYS A 157 38.51 11.64 42.46
CA CYS A 157 39.75 11.89 41.77
C CYS A 157 39.97 13.38 41.95
N THR A 158 41.20 13.81 41.87
CA THR A 158 41.48 15.21 42.08
C THR A 158 40.71 16.02 41.07
N GLY A 159 40.03 17.06 41.53
CA GLY A 159 39.28 17.94 40.64
C GLY A 159 37.80 17.60 40.44
N LEU A 160 37.32 16.47 40.96
CA LEU A 160 35.92 16.17 40.74
C LEU A 160 35.06 16.75 41.86
N GLU A 161 34.12 17.59 41.44
CA GLU A 161 33.14 18.35 42.22
C GLU A 161 31.79 17.65 42.19
N GLN A 162 30.77 18.25 42.82
CA GLN A 162 29.41 17.69 42.84
C GLN A 162 28.65 17.92 41.54
N GLU A 163 27.66 17.06 41.30
CA GLU A 163 26.82 17.03 40.09
C GLU A 163 25.99 18.28 39.76
N GLN A 164 25.57 19.03 40.79
CA GLN A 164 24.71 20.22 40.68
C GLN A 164 23.25 19.91 40.39
N MET A 165 22.64 19.19 41.33
CA MET A 165 21.24 18.86 41.21
C MET A 165 20.42 19.74 42.15
N ILE A 166 19.34 20.32 41.64
CA ILE A 166 18.48 21.26 42.36
C ILE A 166 17.13 20.68 42.75
N SER A 167 16.83 20.69 44.04
CA SER A 167 15.57 20.14 44.53
C SER A 167 14.41 21.16 44.44
N CYS A 168 13.34 20.80 43.67
CA CYS A 168 12.15 21.63 43.40
C CYS A 168 10.84 20.89 43.71
N LYS A 169 9.85 21.62 44.23
CA LYS A 169 8.54 21.04 44.46
C LYS A 169 7.51 21.60 43.49
N PHE A 170 6.54 20.78 43.12
CA PHE A 170 5.46 21.30 42.26
C PHE A 170 4.13 20.57 42.47
N ASN A 171 3.02 21.23 42.08
CA ASN A 171 1.65 20.72 42.17
C ASN A 171 1.17 20.17 40.82
N MET A 172 0.89 18.82 40.76
CA MET A 172 0.48 18.09 39.55
C MET A 172 -0.82 17.29 39.73
N THR A 173 -1.63 17.27 38.67
CA THR A 173 -2.92 16.59 38.65
C THR A 173 -2.93 15.31 37.81
N GLY A 174 -3.47 14.24 38.38
CA GLY A 174 -3.59 12.94 37.72
C GLY A 174 -4.99 12.75 37.14
N LEU A 175 -5.43 11.50 36.96
CA LEU A 175 -6.71 11.25 36.33
C LEU A 175 -7.94 11.53 37.16
N LYS A 176 -7.78 11.81 38.45
CA LYS A 176 -8.98 12.11 39.21
C LYS A 176 -9.44 13.54 39.00
N ARG A 177 -8.61 14.40 38.38
CA ARG A 177 -8.94 15.79 38.04
C ARG A 177 -9.23 16.80 39.16
N ASP A 178 -10.11 16.49 40.09
CA ASP A 178 -10.48 17.41 41.15
C ASP A 178 -9.61 17.27 42.39
N LYS A 179 -8.57 16.47 42.29
CA LYS A 179 -7.59 16.26 43.34
C LYS A 179 -6.22 16.37 42.74
N SER A 180 -5.26 16.87 43.51
CA SER A 180 -3.89 17.00 43.04
C SER A 180 -2.90 16.80 44.18
N LYS A 181 -1.65 16.49 43.83
CA LYS A 181 -0.60 16.23 44.80
C LYS A 181 0.66 17.01 44.54
N GLU A 182 1.42 17.26 45.61
CA GLU A 182 2.71 17.89 45.47
C GLU A 182 3.77 16.80 45.27
N TYR A 183 4.70 17.03 44.35
CA TYR A 183 5.78 16.11 44.06
C TYR A 183 7.18 16.71 44.26
N ASN A 184 8.16 15.82 44.57
CA ASN A 184 9.59 16.10 44.72
C ASN A 184 10.35 15.77 43.42
N GLU A 185 10.89 16.80 42.71
CA GLU A 185 11.67 16.61 41.47
C GLU A 185 13.01 17.28 41.61
N THR A 186 14.07 16.53 41.38
CA THR A 186 15.38 17.15 41.46
C THR A 186 15.91 17.27 40.05
N TRP A 187 16.14 18.50 39.63
CA TRP A 187 16.55 18.83 38.29
C TRP A 187 18.03 19.01 38.16
N TYR A 188 18.57 18.73 37.01
CA TYR A 188 19.96 19.09 36.83
C TYR A 188 19.95 20.58 36.60
N SER A 189 20.96 21.30 37.03
CA SER A 189 20.93 22.75 36.83
C SER A 189 20.83 23.16 35.37
N ALA A 190 21.31 22.33 34.46
CA ALA A 190 21.27 22.61 33.02
C ALA A 190 19.85 22.65 32.44
N ASP A 191 18.90 22.07 33.16
CA ASP A 191 17.53 21.94 32.70
C ASP A 191 16.58 23.05 33.15
N LEU A 192 17.04 24.03 33.93
CA LEU A 192 16.16 25.10 34.42
C LEU A 192 16.52 26.50 33.94
N VAL A 193 15.50 27.38 33.87
CA VAL A 193 15.75 28.79 33.54
C VAL A 193 15.96 29.67 34.80
N CYS A 194 14.95 29.66 35.70
CA CYS A 194 14.80 30.37 36.99
C CYS A 194 14.70 31.90 36.85
N GLU A 195 13.55 32.40 37.30
CA GLU A 195 13.23 33.81 37.32
C GLU A 195 14.21 34.56 38.20
N GLN A 196 14.67 35.71 37.75
CA GLN A 196 15.63 36.43 38.55
C GLN A 196 15.15 37.79 39.04
N GLY A 197 15.62 38.14 40.23
CA GLY A 197 15.43 39.46 40.80
C GLY A 197 14.46 39.57 42.00
N ASN A 198 14.94 40.26 43.06
CA ASN A 198 14.33 40.63 44.34
C ASN A 198 13.70 39.48 45.16
N ASN A 199 14.36 38.30 45.23
CA ASN A 199 13.92 37.19 46.11
C ASN A 199 14.78 37.37 47.35
N THR A 200 14.13 37.83 48.41
CA THR A 200 14.78 38.20 49.67
C THR A 200 14.55 37.15 50.74
N GLY A 201 13.94 36.05 50.32
CA GLY A 201 13.56 34.94 51.16
C GLY A 201 14.18 33.63 50.65
N ASN A 202 13.32 32.69 50.22
CA ASN A 202 13.64 31.36 49.71
C ASN A 202 12.59 30.98 48.65
N GLU A 203 12.66 29.74 48.08
CA GLU A 203 11.75 29.22 47.04
C GLU A 203 11.75 30.06 45.76
N SER A 204 12.78 29.87 44.95
CA SER A 204 12.89 30.60 43.72
C SER A 204 11.85 30.03 42.76
N ARG A 205 11.53 30.79 41.73
CA ARG A 205 10.51 30.38 40.77
C ARG A 205 11.10 29.93 39.42
N CYS A 206 11.07 28.61 39.13
CA CYS A 206 11.73 28.03 37.93
C CYS A 206 10.77 27.28 37.00
N TYR A 207 11.15 27.30 35.72
CA TYR A 207 10.52 26.62 34.60
C TYR A 207 11.58 25.82 33.84
N MET A 208 11.16 24.82 33.06
CA MET A 208 12.09 24.04 32.23
C MET A 208 12.74 24.92 31.15
N ASN A 209 14.04 24.68 30.91
CA ASN A 209 14.89 25.46 29.99
C ASN A 209 14.37 25.71 28.60
N HIS A 210 13.70 24.73 28.03
CA HIS A 210 13.20 24.89 26.68
C HIS A 210 11.67 24.90 26.51
N CYS A 211 10.88 25.18 27.58
CA CYS A 211 9.42 25.23 27.51
C CYS A 211 8.95 26.68 27.51
N ASN A 212 8.10 26.98 26.52
CA ASN A 212 7.46 28.27 26.22
C ASN A 212 7.50 28.55 24.72
N THR A 213 8.67 28.30 24.06
CA THR A 213 8.86 28.38 22.61
C THR A 213 8.42 27.08 21.97
N SER A 214 8.30 26.05 22.79
CA SER A 214 7.91 24.75 22.33
C SER A 214 7.37 23.88 23.44
N VAL A 215 7.02 22.65 23.07
CA VAL A 215 6.53 21.60 23.93
C VAL A 215 7.52 20.46 23.96
N ILE A 216 7.92 20.07 25.15
CA ILE A 216 8.89 19.02 25.33
C ILE A 216 8.21 17.68 25.41
N GLN A 217 8.66 16.72 24.61
CA GLN A 217 8.07 15.37 24.63
C GLN A 217 9.02 14.38 25.28
N GLU A 218 8.50 13.48 26.10
CA GLU A 218 9.38 12.48 26.73
C GLU A 218 9.77 11.32 25.81
N SER A 219 11.04 10.96 25.79
CA SER A 219 11.49 9.81 24.99
C SER A 219 11.30 8.51 25.78
N CYS A 220 10.02 8.15 26.00
CA CYS A 220 9.57 7.07 26.88
C CYS A 220 9.83 5.64 26.40
N ASP A 221 9.95 5.41 25.10
CA ASP A 221 10.06 4.02 24.66
C ASP A 221 11.50 3.46 24.60
N LYS A 222 12.17 3.53 25.74
CA LYS A 222 13.52 3.00 25.97
C LYS A 222 14.51 3.43 24.88
N HIS A 223 14.42 4.64 24.39
CA HIS A 223 15.30 4.95 23.29
C HIS A 223 16.66 5.26 23.84
N TYR A 224 17.66 4.73 23.18
CA TYR A 224 19.07 4.86 23.56
C TYR A 224 19.42 4.03 24.78
N TRP A 225 18.53 3.15 25.24
CA TRP A 225 18.90 2.38 26.41
C TRP A 225 19.69 1.14 26.04
N ASP A 226 19.78 0.88 24.73
CA ASP A 226 20.49 -0.26 24.20
C ASP A 226 21.04 0.14 22.84
N ALA A 227 21.76 -0.75 22.18
CA ALA A 227 22.36 -0.45 20.89
C ALA A 227 21.43 -0.71 19.73
N ILE A 228 21.52 0.13 18.72
CA ILE A 228 20.79 -0.07 17.49
C ILE A 228 21.76 -0.38 16.37
N ARG A 229 21.64 -1.57 15.84
CA ARG A 229 22.52 -1.98 14.79
C ARG A 229 21.73 -2.60 13.68
N PHE A 230 22.02 -2.18 12.46
CA PHE A 230 21.35 -2.72 11.30
C PHE A 230 22.19 -2.60 10.05
N ARG A 231 21.81 -3.33 9.02
CA ARG A 231 22.53 -3.27 7.77
C ARG A 231 21.56 -2.97 6.66
N TYR A 232 22.03 -2.44 5.54
CA TYR A 232 21.12 -2.19 4.42
C TYR A 232 21.24 -3.23 3.33
N CYS A 233 20.10 -3.60 2.70
CA CYS A 233 20.04 -4.54 1.59
C CYS A 233 19.38 -3.93 0.36
N ALA A 234 19.99 -4.18 -0.80
CA ALA A 234 19.46 -3.69 -2.04
C ALA A 234 18.23 -4.51 -2.41
N PRO A 235 17.22 -3.90 -3.02
CA PRO A 235 16.07 -4.57 -3.57
C PRO A 235 16.47 -5.31 -4.83
N PRO A 236 15.66 -6.25 -5.32
CA PRO A 236 15.93 -7.01 -6.50
C PRO A 236 16.21 -6.13 -7.67
N GLY A 237 17.21 -6.48 -8.44
CA GLY A 237 17.60 -5.70 -9.60
C GLY A 237 18.64 -4.64 -9.26
N TYR A 238 19.01 -4.51 -7.99
CA TYR A 238 19.98 -3.53 -7.56
C TYR A 238 21.14 -4.19 -6.81
N ALA A 239 22.28 -3.54 -6.81
CA ALA A 239 23.44 -4.09 -6.14
C ALA A 239 24.31 -3.04 -5.51
N LEU A 240 25.07 -3.44 -4.51
CA LEU A 240 26.00 -2.53 -3.89
C LEU A 240 27.42 -2.79 -4.32
N LEU A 241 28.10 -1.73 -4.69
CA LEU A 241 29.48 -1.84 -5.08
C LEU A 241 30.27 -1.20 -3.96
N ARG A 242 31.43 -1.72 -3.64
CA ARG A 242 32.24 -1.15 -2.58
C ARG A 242 33.71 -1.00 -2.96
N CYS A 243 34.41 0.10 -2.52
CA CYS A 243 35.87 0.15 -2.67
C CYS A 243 36.54 -0.73 -1.64
N ASN A 244 37.45 -1.55 -2.11
CA ASN A 244 38.21 -2.42 -1.22
C ASN A 244 39.72 -2.05 -1.19
N ASP A 245 40.03 -0.76 -1.44
CA ASP A 245 41.37 -0.18 -1.45
C ASP A 245 41.76 0.25 -0.04
N THR A 246 42.95 0.77 0.12
CA THR A 246 43.47 1.28 1.38
C THR A 246 43.72 2.75 1.17
N ASN A 247 43.59 3.14 -0.09
CA ASN A 247 43.80 4.50 -0.55
C ASN A 247 42.48 5.24 -0.70
N TYR A 248 41.41 4.68 -0.18
CA TYR A 248 40.14 5.36 -0.30
C TYR A 248 40.09 6.40 0.79
N SER A 249 39.94 7.65 0.36
CA SER A 249 39.97 8.83 1.20
C SER A 249 38.65 9.56 1.08
N GLY A 250 37.56 8.81 0.89
CA GLY A 250 36.23 9.45 0.83
C GLY A 250 35.85 9.85 -0.58
N PHE A 251 36.76 10.46 -1.33
CA PHE A 251 36.51 10.85 -2.71
C PHE A 251 37.51 10.24 -3.67
N MET A 252 37.07 9.32 -4.52
CA MET A 252 38.00 8.64 -5.41
C MET A 252 37.44 8.41 -6.82
N PRO A 253 37.76 9.27 -7.79
CA PRO A 253 37.30 9.21 -9.18
C PRO A 253 37.48 7.87 -9.90
N LYS A 254 38.56 7.14 -9.63
CA LYS A 254 38.77 5.84 -10.26
C LYS A 254 39.21 4.76 -9.29
N CYS A 255 38.26 3.99 -8.72
CA CYS A 255 38.51 2.97 -7.72
C CYS A 255 38.70 1.67 -8.50
N SER A 256 39.88 1.10 -8.38
CA SER A 256 40.27 -0.09 -9.12
C SER A 256 39.88 -1.41 -8.47
N LYS A 257 39.59 -1.42 -7.18
CA LYS A 257 39.19 -2.66 -6.54
C LYS A 257 37.75 -2.58 -6.15
N VAL A 258 36.87 -3.04 -7.02
CA VAL A 258 35.47 -2.89 -6.75
C VAL A 258 34.82 -4.21 -6.43
N VAL A 259 34.28 -4.26 -5.24
CA VAL A 259 33.66 -5.42 -4.67
C VAL A 259 32.15 -5.36 -4.65
N VAL A 260 31.55 -6.44 -5.08
CA VAL A 260 30.11 -6.60 -5.20
C VAL A 260 29.44 -7.40 -4.11
N SER A 261 28.34 -6.85 -3.61
CA SER A 261 27.55 -7.52 -2.61
C SER A 261 26.09 -7.11 -2.69
N SER A 262 25.23 -7.88 -2.06
CA SER A 262 23.81 -7.50 -2.00
C SER A 262 23.39 -6.65 -0.79
N CYS A 263 24.15 -6.70 0.33
CA CYS A 263 23.90 -6.01 1.60
C CYS A 263 25.21 -5.42 2.13
N THR A 264 25.08 -4.35 2.92
CA THR A 264 26.19 -3.65 3.55
C THR A 264 26.62 -4.34 4.82
N ARG A 265 27.73 -3.86 5.34
CA ARG A 265 28.24 -4.30 6.62
C ARG A 265 27.28 -3.79 7.67
N MET A 266 27.38 -4.36 8.87
CA MET A 266 26.52 -3.96 9.97
C MET A 266 26.97 -2.62 10.55
N MET A 267 26.04 -1.68 10.64
CA MET A 267 26.27 -0.32 11.12
C MET A 267 25.84 -0.05 12.55
N GLU A 268 26.67 0.68 13.29
CA GLU A 268 26.32 1.09 14.66
C GLU A 268 25.78 2.51 14.65
N THR A 269 24.49 2.68 14.94
CA THR A 269 23.88 3.99 14.80
C THR A 269 24.05 4.84 16.05
N GLN A 270 25.29 5.13 16.35
CA GLN A 270 25.65 5.87 17.53
C GLN A 270 25.87 7.32 17.18
N THR A 271 25.40 8.22 18.06
CA THR A 271 25.49 9.68 17.78
C THR A 271 26.18 10.42 18.93
N SER A 272 27.49 10.66 18.80
CA SER A 272 28.24 11.45 19.81
C SER A 272 29.09 12.47 19.05
N THR A 273 29.45 13.57 19.69
CA THR A 273 30.25 14.60 19.00
C THR A 273 31.72 14.38 19.34
N TRP A 274 32.62 15.15 18.74
CA TRP A 274 34.06 15.02 18.94
C TRP A 274 34.65 13.66 18.60
N PHE A 275 34.27 12.64 19.33
CA PHE A 275 34.73 11.29 19.08
C PHE A 275 33.57 10.38 18.82
N GLY A 276 33.76 9.44 17.92
CA GLY A 276 32.76 8.43 17.63
C GLY A 276 33.14 7.20 18.41
N PHE A 277 32.16 6.44 18.84
CA PHE A 277 32.45 5.26 19.64
C PHE A 277 31.86 4.04 18.99
N ASN A 278 32.40 2.87 19.30
CA ASN A 278 31.84 1.57 18.84
C ASN A 278 31.69 1.49 17.31
N GLY A 279 32.65 1.97 16.50
CA GLY A 279 32.55 1.89 15.04
C GLY A 279 32.81 0.48 14.52
N THR A 280 32.21 0.18 13.38
CA THR A 280 32.40 -1.11 12.76
C THR A 280 33.68 -1.09 11.95
N ARG A 281 34.03 0.09 11.45
CA ARG A 281 35.25 0.17 10.67
C ARG A 281 36.43 0.33 11.60
N ALA A 282 36.72 -0.73 12.33
CA ALA A 282 37.80 -0.77 13.27
C ALA A 282 38.87 -1.62 12.65
N GLU A 283 39.95 -0.99 12.27
CA GLU A 283 41.03 -1.66 11.58
C GLU A 283 42.35 -1.26 12.18
N ASN A 284 43.41 -2.09 11.96
CA ASN A 284 44.78 -1.80 12.42
C ASN A 284 45.47 -0.87 11.41
N ARG A 285 44.87 0.35 11.24
CA ARG A 285 45.27 1.40 10.29
C ARG A 285 44.54 2.70 10.55
N THR A 286 45.22 3.82 10.32
CA THR A 286 44.56 5.11 10.43
C THR A 286 44.15 5.59 9.04
N TYR A 287 42.87 5.88 8.86
CA TYR A 287 42.36 6.36 7.58
C TYR A 287 41.82 7.76 7.73
N ILE A 288 41.97 8.62 6.73
CA ILE A 288 41.29 9.89 6.85
C ILE A 288 40.44 10.15 5.63
N TYR A 289 39.13 10.17 5.82
CA TYR A 289 38.23 10.54 4.71
C TYR A 289 38.18 12.06 4.66
N TRP A 290 38.43 12.68 3.50
CA TRP A 290 38.29 14.15 3.38
C TRP A 290 37.12 14.41 2.44
N HIS A 291 36.20 15.30 2.80
CA HIS A 291 35.16 15.63 1.79
C HIS A 291 35.92 16.20 0.60
N GLY A 292 35.59 15.78 -0.62
CA GLY A 292 36.36 16.22 -1.79
C GLY A 292 36.31 17.72 -1.97
N ARG A 293 35.15 18.33 -1.72
CA ARG A 293 35.00 19.79 -1.97
C ARG A 293 35.33 20.62 -0.73
N ASP A 294 35.69 20.00 0.41
CA ASP A 294 35.92 20.81 1.64
C ASP A 294 37.15 20.33 2.42
N ASN A 295 37.26 20.74 3.69
CA ASN A 295 38.38 20.31 4.58
C ASN A 295 37.80 19.72 5.86
N ARG A 296 36.58 19.18 5.76
CA ARG A 296 35.94 18.46 6.88
C ARG A 296 36.30 16.99 6.75
N THR A 297 36.85 16.37 7.79
CA THR A 297 37.32 15.02 7.68
C THR A 297 36.87 14.09 8.80
N ILE A 298 36.88 12.78 8.53
CA ILE A 298 36.61 11.80 9.61
C ILE A 298 37.88 10.95 9.78
N ILE A 299 38.57 11.03 10.91
CA ILE A 299 39.82 10.34 11.11
C ILE A 299 39.58 9.07 11.88
N SER A 300 39.87 7.93 11.31
CA SER A 300 39.63 6.73 12.09
C SER A 300 40.81 6.59 13.01
N LEU A 301 40.68 5.83 14.06
CA LEU A 301 41.81 5.62 14.93
C LEU A 301 42.30 4.21 14.79
N ASN A 302 43.59 4.00 15.03
CA ASN A 302 44.19 2.69 14.91
C ASN A 302 43.87 1.83 16.13
N LYS A 303 43.10 0.75 15.92
CA LYS A 303 42.60 -0.11 17.00
C LYS A 303 43.73 -0.78 17.77
N TYR A 304 44.91 -0.77 17.18
CA TYR A 304 46.11 -1.33 17.79
C TYR A 304 46.29 -0.85 19.20
N TYR A 305 45.96 0.41 19.46
CA TYR A 305 46.21 1.00 20.76
C TYR A 305 45.12 0.77 21.85
N ASN A 306 44.02 0.02 21.53
CA ASN A 306 42.89 -0.32 22.42
C ASN A 306 42.35 0.91 23.19
N LEU A 307 42.07 2.01 22.44
CA LEU A 307 41.58 3.27 23.01
C LEU A 307 40.17 3.04 23.49
N THR A 308 39.92 3.44 24.72
CA THR A 308 38.63 3.20 25.33
C THR A 308 38.20 4.27 26.29
N MET A 309 36.92 4.49 26.34
CA MET A 309 36.41 5.46 27.28
C MET A 309 35.45 4.81 28.24
N LYS A 310 35.73 5.03 29.50
CA LYS A 310 34.92 4.47 30.55
C LYS A 310 34.24 5.60 31.31
N CYS A 311 32.90 5.70 31.21
CA CYS A 311 32.10 6.77 31.81
C CYS A 311 31.31 6.24 32.97
N ARG A 312 31.26 7.04 34.01
CA ARG A 312 30.57 6.69 35.21
C ARG A 312 29.64 7.78 35.65
N ARG A 313 28.48 7.38 36.10
CA ARG A 313 27.54 8.29 36.69
C ARG A 313 27.30 7.74 38.10
N PRO A 314 27.92 8.34 39.11
CA PRO A 314 27.92 7.90 40.47
C PRO A 314 26.57 8.13 41.08
N GLY A 315 26.25 7.33 42.07
CA GLY A 315 25.03 7.52 42.83
C GLY A 315 23.95 6.53 42.39
N ASN A 316 23.04 6.22 43.33
CA ASN A 316 21.93 5.29 43.16
C ASN A 316 20.63 6.08 43.02
N LYS A 317 20.09 6.21 41.77
CA LYS A 317 18.87 6.99 41.52
C LYS A 317 17.62 6.21 41.78
N THR A 318 16.62 6.95 42.19
CA THR A 318 15.28 6.48 42.41
C THR A 318 14.41 7.07 41.33
N VAL A 319 13.54 6.26 40.77
CA VAL A 319 12.67 6.75 39.72
C VAL A 319 11.23 6.60 40.15
N LEU A 320 10.49 7.70 40.06
CA LEU A 320 9.10 7.70 40.48
C LEU A 320 8.10 8.06 39.38
N PRO A 321 7.40 7.11 38.80
CA PRO A 321 6.42 7.35 37.79
C PRO A 321 5.31 8.25 38.33
N VAL A 322 4.89 9.23 37.53
CA VAL A 322 3.80 10.13 37.85
C VAL A 322 2.77 10.07 36.74
N THR A 323 1.52 9.84 37.07
CA THR A 323 0.51 9.79 36.01
C THR A 323 -0.06 11.19 35.87
N ILE A 324 -0.04 11.73 34.67
CA ILE A 324 -0.51 13.08 34.46
C ILE A 324 -1.68 13.20 33.53
N MET A 325 -2.79 13.79 34.01
CA MET A 325 -4.02 14.13 33.26
C MET A 325 -4.50 13.28 32.05
N SER A 326 -3.64 13.10 31.04
CA SER A 326 -3.96 12.36 29.82
C SER A 326 -3.94 10.87 30.10
N GLY A 327 -3.35 10.52 31.21
CA GLY A 327 -3.24 9.16 31.67
C GLY A 327 -1.88 8.57 31.38
N LEU A 328 -1.06 9.29 30.65
CA LEU A 328 0.27 8.81 30.34
C LEU A 328 1.20 9.16 31.48
N VAL A 329 2.24 8.36 31.60
CA VAL A 329 3.22 8.47 32.66
C VAL A 329 4.54 9.14 32.33
N PHE A 330 4.92 10.03 33.23
CA PHE A 330 6.17 10.79 33.25
C PHE A 330 7.09 10.22 34.30
N HIS A 331 8.38 10.10 34.00
CA HIS A 331 9.28 9.58 35.04
C HIS A 331 10.02 10.66 35.78
N SER A 332 9.68 10.85 37.04
CA SER A 332 10.27 11.92 37.85
C SER A 332 11.54 11.43 38.52
N GLN A 333 12.28 12.38 39.07
CA GLN A 333 13.56 12.11 39.72
C GLN A 333 13.73 12.66 41.17
N PRO A 334 13.05 12.09 42.20
CA PRO A 334 13.05 12.52 43.59
C PRO A 334 14.30 12.03 44.32
N ILE A 335 15.45 12.51 43.91
CA ILE A 335 16.70 11.99 44.44
C ILE A 335 17.00 12.39 45.87
N ASN A 336 16.79 13.65 46.22
CA ASN A 336 17.04 14.09 47.59
C ASN A 336 18.44 13.74 48.10
N ASP A 337 19.46 13.98 47.26
CA ASP A 337 20.84 13.66 47.60
C ASP A 337 21.79 14.65 46.93
N ARG A 338 23.08 14.49 47.17
CA ARG A 338 24.13 15.34 46.60
C ARG A 338 25.33 14.54 46.11
N PRO A 339 25.20 13.80 44.98
CA PRO A 339 26.20 12.94 44.39
C PRO A 339 27.29 13.72 43.70
N LYS A 340 28.39 13.03 43.44
CA LYS A 340 29.54 13.56 42.71
C LYS A 340 29.22 13.66 41.25
N GLN A 341 29.98 14.46 40.51
CA GLN A 341 29.76 14.60 39.08
C GLN A 341 30.00 13.36 38.32
N ALA A 342 29.23 13.22 37.26
CA ALA A 342 29.48 12.19 36.30
C ALA A 342 30.83 12.52 35.71
N TRP A 343 31.59 11.52 35.35
CA TRP A 343 32.89 11.81 34.79
C TRP A 343 33.31 10.70 33.86
N CYS A 344 34.32 10.97 32.97
CA CYS A 344 34.84 9.97 32.03
C CYS A 344 36.34 9.84 32.12
N TRP A 345 36.75 8.60 32.12
CA TRP A 345 38.09 8.07 32.20
C TRP A 345 38.61 7.49 30.88
N PHE A 346 39.69 8.05 30.37
CA PHE A 346 40.24 7.59 29.11
C PHE A 346 41.41 6.63 29.28
N GLY A 347 41.27 5.43 28.72
CA GLY A 347 42.34 4.43 28.80
C GLY A 347 42.87 4.11 27.42
N GLY A 348 43.89 3.24 27.33
CA GLY A 348 44.50 2.88 26.05
C GLY A 348 45.67 3.81 25.76
N LYS A 349 46.44 3.55 24.72
CA LYS A 349 47.62 4.37 24.46
C LYS A 349 47.30 5.59 23.64
N TRP A 350 46.68 6.55 24.28
CA TRP A 350 46.22 7.77 23.65
C TRP A 350 47.32 8.63 23.13
N LYS A 351 48.45 8.67 23.81
CA LYS A 351 49.50 9.55 23.33
C LYS A 351 50.03 9.08 22.00
N ASP A 352 50.10 7.77 21.81
CA ASP A 352 50.67 7.26 20.59
C ASP A 352 49.64 7.27 19.49
N ALA A 353 48.38 7.07 19.83
CA ALA A 353 47.36 7.10 18.80
C ALA A 353 47.27 8.49 18.18
N ILE A 354 47.42 9.52 19.01
CA ILE A 354 47.38 10.87 18.49
C ILE A 354 48.61 11.16 17.65
N LYS A 355 49.79 10.69 18.06
CA LYS A 355 50.95 10.91 17.21
C LYS A 355 50.70 10.35 15.82
N GLU A 356 50.07 9.15 15.74
CA GLU A 356 49.81 8.61 14.41
C GLU A 356 48.84 9.46 13.64
N VAL A 357 47.84 10.04 14.30
CA VAL A 357 46.92 10.88 13.54
C VAL A 357 47.65 12.03 12.91
N LYS A 358 48.52 12.67 13.66
CA LYS A 358 49.20 13.81 13.10
C LYS A 358 50.08 13.40 11.92
N GLN A 359 50.75 12.26 12.03
CA GLN A 359 51.60 11.78 10.97
C GLN A 359 50.79 11.40 9.74
N THR A 360 49.61 10.82 9.95
CA THR A 360 48.73 10.41 8.87
C THR A 360 48.27 11.63 8.10
N ILE A 361 47.97 12.72 8.81
CA ILE A 361 47.60 13.93 8.13
C ILE A 361 48.76 14.45 7.29
N VAL A 362 49.96 14.44 7.84
CA VAL A 362 51.12 14.95 7.11
C VAL A 362 51.35 14.25 5.79
N LYS A 363 51.17 12.96 5.77
CA LYS A 363 51.41 12.16 4.58
C LYS A 363 50.21 12.07 3.65
N HIS A 364 49.09 12.66 4.03
CA HIS A 364 47.85 12.54 3.27
C HIS A 364 47.93 13.33 1.96
N PRO A 365 47.46 12.81 0.82
CA PRO A 365 47.47 13.48 -0.46
C PRO A 365 46.73 14.82 -0.53
N ARG A 366 45.73 15.07 0.30
CA ARG A 366 45.03 16.38 0.14
C ARG A 366 45.64 17.44 1.05
N TYR A 367 46.69 17.12 1.82
CA TYR A 367 47.26 18.05 2.76
C TYR A 367 48.56 18.67 2.29
N THR A 368 48.60 20.00 2.34
CA THR A 368 49.76 20.79 1.95
C THR A 368 50.05 21.81 3.02
N GLY A 369 50.28 21.35 4.22
CA GLY A 369 50.50 22.19 5.38
C GLY A 369 51.87 21.97 5.94
N THR A 370 51.95 21.70 7.23
CA THR A 370 53.23 21.54 7.87
C THR A 370 53.54 20.07 7.93
N ASN A 371 54.81 19.69 7.78
CA ASN A 371 55.29 18.30 7.97
C ASN A 371 55.91 18.09 9.36
N ASN A 372 55.87 19.12 10.23
CA ASN A 372 56.41 19.15 11.58
C ASN A 372 55.28 18.78 12.52
N THR A 373 55.37 17.63 13.15
CA THR A 373 54.28 17.14 13.98
C THR A 373 54.16 17.90 15.29
N ASP A 374 55.12 18.77 15.56
CA ASP A 374 55.04 19.58 16.76
C ASP A 374 54.30 20.89 16.47
N LYS A 375 53.88 21.06 15.21
CA LYS A 375 53.18 22.25 14.74
C LYS A 375 51.74 21.90 14.33
N ILE A 376 51.33 20.68 14.64
CA ILE A 376 49.99 20.15 14.38
C ILE A 376 49.41 19.86 15.75
N ASN A 377 48.22 20.41 16.07
CA ASN A 377 47.58 20.32 17.39
C ASN A 377 46.10 20.04 17.25
N LEU A 378 45.52 19.35 18.27
CA LEU A 378 44.08 19.13 18.42
C LEU A 378 43.53 20.37 19.07
N THR A 379 42.34 20.76 18.71
CA THR A 379 41.78 21.89 19.39
C THR A 379 40.27 21.89 19.45
N ALA A 380 39.75 22.49 20.49
CA ALA A 380 38.32 22.64 20.65
C ALA A 380 37.86 23.74 19.71
N PRO A 381 36.62 23.72 19.25
CA PRO A 381 36.01 24.79 18.52
C PRO A 381 35.83 25.91 19.51
N GLY A 382 35.79 27.14 19.06
CA GLY A 382 35.57 28.24 19.99
C GLY A 382 34.10 28.60 20.12
N GLY A 383 33.85 29.66 20.89
CA GLY A 383 32.49 30.13 21.13
C GLY A 383 31.99 29.64 22.48
N GLY A 384 30.78 30.05 22.85
CA GLY A 384 30.20 29.66 24.14
C GLY A 384 29.09 28.62 23.98
N ASP A 385 28.96 28.09 22.78
CA ASP A 385 27.91 27.15 22.43
C ASP A 385 28.21 25.72 22.92
N PRO A 386 27.52 25.22 23.98
CA PRO A 386 27.77 23.89 24.55
C PRO A 386 27.67 22.72 23.56
N GLU A 387 27.04 22.92 22.41
CA GLU A 387 26.91 21.74 21.52
C GLU A 387 28.25 21.54 20.79
N VAL A 388 29.16 22.51 20.79
CA VAL A 388 30.43 22.28 20.14
C VAL A 388 31.58 22.29 21.14
N THR A 389 31.42 23.03 22.25
CA THR A 389 32.53 23.15 23.20
C THR A 389 32.67 21.97 24.16
N PHE A 390 31.70 21.04 24.12
CA PHE A 390 31.68 19.90 25.07
C PHE A 390 31.80 18.62 24.25
N MET A 391 31.72 17.45 24.88
CA MET A 391 31.66 16.19 24.09
C MET A 391 30.40 15.47 24.57
N TRP A 392 29.48 15.13 23.67
CA TRP A 392 28.20 14.53 24.17
C TRP A 392 28.26 13.02 24.00
N THR A 393 28.19 12.27 25.09
CA THR A 393 28.20 10.78 25.01
C THR A 393 26.89 10.24 25.55
N ASN A 394 26.20 9.40 24.79
CA ASN A 394 24.94 8.80 25.29
C ASN A 394 25.29 7.56 26.11
N CYS A 395 25.24 7.66 27.43
CA CYS A 395 25.56 6.51 28.28
C CYS A 395 24.26 5.85 28.73
N ARG A 396 23.85 4.82 27.99
CA ARG A 396 22.66 4.06 28.29
C ARG A 396 21.40 4.90 28.59
N GLY A 397 21.12 5.92 27.78
CA GLY A 397 19.92 6.71 28.01
C GLY A 397 20.13 8.07 28.64
N GLU A 398 21.31 8.36 29.19
CA GLU A 398 21.52 9.69 29.76
C GLU A 398 22.64 10.44 29.03
N PHE A 399 22.35 11.65 28.56
CA PHE A 399 23.37 12.37 27.76
C PHE A 399 24.40 12.99 28.71
N LEU A 400 25.69 12.83 28.42
CA LEU A 400 26.74 13.28 29.37
C LEU A 400 27.71 14.26 28.68
N TYR A 401 27.41 15.56 28.68
CA TYR A 401 28.37 16.55 28.13
C TYR A 401 29.64 16.61 29.00
N CYS A 402 30.84 16.52 28.39
CA CYS A 402 32.10 16.52 29.18
C CYS A 402 33.06 17.64 28.75
N LYS A 403 33.43 18.53 29.66
CA LYS A 403 34.47 19.55 29.36
C LYS A 403 35.82 18.84 29.24
N MET A 404 36.48 18.92 28.09
CA MET A 404 37.72 18.18 27.89
C MET A 404 39.07 18.87 27.94
N ASN A 405 39.21 20.00 28.62
CA ASN A 405 40.53 20.60 28.61
C ASN A 405 41.56 19.77 29.35
N TRP A 406 41.19 19.06 30.41
CA TRP A 406 42.21 18.32 31.11
C TRP A 406 42.75 17.23 30.22
N PHE A 407 41.85 16.60 29.47
CA PHE A 407 42.23 15.53 28.57
C PHE A 407 43.13 16.03 27.48
N LEU A 408 42.73 17.12 26.83
CA LEU A 408 43.53 17.57 25.72
C LEU A 408 44.90 18.00 26.20
N ASN A 409 44.98 18.66 27.36
CA ASN A 409 46.28 19.10 27.80
C ASN A 409 47.17 17.90 28.02
N TRP A 410 46.61 16.85 28.59
CA TRP A 410 47.38 15.65 28.80
C TRP A 410 47.83 14.94 27.55
N VAL A 411 46.93 14.68 26.61
CA VAL A 411 47.33 13.86 25.48
C VAL A 411 48.38 14.55 24.62
N GLU A 412 48.32 15.87 24.57
CA GLU A 412 49.26 16.70 23.83
C GLU A 412 50.57 16.94 24.58
N ASP A 413 50.57 16.62 25.88
CA ASP A 413 51.65 16.97 26.80
C ASP A 413 51.89 18.48 26.63
N ARG A 414 50.79 19.22 26.62
CA ARG A 414 50.79 20.64 26.38
C ARG A 414 51.38 21.43 27.53
N ASN A 415 52.10 22.48 27.20
CA ASN A 415 52.55 23.37 28.23
C ASN A 415 51.39 24.31 28.41
N THR A 416 50.63 24.12 29.48
CA THR A 416 49.41 24.84 29.72
C THR A 416 49.72 26.26 30.10
N ALA A 417 50.28 26.43 31.28
CA ALA A 417 50.85 27.69 31.78
C ALA A 417 49.87 28.85 32.02
N ASN A 418 49.13 29.26 30.99
CA ASN A 418 48.24 30.41 31.08
C ASN A 418 46.78 30.13 30.70
N GLN A 419 46.24 28.99 31.10
CA GLN A 419 44.85 28.62 30.76
C GLN A 419 43.83 28.92 31.87
N LYS A 420 44.31 29.55 32.94
CA LYS A 420 43.62 29.88 34.20
C LYS A 420 43.60 28.63 35.09
N PRO A 421 43.67 28.77 36.42
CA PRO A 421 43.97 27.72 37.41
C PRO A 421 43.24 26.38 37.35
N LYS A 422 41.97 26.34 36.94
CA LYS A 422 41.33 25.02 36.94
C LYS A 422 41.44 24.29 35.64
N GLU A 423 41.96 24.96 34.61
CA GLU A 423 42.03 24.35 33.29
C GLU A 423 43.44 23.95 32.90
N GLN A 424 44.41 24.22 33.79
CA GLN A 424 45.85 24.03 33.53
C GLN A 424 46.43 22.68 33.85
N HIS A 425 45.58 21.79 34.31
CA HIS A 425 45.92 20.44 34.74
C HIS A 425 46.04 19.47 33.58
N LYS A 426 46.80 18.40 33.78
CA LYS A 426 46.89 17.33 32.79
C LYS A 426 46.29 16.07 33.38
N ARG A 427 45.19 15.61 32.86
CA ARG A 427 44.58 14.44 33.45
C ARG A 427 44.06 13.51 32.38
N ASN A 428 43.89 12.23 32.71
CA ASN A 428 43.31 11.35 31.69
C ASN A 428 41.85 11.11 31.95
N TYR A 429 41.23 12.02 32.65
CA TYR A 429 39.82 11.97 32.91
C TYR A 429 39.30 13.38 32.88
N VAL A 430 38.01 13.50 32.62
CA VAL A 430 37.37 14.80 32.56
C VAL A 430 36.09 14.83 33.38
N PRO A 431 35.70 16.00 33.93
CA PRO A 431 34.46 16.21 34.64
C PRO A 431 33.38 16.29 33.58
N CYS A 432 32.15 15.90 33.93
CA CYS A 432 31.01 15.91 32.98
C CYS A 432 29.72 16.18 33.75
N HIS A 433 28.65 16.66 33.09
CA HIS A 433 27.33 16.88 33.77
C HIS A 433 26.20 16.21 32.98
N ILE A 434 25.19 15.67 33.68
CA ILE A 434 24.02 15.08 33.02
C ILE A 434 22.96 16.11 32.71
N ARG A 435 22.44 16.06 31.47
CA ARG A 435 21.38 17.00 31.04
C ARG A 435 20.17 16.18 30.56
N GLN A 436 18.98 16.39 31.13
CA GLN A 436 17.83 15.61 30.72
C GLN A 436 17.02 16.22 29.58
N ILE A 437 17.10 17.53 29.36
CA ILE A 437 16.32 18.07 28.25
C ILE A 437 17.29 18.33 27.13
N ILE A 438 17.24 17.43 26.14
CA ILE A 438 18.25 17.43 25.06
C ILE A 438 17.68 17.86 23.72
N ASN A 439 18.28 18.86 23.10
CA ASN A 439 17.95 19.31 21.78
C ASN A 439 18.47 18.20 20.91
N THR A 440 17.69 17.67 20.00
CA THR A 440 18.14 16.53 19.25
C THR A 440 19.21 16.84 18.23
N TRP A 441 19.90 15.78 17.80
CA TRP A 441 21.00 15.90 16.84
C TRP A 441 20.67 16.21 15.39
N HIS A 442 19.48 15.88 14.92
CA HIS A 442 19.20 16.11 13.52
C HIS A 442 18.84 17.57 13.32
N LYS A 443 18.57 17.98 12.09
CA LYS A 443 18.33 19.38 11.83
C LYS A 443 16.87 19.73 12.03
N VAL A 444 16.46 19.62 13.28
CA VAL A 444 15.10 19.88 13.69
C VAL A 444 14.97 20.97 14.74
N GLY A 445 15.85 20.95 15.74
CA GLY A 445 15.79 21.91 16.85
C GLY A 445 14.80 21.49 17.96
N LYS A 446 14.22 20.31 17.80
CA LYS A 446 13.24 19.72 18.70
C LYS A 446 13.82 19.31 20.04
N ASN A 447 13.04 19.56 21.11
CA ASN A 447 13.45 19.19 22.46
C ASN A 447 12.70 17.99 23.02
N VAL A 448 13.48 17.06 23.57
CA VAL A 448 12.91 15.90 24.19
C VAL A 448 13.44 15.70 25.59
N TYR A 449 12.70 14.98 26.40
CA TYR A 449 13.13 14.68 27.76
C TYR A 449 13.60 13.27 27.88
N LEU A 450 14.74 13.08 28.49
CA LEU A 450 15.29 11.75 28.68
C LEU A 450 15.00 11.25 30.09
N PRO A 451 14.19 10.18 30.27
CA PRO A 451 13.86 9.63 31.54
C PRO A 451 15.16 9.21 32.18
N PRO A 452 15.27 9.24 33.49
CA PRO A 452 16.43 8.84 34.27
C PRO A 452 16.60 7.34 34.30
N ARG A 453 17.81 6.89 34.50
CA ARG A 453 17.98 5.47 34.72
C ARG A 453 18.07 5.19 36.22
N GLU A 454 17.38 4.15 36.66
CA GLU A 454 17.39 3.72 38.06
C GLU A 454 18.71 3.07 38.41
N GLY A 455 19.19 3.27 39.64
CA GLY A 455 20.47 2.66 40.02
C GLY A 455 21.60 3.54 39.53
N ASP A 456 22.78 2.98 39.31
CA ASP A 456 23.90 3.78 38.88
C ASP A 456 24.16 3.51 37.41
N LEU A 457 25.12 4.21 36.81
CA LEU A 457 25.45 3.88 35.42
C LEU A 457 26.91 3.82 35.15
N THR A 458 27.27 2.81 34.43
CA THR A 458 28.62 2.67 33.94
C THR A 458 28.55 2.24 32.46
N CYS A 459 29.40 2.83 31.60
CA CYS A 459 29.52 2.50 30.18
C CYS A 459 30.99 2.32 29.82
N ASN A 460 31.30 1.22 29.15
CA ASN A 460 32.67 1.01 28.67
C ASN A 460 32.66 0.84 27.14
N SER A 461 33.04 1.91 26.39
CA SER A 461 32.98 1.96 24.93
C SER A 461 34.32 2.00 24.28
N THR A 462 34.42 1.55 23.03
CA THR A 462 35.69 1.70 22.37
C THR A 462 35.70 3.02 21.67
N VAL A 463 36.87 3.57 21.42
CA VAL A 463 36.88 4.83 20.69
C VAL A 463 37.40 4.51 19.33
N THR A 464 36.62 4.77 18.31
CA THR A 464 37.05 4.36 16.99
C THR A 464 37.32 5.48 16.03
N SER A 465 36.80 6.67 16.29
CA SER A 465 37.04 7.75 15.34
C SER A 465 37.05 9.12 15.98
N LEU A 466 37.66 10.03 15.28
CA LEU A 466 37.72 11.42 15.63
C LEU A 466 37.02 12.26 14.53
N ILE A 467 36.12 13.14 14.91
CA ILE A 467 35.39 13.96 13.95
C ILE A 467 35.98 15.34 14.00
N ALA A 468 36.60 15.82 12.92
CA ALA A 468 37.29 17.10 12.99
C ALA A 468 37.51 17.74 11.66
N ASN A 469 37.74 19.05 11.65
CA ASN A 469 38.12 19.71 10.42
C ASN A 469 39.63 19.89 10.44
N ILE A 470 40.29 19.93 9.30
CA ILE A 470 41.72 20.22 9.30
C ILE A 470 41.85 21.61 8.72
N ASP A 471 42.44 22.54 9.46
CA ASP A 471 42.42 23.92 8.97
C ASP A 471 43.75 24.62 9.18
N TRP A 472 44.47 24.87 8.10
CA TRP A 472 45.79 25.48 8.20
C TRP A 472 45.85 26.57 7.16
N ILE A 473 46.66 27.60 7.42
CA ILE A 473 46.79 28.68 6.44
C ILE A 473 48.23 28.91 6.02
N ASP A 474 49.13 28.17 6.63
CA ASP A 474 50.56 28.28 6.47
C ASP A 474 51.19 26.93 6.76
N GLY A 475 52.51 26.85 6.67
CA GLY A 475 53.27 25.62 6.94
C GLY A 475 53.65 25.37 8.43
N ASN A 476 52.93 26.05 9.37
CA ASN A 476 53.05 26.04 10.82
C ASN A 476 51.66 26.34 11.43
N GLN A 477 51.08 25.43 12.29
CA GLN A 477 49.75 25.46 12.93
C GLN A 477 48.68 24.96 11.98
N THR A 478 48.36 23.68 12.17
CA THR A 478 47.36 22.99 11.35
C THR A 478 45.94 22.79 11.89
N ASN A 479 45.73 23.00 13.21
CA ASN A 479 44.48 22.90 13.96
C ASN A 479 43.53 21.79 13.47
N ILE A 480 43.53 20.63 14.18
CA ILE A 480 42.56 19.55 13.96
C ILE A 480 41.43 19.94 14.88
N THR A 481 40.41 20.52 14.32
CA THR A 481 39.40 21.15 15.13
C THR A 481 38.27 20.22 15.34
N MET A 482 37.97 19.93 16.58
CA MET A 482 36.96 18.97 16.86
C MET A 482 35.62 19.51 16.39
N SER A 483 34.80 18.66 15.82
CA SER A 483 33.49 19.04 15.32
C SER A 483 32.36 18.27 15.96
N ALA A 484 31.18 18.90 15.95
CA ALA A 484 29.98 18.31 16.53
C ALA A 484 29.01 17.81 15.49
N GLU A 485 29.42 17.69 14.25
CA GLU A 485 28.43 17.21 13.31
C GLU A 485 28.39 15.70 13.43
N VAL A 486 27.42 15.22 14.20
CA VAL A 486 27.38 13.79 14.51
C VAL A 486 27.14 13.00 13.26
N ALA A 487 26.40 13.57 12.33
CA ALA A 487 26.04 12.91 11.09
C ALA A 487 27.24 12.47 10.27
N GLU A 488 28.38 13.11 10.43
CA GLU A 488 29.53 12.74 9.63
C GLU A 488 29.95 11.32 9.92
N LEU A 489 29.72 10.83 11.12
CA LEU A 489 30.14 9.51 11.51
C LEU A 489 29.55 8.41 10.63
N TYR A 490 28.35 8.63 10.08
CA TYR A 490 27.71 7.62 9.27
C TYR A 490 28.44 7.40 7.96
N ARG A 491 29.25 8.40 7.59
CA ARG A 491 29.99 8.33 6.30
C ARG A 491 31.29 7.55 6.50
N LEU A 492 31.57 7.10 7.73
CA LEU A 492 32.73 6.28 7.96
C LEU A 492 32.21 4.86 8.07
N GLU A 493 31.01 4.72 8.65
CA GLU A 493 30.39 3.41 8.83
C GLU A 493 30.07 2.79 7.49
N LEU A 494 29.60 3.61 6.56
CA LEU A 494 29.29 3.19 5.22
C LEU A 494 30.23 4.01 4.35
N GLY A 495 29.74 4.83 3.45
CA GLY A 495 30.65 5.72 2.71
C GLY A 495 31.30 5.11 1.49
N ASP A 496 31.90 3.96 1.65
CA ASP A 496 32.56 3.30 0.55
C ASP A 496 31.61 2.49 -0.33
N TYR A 497 30.31 2.58 -0.07
CA TYR A 497 29.33 1.89 -0.89
C TYR A 497 28.67 2.78 -1.92
N LYS A 498 28.40 2.22 -3.07
CA LYS A 498 27.64 2.87 -4.12
C LYS A 498 26.48 1.97 -4.52
N LEU A 499 25.30 2.54 -4.75
CA LEU A 499 24.18 1.72 -5.16
C LEU A 499 23.93 1.85 -6.64
N VAL A 500 23.84 0.71 -7.32
CA VAL A 500 23.58 0.75 -8.75
C VAL A 500 22.40 -0.10 -9.17
N GLU A 501 21.79 0.30 -10.28
CA GLU A 501 20.70 -0.41 -10.90
C GLU A 501 21.20 -1.27 -12.01
N ILE A 502 20.74 -2.50 -12.04
CA ILE A 502 21.10 -3.40 -13.10
C ILE A 502 20.06 -3.20 -14.18
N THR A 503 20.54 -2.93 -15.39
CA THR A 503 19.67 -2.62 -16.51
C THR A 503 20.05 -3.52 -17.68
N PRO A 504 19.77 -4.83 -17.61
CA PRO A 504 20.34 -5.84 -18.47
C PRO A 504 19.75 -5.96 -19.87
N ILE A 505 19.58 -4.83 -20.54
CA ILE A 505 19.13 -4.81 -21.92
C ILE A 505 20.18 -4.06 -22.69
N GLY A 506 20.80 -4.70 -23.67
CA GLY A 506 21.83 -4.02 -24.43
C GLY A 506 21.51 -3.98 -25.90
N LEU A 507 22.16 -3.08 -26.60
CA LEU A 507 21.95 -2.97 -28.04
C LEU A 507 23.28 -3.13 -28.71
N ALA A 508 23.38 -3.81 -29.85
CA ALA A 508 24.70 -3.89 -30.46
C ALA A 508 24.57 -4.39 -31.88
N PRO A 509 25.12 -3.69 -32.87
CA PRO A 509 24.99 -4.00 -34.26
C PRO A 509 25.56 -5.35 -34.57
N THR A 510 24.79 -6.12 -35.31
CA THR A 510 25.21 -7.44 -35.73
C THR A 510 24.49 -7.90 -36.98
N SER A 511 25.13 -8.76 -37.77
CA SER A 511 24.46 -9.30 -38.94
C SER A 511 23.81 -10.62 -38.61
N CYS A 512 22.49 -10.57 -38.48
CA CYS A 512 21.65 -11.69 -38.12
C CYS A 512 20.22 -11.24 -38.18
N LYS A 513 19.85 -10.59 -39.26
CA LYS A 513 18.51 -10.02 -39.41
C LYS A 513 17.50 -11.12 -39.21
N ARG A 514 16.40 -10.84 -38.50
CA ARG A 514 15.41 -11.90 -38.30
C ARG A 514 14.97 -12.51 -39.63
N TYR A 515 14.84 -13.86 -39.65
CA TYR A 515 14.47 -14.77 -40.77
C TYR A 515 14.68 -14.16 -42.17
N GLY B 6 22.02 -12.21 -2.91
CA GLY B 6 21.11 -12.97 -3.73
C GLY B 6 21.88 -13.96 -4.62
N PHE B 7 22.40 -13.46 -5.76
CA PHE B 7 23.18 -14.22 -6.73
C PHE B 7 24.05 -13.28 -7.59
N LEU B 8 23.45 -12.19 -8.08
CA LEU B 8 24.16 -11.20 -8.88
C LEU B 8 25.03 -11.75 -10.01
N GLY B 9 24.48 -12.66 -10.81
CA GLY B 9 25.19 -13.27 -11.94
C GLY B 9 25.45 -12.22 -13.03
N PHE B 10 24.69 -11.13 -12.93
CA PHE B 10 24.76 -10.02 -13.83
C PHE B 10 26.07 -9.30 -13.61
N LEU B 11 26.56 -9.33 -12.38
CA LEU B 11 27.81 -8.67 -12.11
C LEU B 11 28.92 -9.67 -12.19
N ALA B 12 28.65 -10.92 -11.90
CA ALA B 12 29.69 -11.93 -11.90
C ALA B 12 30.40 -12.03 -13.24
N THR B 13 29.67 -11.81 -14.34
CA THR B 13 30.26 -11.90 -15.68
C THR B 13 30.77 -10.54 -16.20
N ALA B 14 30.62 -9.51 -15.40
CA ALA B 14 31.04 -8.17 -15.80
C ALA B 14 32.53 -8.18 -16.01
N GLY B 15 32.98 -7.43 -17.00
CA GLY B 15 34.42 -7.33 -17.27
C GLY B 15 34.90 -8.34 -18.31
N SER B 16 34.03 -9.27 -18.73
CA SER B 16 34.38 -10.33 -19.68
C SER B 16 34.42 -9.94 -21.17
N ALA B 17 34.03 -8.71 -21.50
CA ALA B 17 33.96 -8.12 -22.85
C ALA B 17 32.61 -8.38 -23.52
N MET B 18 32.34 -7.60 -24.57
CA MET B 18 31.13 -7.59 -25.39
C MET B 18 30.83 -8.93 -26.00
N GLY B 19 31.86 -9.68 -26.39
CA GLY B 19 31.70 -11.04 -26.91
C GLY B 19 31.58 -11.96 -25.69
N ALA B 20 30.59 -11.64 -24.88
CA ALA B 20 30.27 -12.17 -23.57
C ALA B 20 29.69 -13.53 -23.60
N ALA B 21 29.99 -14.24 -22.53
CA ALA B 21 29.44 -15.53 -22.25
C ALA B 21 28.38 -15.37 -21.19
N SER B 22 27.52 -16.37 -21.07
CA SER B 22 26.57 -16.42 -19.97
C SER B 22 25.68 -15.21 -19.76
N LEU B 23 24.97 -14.77 -20.79
CA LEU B 23 24.07 -13.66 -20.53
C LEU B 23 22.85 -14.29 -19.90
N THR B 24 22.83 -14.24 -18.57
CA THR B 24 21.86 -14.91 -17.73
C THR B 24 20.49 -14.28 -17.76
N LEU B 25 19.79 -14.52 -18.83
CA LEU B 25 18.44 -14.02 -19.08
C LEU B 25 17.48 -14.28 -17.94
N THR B 26 17.55 -15.51 -17.42
CA THR B 26 16.64 -16.03 -16.42
C THR B 26 16.83 -15.37 -15.07
N ALA B 27 17.91 -14.61 -14.95
CA ALA B 27 18.24 -13.91 -13.75
C ALA B 27 17.13 -12.93 -13.35
N GLN B 28 16.44 -12.32 -14.31
CA GLN B 28 15.41 -11.39 -13.88
C GLN B 28 14.22 -12.11 -13.25
N SER B 29 13.89 -13.30 -13.73
CA SER B 29 12.75 -13.98 -13.17
C SER B 29 13.06 -14.38 -11.74
N ARG B 30 14.29 -14.85 -11.51
CA ARG B 30 14.61 -15.28 -10.17
C ARG B 30 14.82 -14.11 -9.20
N THR B 31 15.26 -12.94 -9.70
CA THR B 31 15.40 -11.83 -8.77
C THR B 31 13.99 -11.39 -8.33
N LEU B 32 12.98 -11.50 -9.23
CA LEU B 32 11.63 -11.16 -8.83
C LEU B 32 11.15 -12.09 -7.73
N LEU B 33 11.45 -13.38 -7.89
CA LEU B 33 10.96 -14.36 -6.93
C LEU B 33 11.56 -14.08 -5.56
N ALA B 34 12.86 -13.74 -5.52
CA ALA B 34 13.53 -13.46 -4.25
C ALA B 34 12.91 -12.28 -3.54
N GLY B 35 12.53 -11.27 -4.31
CA GLY B 35 11.92 -10.06 -3.79
C GLY B 35 10.61 -10.35 -3.12
N ILE B 36 9.76 -11.12 -3.81
CA ILE B 36 8.46 -11.44 -3.30
C ILE B 36 8.57 -12.24 -2.03
N VAL B 37 9.43 -13.24 -1.99
CA VAL B 37 9.49 -14.05 -0.80
C VAL B 37 9.94 -13.27 0.41
N GLN B 38 11.00 -12.46 0.31
CA GLN B 38 11.42 -11.81 1.53
C GLN B 38 10.41 -10.78 2.01
N GLN B 39 9.80 -10.03 1.09
CA GLN B 39 8.88 -9.02 1.56
C GLN B 39 7.61 -9.63 2.12
N GLN B 40 7.14 -10.71 1.51
CA GLN B 40 5.92 -11.32 1.98
C GLN B 40 6.11 -11.89 3.36
N GLN B 41 7.27 -12.49 3.62
CA GLN B 41 7.48 -13.05 4.92
C GLN B 41 7.51 -11.96 5.98
N GLN B 42 8.12 -10.81 5.66
CA GLN B 42 8.15 -9.78 6.67
C GLN B 42 6.78 -9.18 6.94
N LEU B 43 5.96 -9.06 5.91
CA LEU B 43 4.65 -8.48 6.14
C LEU B 43 3.79 -9.39 6.98
N LEU B 44 3.97 -10.70 6.84
CA LEU B 44 3.22 -11.66 7.64
C LEU B 44 3.70 -11.62 9.09
N ASP B 45 5.00 -11.32 9.29
CA ASP B 45 5.66 -11.20 10.59
C ASP B 45 5.28 -9.91 11.38
N VAL B 46 5.14 -8.77 10.71
CA VAL B 46 4.87 -7.52 11.45
C VAL B 46 3.62 -7.57 12.38
N PRO B 47 2.43 -8.09 11.96
CA PRO B 47 1.18 -8.21 12.71
C PRO B 47 1.31 -8.97 14.03
N LYS B 48 2.41 -9.69 14.22
CA LYS B 48 2.62 -10.40 15.46
C LYS B 48 2.66 -9.41 16.61
N ARG B 49 3.12 -8.18 16.33
CA ARG B 49 3.20 -7.14 17.35
C ARG B 49 2.43 -5.89 16.92
N GLN B 50 2.44 -5.57 15.62
CA GLN B 50 1.79 -4.36 15.12
C GLN B 50 0.81 -4.63 13.99
N GLN B 51 -0.49 -4.69 14.30
CA GLN B 51 -1.49 -5.00 13.29
C GLN B 51 -2.10 -3.81 12.58
N GLU B 52 -2.01 -2.61 13.16
CA GLU B 52 -2.68 -1.47 12.56
C GLU B 52 -1.77 -0.71 11.63
N LEU B 53 -0.64 -0.31 12.16
CA LEU B 53 0.23 0.59 11.43
C LEU B 53 1.17 -0.12 10.51
N LEU B 54 0.59 -0.74 9.50
CA LEU B 54 1.32 -1.56 8.54
C LEU B 54 1.81 -0.76 7.34
N ARG B 55 1.11 0.32 7.00
CA ARG B 55 1.41 1.17 5.85
C ARG B 55 1.27 2.58 6.32
N LEU B 56 0.81 2.69 7.55
CA LEU B 56 0.41 3.97 8.13
C LEU B 56 1.53 4.65 8.92
N THR B 57 2.71 4.05 8.85
CA THR B 57 3.94 4.55 9.43
C THR B 57 4.93 4.49 8.27
N VAL B 58 5.86 5.44 8.19
CA VAL B 58 6.76 5.51 7.03
C VAL B 58 7.46 4.18 6.68
N TRP B 59 7.83 3.34 7.64
CA TRP B 59 8.49 2.11 7.22
C TRP B 59 7.63 1.28 6.23
N GLY B 60 6.31 1.35 6.35
CA GLY B 60 5.44 0.54 5.53
C GLY B 60 5.10 1.18 4.22
N THR B 61 5.51 2.42 4.02
CA THR B 61 5.19 3.07 2.78
C THR B 61 6.41 2.84 1.94
N LYS B 62 7.56 2.74 2.62
CA LYS B 62 8.80 2.45 1.94
C LYS B 62 8.79 0.98 1.50
N ASN B 63 8.31 0.09 2.39
CA ASN B 63 8.26 -1.32 2.04
C ASN B 63 7.13 -1.60 1.01
N LEU B 64 6.01 -0.85 1.04
CA LEU B 64 5.03 -1.12 0.01
C LEU B 64 5.56 -0.67 -1.30
N GLN B 65 6.22 0.49 -1.32
CA GLN B 65 6.74 1.00 -2.56
C GLN B 65 7.68 0.02 -3.20
N THR B 66 8.52 -0.65 -2.40
CA THR B 66 9.43 -1.59 -3.04
C THR B 66 8.71 -2.87 -3.50
N ARG B 67 7.56 -3.22 -2.89
CA ARG B 67 6.85 -4.41 -3.35
C ARG B 67 6.12 -4.14 -4.66
N VAL B 68 5.46 -3.00 -4.74
CA VAL B 68 4.73 -2.66 -5.93
C VAL B 68 5.74 -2.45 -7.04
N THR B 69 6.86 -1.79 -6.73
CA THR B 69 7.88 -1.56 -7.71
C THR B 69 8.44 -2.88 -8.19
N ALA B 70 8.68 -3.86 -7.32
CA ALA B 70 9.23 -5.11 -7.86
C ALA B 70 8.31 -5.68 -8.94
N ILE B 71 7.01 -5.57 -8.75
CA ILE B 71 6.10 -6.02 -9.77
C ILE B 71 6.22 -5.15 -11.02
N GLU B 72 6.23 -3.84 -10.84
CA GLU B 72 6.31 -2.96 -11.99
C GLU B 72 7.59 -3.06 -12.78
N LYS B 73 8.74 -3.24 -12.13
CA LYS B 73 10.01 -3.35 -12.85
C LYS B 73 9.98 -4.60 -13.68
N TYR B 74 9.47 -5.69 -13.13
CA TYR B 74 9.36 -6.92 -13.88
C TYR B 74 8.53 -6.70 -15.13
N LEU B 75 7.36 -6.09 -14.95
CA LEU B 75 6.48 -5.85 -16.06
C LEU B 75 7.03 -4.85 -17.04
N LYS B 76 7.78 -3.82 -16.62
CA LYS B 76 8.31 -2.92 -17.62
C LYS B 76 9.21 -3.67 -18.55
N ASP B 77 10.02 -4.57 -18.03
CA ASP B 77 10.89 -5.25 -18.96
C ASP B 77 10.13 -6.20 -19.84
N GLN B 78 9.15 -6.93 -19.31
CA GLN B 78 8.48 -7.83 -20.22
C GLN B 78 7.69 -7.05 -21.26
N ALA B 79 7.09 -5.94 -20.86
CA ALA B 79 6.32 -5.14 -21.78
C ALA B 79 7.21 -4.51 -22.84
N GLN B 80 8.41 -4.06 -22.48
CA GLN B 80 9.26 -3.46 -23.50
C GLN B 80 9.70 -4.53 -24.46
N LEU B 81 9.95 -5.72 -23.95
CA LEU B 81 10.39 -6.76 -24.82
C LEU B 81 9.27 -7.13 -25.77
N ASN B 82 8.02 -7.16 -25.30
CA ASN B 82 6.89 -7.49 -26.15
C ASN B 82 6.68 -6.39 -27.19
N ALA B 83 6.91 -5.14 -26.78
CA ALA B 83 6.75 -3.98 -27.66
C ALA B 83 7.72 -4.07 -28.83
N TRP B 84 8.87 -4.69 -28.60
CA TRP B 84 9.89 -4.90 -29.59
C TRP B 84 9.79 -6.25 -30.30
N GLY B 85 8.76 -7.02 -30.02
CA GLY B 85 8.54 -8.32 -30.65
C GLY B 85 9.18 -9.55 -30.01
N CYS B 86 9.69 -9.46 -28.78
CA CYS B 86 10.30 -10.62 -28.17
C CYS B 86 9.51 -11.20 -27.04
N ALA B 87 8.82 -12.32 -27.30
CA ALA B 87 8.07 -12.93 -26.20
C ALA B 87 9.09 -13.39 -25.14
N PHE B 88 10.23 -13.86 -25.67
CA PHE B 88 11.38 -14.33 -24.93
C PHE B 88 12.55 -13.71 -25.66
N ARG B 89 13.46 -13.06 -24.95
CA ARG B 89 14.54 -12.43 -25.67
C ARG B 89 15.93 -12.84 -25.33
N GLN B 90 16.52 -13.73 -26.11
CA GLN B 90 17.90 -13.98 -25.81
C GLN B 90 18.67 -12.91 -26.57
N VAL B 91 18.26 -12.72 -27.84
CA VAL B 91 18.83 -11.76 -28.76
C VAL B 91 17.69 -11.17 -29.59
N CYS B 92 16.64 -12.00 -29.70
CA CYS B 92 15.48 -11.74 -30.56
C CYS B 92 15.75 -10.71 -31.66
N CYS B 93 16.30 -11.20 -32.75
CA CYS B 93 16.75 -10.38 -33.85
C CYS B 93 15.62 -9.51 -34.38
N THR B 94 16.00 -8.36 -34.92
CA THR B 94 15.12 -7.32 -35.45
C THR B 94 15.29 -7.05 -36.93
N THR B 95 14.50 -6.07 -37.40
CA THR B 95 14.49 -5.58 -38.77
C THR B 95 14.98 -4.13 -38.83
N VAL B 96 15.27 -3.55 -37.67
CA VAL B 96 15.74 -2.17 -37.58
C VAL B 96 17.26 -2.12 -37.68
N PRO B 97 17.84 -1.40 -38.65
CA PRO B 97 19.26 -1.26 -38.89
C PRO B 97 19.87 -0.43 -37.79
N TRP B 98 21.13 -0.66 -37.51
CA TRP B 98 21.86 0.13 -36.55
C TRP B 98 22.04 1.55 -37.10
N PRO B 99 21.81 2.62 -36.32
CA PRO B 99 21.91 4.02 -36.74
C PRO B 99 23.14 4.46 -37.57
N ASN B 100 24.42 4.13 -37.21
CA ASN B 100 25.56 4.44 -38.09
C ASN B 100 26.78 3.55 -37.79
N ALA B 101 27.75 3.54 -38.75
CA ALA B 101 28.99 2.75 -38.74
C ALA B 101 30.07 3.34 -37.88
N SER B 102 29.78 4.50 -37.33
CA SER B 102 30.73 5.20 -36.49
C SER B 102 30.69 4.67 -35.06
N LEU B 103 29.67 3.88 -34.74
CA LEU B 103 29.51 3.36 -33.40
C LEU B 103 29.40 1.85 -33.41
N ILE B 104 30.53 1.18 -33.54
CA ILE B 104 30.59 -0.27 -33.62
C ILE B 104 31.45 -0.77 -32.46
N PRO B 105 31.00 -1.73 -31.64
CA PRO B 105 31.72 -2.25 -30.50
C PRO B 105 32.88 -3.12 -30.90
N LYS B 106 33.88 -3.18 -30.03
CA LYS B 106 34.98 -4.09 -30.20
C LYS B 106 34.68 -5.31 -29.36
N TRP B 107 34.19 -6.35 -30.01
CA TRP B 107 33.67 -7.52 -29.32
C TRP B 107 34.71 -8.20 -28.45
N ASN B 108 35.97 -8.10 -28.85
CA ASN B 108 37.05 -8.72 -28.11
C ASN B 108 37.90 -7.77 -27.24
N ASN B 109 37.43 -6.53 -26.95
CA ASN B 109 38.15 -5.53 -26.14
C ASN B 109 37.24 -4.83 -25.13
N GLU B 110 36.12 -4.23 -25.60
CA GLU B 110 35.19 -3.42 -24.80
C GLU B 110 34.24 -4.29 -24.06
N THR B 111 33.79 -3.82 -22.90
CA THR B 111 32.79 -4.49 -22.08
C THR B 111 31.43 -3.91 -22.28
N TRP B 112 30.41 -4.58 -21.76
CA TRP B 112 29.07 -4.08 -21.88
C TRP B 112 28.86 -2.81 -21.09
N GLN B 113 29.58 -2.64 -20.00
CA GLN B 113 29.40 -1.40 -19.25
C GLN B 113 29.92 -0.22 -20.05
N GLU B 114 31.08 -0.41 -20.67
CA GLU B 114 31.70 0.64 -21.44
C GLU B 114 30.91 0.94 -22.69
N TRP B 115 30.43 -0.11 -23.32
CA TRP B 115 29.67 0.02 -24.53
C TRP B 115 28.36 0.69 -24.34
N GLU B 116 27.60 0.27 -23.35
CA GLU B 116 26.29 0.84 -23.21
C GLU B 116 26.39 2.32 -22.89
N ARG B 117 27.40 2.74 -22.14
CA ARG B 117 27.50 4.14 -21.80
C ARG B 117 27.93 5.03 -22.96
N LYS B 118 28.25 4.43 -24.11
CA LYS B 118 28.58 5.19 -25.29
C LYS B 118 27.39 5.31 -26.23
N VAL B 119 26.31 4.56 -25.99
CA VAL B 119 25.18 4.55 -26.90
C VAL B 119 23.84 4.92 -26.27
N ASP B 120 23.84 5.59 -25.12
CA ASP B 120 22.60 6.00 -24.44
C ASP B 120 21.73 6.89 -25.34
N PHE B 121 22.41 7.57 -26.22
CA PHE B 121 21.89 8.51 -27.17
C PHE B 121 21.06 7.76 -28.19
N LEU B 122 21.57 6.60 -28.58
CA LEU B 122 20.92 5.87 -29.60
C LEU B 122 19.81 5.11 -28.97
N GLU B 123 19.96 4.70 -27.72
CA GLU B 123 18.90 3.93 -27.10
C GLU B 123 17.61 4.72 -27.12
N GLU B 124 17.71 6.03 -26.86
CA GLU B 124 16.47 6.80 -26.89
C GLU B 124 15.79 6.80 -28.29
N ASN B 125 16.58 6.93 -29.40
CA ASN B 125 16.03 6.91 -30.78
C ASN B 125 15.63 5.49 -31.26
N ILE B 126 16.41 4.47 -30.85
CA ILE B 126 16.25 3.05 -31.18
C ILE B 126 15.00 2.49 -30.57
N THR B 127 14.72 2.81 -29.32
CA THR B 127 13.54 2.26 -28.72
C THR B 127 12.35 2.57 -29.60
N ALA B 128 12.22 3.82 -30.05
CA ALA B 128 11.11 4.17 -30.90
C ALA B 128 11.15 3.41 -32.23
N LEU B 129 12.33 3.24 -32.82
CA LEU B 129 12.41 2.56 -34.10
C LEU B 129 12.00 1.10 -34.01
N LEU B 130 12.38 0.45 -32.92
CA LEU B 130 12.05 -0.95 -32.74
C LEU B 130 10.54 -1.09 -32.59
N GLU B 131 9.91 -0.16 -31.88
CA GLU B 131 8.47 -0.22 -31.73
C GLU B 131 7.77 0.01 -33.07
N GLU B 132 8.30 0.94 -33.88
CA GLU B 132 7.70 1.22 -35.17
C GLU B 132 7.78 0.01 -36.09
N ALA B 133 8.90 -0.70 -36.03
CA ALA B 133 9.06 -1.89 -36.85
C ALA B 133 8.00 -2.91 -36.49
N GLN B 134 7.70 -3.05 -35.20
CA GLN B 134 6.69 -4.01 -34.82
C GLN B 134 5.32 -3.59 -35.25
N ILE B 135 5.05 -2.29 -35.27
CA ILE B 135 3.75 -1.83 -35.70
C ILE B 135 3.55 -2.21 -37.16
N GLN B 136 4.57 -1.98 -37.99
CA GLN B 136 4.39 -2.34 -39.38
C GLN B 136 4.24 -3.84 -39.55
N GLN B 137 4.95 -4.63 -38.75
CA GLN B 137 4.84 -6.08 -38.87
C GLN B 137 3.44 -6.53 -38.50
N GLU B 138 2.82 -5.90 -37.50
CA GLU B 138 1.46 -6.24 -37.14
C GLU B 138 0.52 -5.90 -38.27
N LYS B 139 0.74 -4.76 -38.93
CA LYS B 139 -0.11 -4.39 -40.04
C LYS B 139 0.02 -5.40 -41.17
N ASN B 140 1.24 -5.90 -41.39
CA ASN B 140 1.46 -6.86 -42.45
C ASN B 140 0.74 -8.16 -42.13
N MET B 141 0.77 -8.58 -40.85
CA MET B 141 0.07 -9.80 -40.49
C MET B 141 -1.41 -9.65 -40.70
N TYR B 142 -1.95 -8.48 -40.37
CA TYR B 142 -3.36 -8.23 -40.54
C TYR B 142 -3.76 -8.34 -42.00
N GLU B 143 -2.94 -7.78 -42.90
CA GLU B 143 -3.27 -7.88 -44.31
C GLU B 143 -3.26 -9.35 -44.74
N LEU B 144 -2.32 -10.14 -44.21
CA LEU B 144 -2.27 -11.55 -44.57
C LEU B 144 -3.50 -12.28 -44.04
N GLN B 145 -4.00 -11.88 -42.87
CA GLN B 145 -5.20 -12.49 -42.31
C GLN B 145 -6.41 -12.20 -43.19
N LYS B 146 -6.51 -10.96 -43.71
CA LYS B 146 -7.61 -10.61 -44.61
C LYS B 146 -7.58 -11.42 -45.93
N LEU B 147 -6.35 -11.66 -46.49
CA LEU B 147 -6.08 -12.43 -47.70
C LEU B 147 -6.32 -13.92 -47.44
N GLN C 21 71.26 15.35 -8.18
CA GLN C 21 69.96 14.87 -7.75
C GLN C 21 69.79 13.36 -8.07
N LEU C 22 69.48 12.98 -9.33
CA LEU C 22 69.32 11.56 -9.73
C LEU C 22 70.48 11.14 -10.61
N GLN C 23 71.27 10.21 -10.10
CA GLN C 23 72.43 9.73 -10.85
C GLN C 23 72.34 8.25 -11.13
N GLU C 24 72.18 7.87 -12.39
CA GLU C 24 72.05 6.44 -12.64
C GLU C 24 73.42 5.81 -12.83
N SER C 25 73.44 4.48 -13.00
CA SER C 25 74.68 3.73 -13.20
C SER C 25 74.50 2.25 -13.55
N GLY C 26 75.38 1.74 -14.39
CA GLY C 26 75.38 0.32 -14.71
C GLY C 26 76.28 0.05 -15.90
N PRO C 27 76.39 -1.21 -16.35
CA PRO C 27 77.21 -1.63 -17.46
C PRO C 27 76.65 -1.08 -18.74
N GLY C 28 77.52 -0.66 -19.65
CA GLY C 28 77.04 -0.20 -20.95
C GLY C 28 76.72 -1.36 -21.85
N VAL C 29 77.42 -2.49 -21.69
CA VAL C 29 77.19 -3.63 -22.54
C VAL C 29 76.88 -4.86 -21.76
N VAL C 30 75.77 -5.47 -22.12
CA VAL C 30 75.27 -6.69 -21.53
C VAL C 30 74.98 -7.66 -22.67
N ARG C 31 74.89 -8.95 -22.37
CA ARG C 31 74.61 -9.91 -23.43
C ARG C 31 73.17 -10.42 -23.43
N PRO C 32 72.70 -10.96 -24.56
CA PRO C 32 71.42 -11.60 -24.69
C PRO C 32 71.36 -12.70 -23.66
N SER C 33 70.17 -12.88 -23.12
CA SER C 33 69.83 -13.87 -22.11
C SER C 33 70.44 -13.59 -20.74
N GLN C 34 71.10 -12.44 -20.57
CA GLN C 34 71.62 -12.09 -19.26
C GLN C 34 70.66 -11.19 -18.54
N THR C 35 71.01 -10.85 -17.31
CA THR C 35 70.20 -9.93 -16.53
C THR C 35 70.92 -8.60 -16.36
N LEU C 36 70.22 -7.54 -16.68
CA LEU C 36 70.70 -6.17 -16.57
C LEU C 36 70.38 -5.60 -15.22
N SER C 37 71.31 -4.84 -14.67
CA SER C 37 70.98 -4.12 -13.48
C SER C 37 71.41 -2.68 -13.64
N LEU C 38 70.61 -1.81 -13.04
CA LEU C 38 70.86 -0.37 -13.02
C LEU C 38 70.53 0.23 -11.67
N THR C 39 71.48 0.93 -11.07
CA THR C 39 71.23 1.49 -9.75
C THR C 39 71.38 2.98 -9.73
N CYS C 40 70.36 3.66 -9.26
CA CYS C 40 70.35 5.09 -9.19
C CYS C 40 70.46 5.65 -7.79
N ALA C 41 71.42 6.54 -7.63
CA ALA C 41 71.65 7.16 -6.35
C ALA C 41 70.89 8.46 -6.26
N VAL C 42 70.38 8.72 -5.08
CA VAL C 42 69.68 9.94 -4.80
C VAL C 42 70.57 10.86 -3.97
N SER C 43 70.82 12.04 -4.50
CA SER C 43 71.72 13.00 -3.87
C SER C 43 71.01 14.24 -3.39
N GLY C 44 71.15 14.52 -2.10
CA GLY C 44 70.53 15.69 -1.46
C GLY C 44 69.14 15.36 -0.95
N ASP C 45 68.77 14.10 -1.08
CA ASP C 45 67.48 13.58 -0.69
C ASP C 45 67.68 12.10 -0.34
N THR C 46 66.62 11.44 0.05
CA THR C 46 66.62 10.02 0.43
C THR C 46 65.62 9.22 -0.37
N VAL C 47 65.49 7.92 -0.06
CA VAL C 47 64.55 7.09 -0.81
C VAL C 47 63.35 6.72 0.02
N SER C 48 63.29 7.32 1.20
CA SER C 48 62.22 7.18 2.16
C SER C 48 61.37 8.46 2.29
N SER C 49 61.62 9.45 1.43
CA SER C 49 60.86 10.71 1.51
C SER C 49 59.40 10.53 1.16
N CYS C 50 58.55 11.25 1.88
CA CYS C 50 57.11 11.13 1.70
C CYS C 50 56.53 11.54 0.38
N CYS C 51 55.63 10.67 -0.10
CA CYS C 51 54.84 10.82 -1.31
C CYS C 51 55.62 10.95 -2.62
N PHE C 52 56.68 10.18 -2.77
CA PHE C 52 57.44 10.16 -4.02
C PHE C 52 57.51 8.79 -4.62
N PHE C 53 57.69 8.73 -5.93
CA PHE C 53 57.83 7.45 -6.55
C PHE C 53 59.18 7.38 -7.19
N TRP C 54 59.77 6.21 -7.22
CA TRP C 54 61.03 6.06 -7.88
C TRP C 54 60.77 5.30 -9.15
N THR C 55 60.91 5.98 -10.29
CA THR C 55 60.52 5.33 -11.51
C THR C 55 61.59 5.25 -12.53
N TRP C 56 61.34 4.38 -13.49
CA TRP C 56 62.20 4.22 -14.65
C TRP C 56 61.41 4.22 -15.96
N ILE C 57 62.04 4.78 -16.98
CA ILE C 57 61.54 4.72 -18.34
C ILE C 57 62.68 4.25 -19.23
N ARG C 58 62.36 3.87 -20.45
CA ARG C 58 63.36 3.55 -21.46
C ARG C 58 63.15 4.36 -22.72
N GLN C 59 64.23 4.65 -23.42
CA GLN C 59 64.13 5.26 -24.72
C GLN C 59 65.05 4.62 -25.73
N PRO C 60 64.60 3.62 -26.50
CA PRO C 60 65.38 2.94 -27.50
C PRO C 60 65.80 4.03 -28.47
N PRO C 61 66.98 3.99 -29.09
CA PRO C 61 67.40 5.00 -30.02
C PRO C 61 66.37 5.09 -31.14
N GLY C 62 66.00 6.32 -31.50
CA GLY C 62 65.04 6.53 -32.59
C GLY C 62 63.57 6.41 -32.16
N LYS C 63 63.34 6.08 -30.89
CA LYS C 63 61.99 5.89 -30.38
C LYS C 63 61.59 6.91 -29.33
N GLY C 64 60.30 6.86 -28.97
CA GLY C 64 59.77 7.74 -27.95
C GLY C 64 60.05 7.14 -26.59
N LEU C 65 59.39 7.67 -25.57
CA LEU C 65 59.65 7.25 -24.22
C LEU C 65 58.71 6.11 -23.82
N GLU C 66 59.20 5.16 -23.06
CA GLU C 66 58.40 4.04 -22.55
C GLU C 66 58.47 3.90 -21.04
N TRP C 67 57.35 3.90 -20.36
CA TRP C 67 57.37 3.73 -18.92
C TRP C 67 57.61 2.25 -18.64
N ILE C 68 58.51 1.91 -17.70
CA ILE C 68 58.70 0.48 -17.42
C ILE C 68 58.32 0.07 -16.01
N GLY C 69 58.40 0.99 -15.06
CA GLY C 69 58.04 0.61 -13.71
C GLY C 69 58.22 1.70 -12.66
N ASN C 70 57.63 1.42 -11.51
CA ASN C 70 57.57 2.31 -10.37
C ASN C 70 57.50 1.69 -8.96
N ILE C 71 58.41 2.09 -8.07
CA ILE C 71 58.30 1.65 -6.67
C ILE C 71 57.95 2.87 -5.80
N TYR C 72 56.96 2.73 -4.93
CA TYR C 72 56.54 3.85 -4.09
C TYR C 72 57.43 4.05 -2.87
N SER C 73 57.87 5.28 -2.62
CA SER C 73 58.79 5.56 -1.54
C SER C 73 58.35 5.13 -0.13
N ASP C 74 57.08 5.31 0.19
CA ASP C 74 56.61 5.04 1.55
C ASP C 74 56.06 3.63 1.75
N ASN C 75 56.17 2.76 0.75
CA ASN C 75 55.62 1.43 0.90
C ASN C 75 56.42 0.43 0.06
N ASP C 76 56.05 -0.83 0.08
CA ASP C 76 56.76 -1.84 -0.68
C ASP C 76 56.01 -2.21 -1.96
N ASN C 77 55.03 -1.38 -2.29
CA ASN C 77 54.19 -1.58 -3.44
C ASN C 77 54.85 -1.08 -4.72
N THR C 78 54.66 -1.86 -5.78
CA THR C 78 55.17 -1.51 -7.09
C THR C 78 54.13 -1.62 -8.19
N ASN C 79 54.40 -0.92 -9.28
CA ASN C 79 53.63 -0.93 -10.51
C ASN C 79 54.55 -1.19 -11.68
N TYR C 80 54.25 -2.20 -12.47
CA TYR C 80 55.13 -2.48 -13.60
C TYR C 80 54.38 -2.44 -14.90
N ASN C 81 55.08 -2.09 -15.97
CA ASN C 81 54.47 -2.15 -17.27
C ASN C 81 54.12 -3.60 -17.50
N PRO C 82 52.86 -3.96 -17.77
CA PRO C 82 52.42 -5.33 -17.95
C PRO C 82 53.26 -6.13 -18.95
N SER C 83 53.88 -5.48 -19.94
CA SER C 83 54.66 -6.24 -20.91
C SER C 83 55.92 -6.85 -20.31
N LEU C 84 56.33 -6.34 -19.17
CA LEU C 84 57.50 -6.80 -18.46
C LEU C 84 57.10 -7.50 -17.17
N LYS C 85 55.85 -7.93 -17.05
CA LYS C 85 55.38 -8.53 -15.80
C LYS C 85 56.29 -9.61 -15.23
N THR C 86 56.89 -10.44 -16.07
CA THR C 86 57.74 -11.52 -15.59
C THR C 86 59.24 -11.24 -15.76
N ARG C 87 59.57 -10.06 -16.26
CA ARG C 87 60.95 -9.68 -16.55
C ARG C 87 61.55 -8.59 -15.67
N ILE C 88 60.71 -7.70 -15.14
CA ILE C 88 61.21 -6.55 -14.38
C ILE C 88 60.96 -6.63 -12.88
N SER C 89 61.97 -6.22 -12.13
CA SER C 89 61.88 -6.13 -10.69
C SER C 89 62.52 -4.83 -10.21
N ILE C 90 61.82 -4.13 -9.32
CA ILE C 90 62.28 -2.87 -8.75
C ILE C 90 62.37 -2.94 -7.23
N SER C 91 63.48 -2.45 -6.70
CA SER C 91 63.69 -2.42 -5.26
C SER C 91 64.35 -1.13 -4.81
N LYS C 92 64.30 -0.88 -3.51
CA LYS C 92 64.90 0.31 -2.91
C LYS C 92 65.70 -0.07 -1.67
N ASP C 93 66.74 0.72 -1.36
CA ASP C 93 67.56 0.48 -0.18
C ASP C 93 67.90 1.77 0.57
N MET C 94 67.25 1.92 1.71
CA MET C 94 67.32 3.13 2.52
C MET C 94 68.64 3.33 3.22
N SER C 95 69.50 2.32 3.24
CA SER C 95 70.80 2.51 3.87
C SER C 95 71.78 3.13 2.88
N LYS C 96 71.38 3.16 1.60
CA LYS C 96 72.21 3.65 0.53
C LYS C 96 71.63 4.88 -0.15
N ASN C 97 70.33 5.11 0.02
CA ASN C 97 69.60 6.15 -0.69
C ASN C 97 69.68 5.85 -2.18
N GLN C 98 69.49 4.58 -2.48
CA GLN C 98 69.52 4.08 -3.84
C GLN C 98 68.30 3.25 -4.19
N PHE C 99 68.00 3.19 -5.47
CA PHE C 99 66.95 2.30 -5.95
C PHE C 99 67.42 1.68 -7.24
N SER C 100 66.88 0.52 -7.58
CA SER C 100 67.37 -0.15 -8.77
C SER C 100 66.43 -1.08 -9.51
N LEU C 101 66.84 -1.33 -10.76
CA LEU C 101 66.25 -2.28 -11.67
C LEU C 101 67.00 -3.55 -11.79
N LYS C 102 66.25 -4.61 -11.99
CA LYS C 102 66.74 -5.89 -12.41
C LYS C 102 65.87 -6.32 -13.60
N LEU C 103 66.46 -6.49 -14.77
CA LEU C 103 65.70 -6.89 -15.96
C LEU C 103 66.24 -8.18 -16.55
N ASN C 104 65.45 -9.25 -16.50
CA ASN C 104 65.97 -10.53 -16.95
C ASN C 104 65.69 -10.79 -18.43
N SER C 105 66.25 -11.90 -18.95
CA SER C 105 66.02 -12.34 -20.32
C SER C 105 66.24 -11.25 -21.36
N LEU C 106 67.40 -10.59 -21.31
CA LEU C 106 67.70 -9.52 -22.25
C LEU C 106 67.74 -9.91 -23.71
N THR C 107 67.22 -9.02 -24.53
CA THR C 107 67.23 -9.17 -25.98
C THR C 107 67.66 -7.89 -26.72
N ALA C 108 67.71 -7.97 -28.03
CA ALA C 108 68.13 -6.83 -28.86
C ALA C 108 67.24 -5.61 -28.69
N THR C 109 65.96 -5.83 -28.45
CA THR C 109 64.98 -4.77 -28.36
C THR C 109 65.04 -4.06 -27.02
N ASP C 110 65.91 -4.51 -26.11
CA ASP C 110 66.05 -3.87 -24.84
C ASP C 110 67.14 -2.81 -24.88
N THR C 111 67.74 -2.59 -26.07
CA THR C 111 68.73 -1.53 -26.13
C THR C 111 67.99 -0.23 -26.01
N ALA C 112 68.41 0.58 -25.05
CA ALA C 112 67.74 1.83 -24.77
C ALA C 112 68.52 2.67 -23.81
N ILE C 113 68.16 3.93 -23.74
CA ILE C 113 68.69 4.70 -22.63
C ILE C 113 67.70 4.57 -21.50
N TYR C 114 68.18 4.16 -20.36
CA TYR C 114 67.34 3.97 -19.20
C TYR C 114 67.43 5.24 -18.39
N TYR C 115 66.30 5.74 -17.90
CA TYR C 115 66.32 6.98 -17.12
C TYR C 115 65.51 6.91 -15.84
N CYS C 116 65.97 7.63 -14.82
CA CYS C 116 65.21 7.78 -13.58
C CYS C 116 64.46 9.08 -13.45
N ALA C 117 63.36 9.01 -12.68
CA ALA C 117 62.56 10.18 -12.37
C ALA C 117 61.77 10.03 -11.03
N ARG C 118 61.28 11.17 -10.49
CA ARG C 118 60.54 11.17 -9.18
C ARG C 118 59.00 11.06 -9.21
N GLU C 119 58.40 11.43 -10.31
CA GLU C 119 56.95 11.42 -10.44
C GLU C 119 56.27 12.11 -9.26
N SER C 120 56.69 13.31 -8.91
CA SER C 120 56.12 13.96 -7.77
C SER C 120 54.62 14.19 -7.97
N PRO C 121 53.78 13.93 -6.96
CA PRO C 121 52.37 14.23 -6.98
C PRO C 121 52.18 15.68 -6.74
N SER C 122 51.11 16.25 -7.25
CA SER C 122 50.78 17.60 -6.84
C SER C 122 49.82 17.45 -5.72
N ARG C 123 50.28 17.67 -4.51
CA ARG C 123 49.44 17.42 -3.36
C ARG C 123 48.53 18.60 -3.18
N GLY C 124 47.38 18.37 -2.56
CA GLY C 124 46.44 19.46 -2.37
C GLY C 124 45.04 19.03 -2.74
N ASN C 125 44.19 20.01 -2.99
CA ASN C 125 42.80 19.76 -3.26
C ASN C 125 42.47 19.05 -4.58
N PHE C 126 43.48 18.76 -5.39
CA PHE C 126 43.24 17.97 -6.60
C PHE C 126 43.75 16.50 -6.54
N CYS C 127 44.37 16.08 -5.42
CA CYS C 127 44.98 14.77 -5.23
C CYS C 127 44.19 14.01 -4.20
N TYR C 128 43.70 12.85 -4.56
CA TYR C 128 42.85 12.10 -3.66
C TYR C 128 43.55 10.86 -3.14
N ALA C 129 44.39 10.29 -3.98
CA ALA C 129 45.11 9.07 -3.67
C ALA C 129 46.39 9.03 -4.46
N TYR C 130 47.42 8.38 -3.98
CA TYR C 130 48.62 8.34 -4.78
C TYR C 130 48.58 7.17 -5.76
N LEU C 131 47.63 7.25 -6.69
CA LEU C 131 47.31 6.25 -7.68
C LEU C 131 47.23 6.84 -9.07
N TYR C 132 47.49 6.07 -10.09
CA TYR C 132 47.28 6.66 -11.39
C TYR C 132 45.80 6.90 -11.55
N GLY C 133 45.44 8.06 -12.04
CA GLY C 133 44.05 8.42 -12.28
C GLY C 133 43.38 9.16 -11.12
N ASN C 134 44.02 9.18 -9.96
CA ASN C 134 43.43 9.87 -8.79
C ASN C 134 44.28 10.99 -8.15
N CYS C 135 45.31 11.51 -8.86
CA CYS C 135 46.23 12.55 -8.39
C CYS C 135 47.01 13.06 -9.58
N PRO C 136 47.26 14.36 -9.73
CA PRO C 136 48.16 14.85 -10.72
C PRO C 136 49.49 14.22 -10.39
N LEU C 137 50.17 13.69 -11.39
CA LEU C 137 51.46 13.07 -11.20
C LEU C 137 52.34 13.47 -12.37
N HIS C 138 53.52 13.99 -12.10
CA HIS C 138 54.38 14.36 -13.19
C HIS C 138 55.86 14.19 -12.91
N PHE C 139 56.63 14.00 -13.96
CA PHE C 139 58.04 13.82 -13.75
C PHE C 139 58.78 15.13 -13.82
N ASP C 140 58.85 15.81 -12.69
CA ASP C 140 59.49 17.12 -12.59
C ASP C 140 61.00 16.97 -12.62
N LEU C 141 61.48 15.99 -11.90
CA LEU C 141 62.89 15.70 -11.79
C LEU C 141 63.29 14.43 -12.49
N TRP C 142 64.27 14.59 -13.38
CA TRP C 142 64.88 13.55 -14.21
C TRP C 142 66.37 13.44 -14.00
N GLY C 143 66.89 12.24 -14.18
CA GLY C 143 68.33 11.98 -14.09
C GLY C 143 69.05 12.17 -15.43
N GLN C 144 70.21 11.53 -15.58
CA GLN C 144 71.03 11.71 -16.77
C GLN C 144 70.75 10.63 -17.81
N GLY C 145 70.58 9.43 -17.30
CA GLY C 145 70.34 8.23 -18.07
C GLY C 145 71.59 7.41 -18.37
N VAL C 146 71.38 6.10 -18.58
CA VAL C 146 72.45 5.16 -18.93
C VAL C 146 72.14 4.46 -20.24
N LEU C 147 73.06 4.52 -21.18
CA LEU C 147 72.81 3.82 -22.42
C LEU C 147 73.24 2.39 -22.30
N VAL C 148 72.28 1.51 -22.49
CA VAL C 148 72.55 0.10 -22.39
C VAL C 148 72.34 -0.59 -23.71
N THR C 149 73.37 -1.28 -24.15
CA THR C 149 73.37 -2.04 -25.39
C THR C 149 73.37 -3.53 -25.11
N VAL C 150 72.48 -4.24 -25.78
CA VAL C 150 72.46 -5.68 -25.62
C VAL C 150 73.08 -6.23 -26.89
N SER C 151 74.20 -6.93 -26.75
CA SER C 151 74.94 -7.40 -27.91
C SER C 151 75.82 -8.61 -27.55
N SER C 152 76.34 -9.32 -28.58
CA SER C 152 77.24 -10.48 -28.43
C SER C 152 78.72 -10.04 -28.27
N ASP D 20 44.98 -0.45 -23.59
CA ASP D 20 45.61 0.76 -23.08
C ASP D 20 45.07 1.95 -23.89
N ILE D 21 45.52 3.18 -23.54
CA ILE D 21 45.15 4.44 -24.19
C ILE D 21 46.16 4.77 -25.25
N LEU D 22 45.68 4.99 -26.46
CA LEU D 22 46.57 5.37 -27.52
C LEU D 22 46.61 6.88 -27.63
N LEU D 23 47.80 7.40 -27.44
CA LEU D 23 48.05 8.83 -27.46
C LEU D 23 48.90 9.13 -28.69
N THR D 24 48.41 10.04 -29.52
CA THR D 24 49.10 10.39 -30.76
C THR D 24 49.37 11.87 -30.79
N GLN D 25 50.28 12.30 -31.67
CA GLN D 25 50.60 13.72 -31.75
C GLN D 25 50.66 14.21 -33.19
N SER D 26 50.36 15.49 -33.39
CA SER D 26 50.40 16.08 -34.72
C SER D 26 50.63 17.60 -34.71
N PRO D 27 51.43 18.13 -35.66
CA PRO D 27 52.23 17.51 -36.71
C PRO D 27 53.36 16.73 -36.10
N SER D 28 53.86 15.70 -36.79
CA SER D 28 55.00 14.94 -36.30
C SER D 28 56.30 15.74 -36.45
N SER D 29 56.29 16.66 -37.40
CA SER D 29 57.43 17.51 -37.69
C SER D 29 56.93 18.84 -38.18
N LEU D 30 57.30 19.89 -37.47
CA LEU D 30 56.90 21.23 -37.79
C LEU D 30 58.04 22.19 -37.53
N SER D 31 58.06 23.30 -38.21
CA SER D 31 59.12 24.26 -38.00
C SER D 31 58.62 25.64 -38.27
N GLY D 32 59.41 26.61 -37.86
CA GLY D 32 59.08 28.00 -38.09
C GLY D 32 60.24 28.85 -37.66
N SER D 33 60.11 30.14 -37.85
CA SER D 33 61.17 31.05 -37.54
C SER D 33 61.13 31.46 -36.10
N VAL D 34 62.23 32.00 -35.64
CA VAL D 34 62.25 32.51 -34.30
C VAL D 34 61.33 33.71 -34.33
N GLY D 35 60.42 33.76 -33.37
CA GLY D 35 59.42 34.79 -33.29
C GLY D 35 58.05 34.35 -33.79
N ASP D 36 57.94 33.17 -34.43
CA ASP D 36 56.62 32.75 -34.89
C ASP D 36 55.79 32.09 -33.80
N ARG D 37 54.54 31.74 -34.14
CA ARG D 37 53.63 31.07 -33.21
C ARG D 37 53.60 29.59 -33.46
N VAL D 38 53.90 28.81 -32.44
CA VAL D 38 53.94 27.37 -32.61
C VAL D 38 53.02 26.61 -31.71
N THR D 39 52.22 25.73 -32.30
CA THR D 39 51.36 24.88 -31.48
C THR D 39 51.48 23.42 -31.87
N ILE D 40 51.33 22.56 -30.88
CA ILE D 40 51.33 21.10 -31.02
C ILE D 40 50.05 20.52 -30.45
N THR D 41 49.39 19.63 -31.20
CA THR D 41 48.15 19.04 -30.70
C THR D 41 48.32 17.53 -30.41
N CYS D 42 47.86 17.09 -29.22
CA CYS D 42 47.85 15.69 -28.77
C CYS D 42 46.42 15.19 -28.69
N ARG D 43 46.25 13.96 -29.14
CA ARG D 43 44.94 13.35 -29.20
C ARG D 43 44.92 11.99 -28.55
N ALA D 44 43.78 11.62 -28.00
CA ALA D 44 43.70 10.30 -27.38
C ALA D 44 42.49 9.52 -27.84
N SER D 45 42.66 8.19 -27.89
CA SER D 45 41.63 7.23 -28.24
C SER D 45 40.58 7.05 -27.15
N GLN D 46 40.92 7.50 -25.96
CA GLN D 46 40.08 7.42 -24.78
C GLN D 46 40.17 8.78 -24.14
N GLY D 47 39.15 9.19 -23.42
CA GLY D 47 39.28 10.47 -22.76
C GLY D 47 40.22 10.36 -21.57
N ILE D 48 40.94 11.44 -21.33
CA ILE D 48 41.82 11.65 -20.22
C ILE D 48 41.15 12.77 -19.46
N ASN D 49 40.84 12.61 -18.19
CA ASN D 49 40.09 13.71 -17.59
C ASN D 49 40.80 15.05 -17.69
N SER D 50 42.07 15.07 -17.33
CA SER D 50 42.89 16.27 -17.40
C SER D 50 44.29 15.85 -17.15
N TYR D 51 44.45 14.56 -16.90
CA TYR D 51 45.72 14.01 -16.54
C TYR D 51 46.69 13.84 -17.69
N LEU D 52 47.16 14.96 -18.21
CA LEU D 52 48.13 14.95 -19.29
C LEU D 52 49.30 15.91 -19.07
N ASN D 53 50.50 15.39 -19.25
CA ASN D 53 51.72 16.15 -19.09
C ASN D 53 52.43 16.39 -20.41
N TRP D 54 53.19 17.48 -20.49
CA TRP D 54 54.03 17.74 -21.65
C TRP D 54 55.48 17.76 -21.22
N TYR D 55 56.34 17.16 -22.03
CA TYR D 55 57.78 17.13 -21.76
C TYR D 55 58.60 17.64 -22.93
N GLN D 56 59.71 18.28 -22.64
CA GLN D 56 60.61 18.76 -23.68
C GLN D 56 61.97 18.06 -23.65
N GLN D 57 62.33 17.40 -24.74
CA GLN D 57 63.60 16.68 -24.81
C GLN D 57 64.54 17.15 -25.90
N LYS D 58 65.78 17.39 -25.53
CA LYS D 58 66.77 17.78 -26.53
C LYS D 58 67.71 16.61 -26.67
N PRO D 59 68.36 16.41 -27.83
CA PRO D 59 69.29 15.33 -28.04
C PRO D 59 70.36 15.33 -26.99
N GLY D 60 70.65 14.16 -26.46
CA GLY D 60 71.69 14.00 -25.44
C GLY D 60 71.20 14.24 -24.02
N LYS D 61 69.94 14.65 -23.85
CA LYS D 61 69.42 14.95 -22.52
C LYS D 61 68.16 14.19 -22.16
N ALA D 62 67.94 14.01 -20.86
CA ALA D 62 66.70 13.45 -20.39
C ALA D 62 65.62 14.50 -20.66
N PRO D 63 64.36 14.13 -20.88
CA PRO D 63 63.25 15.04 -21.05
C PRO D 63 63.05 15.83 -19.78
N LYS D 64 62.50 17.03 -19.88
CA LYS D 64 62.16 17.76 -18.66
C LYS D 64 60.68 18.10 -18.69
N LEU D 65 60.07 18.24 -17.52
CA LEU D 65 58.67 18.60 -17.50
C LEU D 65 58.49 20.01 -17.93
N LEU D 66 57.55 20.22 -18.84
CA LEU D 66 57.29 21.54 -19.31
C LEU D 66 56.00 22.02 -18.65
N ILE D 67 54.94 21.25 -18.85
CA ILE D 67 53.58 21.52 -18.34
C ILE D 67 52.99 20.29 -17.68
N TYR D 68 52.25 20.47 -16.60
CA TYR D 68 51.60 19.34 -15.97
C TYR D 68 50.11 19.51 -15.74
N PHE D 69 49.43 18.36 -15.67
CA PHE D 69 48.00 18.26 -15.40
C PHE D 69 47.19 19.13 -16.37
N ALA D 70 47.68 19.14 -17.62
CA ALA D 70 47.18 19.83 -18.79
C ALA D 70 47.02 21.33 -18.65
N ASN D 71 47.52 21.94 -17.57
CA ASN D 71 47.26 23.37 -17.38
C ASN D 71 48.35 24.19 -16.71
N ARG D 72 49.22 23.57 -15.93
CA ARG D 72 50.12 24.34 -15.11
C ARG D 72 51.54 24.28 -15.58
N LEU D 73 52.18 25.42 -15.64
CA LEU D 73 53.55 25.47 -16.08
C LEU D 73 54.45 25.04 -14.95
N GLN D 74 55.47 24.24 -15.25
CA GLN D 74 56.44 23.84 -14.26
C GLN D 74 57.37 24.97 -13.89
N SER D 75 57.55 25.20 -12.60
CA SER D 75 58.43 26.27 -12.19
C SER D 75 59.81 26.06 -12.78
N GLY D 76 60.39 27.15 -13.28
CA GLY D 76 61.70 27.15 -13.91
C GLY D 76 61.57 27.16 -15.44
N VAL D 77 60.37 26.89 -15.94
CA VAL D 77 60.08 26.90 -17.36
C VAL D 77 59.64 28.30 -17.77
N PRO D 78 60.19 28.88 -18.84
CA PRO D 78 59.85 30.19 -19.33
C PRO D 78 58.37 30.34 -19.60
N SER D 79 57.87 31.54 -19.33
CA SER D 79 56.47 31.94 -19.43
C SER D 79 55.91 31.90 -20.84
N ARG D 80 56.78 31.79 -21.83
CA ARG D 80 56.34 31.70 -23.20
C ARG D 80 55.62 30.39 -23.47
N PHE D 81 55.80 29.41 -22.59
CA PHE D 81 55.12 28.14 -22.77
C PHE D 81 53.81 28.17 -22.01
N SER D 82 52.77 27.64 -22.63
CA SER D 82 51.47 27.55 -22.01
C SER D 82 50.68 26.45 -22.67
N GLY D 83 49.55 26.07 -22.09
CA GLY D 83 48.73 25.06 -22.72
C GLY D 83 47.43 24.86 -21.97
N SER D 84 46.58 24.04 -22.57
CA SER D 84 45.25 23.71 -22.03
C SER D 84 44.74 22.45 -22.70
N GLY D 85 43.66 21.88 -22.18
CA GLY D 85 43.06 20.73 -22.84
C GLY D 85 42.24 19.87 -21.91
N SER D 86 41.45 18.99 -22.49
CA SER D 86 40.58 18.08 -21.76
C SER D 86 40.10 16.96 -22.64
N GLY D 87 39.50 15.93 -22.05
CA GLY D 87 38.89 14.91 -22.90
C GLY D 87 39.92 14.22 -23.78
N THR D 88 39.69 14.27 -25.08
CA THR D 88 40.57 13.63 -26.03
C THR D 88 41.45 14.58 -26.82
N GLU D 89 41.46 15.88 -26.48
CA GLU D 89 42.30 16.82 -27.23
C GLU D 89 42.99 17.87 -26.35
N PHE D 90 44.32 17.93 -26.49
CA PHE D 90 45.18 18.83 -25.71
C PHE D 90 46.17 19.64 -26.56
N THR D 91 46.42 20.89 -26.16
CA THR D 91 47.35 21.74 -26.91
C THR D 91 48.47 22.41 -26.11
N LEU D 92 49.66 22.38 -26.72
CA LEU D 92 50.85 23.10 -26.24
C LEU D 92 51.12 24.27 -27.14
N THR D 93 51.32 25.44 -26.55
CA THR D 93 51.61 26.63 -27.32
C THR D 93 52.90 27.33 -26.88
N ILE D 94 53.69 27.75 -27.85
CA ILE D 94 54.85 28.59 -27.58
C ILE D 94 54.47 29.95 -28.15
N SER D 95 54.34 30.95 -27.28
CA SER D 95 53.82 32.23 -27.72
C SER D 95 54.70 32.92 -28.76
N SER D 96 56.00 32.68 -28.67
CA SER D 96 57.01 33.20 -29.57
C SER D 96 58.15 32.19 -29.61
N LEU D 97 58.34 31.53 -30.73
CA LEU D 97 59.34 30.48 -30.83
C LEU D 97 60.73 31.03 -30.65
N GLN D 98 61.52 30.38 -29.80
CA GLN D 98 62.90 30.80 -29.61
C GLN D 98 63.85 29.86 -30.32
N SER D 99 65.08 30.31 -30.57
CA SER D 99 66.09 29.47 -31.21
C SER D 99 66.50 28.32 -30.28
N GLU D 100 66.14 28.49 -29.02
CA GLU D 100 66.40 27.60 -27.93
C GLU D 100 65.36 26.49 -27.84
N ASP D 101 64.28 26.60 -28.61
CA ASP D 101 63.18 25.66 -28.49
C ASP D 101 63.21 24.48 -29.43
N GLY D 102 64.25 24.35 -30.23
CA GLY D 102 64.27 23.18 -31.08
C GLY D 102 64.37 22.00 -30.12
N ALA D 103 63.42 21.10 -30.24
CA ALA D 103 63.31 19.96 -29.30
C ALA D 103 62.23 19.00 -29.74
N THR D 104 62.23 17.83 -29.12
CA THR D 104 61.13 16.91 -29.33
C THR D 104 60.17 17.10 -28.17
N TYR D 105 58.92 17.33 -28.48
CA TYR D 105 57.94 17.52 -27.44
C TYR D 105 57.06 16.30 -27.32
N TYR D 106 56.85 15.84 -26.11
CA TYR D 106 56.06 14.64 -25.89
C TYR D 106 54.86 14.87 -25.00
N CYS D 107 53.76 14.12 -25.26
CA CYS D 107 52.59 14.05 -24.38
C CYS D 107 52.58 12.75 -23.62
N GLN D 108 52.13 12.87 -22.40
CA GLN D 108 51.93 11.74 -21.52
C GLN D 108 50.58 11.74 -20.88
N GLN D 109 49.92 10.61 -20.92
CA GLN D 109 48.69 10.47 -20.20
C GLN D 109 49.06 9.70 -18.97
N TYR D 110 48.46 10.01 -17.86
CA TYR D 110 48.73 9.22 -16.67
C TYR D 110 47.42 8.90 -15.98
N ASP D 111 46.41 8.66 -16.81
CA ASP D 111 45.09 8.28 -16.38
C ASP D 111 45.25 6.86 -15.84
N THR D 112 46.15 6.11 -16.50
CA THR D 112 46.54 4.76 -16.11
C THR D 112 47.92 4.43 -16.64
N PHE D 113 48.71 3.59 -15.94
CA PHE D 113 49.98 3.09 -16.48
C PHE D 113 50.53 3.88 -17.66
N PRO D 114 51.21 5.01 -17.45
CA PRO D 114 51.54 6.00 -18.47
C PRO D 114 52.23 5.36 -19.66
N THR D 115 51.78 5.74 -20.86
CA THR D 115 52.30 5.16 -22.09
C THR D 115 53.10 6.08 -23.02
N PHE D 116 52.91 7.39 -22.88
CA PHE D 116 53.51 8.43 -23.73
C PHE D 116 53.07 8.36 -25.19
N GLY D 117 53.03 9.52 -25.85
CA GLY D 117 52.75 9.59 -27.26
C GLY D 117 54.09 9.45 -27.98
N PRO D 118 54.11 9.44 -29.31
CA PRO D 118 55.30 9.33 -30.13
C PRO D 118 56.26 10.53 -30.13
N GLY D 119 55.79 11.71 -29.75
CA GLY D 119 56.64 12.89 -29.79
C GLY D 119 56.56 13.63 -31.12
N THR D 120 56.78 14.93 -31.10
CA THR D 120 56.84 15.72 -32.33
C THR D 120 58.10 16.57 -32.31
N LYS D 121 58.62 16.91 -33.47
CA LYS D 121 59.80 17.77 -33.51
C LYS D 121 59.57 19.20 -33.94
N LEU D 122 60.14 20.14 -33.18
CA LEU D 122 60.15 21.53 -33.62
C LEU D 122 61.52 21.88 -34.09
N ASP D 123 61.63 22.27 -35.36
CA ASP D 123 62.94 22.66 -35.84
C ASP D 123 63.00 24.19 -35.89
N ILE D 124 64.15 24.74 -36.29
CA ILE D 124 64.30 26.19 -36.35
C ILE D 124 64.66 26.70 -37.76
N LYS D 125 63.90 27.71 -38.26
CA LYS D 125 64.07 28.39 -39.56
C LYS D 125 64.10 29.93 -39.36
N THR E 23 -18.72 -24.71 -40.00
CA THR E 23 -17.99 -23.81 -40.89
C THR E 23 -17.49 -22.54 -40.15
N LEU E 24 -18.39 -21.85 -39.42
CA LEU E 24 -18.10 -20.61 -38.71
C LEU E 24 -17.90 -20.84 -37.23
N TYR E 25 -16.69 -20.51 -36.82
CA TYR E 25 -16.18 -20.69 -35.49
C TYR E 25 -15.95 -19.34 -34.87
N VAL E 26 -15.99 -19.30 -33.55
CA VAL E 26 -15.87 -18.05 -32.82
C VAL E 26 -14.53 -17.34 -32.99
N THR E 27 -13.45 -18.11 -32.87
CA THR E 27 -12.07 -17.63 -32.97
C THR E 27 -11.85 -16.44 -32.02
N VAL E 28 -10.64 -15.91 -31.92
CA VAL E 28 -10.43 -14.80 -31.02
C VAL E 28 -9.70 -13.70 -31.73
N PHE E 29 -10.24 -12.51 -31.72
CA PHE E 29 -9.62 -11.40 -32.38
C PHE E 29 -8.96 -10.50 -31.37
N TYR E 30 -7.64 -10.49 -31.30
CA TYR E 30 -7.01 -9.65 -30.28
C TYR E 30 -6.46 -8.41 -30.93
N GLY E 31 -6.70 -7.27 -30.29
CA GLY E 31 -6.20 -6.00 -30.76
C GLY E 31 -7.29 -5.15 -31.38
N VAL E 32 -8.52 -5.50 -31.03
CA VAL E 32 -9.75 -4.89 -31.47
C VAL E 32 -10.01 -3.46 -30.95
N PRO E 33 -10.33 -2.50 -31.82
CA PRO E 33 -10.58 -1.10 -31.51
C PRO E 33 -11.97 -0.87 -30.93
N ALA E 34 -12.18 -1.28 -29.67
CA ALA E 34 -13.50 -1.15 -29.06
C ALA E 34 -13.41 -0.87 -27.55
N TRP E 35 -14.48 -0.29 -26.99
CA TRP E 35 -14.52 0.10 -25.58
C TRP E 35 -15.88 0.08 -24.88
N ARG E 36 -15.84 0.17 -23.55
CA ARG E 36 -17.04 0.23 -22.72
C ARG E 36 -16.89 1.26 -21.60
N ASN E 37 -18.01 1.66 -20.92
CA ASN E 37 -18.00 2.61 -19.80
C ASN E 37 -17.11 2.15 -18.63
N ALA E 38 -16.21 3.05 -18.14
CA ALA E 38 -15.32 2.78 -17.00
C ALA E 38 -15.74 3.62 -15.82
N THR E 39 -15.62 3.06 -14.63
CA THR E 39 -15.94 3.79 -13.42
C THR E 39 -14.83 3.64 -12.42
N ILE E 40 -13.66 4.18 -12.76
CA ILE E 40 -12.46 4.00 -11.96
C ILE E 40 -11.89 5.36 -11.59
N PRO E 41 -11.03 5.45 -10.58
CA PRO E 41 -10.29 6.64 -10.22
C PRO E 41 -9.28 7.04 -11.27
N LEU E 42 -9.09 8.35 -11.43
CA LEU E 42 -8.10 8.95 -12.30
C LEU E 42 -6.93 9.52 -11.53
N PHE E 43 -5.79 9.67 -12.20
CA PHE E 43 -4.62 10.25 -11.57
C PHE E 43 -4.64 11.75 -11.75
N CYS E 44 -4.17 12.50 -10.77
CA CYS E 44 -4.09 13.94 -10.97
C CYS E 44 -2.68 14.34 -11.35
N ALA E 45 -2.57 15.40 -12.14
CA ALA E 45 -1.28 15.97 -12.50
C ALA E 45 -1.34 17.50 -12.50
N THR E 46 -0.27 18.14 -12.02
CA THR E 46 -0.24 19.60 -11.93
C THR E 46 1.07 20.31 -12.29
N LYS E 47 1.01 21.64 -12.22
CA LYS E 47 2.14 22.52 -12.41
C LYS E 47 2.55 23.19 -11.10
N ASN E 48 1.59 23.36 -10.18
CA ASN E 48 1.86 24.01 -8.90
C ASN E 48 2.24 22.93 -7.92
N ARG E 49 3.52 22.86 -7.62
CA ARG E 49 4.01 21.78 -6.82
C ARG E 49 4.48 22.21 -5.45
N ASP E 50 4.02 23.37 -5.01
CA ASP E 50 4.51 23.88 -3.73
C ASP E 50 4.11 23.06 -2.50
N THR E 51 2.90 22.54 -2.47
CA THR E 51 2.45 21.74 -1.32
C THR E 51 1.79 20.44 -1.81
N TRP E 52 0.47 20.50 -2.02
CA TRP E 52 -0.32 19.36 -2.44
C TRP E 52 0.14 18.78 -3.77
N GLY E 53 0.71 19.59 -4.66
CA GLY E 53 1.16 19.08 -5.94
C GLY E 53 2.26 18.06 -5.78
N THR E 54 3.38 18.42 -5.12
CA THR E 54 4.43 17.43 -4.96
C THR E 54 3.92 16.26 -4.17
N THR E 55 3.15 16.52 -3.12
CA THR E 55 2.70 15.41 -2.32
C THR E 55 1.82 14.41 -3.06
N GLN E 56 0.84 14.89 -3.84
CA GLN E 56 -0.17 14.01 -4.41
C GLN E 56 -0.17 13.74 -5.91
N CYS E 57 0.35 14.66 -6.70
CA CYS E 57 0.17 14.65 -8.14
C CYS E 57 1.40 14.44 -9.01
N LEU E 58 1.17 13.89 -10.18
CA LEU E 58 2.18 13.74 -11.19
C LEU E 58 2.40 15.12 -11.77
N PRO E 59 3.53 15.37 -12.41
CA PRO E 59 3.76 16.61 -13.09
C PRO E 59 2.89 16.64 -14.32
N ASP E 60 2.51 17.82 -14.73
CA ASP E 60 1.80 18.01 -15.97
C ASP E 60 2.76 17.78 -17.12
N ASN E 61 2.44 16.80 -17.95
CA ASN E 61 3.28 16.36 -19.07
C ASN E 61 3.38 17.41 -20.19
N GLY E 62 2.42 18.31 -20.23
CA GLY E 62 2.35 19.36 -21.24
C GLY E 62 1.68 18.92 -22.54
N ASP E 63 1.23 17.68 -22.58
CA ASP E 63 0.60 17.14 -23.78
C ASP E 63 -0.90 17.38 -23.77
N TYR E 64 -1.32 18.33 -24.59
CA TYR E 64 -2.72 18.73 -24.70
C TYR E 64 -3.26 18.38 -26.08
N SER E 65 -2.59 17.48 -26.79
CA SER E 65 -3.06 17.13 -28.13
C SER E 65 -4.25 16.20 -28.04
N GLU E 66 -5.04 16.16 -29.12
CA GLU E 66 -6.20 15.29 -29.21
C GLU E 66 -6.41 14.81 -30.66
N MET E 67 -7.12 13.68 -30.86
CA MET E 67 -7.45 13.26 -32.23
C MET E 67 -8.93 12.97 -32.35
N ALA E 68 -9.53 13.12 -33.54
CA ALA E 68 -10.96 12.83 -33.65
C ALA E 68 -11.25 11.46 -34.23
N LEU E 69 -12.36 10.87 -33.78
CA LEU E 69 -12.87 9.61 -34.28
C LEU E 69 -14.21 9.76 -35.01
N ASN E 70 -14.46 8.94 -36.07
CA ASN E 70 -15.74 8.87 -36.78
C ASN E 70 -16.69 7.89 -36.08
N VAL E 71 -17.03 8.17 -34.81
CA VAL E 71 -17.87 7.33 -33.96
C VAL E 71 -18.95 8.15 -33.33
N THR E 72 -19.99 7.51 -32.83
CA THR E 72 -21.05 8.22 -32.10
C THR E 72 -21.08 7.69 -30.69
N GLU E 73 -21.16 8.59 -29.73
CA GLU E 73 -21.17 8.19 -28.32
C GLU E 73 -22.12 9.03 -27.46
N SER E 74 -22.59 8.47 -26.35
CA SER E 74 -23.53 9.16 -25.43
C SER E 74 -22.82 9.90 -24.31
N PHE E 75 -23.06 11.20 -24.18
CA PHE E 75 -22.41 11.97 -23.12
C PHE E 75 -23.37 12.61 -22.15
N ASP E 76 -22.98 12.66 -20.87
CA ASP E 76 -23.86 13.24 -19.83
C ASP E 76 -23.00 13.92 -18.75
N ALA E 77 -23.08 15.25 -18.66
CA ALA E 77 -22.26 15.98 -17.67
C ALA E 77 -22.66 15.64 -16.24
N TRP E 78 -23.95 15.61 -15.93
CA TRP E 78 -24.35 15.40 -14.51
C TRP E 78 -24.04 13.96 -14.05
N ASN E 79 -24.45 12.95 -14.81
CA ASN E 79 -24.19 11.53 -14.43
C ASN E 79 -22.81 11.14 -14.94
N ASN E 80 -21.76 11.70 -14.34
CA ASN E 80 -20.38 11.43 -14.85
C ASN E 80 -19.48 10.98 -13.71
N THR E 81 -18.39 10.28 -14.04
CA THR E 81 -17.42 9.90 -13.05
C THR E 81 -16.29 10.91 -13.04
N VAL E 82 -16.14 11.62 -14.15
CA VAL E 82 -15.05 12.56 -14.26
C VAL E 82 -15.35 13.77 -13.37
N THR E 83 -16.59 14.24 -13.48
CA THR E 83 -17.03 15.41 -12.68
C THR E 83 -17.17 15.00 -11.21
N GLU E 84 -17.55 13.75 -10.97
CA GLU E 84 -17.75 13.32 -9.60
C GLU E 84 -16.42 13.32 -8.90
N GLN E 85 -15.38 12.87 -9.58
CA GLN E 85 -14.09 12.90 -8.94
C GLN E 85 -13.66 14.33 -8.76
N ALA E 86 -13.92 15.22 -9.72
CA ALA E 86 -13.46 16.57 -9.48
C ALA E 86 -14.06 17.16 -8.22
N ILE E 87 -15.34 16.92 -7.99
CA ILE E 87 -15.94 17.51 -6.82
C ILE E 87 -15.41 16.91 -5.53
N GLU E 88 -15.34 15.59 -5.48
CA GLU E 88 -14.89 14.92 -4.27
C GLU E 88 -13.42 15.08 -4.00
N ASP E 89 -12.60 15.17 -5.04
CA ASP E 89 -11.17 15.30 -4.86
C ASP E 89 -10.80 16.68 -4.40
N VAL E 90 -11.47 17.71 -4.89
CA VAL E 90 -11.13 19.04 -4.41
C VAL E 90 -11.52 19.12 -2.96
N TRP E 91 -12.70 18.63 -2.64
CA TRP E 91 -13.07 18.65 -1.26
C TRP E 91 -12.15 17.83 -0.38
N GLN E 92 -11.82 16.62 -0.79
CA GLN E 92 -10.99 15.79 0.04
C GLN E 92 -9.60 16.39 0.27
N LEU E 93 -9.00 17.07 -0.73
CA LEU E 93 -7.68 17.62 -0.49
C LEU E 93 -7.81 18.78 0.49
N PHE E 94 -8.95 19.48 0.49
CA PHE E 94 -9.16 20.50 1.50
C PHE E 94 -9.14 19.89 2.89
N GLU E 95 -9.89 18.82 3.08
CA GLU E 95 -9.98 18.25 4.43
C GLU E 95 -8.66 17.77 4.96
N THR E 96 -7.81 17.22 4.10
CA THR E 96 -6.54 16.72 4.60
C THR E 96 -5.54 17.84 4.82
N SER E 97 -5.86 19.04 4.38
CA SER E 97 -4.97 20.16 4.56
C SER E 97 -5.25 20.83 5.88
N ILE E 98 -6.55 20.93 6.21
CA ILE E 98 -6.98 21.54 7.47
C ILE E 98 -6.87 20.64 8.66
N LYS E 99 -7.12 19.33 8.49
CA LYS E 99 -7.10 18.38 9.57
C LYS E 99 -6.09 18.62 10.71
N PRO E 100 -4.77 18.83 10.48
CA PRO E 100 -3.77 19.05 11.54
C PRO E 100 -3.68 20.45 12.22
N CYS E 101 -4.48 21.46 11.81
CA CYS E 101 -4.43 22.84 12.29
C CYS E 101 -5.04 23.01 13.69
N VAL E 102 -4.67 24.10 14.35
CA VAL E 102 -5.15 24.42 15.67
C VAL E 102 -6.65 24.57 15.78
N LYS E 103 -7.21 23.96 16.83
CA LYS E 103 -8.63 24.04 17.12
C LYS E 103 -8.84 25.31 17.90
N LEU E 104 -9.98 25.95 17.72
CA LEU E 104 -10.24 27.17 18.45
C LEU E 104 -11.23 27.00 19.59
N SER E 105 -11.47 25.78 20.06
CA SER E 105 -12.39 25.67 21.19
C SER E 105 -11.88 26.41 22.45
N PRO E 106 -10.56 26.58 22.71
CA PRO E 106 -10.04 27.35 23.83
C PRO E 106 -10.43 28.82 23.74
N LEU E 107 -10.88 29.27 22.57
CA LEU E 107 -11.28 30.67 22.41
C LEU E 107 -12.77 30.92 22.67
N CYS E 108 -13.60 29.87 22.92
CA CYS E 108 -15.06 29.99 23.06
C CYS E 108 -15.40 30.39 24.49
N ILE E 109 -14.95 31.55 24.85
CA ILE E 109 -15.10 32.09 26.18
C ILE E 109 -15.77 33.41 26.05
N THR E 110 -16.31 33.93 27.12
CA THR E 110 -16.97 35.20 27.00
C THR E 110 -15.97 36.27 26.62
N MET E 111 -16.26 37.05 25.60
CA MET E 111 -15.41 38.15 25.22
C MET E 111 -16.09 39.43 25.63
N ARG E 112 -15.30 40.43 26.03
CA ARG E 112 -15.84 41.73 26.46
C ARG E 112 -15.75 42.75 25.32
N CYS E 113 -16.89 43.03 24.66
CA CYS E 113 -16.97 43.81 23.42
C CYS E 113 -17.48 45.23 23.63
N ASN E 114 -16.98 46.14 22.82
CA ASN E 114 -17.47 47.51 22.88
C ASN E 114 -18.97 47.49 22.58
N LYS E 115 -19.76 48.05 23.51
CA LYS E 115 -21.21 48.10 23.47
C LYS E 115 -21.73 48.96 22.36
N SER E 116 -21.04 50.06 22.04
CA SER E 116 -21.63 50.90 21.03
C SER E 116 -21.59 50.22 19.69
N GLU E 117 -20.58 49.38 19.48
CA GLU E 117 -20.42 48.67 18.23
C GLU E 117 -21.38 47.49 18.14
N THR E 118 -21.62 46.79 19.26
CA THR E 118 -22.55 45.70 19.17
C THR E 118 -24.00 46.24 19.05
N ASP E 119 -24.27 47.43 19.61
CA ASP E 119 -25.62 47.96 19.43
C ASP E 119 -25.78 48.52 18.01
N ARG E 120 -24.77 49.22 17.52
CA ARG E 120 -24.84 49.90 16.24
C ARG E 120 -25.05 48.96 15.08
N TRP E 121 -24.43 47.80 15.11
CA TRP E 121 -24.56 46.91 13.99
C TRP E 121 -25.54 45.77 14.23
N GLY E 122 -26.40 45.93 15.23
CA GLY E 122 -27.47 44.99 15.49
C GLY E 122 -27.20 43.66 16.19
N LEU E 123 -26.10 43.52 16.94
CA LEU E 123 -25.90 42.23 17.58
C LEU E 123 -26.59 42.25 18.91
N THR E 124 -26.70 43.43 19.50
CA THR E 124 -27.32 43.66 20.78
C THR E 124 -28.36 44.73 20.65
N LYS E 125 -29.17 44.89 21.69
CA LYS E 125 -30.24 45.87 21.60
C LYS E 125 -30.13 47.02 22.56
N SER E 126 -30.63 48.14 22.10
CA SER E 126 -30.76 49.36 22.86
C SER E 126 -31.97 50.11 22.37
N ILE E 127 -32.68 50.72 23.30
CA ILE E 127 -33.87 51.50 22.98
C ILE E 127 -33.68 52.96 23.34
N THR E 128 -32.44 53.34 23.58
CA THR E 128 -32.12 54.69 23.99
C THR E 128 -31.55 55.49 22.83
N THR E 129 -31.57 54.87 21.66
CA THR E 129 -31.02 55.48 20.45
C THR E 129 -32.08 56.32 19.74
N THR E 130 -33.34 56.07 20.08
CA THR E 130 -34.54 56.74 19.54
C THR E 130 -34.31 57.48 18.23
N ALA E 131 -33.82 56.77 17.22
CA ALA E 131 -33.50 57.36 15.94
C ALA E 131 -34.75 57.71 15.15
N SER E 132 -34.67 58.80 14.40
CA SER E 132 -35.73 59.22 13.49
C SER E 132 -35.10 59.92 12.30
N THR E 133 -35.42 59.47 11.09
CA THR E 133 -34.82 60.06 9.89
C THR E 133 -35.81 60.67 8.92
N THR E 134 -35.51 61.90 8.54
CA THR E 134 -36.26 62.63 7.53
C THR E 134 -35.31 62.87 6.37
N SER E 135 -35.73 62.49 5.17
CA SER E 135 -34.86 62.65 4.01
C SER E 135 -35.65 62.71 2.71
N THR E 136 -34.96 63.11 1.64
CA THR E 136 -35.51 63.17 0.30
C THR E 136 -35.80 61.76 -0.18
N THR E 137 -37.00 61.54 -0.73
CA THR E 137 -37.35 60.22 -1.23
C THR E 137 -37.00 60.06 -2.70
N ALA E 138 -36.92 61.17 -3.43
CA ALA E 138 -36.53 61.16 -4.83
C ALA E 138 -35.02 61.22 -4.90
N SER E 139 -34.38 60.17 -4.39
CA SER E 139 -32.94 60.13 -4.22
C SER E 139 -32.17 59.09 -5.02
N ALA E 140 -32.83 58.25 -5.84
CA ALA E 140 -32.04 57.23 -6.54
C ALA E 140 -31.06 57.87 -7.52
N LYS E 141 -29.82 57.37 -7.55
CA LYS E 141 -28.76 57.87 -8.41
C LYS E 141 -28.17 56.77 -9.28
N VAL E 142 -27.45 57.17 -10.32
CA VAL E 142 -26.73 56.20 -11.14
C VAL E 142 -25.24 56.50 -11.04
N ASP E 143 -24.44 55.54 -10.57
CA ASP E 143 -23.01 55.79 -10.38
C ASP E 143 -22.13 54.74 -11.03
N MET E 144 -21.40 55.19 -12.03
CA MET E 144 -20.50 54.33 -12.76
C MET E 144 -19.06 54.58 -12.39
N VAL E 145 -18.29 53.51 -12.24
CA VAL E 145 -16.86 53.67 -12.00
C VAL E 145 -16.08 52.84 -13.04
N ASN E 146 -14.81 53.21 -13.29
CA ASN E 146 -13.88 52.53 -14.19
C ASN E 146 -12.46 52.77 -13.68
N GLU E 147 -11.43 52.22 -14.37
CA GLU E 147 -10.01 52.28 -13.94
C GLU E 147 -9.47 53.69 -13.75
N THR E 148 -9.91 54.59 -14.58
CA THR E 148 -9.47 55.96 -14.54
C THR E 148 -10.31 56.78 -13.58
N SER E 149 -10.28 56.43 -12.29
CA SER E 149 -11.04 57.17 -11.29
C SER E 149 -10.45 57.14 -9.88
N SER E 150 -10.46 58.33 -9.27
CA SER E 150 -9.94 58.54 -7.93
C SER E 150 -10.82 57.92 -6.86
N CYS E 151 -12.06 57.62 -7.20
CA CYS E 151 -12.98 57.05 -6.23
C CYS E 151 -12.63 55.60 -5.97
N ILE E 152 -11.86 55.00 -6.88
CA ILE E 152 -11.51 53.62 -6.68
C ILE E 152 -10.22 53.65 -5.93
N ALA E 153 -9.28 54.47 -6.38
CA ALA E 153 -7.97 54.54 -5.75
C ALA E 153 -8.05 54.89 -4.27
N GLN E 154 -9.02 55.72 -3.91
CA GLN E 154 -9.19 56.14 -2.52
C GLN E 154 -10.24 55.32 -1.75
N ASP E 155 -10.79 54.28 -2.37
CA ASP E 155 -11.82 53.42 -1.76
C ASP E 155 -13.03 54.14 -1.20
N ASN E 156 -13.60 55.13 -1.92
CA ASN E 156 -14.76 55.89 -1.48
C ASN E 156 -15.62 56.30 -2.69
N CYS E 157 -16.68 55.54 -2.93
CA CYS E 157 -17.61 55.69 -4.03
C CYS E 157 -18.92 56.03 -3.37
N THR E 158 -19.80 56.66 -4.10
CA THR E 158 -21.06 57.02 -3.49
C THR E 158 -21.75 55.77 -3.01
N GLY E 159 -22.23 55.80 -1.78
CA GLY E 159 -22.94 54.66 -1.22
C GLY E 159 -22.09 53.69 -0.38
N LEU E 160 -20.76 53.84 -0.39
CA LEU E 160 -20.00 52.92 0.44
C LEU E 160 -19.91 53.43 1.87
N GLU E 161 -20.11 52.51 2.80
CA GLU E 161 -20.10 52.69 4.24
C GLU E 161 -18.90 52.00 4.89
N GLN E 162 -18.82 52.03 6.22
CA GLN E 162 -17.76 51.39 7.01
C GLN E 162 -17.94 49.88 7.09
N GLU E 163 -16.83 49.15 7.29
CA GLU E 163 -16.77 47.68 7.33
C GLU E 163 -17.58 46.94 8.40
N GLN E 164 -17.78 47.56 9.55
CA GLN E 164 -18.46 46.99 10.73
C GLN E 164 -17.61 46.01 11.51
N MET E 165 -16.50 46.50 12.02
CA MET E 165 -15.62 45.67 12.83
C MET E 165 -15.79 46.03 14.31
N ILE E 166 -15.91 45.01 15.15
CA ILE E 166 -16.14 45.16 16.59
C ILE E 166 -14.95 44.79 17.45
N SER E 167 -14.47 45.73 18.26
CA SER E 167 -13.31 45.47 19.11
C SER E 167 -13.71 44.79 20.44
N CYS E 168 -13.15 43.57 20.69
CA CYS E 168 -13.42 42.71 21.86
C CYS E 168 -12.14 42.30 22.58
N LYS E 169 -12.17 42.27 23.90
CA LYS E 169 -11.03 41.81 24.65
C LYS E 169 -11.24 40.45 25.29
N PHE E 170 -10.19 39.67 25.42
CA PHE E 170 -10.31 38.41 26.16
C PHE E 170 -8.99 37.94 26.79
N ASN E 171 -9.10 37.05 27.81
CA ASN E 171 -8.00 36.43 28.55
C ASN E 171 -7.64 35.05 27.98
N MET E 172 -6.42 34.93 27.41
CA MET E 172 -5.90 33.71 26.77
C MET E 172 -4.59 33.22 27.37
N THR E 173 -4.49 31.90 27.52
CA THR E 173 -3.33 31.26 28.12
C THR E 173 -2.45 30.52 27.11
N GLY E 174 -1.16 30.80 27.16
CA GLY E 174 -0.15 30.19 26.29
C GLY E 174 0.53 29.01 26.99
N LEU E 175 1.75 28.69 26.58
CA LEU E 175 2.41 27.52 27.11
C LEU E 175 2.95 27.60 28.52
N LYS E 176 2.92 28.77 29.13
CA LYS E 176 3.41 28.82 30.49
C LYS E 176 2.32 28.38 31.46
N ARG E 177 1.10 28.21 30.96
CA ARG E 177 -0.06 27.69 31.71
C ARG E 177 -0.59 28.47 32.91
N ASP E 178 0.25 28.81 33.88
CA ASP E 178 -0.17 29.54 35.06
C ASP E 178 0.00 31.05 34.90
N LYS E 179 0.30 31.47 33.67
CA LYS E 179 0.46 32.86 33.30
C LYS E 179 -0.47 33.09 32.12
N SER E 180 -1.05 34.27 32.02
CA SER E 180 -1.95 34.58 30.90
C SER E 180 -1.92 36.05 30.53
N LYS E 181 -2.41 36.36 29.33
CA LYS E 181 -2.48 37.73 28.87
C LYS E 181 -3.82 38.11 28.29
N GLU E 182 -4.14 39.39 28.36
CA GLU E 182 -5.34 39.88 27.72
C GLU E 182 -4.97 40.28 26.29
N TYR E 183 -5.81 39.97 25.34
CA TYR E 183 -5.59 40.33 23.95
C TYR E 183 -6.70 41.23 23.36
N ASN E 184 -6.31 42.07 22.37
CA ASN E 184 -7.17 42.95 21.55
C ASN E 184 -7.53 42.26 20.23
N GLU E 185 -8.78 41.79 20.04
CA GLU E 185 -9.24 41.10 18.82
C GLU E 185 -10.40 41.84 18.20
N THR E 186 -10.30 42.20 16.93
CA THR E 186 -11.41 42.89 16.32
C THR E 186 -12.09 41.94 15.37
N TRP E 187 -13.36 41.70 15.62
CA TRP E 187 -14.16 40.75 14.86
C TRP E 187 -15.00 41.40 13.81
N TYR E 188 -15.29 40.70 12.75
CA TYR E 188 -16.26 41.27 11.85
C TYR E 188 -17.59 41.06 12.55
N SER E 189 -18.54 41.97 12.39
CA SER E 189 -19.79 41.81 13.12
C SER E 189 -20.56 40.52 12.86
N ALA E 190 -20.39 39.93 11.70
CA ALA E 190 -21.15 38.71 11.41
C ALA E 190 -20.56 37.46 12.06
N ASP E 191 -19.41 37.60 12.68
CA ASP E 191 -18.75 36.48 13.31
C ASP E 191 -19.11 36.34 14.80
N LEU E 192 -19.95 37.23 15.34
CA LEU E 192 -20.34 37.16 16.76
C LEU E 192 -21.82 36.91 16.99
N VAL E 193 -22.15 36.30 18.15
CA VAL E 193 -23.55 36.09 18.54
C VAL E 193 -24.11 37.24 19.41
N CYS E 194 -23.43 37.51 20.56
CA CYS E 194 -23.67 38.52 21.60
C CYS E 194 -24.95 38.32 22.40
N GLU E 195 -24.75 38.12 23.70
CA GLU E 195 -25.78 37.95 24.71
C GLU E 195 -26.62 39.20 24.79
N GLN E 196 -27.93 39.05 24.91
CA GLN E 196 -28.76 40.24 24.94
C GLN E 196 -29.55 40.43 26.22
N GLY E 197 -29.76 41.70 26.55
CA GLY E 197 -30.62 42.11 27.65
C GLY E 197 -29.93 42.72 28.90
N ASN E 198 -30.46 43.89 29.33
CA ASN E 198 -30.13 44.73 30.48
C ASN E 198 -28.66 45.15 30.63
N ASN E 199 -27.97 45.49 29.50
CA ASN E 199 -26.60 46.05 29.58
C ASN E 199 -26.81 47.55 29.51
N THR E 200 -26.60 48.19 30.66
CA THR E 200 -26.84 49.61 30.82
C THR E 200 -25.54 50.37 31.00
N GLY E 201 -24.44 49.67 30.78
CA GLY E 201 -23.08 50.17 30.95
C GLY E 201 -22.25 50.09 29.66
N ASN E 202 -21.29 49.14 29.65
CA ASN E 202 -20.36 48.84 28.56
C ASN E 202 -19.99 47.35 28.67
N GLU E 203 -19.08 46.85 27.78
CA GLU E 203 -18.59 45.46 27.73
C GLU E 203 -19.69 44.41 27.58
N SER E 204 -20.22 44.30 26.38
CA SER E 204 -21.26 43.32 26.13
C SER E 204 -20.56 41.98 26.12
N ARG E 205 -21.31 40.91 26.27
CA ARG E 205 -20.73 39.57 26.34
C ARG E 205 -20.98 38.73 25.08
N CYS E 206 -19.91 38.47 24.28
CA CYS E 206 -20.02 37.80 22.97
C CYS E 206 -19.17 36.53 22.85
N TYR E 207 -19.62 35.65 21.97
CA TYR E 207 -19.02 34.38 21.57
C TYR E 207 -18.97 34.27 20.06
N MET E 208 -18.09 33.43 19.52
CA MET E 208 -18.04 33.19 18.07
C MET E 208 -19.36 32.58 17.59
N ASN E 209 -19.83 33.04 16.42
CA ASN E 209 -21.13 32.66 15.83
C ASN E 209 -21.44 31.19 15.69
N HIS E 210 -20.44 30.39 15.40
CA HIS E 210 -20.65 28.97 15.25
C HIS E 210 -20.02 28.04 16.29
N CYS E 211 -19.67 28.56 17.50
CA CYS E 211 -19.10 27.73 18.57
C CYS E 211 -20.18 27.46 19.62
N ASN E 212 -20.36 26.17 19.93
CA ASN E 212 -21.32 25.58 20.87
C ASN E 212 -21.98 24.34 20.26
N THR E 213 -22.38 24.42 18.97
CA THR E 213 -22.90 23.29 18.17
C THR E 213 -21.74 22.53 17.57
N SER E 214 -20.60 23.18 17.52
CA SER E 214 -19.40 22.59 16.94
C SER E 214 -18.14 23.27 17.41
N VAL E 215 -17.03 22.80 16.87
CA VAL E 215 -15.69 23.33 17.10
C VAL E 215 -15.13 23.87 15.82
N ILE E 216 -14.69 25.11 15.88
CA ILE E 216 -14.14 25.80 14.74
C ILE E 216 -12.66 25.50 14.62
N GLN E 217 -12.22 25.11 13.43
CA GLN E 217 -10.80 24.82 13.21
C GLN E 217 -10.19 25.86 12.30
N GLU E 218 -8.97 26.30 12.57
CA GLU E 218 -8.35 27.31 11.70
C GLU E 218 -7.76 26.75 10.42
N SER E 219 -8.05 27.36 9.28
CA SER E 219 -7.48 26.90 8.01
C SER E 219 -6.09 27.50 7.82
N CYS E 220 -5.13 26.97 8.59
CA CYS E 220 -3.77 27.46 8.73
C CYS E 220 -2.82 27.17 7.56
N ASP E 221 -3.07 26.13 6.76
CA ASP E 221 -2.08 25.80 5.73
C ASP E 221 -2.27 26.51 4.38
N LYS E 222 -2.33 27.82 4.44
CA LYS E 222 -2.42 28.73 3.29
C LYS E 222 -3.52 28.31 2.33
N HIS E 223 -4.63 27.80 2.81
CA HIS E 223 -5.59 27.32 1.84
C HIS E 223 -6.33 28.50 1.32
N TYR E 224 -6.54 28.51 0.02
CA TYR E 224 -7.20 29.58 -0.70
C TYR E 224 -6.34 30.82 -0.84
N TRP E 225 -5.05 30.74 -0.50
CA TRP E 225 -4.24 31.94 -0.69
C TRP E 225 -3.69 32.03 -2.09
N ASP E 226 -3.87 30.96 -2.85
CA ASP E 226 -3.39 30.87 -4.23
C ASP E 226 -4.35 30.00 -5.02
N ALA E 227 -4.07 29.83 -6.31
CA ALA E 227 -4.92 29.02 -7.17
C ALA E 227 -4.57 27.55 -7.12
N ILE E 228 -5.59 26.72 -7.21
CA ILE E 228 -5.40 25.29 -7.32
C ILE E 228 -5.85 24.81 -8.67
N ARG E 229 -4.91 24.31 -9.44
CA ARG E 229 -5.21 23.85 -10.78
C ARG E 229 -4.61 22.50 -11.02
N PHE E 230 -5.40 21.60 -11.57
CA PHE E 230 -4.91 20.27 -11.91
C PHE E 230 -5.74 19.62 -13.00
N ARG E 231 -5.21 18.57 -13.60
CA ARG E 231 -5.96 17.85 -14.61
C ARG E 231 -5.94 16.38 -14.36
N TYR E 232 -6.90 15.65 -14.91
CA TYR E 232 -6.92 14.22 -14.69
C TYR E 232 -6.39 13.43 -15.86
N CYS E 233 -5.68 12.32 -15.58
CA CYS E 233 -5.14 11.39 -16.58
C CYS E 233 -5.63 9.97 -16.35
N ALA E 234 -5.97 9.32 -17.45
CA ALA E 234 -6.43 7.96 -17.40
C ALA E 234 -5.25 7.03 -17.10
N PRO E 235 -5.46 5.95 -16.33
CA PRO E 235 -4.51 4.89 -16.09
C PRO E 235 -4.41 4.03 -17.33
N PRO E 236 -3.39 3.19 -17.49
CA PRO E 236 -3.24 2.33 -18.61
C PRO E 236 -4.44 1.49 -18.85
N GLY E 237 -4.84 1.39 -20.11
CA GLY E 237 -5.98 0.61 -20.51
C GLY E 237 -7.23 1.47 -20.63
N TYR E 238 -7.15 2.71 -20.17
CA TYR E 238 -8.27 3.63 -20.19
C TYR E 238 -7.98 4.88 -21.00
N ALA E 239 -9.03 5.50 -21.49
CA ALA E 239 -8.91 6.71 -22.28
C ALA E 239 -10.08 7.63 -22.07
N LEU E 240 -9.90 8.91 -22.38
CA LEU E 240 -10.99 9.84 -22.24
C LEU E 240 -11.55 10.25 -23.59
N LEU E 241 -12.87 10.27 -23.67
CA LEU E 241 -13.51 10.73 -24.87
C LEU E 241 -14.13 12.06 -24.55
N ARG E 242 -14.16 12.98 -25.49
CA ARG E 242 -14.76 14.27 -25.25
C ARG E 242 -15.67 14.72 -26.39
N CYS E 243 -16.82 15.40 -26.09
CA CYS E 243 -17.60 16.05 -27.17
C CYS E 243 -16.91 17.31 -27.65
N ASN E 244 -16.78 17.42 -28.95
CA ASN E 244 -16.20 18.60 -29.57
C ASN E 244 -17.23 19.36 -30.44
N ASP E 245 -18.54 19.24 -30.09
CA ASP E 245 -19.66 19.88 -30.77
C ASP E 245 -19.84 21.29 -30.21
N THR E 246 -20.81 22.02 -30.73
CA THR E 246 -21.14 23.35 -30.29
C THR E 246 -22.57 23.28 -29.80
N ASN E 247 -23.16 22.12 -30.07
CA ASN E 247 -24.53 21.81 -29.70
C ASN E 247 -24.57 20.99 -28.44
N TYR E 248 -23.45 20.88 -27.74
CA TYR E 248 -23.44 20.11 -26.52
C TYR E 248 -24.07 20.97 -25.47
N SER E 249 -25.08 20.42 -24.80
CA SER E 249 -25.86 21.11 -23.79
C SER E 249 -25.88 20.32 -22.50
N GLY E 250 -24.75 19.68 -22.19
CA GLY E 250 -24.65 18.90 -20.95
C GLY E 250 -25.14 17.47 -21.17
N PHE E 251 -26.35 17.30 -21.68
CA PHE E 251 -26.92 15.98 -21.90
C PHE E 251 -27.13 15.72 -23.39
N MET E 252 -26.38 14.80 -23.96
CA MET E 252 -26.49 14.54 -25.38
C MET E 252 -26.37 13.05 -25.70
N PRO E 253 -27.48 12.32 -25.95
CA PRO E 253 -27.45 10.89 -26.17
C PRO E 253 -26.69 10.44 -27.42
N LYS E 254 -26.55 11.29 -28.44
CA LYS E 254 -25.77 10.91 -29.63
C LYS E 254 -24.83 12.02 -30.11
N CYS E 255 -23.58 12.03 -29.62
CA CYS E 255 -22.57 13.04 -29.90
C CYS E 255 -21.77 12.54 -31.09
N SER E 256 -21.82 13.31 -32.16
CA SER E 256 -21.19 12.95 -33.42
C SER E 256 -19.73 13.34 -33.57
N LYS E 257 -19.24 14.27 -32.75
CA LYS E 257 -17.84 14.66 -32.84
C LYS E 257 -17.12 14.22 -31.61
N VAL E 258 -16.50 13.05 -31.67
CA VAL E 258 -15.88 12.51 -30.49
C VAL E 258 -14.38 12.56 -30.59
N VAL E 259 -13.79 13.24 -29.65
CA VAL E 259 -12.37 13.46 -29.59
C VAL E 259 -11.70 12.68 -28.49
N VAL E 260 -10.62 12.02 -28.84
CA VAL E 260 -9.87 11.16 -27.95
C VAL E 260 -8.62 11.77 -27.38
N SER E 261 -8.45 11.63 -26.08
CA SER E 261 -7.26 12.10 -25.42
C SER E 261 -6.91 11.22 -24.22
N SER E 262 -5.69 11.35 -23.73
CA SER E 262 -5.30 10.61 -22.53
C SER E 262 -5.55 11.32 -21.17
N CYS E 263 -5.62 12.68 -21.18
CA CYS E 263 -5.78 13.55 -20.01
C CYS E 263 -6.78 14.67 -20.34
N THR E 264 -7.42 15.20 -19.31
CA THR E 264 -8.37 16.29 -19.42
C THR E 264 -7.68 17.60 -19.51
N ARG E 265 -8.45 18.62 -19.81
CA ARG E 265 -7.99 19.99 -19.82
C ARG E 265 -7.74 20.39 -18.39
N MET E 266 -6.99 21.46 -18.21
CA MET E 266 -6.70 21.94 -16.87
C MET E 266 -7.93 22.54 -16.23
N MET E 267 -8.21 22.11 -15.00
CA MET E 267 -9.34 22.58 -14.22
C MET E 267 -8.96 23.58 -13.15
N GLU E 268 -9.73 24.66 -13.05
CA GLU E 268 -9.53 25.65 -11.99
C GLU E 268 -10.52 25.38 -10.89
N THR E 269 -10.05 24.99 -9.72
CA THR E 269 -10.96 24.60 -8.66
C THR E 269 -11.44 25.79 -7.86
N GLN E 270 -12.18 26.65 -8.52
CA GLN E 270 -12.67 27.87 -7.94
C GLN E 270 -14.05 27.62 -7.37
N THR E 271 -14.29 28.13 -6.16
CA THR E 271 -15.59 27.90 -5.46
C THR E 271 -16.25 29.24 -5.10
N SER E 272 -17.13 29.74 -5.96
CA SER E 272 -17.86 31.01 -5.69
C SER E 272 -19.32 30.80 -6.09
N THR E 273 -20.23 31.58 -5.51
CA THR E 273 -21.67 31.39 -5.80
C THR E 273 -22.10 32.43 -6.83
N TRP E 274 -23.33 32.34 -7.33
CA TRP E 274 -23.84 33.27 -8.35
C TRP E 274 -23.01 33.33 -9.63
N PHE E 275 -21.83 33.92 -9.55
CA PHE E 275 -20.94 34.03 -10.70
C PHE E 275 -19.68 33.23 -10.49
N GLY E 276 -19.37 32.37 -11.44
CA GLY E 276 -18.16 31.57 -11.38
C GLY E 276 -17.03 32.39 -11.94
N PHE E 277 -15.85 32.23 -11.37
CA PHE E 277 -14.72 33.00 -11.83
C PHE E 277 -13.63 32.12 -12.39
N ASN E 278 -12.80 32.71 -13.29
CA ASN E 278 -11.58 32.11 -13.85
C ASN E 278 -11.77 30.71 -14.46
N GLY E 279 -12.88 30.47 -15.19
CA GLY E 279 -13.14 29.17 -15.83
C GLY E 279 -12.20 28.94 -17.00
N THR E 280 -11.91 27.67 -17.25
CA THR E 280 -11.06 27.30 -18.36
C THR E 280 -11.85 27.32 -19.63
N ARG E 281 -13.14 27.02 -19.55
CA ARG E 281 -13.95 26.99 -20.75
C ARG E 281 -14.41 28.39 -21.10
N ALA E 282 -13.47 29.21 -21.48
CA ALA E 282 -13.74 30.58 -21.87
C ALA E 282 -13.63 30.63 -23.36
N GLU E 283 -14.77 30.71 -24.01
CA GLU E 283 -14.85 30.67 -25.46
C GLU E 283 -15.64 31.87 -25.96
N ASN E 284 -15.49 32.22 -27.26
CA ASN E 284 -16.23 33.31 -27.91
C ASN E 284 -17.63 32.80 -28.33
N ARG E 285 -18.42 32.35 -27.33
CA ARG E 285 -19.75 31.76 -27.46
C ARG E 285 -20.44 31.60 -26.12
N THR E 286 -21.76 31.71 -26.09
CA THR E 286 -22.50 31.45 -24.87
C THR E 286 -23.09 30.05 -24.94
N TYR E 287 -22.78 29.22 -23.97
CA TYR E 287 -23.31 27.87 -23.91
C TYR E 287 -24.17 27.70 -22.70
N ILE E 288 -25.23 26.92 -22.80
CA ILE E 288 -25.94 26.63 -21.57
C ILE E 288 -26.07 25.15 -21.37
N TYR E 289 -25.40 24.64 -20.35
CA TYR E 289 -25.55 23.20 -20.03
C TYR E 289 -26.89 23.09 -19.30
N TRP E 290 -27.59 21.97 -19.45
CA TRP E 290 -28.88 21.76 -18.75
C TRP E 290 -28.85 20.38 -18.10
N HIS E 291 -29.25 20.26 -16.84
CA HIS E 291 -29.35 18.91 -16.25
C HIS E 291 -30.46 18.20 -17.02
N GLY E 292 -30.25 16.93 -17.38
CA GLY E 292 -31.25 16.21 -18.19
C GLY E 292 -32.57 16.05 -17.45
N ARG E 293 -32.51 15.76 -16.15
CA ARG E 293 -33.75 15.49 -15.37
C ARG E 293 -34.25 16.73 -14.62
N ASP E 294 -33.55 17.86 -14.70
CA ASP E 294 -33.97 19.04 -13.88
C ASP E 294 -33.94 20.33 -14.71
N ASN E 295 -34.03 21.48 -14.05
CA ASN E 295 -33.96 22.80 -14.72
C ASN E 295 -32.80 23.63 -14.17
N ARG E 296 -31.81 22.95 -13.56
CA ARG E 296 -30.59 23.64 -13.05
C ARG E 296 -29.57 23.74 -14.19
N THR E 297 -29.03 24.93 -14.44
CA THR E 297 -28.15 25.11 -15.56
C THR E 297 -26.87 25.86 -15.23
N ILE E 298 -25.84 25.67 -16.08
CA ILE E 298 -24.60 26.48 -15.92
C ILE E 298 -24.44 27.28 -17.20
N ILE E 299 -24.55 28.61 -17.15
CA ILE E 299 -24.50 29.45 -18.31
C ILE E 299 -23.12 30.01 -18.49
N SER E 300 -22.45 29.68 -19.57
CA SER E 300 -21.12 30.23 -19.71
C SER E 300 -21.33 31.63 -20.22
N LEU E 301 -20.36 32.49 -20.08
CA LEU E 301 -20.50 33.82 -20.62
C LEU E 301 -19.55 33.99 -21.79
N ASN E 302 -19.92 34.83 -22.74
CA ASN E 302 -19.10 35.06 -23.93
C ASN E 302 -17.88 35.94 -23.62
N LYS E 303 -16.69 35.36 -23.79
CA LYS E 303 -15.42 36.02 -23.44
C LYS E 303 -15.18 37.28 -24.23
N TYR E 304 -15.92 37.44 -25.31
CA TYR E 304 -15.84 38.58 -26.20
C TYR E 304 -16.02 39.89 -25.47
N TYR E 305 -16.73 39.85 -24.36
CA TYR E 305 -16.99 41.09 -23.64
C TYR E 305 -16.05 41.47 -22.49
N ASN E 306 -14.96 40.67 -22.24
CA ASN E 306 -13.93 40.88 -21.19
C ASN E 306 -14.54 41.21 -19.82
N LEU E 307 -15.54 40.41 -19.37
CA LEU E 307 -16.22 40.62 -18.09
C LEU E 307 -15.25 40.31 -16.99
N THR E 308 -15.17 41.22 -16.05
CA THR E 308 -14.20 41.13 -14.97
C THR E 308 -14.72 41.70 -13.68
N MET E 309 -14.27 41.13 -12.59
CA MET E 309 -14.68 41.66 -11.32
C MET E 309 -13.48 41.94 -10.46
N LYS E 310 -13.33 43.21 -10.15
CA LYS E 310 -12.19 43.69 -9.39
C LYS E 310 -12.65 44.06 -7.98
N CYS E 311 -12.14 43.35 -6.96
CA CYS E 311 -12.55 43.53 -5.56
C CYS E 311 -11.39 44.05 -4.75
N ARG E 312 -11.76 44.84 -3.78
CA ARG E 312 -10.80 45.47 -2.92
C ARG E 312 -11.21 45.34 -1.47
N ARG E 313 -10.24 45.16 -0.62
CA ARG E 313 -10.49 45.19 0.80
C ARG E 313 -9.59 46.32 1.30
N PRO E 314 -10.15 47.48 1.63
CA PRO E 314 -9.46 48.69 1.98
C PRO E 314 -8.84 48.53 3.33
N GLY E 315 -7.81 49.30 3.59
CA GLY E 315 -7.19 49.30 4.90
C GLY E 315 -5.94 48.43 4.90
N ASN E 316 -5.05 48.69 5.86
CA ASN E 316 -3.77 48.02 6.07
C ASN E 316 -3.85 47.18 7.36
N LYS E 317 -4.03 45.84 7.24
CA LYS E 317 -4.18 44.96 8.41
C LYS E 317 -2.88 44.56 9.04
N THR E 318 -2.97 44.38 10.33
CA THR E 318 -1.92 43.88 11.17
C THR E 318 -2.34 42.50 11.63
N VAL E 319 -1.41 41.57 11.66
CA VAL E 319 -1.72 40.22 12.09
C VAL E 319 -0.84 39.85 13.25
N LEU E 320 -1.44 39.36 14.32
CA LEU E 320 -0.70 38.99 15.52
C LEU E 320 -0.84 37.53 15.93
N PRO E 321 0.13 36.68 15.65
CA PRO E 321 0.12 35.29 16.03
C PRO E 321 0.04 35.19 17.56
N VAL E 322 -0.79 34.28 18.06
CA VAL E 322 -0.96 34.02 19.49
C VAL E 322 -0.73 32.55 19.78
N THR E 323 0.14 32.23 20.73
CA THR E 323 0.36 30.82 21.01
C THR E 323 -0.67 30.39 22.03
N ILE E 324 -1.45 29.35 21.71
CA ILE E 324 -2.51 28.92 22.60
C ILE E 324 -2.44 27.50 23.10
N MET E 325 -2.40 27.35 24.42
CA MET E 325 -2.43 26.08 25.17
C MET E 325 -1.65 24.86 24.66
N SER E 326 -1.98 24.38 23.48
CA SER E 326 -1.36 23.19 22.88
C SER E 326 -0.01 23.52 22.31
N GLY E 327 0.21 24.80 22.11
CA GLY E 327 1.45 25.32 21.54
C GLY E 327 1.29 25.71 20.10
N LEU E 328 0.14 25.42 19.53
CA LEU E 328 -0.12 25.80 18.17
C LEU E 328 -0.54 27.25 18.15
N VAL E 329 -0.25 27.91 17.05
CA VAL E 329 -0.54 29.31 16.88
C VAL E 329 -1.76 29.68 16.07
N PHE E 330 -2.51 30.61 16.64
CA PHE E 330 -3.73 31.23 16.12
C PHE E 330 -3.43 32.62 15.58
N HIS E 331 -4.01 32.99 14.45
CA HIS E 331 -3.74 34.35 13.97
C HIS E 331 -4.84 35.33 14.32
N SER E 332 -4.52 36.26 15.22
CA SER E 332 -5.50 37.23 15.71
C SER E 332 -5.51 38.46 14.81
N GLN E 333 -6.50 39.31 15.01
CA GLN E 333 -6.69 40.51 14.19
C GLN E 333 -6.86 41.83 14.99
N PRO E 334 -5.80 42.37 15.63
CA PRO E 334 -5.79 43.57 16.46
C PRO E 334 -5.75 44.83 15.63
N ILE E 335 -6.80 45.06 14.86
CA ILE E 335 -6.77 46.17 13.91
C ILE E 335 -6.79 47.53 14.54
N ASN E 336 -7.62 47.73 15.55
CA ASN E 336 -7.67 49.01 16.24
C ASN E 336 -7.86 50.20 15.29
N ASP E 337 -8.77 50.04 14.33
CA ASP E 337 -9.05 51.07 13.33
C ASP E 337 -10.48 50.91 12.85
N ARG E 338 -10.91 51.79 11.96
CA ARG E 338 -12.24 51.71 11.40
C ARG E 338 -12.25 51.97 9.88
N PRO E 339 -11.89 50.98 9.05
CA PRO E 339 -11.80 51.05 7.60
C PRO E 339 -13.16 51.01 6.93
N LYS E 340 -13.15 51.37 5.65
CA LYS E 340 -14.31 51.28 4.74
C LYS E 340 -14.64 49.85 4.42
N GLN E 341 -15.84 49.62 3.91
CA GLN E 341 -16.24 48.28 3.53
C GLN E 341 -15.47 47.75 2.38
N ALA E 342 -15.30 46.45 2.41
CA ALA E 342 -14.79 45.76 1.27
C ALA E 342 -15.81 45.99 0.19
N TRP E 343 -15.39 46.13 -1.03
CA TRP E 343 -16.37 46.39 -2.06
C TRP E 343 -15.85 45.87 -3.38
N CYS E 344 -16.75 45.71 -4.38
CA CYS E 344 -16.38 45.21 -5.72
C CYS E 344 -16.92 46.03 -6.85
N TRP E 345 -16.06 46.17 -7.83
CA TRP E 345 -16.22 46.87 -9.09
C TRP E 345 -16.35 45.96 -10.31
N PHE E 346 -17.47 46.06 -11.00
CA PHE E 346 -17.70 45.24 -12.18
C PHE E 346 -17.31 45.96 -13.47
N GLY E 347 -16.40 45.36 -14.23
CA GLY E 347 -15.96 45.96 -15.49
C GLY E 347 -16.33 45.07 -16.66
N GLY E 348 -16.05 45.52 -17.89
CA GLY E 348 -16.38 44.75 -19.10
C GLY E 348 -17.78 45.11 -19.60
N LYS E 349 -18.17 44.59 -20.76
CA LYS E 349 -19.47 44.96 -21.31
C LYS E 349 -20.59 44.10 -20.78
N TRP E 350 -20.93 44.36 -19.54
CA TRP E 350 -21.93 43.60 -18.82
C TRP E 350 -23.29 43.68 -19.42
N LYS E 351 -23.67 44.83 -19.93
CA LYS E 351 -25.02 44.92 -20.45
C LYS E 351 -25.19 44.02 -21.65
N ASP E 352 -24.15 43.92 -22.47
CA ASP E 352 -24.31 43.17 -23.68
C ASP E 352 -24.14 41.70 -23.42
N ALA E 353 -23.29 41.34 -22.46
CA ALA E 353 -23.12 39.94 -22.18
C ALA E 353 -24.41 39.36 -21.63
N ILE E 354 -25.12 40.15 -20.81
CA ILE E 354 -26.36 39.66 -20.26
C ILE E 354 -27.42 39.58 -21.37
N LYS E 355 -27.48 40.55 -22.28
CA LYS E 355 -28.45 40.41 -23.36
C LYS E 355 -28.22 39.10 -24.12
N GLU E 356 -26.96 38.72 -24.37
CA GLU E 356 -26.76 37.47 -25.08
C GLU E 356 -27.24 36.29 -24.29
N VAL E 357 -27.08 36.30 -22.97
CA VAL E 357 -27.57 35.17 -22.20
C VAL E 357 -29.05 35.02 -22.35
N LYS E 358 -29.78 36.13 -22.27
CA LYS E 358 -31.21 36.02 -22.37
C LYS E 358 -31.63 35.47 -23.72
N GLN E 359 -30.94 35.90 -24.78
CA GLN E 359 -31.25 35.44 -26.12
C GLN E 359 -30.92 33.96 -26.29
N THR E 360 -29.83 33.52 -25.68
CA THR E 360 -29.40 32.14 -25.76
C THR E 360 -30.43 31.25 -25.13
N ILE E 361 -31.01 31.69 -24.00
CA ILE E 361 -32.05 30.91 -23.36
C ILE E 361 -33.27 30.82 -24.27
N VAL E 362 -33.69 31.92 -24.87
CA VAL E 362 -34.89 31.91 -25.71
C VAL E 362 -34.77 30.92 -26.84
N LYS E 363 -33.61 30.83 -27.45
CA LYS E 363 -33.36 29.97 -28.59
C LYS E 363 -32.93 28.54 -28.25
N HIS E 364 -32.77 28.23 -26.97
CA HIS E 364 -32.24 26.93 -26.54
C HIS E 364 -33.22 25.77 -26.78
N PRO E 365 -32.77 24.60 -27.25
CA PRO E 365 -33.55 23.39 -27.45
C PRO E 365 -34.44 22.96 -26.28
N ARG E 366 -34.02 23.18 -25.05
CA ARG E 366 -34.83 22.67 -23.91
C ARG E 366 -35.74 23.75 -23.34
N TYR E 367 -35.77 24.96 -23.93
CA TYR E 367 -36.57 26.02 -23.38
C TYR E 367 -37.85 26.23 -24.16
N THR E 368 -38.96 26.17 -23.45
CA THR E 368 -40.28 26.37 -24.00
C THR E 368 -41.03 27.31 -23.12
N GLY E 369 -40.55 28.53 -23.07
CA GLY E 369 -41.05 29.53 -22.16
C GLY E 369 -41.52 30.75 -22.88
N THR E 370 -40.84 31.86 -22.66
CA THR E 370 -41.33 33.09 -23.23
C THR E 370 -40.77 33.34 -24.63
N ASN E 371 -41.24 34.44 -25.21
CA ASN E 371 -41.04 34.96 -26.56
C ASN E 371 -39.94 36.03 -26.62
N ASN E 372 -39.99 36.99 -25.67
CA ASN E 372 -39.13 38.17 -25.60
C ASN E 372 -38.17 38.19 -24.45
N THR E 373 -37.11 38.95 -24.66
CA THR E 373 -36.09 39.12 -23.65
C THR E 373 -36.48 40.22 -22.68
N ASP E 374 -37.63 40.84 -22.90
CA ASP E 374 -38.05 41.85 -21.94
C ASP E 374 -38.85 41.19 -20.82
N LYS E 375 -39.01 39.85 -20.86
CA LYS E 375 -39.71 39.09 -19.82
C LYS E 375 -38.73 38.15 -19.14
N ILE E 376 -37.47 38.30 -19.50
CA ILE E 376 -36.43 37.46 -18.93
C ILE E 376 -35.57 38.35 -18.07
N ASN E 377 -35.43 38.00 -16.78
CA ASN E 377 -34.72 38.76 -15.76
C ASN E 377 -33.87 37.82 -14.92
N LEU E 378 -32.74 38.35 -14.40
CA LEU E 378 -31.88 37.69 -13.43
C LEU E 378 -32.50 37.98 -12.10
N THR E 379 -32.45 37.05 -11.20
CA THR E 379 -33.00 37.35 -9.91
C THR E 379 -32.31 36.62 -8.79
N ALA E 380 -32.30 37.24 -7.64
CA ALA E 380 -31.74 36.63 -6.46
C ALA E 380 -32.69 35.55 -6.01
N PRO E 381 -32.22 34.51 -5.34
CA PRO E 381 -33.03 33.51 -4.70
C PRO E 381 -33.69 34.21 -3.53
N GLY E 382 -34.83 33.71 -3.08
CA GLY E 382 -35.47 34.33 -1.93
C GLY E 382 -35.03 33.71 -0.62
N GLY E 383 -35.66 34.18 0.47
CA GLY E 383 -35.34 33.70 1.80
C GLY E 383 -34.40 34.67 2.50
N GLY E 384 -34.10 34.42 3.78
CA GLY E 384 -33.22 35.30 4.55
C GLY E 384 -31.84 34.69 4.74
N ASP E 385 -31.57 33.61 4.03
CA ASP E 385 -30.33 32.85 4.16
C ASP E 385 -29.17 33.49 3.38
N PRO E 386 -28.18 34.13 4.06
CA PRO E 386 -27.03 34.76 3.40
C PRO E 386 -26.24 33.86 2.45
N GLU E 387 -26.36 32.53 2.58
CA GLU E 387 -25.52 31.69 1.71
C GLU E 387 -26.12 31.65 0.30
N VAL E 388 -27.33 32.18 0.10
CA VAL E 388 -27.88 32.23 -1.23
C VAL E 388 -28.19 33.66 -1.66
N THR E 389 -28.54 34.54 -0.69
CA THR E 389 -28.95 35.89 -1.05
C THR E 389 -27.78 36.84 -1.36
N PHE E 390 -26.56 36.40 -1.01
CA PHE E 390 -25.35 37.23 -1.24
C PHE E 390 -24.31 36.38 -1.99
N MET E 391 -23.65 36.96 -3.00
CA MET E 391 -22.57 36.23 -3.72
C MET E 391 -21.38 36.06 -2.77
N TRP E 392 -20.73 34.90 -2.76
CA TRP E 392 -19.52 34.71 -1.93
C TRP E 392 -18.30 34.59 -2.85
N THR E 393 -17.29 35.42 -2.65
CA THR E 393 -16.08 35.41 -3.52
C THR E 393 -14.85 35.23 -2.65
N ASN E 394 -13.94 34.32 -3.04
CA ASN E 394 -12.76 34.04 -2.19
C ASN E 394 -11.56 34.80 -2.76
N CYS E 395 -11.14 35.89 -2.11
CA CYS E 395 -9.97 36.63 -2.59
C CYS E 395 -8.78 36.42 -1.67
N ARG E 396 -7.92 35.53 -2.12
CA ARG E 396 -6.68 35.25 -1.46
C ARG E 396 -6.81 34.94 0.03
N GLY E 397 -7.78 34.13 0.41
CA GLY E 397 -7.93 33.76 1.82
C GLY E 397 -9.05 34.46 2.58
N GLU E 398 -9.62 35.54 2.04
CA GLU E 398 -10.72 36.17 2.78
C GLU E 398 -12.04 36.08 2.01
N PHE E 399 -13.06 35.53 2.67
CA PHE E 399 -14.36 35.32 1.97
C PHE E 399 -15.15 36.63 2.01
N LEU E 400 -15.67 37.06 0.87
CA LEU E 400 -16.33 38.39 0.80
C LEU E 400 -17.79 38.25 0.33
N TYR E 401 -18.76 38.22 1.25
CA TYR E 401 -20.18 38.24 0.80
C TYR E 401 -20.55 39.62 0.24
N CYS E 402 -21.19 39.70 -0.92
CA CYS E 402 -21.55 41.00 -1.54
C CYS E 402 -23.03 41.11 -1.86
N LYS E 403 -23.73 42.10 -1.28
CA LYS E 403 -25.13 42.38 -1.65
C LYS E 403 -25.16 42.96 -3.07
N MET E 404 -25.81 42.30 -4.03
CA MET E 404 -25.82 42.77 -5.40
C MET E 404 -27.02 43.49 -5.97
N ASN E 405 -27.86 44.12 -5.18
CA ASN E 405 -28.98 44.77 -5.82
C ASN E 405 -28.58 45.93 -6.71
N TRP E 406 -27.52 46.66 -6.36
CA TRP E 406 -27.18 47.80 -7.19
C TRP E 406 -26.73 47.32 -8.54
N PHE E 407 -25.94 46.25 -8.54
CA PHE E 407 -25.45 45.68 -9.77
C PHE E 407 -26.57 45.21 -10.63
N LEU E 408 -27.49 44.44 -10.05
CA LEU E 408 -28.54 43.90 -10.88
C LEU E 408 -29.40 45.02 -11.42
N ASN E 409 -29.68 46.05 -10.64
CA ASN E 409 -30.52 47.11 -11.15
C ASN E 409 -29.88 47.76 -12.35
N TRP E 410 -28.58 47.96 -12.27
CA TRP E 410 -27.86 48.53 -13.37
C TRP E 410 -27.76 47.67 -14.60
N VAL E 411 -27.32 46.44 -14.48
CA VAL E 411 -27.08 45.66 -15.68
C VAL E 411 -28.39 45.36 -16.41
N GLU E 412 -29.47 45.25 -15.67
CA GLU E 412 -30.78 45.01 -16.22
C GLU E 412 -31.50 46.31 -16.62
N ASP E 413 -30.90 47.45 -16.31
CA ASP E 413 -31.46 48.78 -16.54
C ASP E 413 -32.89 48.83 -16.01
N ARG E 414 -33.08 48.38 -14.79
CA ARG E 414 -34.40 48.27 -14.18
C ARG E 414 -35.01 49.56 -13.75
N ASN E 415 -36.32 49.58 -13.81
CA ASN E 415 -37.05 50.66 -13.20
C ASN E 415 -37.22 50.18 -11.79
N THR E 416 -36.42 50.72 -10.88
CA THR E 416 -36.38 50.25 -9.52
C THR E 416 -37.63 50.68 -8.81
N ALA E 417 -37.74 51.97 -8.56
CA ALA E 417 -38.94 52.65 -8.07
C ALA E 417 -39.41 52.28 -6.65
N ASN E 418 -39.67 50.99 -6.40
CA ASN E 418 -40.22 50.52 -5.14
C ASN E 418 -39.37 49.45 -4.43
N GLN E 419 -38.06 49.57 -4.50
CA GLN E 419 -37.15 48.61 -3.86
C GLN E 419 -36.65 49.05 -2.48
N LYS E 420 -37.15 50.21 -2.05
CA LYS E 420 -36.83 50.96 -0.85
C LYS E 420 -35.53 51.74 -1.10
N PRO E 421 -35.35 52.95 -0.54
CA PRO E 421 -34.34 53.95 -0.89
C PRO E 421 -32.88 53.54 -1.00
N LYS E 422 -32.42 52.56 -0.25
CA LYS E 422 -31.01 52.22 -0.34
C LYS E 422 -30.71 51.23 -1.44
N GLU E 423 -31.75 50.59 -1.95
CA GLU E 423 -31.57 49.54 -2.92
C GLU E 423 -32.01 49.97 -4.33
N GLN E 424 -32.46 51.22 -4.48
CA GLN E 424 -33.02 51.74 -5.73
C GLN E 424 -32.07 52.33 -6.73
N HIS E 425 -30.80 52.31 -6.39
CA HIS E 425 -29.71 52.87 -7.16
C HIS E 425 -29.25 51.95 -8.27
N LYS E 426 -28.66 52.51 -9.31
CA LYS E 426 -28.06 51.70 -10.35
C LYS E 426 -26.56 51.91 -10.31
N ARG E 427 -25.81 50.87 -10.00
CA ARG E 427 -24.38 51.08 -9.91
C ARG E 427 -23.64 49.92 -10.50
N ASN E 428 -22.38 50.13 -10.90
CA ASN E 428 -21.62 48.97 -11.38
C ASN E 428 -20.67 48.47 -10.33
N TYR E 429 -20.98 48.78 -9.10
CA TYR E 429 -20.22 48.30 -7.99
C TYR E 429 -21.18 47.97 -6.88
N VAL E 430 -20.75 47.11 -5.99
CA VAL E 430 -21.55 46.69 -4.88
C VAL E 430 -20.79 46.75 -3.56
N PRO E 431 -21.47 46.96 -2.42
CA PRO E 431 -20.90 46.92 -1.10
C PRO E 431 -20.74 45.47 -0.80
N CYS E 432 -19.79 45.14 0.08
CA CYS E 432 -19.51 43.74 0.48
C CYS E 432 -19.02 43.76 1.94
N HIS E 433 -18.93 42.61 2.62
CA HIS E 433 -18.54 42.55 4.05
C HIS E 433 -17.77 41.26 4.32
N ILE E 434 -16.57 41.38 4.94
CA ILE E 434 -15.71 40.24 5.21
C ILE E 434 -16.21 39.39 6.36
N ARG E 435 -16.11 38.06 6.20
CA ARG E 435 -16.57 37.11 7.24
C ARG E 435 -15.49 36.05 7.45
N GLN E 436 -14.95 35.92 8.67
CA GLN E 436 -13.88 34.98 8.91
C GLN E 436 -14.34 33.58 9.27
N ILE E 437 -15.57 33.40 9.79
CA ILE E 437 -15.87 31.97 10.11
C ILE E 437 -16.80 31.47 9.01
N ILE E 438 -16.24 30.70 8.07
CA ILE E 438 -17.02 30.28 6.87
C ILE E 438 -17.34 28.79 6.90
N ASN E 439 -18.60 28.43 6.60
CA ASN E 439 -19.00 27.04 6.50
C ASN E 439 -18.41 26.51 5.20
N THR E 440 -17.84 25.33 5.25
CA THR E 440 -17.23 24.70 4.09
C THR E 440 -18.25 24.53 2.96
N TRP E 441 -17.82 24.85 1.74
CA TRP E 441 -18.65 24.78 0.54
C TRP E 441 -19.22 23.42 0.19
N HIS E 442 -18.57 22.36 0.63
CA HIS E 442 -18.99 21.01 0.32
C HIS E 442 -20.06 20.55 1.31
N LYS E 443 -20.58 19.36 1.15
CA LYS E 443 -21.66 18.92 2.01
C LYS E 443 -21.13 18.30 3.29
N VAL E 444 -20.55 19.16 4.10
CA VAL E 444 -19.90 18.78 5.33
C VAL E 444 -20.57 19.47 6.52
N GLY E 445 -20.71 20.79 6.43
CA GLY E 445 -21.27 21.59 7.50
C GLY E 445 -20.22 22.12 8.49
N LYS E 446 -18.96 21.78 8.26
CA LYS E 446 -17.87 22.21 9.14
C LYS E 446 -17.57 23.68 9.03
N ASN E 447 -17.40 24.31 10.19
CA ASN E 447 -17.05 25.71 10.27
C ASN E 447 -15.56 25.87 10.47
N VAL E 448 -14.96 26.66 9.61
CA VAL E 448 -13.54 26.87 9.73
C VAL E 448 -13.26 28.35 9.84
N TYR E 449 -12.12 28.66 10.39
CA TYR E 449 -11.73 30.04 10.55
C TYR E 449 -10.69 30.41 9.53
N LEU E 450 -10.88 31.51 8.86
CA LEU E 450 -9.90 31.93 7.88
C LEU E 450 -8.98 32.94 8.52
N PRO E 451 -7.66 32.72 8.55
CA PRO E 451 -6.71 33.65 9.06
C PRO E 451 -6.83 34.89 8.22
N PRO E 452 -6.59 36.07 8.77
CA PRO E 452 -6.60 37.34 8.08
C PRO E 452 -5.40 37.48 7.20
N ARG E 453 -5.50 38.27 6.15
CA ARG E 453 -4.29 38.55 5.42
C ARG E 453 -3.73 39.87 5.91
N GLU E 454 -2.41 39.94 5.98
CA GLU E 454 -1.69 41.14 6.38
C GLU E 454 -1.62 42.13 5.24
N GLY E 455 -1.65 43.42 5.53
CA GLY E 455 -1.59 44.40 4.47
C GLY E 455 -2.96 44.65 3.88
N ASP E 456 -2.99 45.15 2.66
CA ASP E 456 -4.21 45.49 1.97
C ASP E 456 -4.52 44.40 0.96
N LEU E 457 -5.77 44.24 0.55
CA LEU E 457 -6.00 43.21 -0.47
C LEU E 457 -6.68 43.70 -1.71
N THR E 458 -6.15 43.23 -2.79
CA THR E 458 -6.70 43.47 -4.10
C THR E 458 -6.68 42.15 -4.88
N CYS E 459 -7.76 41.87 -5.63
CA CYS E 459 -7.88 40.73 -6.55
C CYS E 459 -8.62 41.20 -7.82
N ASN E 460 -8.16 40.71 -8.97
CA ASN E 460 -8.81 41.02 -10.24
C ASN E 460 -9.12 39.71 -10.99
N SER E 461 -10.40 39.30 -10.98
CA SER E 461 -10.87 38.01 -11.52
C SER E 461 -11.55 38.13 -12.85
N THR E 462 -11.49 37.08 -13.67
CA THR E 462 -12.31 37.15 -14.87
C THR E 462 -13.63 36.56 -14.50
N VAL E 463 -14.67 36.89 -15.23
CA VAL E 463 -15.96 36.27 -14.93
C VAL E 463 -16.30 35.41 -16.10
N THR E 464 -16.46 34.13 -15.86
CA THR E 464 -16.67 33.22 -16.96
C THR E 464 -18.01 32.52 -16.98
N SER E 465 -18.69 32.47 -15.84
CA SER E 465 -19.95 31.74 -15.85
C SER E 465 -20.96 32.25 -14.86
N LEU E 466 -22.20 31.91 -15.11
CA LEU E 466 -23.30 32.21 -14.23
C LEU E 466 -23.95 30.90 -13.77
N ILE E 467 -24.18 30.76 -12.47
CA ILE E 467 -24.76 29.54 -11.93
C ILE E 467 -26.19 29.86 -11.57
N ALA E 468 -27.16 29.23 -12.24
CA ALA E 468 -28.55 29.62 -12.00
C ALA E 468 -29.55 28.57 -12.43
N ASN E 469 -30.75 28.64 -11.92
CA ASN E 469 -31.79 27.76 -12.42
C ASN E 469 -32.65 28.56 -13.38
N ILE E 470 -33.25 27.93 -14.37
CA ILE E 470 -34.17 28.67 -15.23
C ILE E 470 -35.55 28.18 -14.85
N ASP E 471 -36.45 29.05 -14.43
CA ASP E 471 -37.71 28.52 -13.93
C ASP E 471 -38.91 29.35 -14.33
N TRP E 472 -39.73 28.81 -15.23
CA TRP E 472 -40.86 29.53 -15.77
C TRP E 472 -42.05 28.61 -15.68
N ILE E 473 -43.26 29.16 -15.56
CA ILE E 473 -44.43 28.28 -15.51
C ILE E 473 -45.48 28.65 -16.52
N ASP E 474 -45.17 29.64 -17.31
CA ASP E 474 -46.05 30.23 -18.29
C ASP E 474 -45.21 30.81 -19.41
N GLY E 475 -45.85 31.40 -20.39
CA GLY E 475 -45.17 32.02 -21.54
C GLY E 475 -44.67 33.48 -21.31
N ASN E 476 -44.75 33.99 -20.06
CA ASN E 476 -44.39 35.32 -19.58
C ASN E 476 -43.73 35.18 -18.18
N GLN E 477 -42.48 35.68 -18.05
CA GLN E 477 -41.56 35.64 -16.88
C GLN E 477 -40.77 34.34 -16.80
N THR E 478 -39.47 34.47 -17.04
CA THR E 478 -38.56 33.32 -17.09
C THR E 478 -37.72 32.99 -15.84
N ASN E 479 -37.49 34.00 -14.96
CA ASN E 479 -36.70 33.96 -13.72
C ASN E 479 -35.42 33.09 -13.82
N ILE E 480 -34.26 33.74 -14.11
CA ILE E 480 -32.95 33.07 -14.09
C ILE E 480 -32.51 33.28 -12.66
N THR E 481 -32.63 32.25 -11.84
CA THR E 481 -32.44 32.45 -10.43
C THR E 481 -31.07 32.05 -10.03
N MET E 482 -30.36 32.98 -9.46
CA MET E 482 -28.98 32.74 -9.15
C MET E 482 -28.92 31.66 -8.08
N SER E 483 -27.95 30.77 -8.20
CA SER E 483 -27.77 29.67 -7.26
C SER E 483 -26.43 29.66 -6.59
N ALA E 484 -26.39 29.03 -5.40
CA ALA E 484 -25.17 28.92 -4.61
C ALA E 484 -24.57 27.54 -4.62
N GLU E 485 -25.00 26.69 -5.53
CA GLU E 485 -24.38 25.37 -5.49
C GLU E 485 -23.07 25.48 -6.23
N VAL E 486 -22.00 25.64 -5.48
CA VAL E 486 -20.71 25.90 -6.09
C VAL E 486 -20.29 24.68 -6.89
N ALA E 487 -20.67 23.52 -6.42
CA ALA E 487 -20.29 22.26 -7.04
C ALA E 487 -20.70 22.16 -8.50
N GLU E 488 -21.74 22.90 -8.91
CA GLU E 488 -22.24 22.76 -10.31
C GLU E 488 -21.19 23.31 -11.28
N LEU E 489 -20.31 24.18 -10.81
CA LEU E 489 -19.30 24.78 -11.64
C LEU E 489 -18.28 23.78 -12.17
N TYR E 490 -18.04 22.68 -11.45
CA TYR E 490 -17.06 21.70 -11.88
C TYR E 490 -17.53 20.97 -13.13
N ARG E 491 -18.83 21.04 -13.39
CA ARG E 491 -19.43 20.32 -14.54
C ARG E 491 -19.32 21.18 -15.79
N LEU E 492 -18.80 22.40 -15.66
CA LEU E 492 -18.58 23.21 -16.83
C LEU E 492 -17.11 23.06 -17.16
N GLU E 493 -16.29 22.90 -16.11
CA GLU E 493 -14.85 22.75 -16.31
C GLU E 493 -14.53 21.44 -17.01
N LEU E 494 -15.23 20.39 -16.62
CA LEU E 494 -15.08 19.10 -17.24
C LEU E 494 -16.43 18.81 -17.84
N GLY E 495 -17.11 17.75 -17.44
CA GLY E 495 -18.47 17.56 -17.95
C GLY E 495 -18.56 16.84 -19.29
N ASP E 496 -17.89 17.38 -20.29
CA ASP E 496 -17.91 16.80 -21.62
C ASP E 496 -16.98 15.62 -21.78
N TYR E 497 -16.35 15.17 -20.70
CA TYR E 497 -15.50 14.00 -20.76
C TYR E 497 -16.22 12.74 -20.31
N LYS E 498 -15.92 11.65 -20.98
CA LYS E 498 -16.39 10.33 -20.62
C LYS E 498 -15.20 9.43 -20.46
N LEU E 499 -15.17 8.62 -19.43
CA LEU E 499 -14.04 7.72 -19.27
C LEU E 499 -14.41 6.34 -19.76
N VAL E 500 -13.56 5.78 -20.63
CA VAL E 500 -13.83 4.47 -21.16
C VAL E 500 -12.68 3.50 -21.01
N GLU E 501 -13.03 2.24 -20.95
CA GLU E 501 -12.11 1.13 -20.87
C GLU E 501 -11.90 0.53 -22.23
N ILE E 502 -10.66 0.33 -22.61
CA ILE E 502 -10.39 -0.29 -23.89
C ILE E 502 -10.39 -1.78 -23.64
N THR E 503 -11.17 -2.52 -24.42
CA THR E 503 -11.31 -3.95 -24.20
C THR E 503 -11.08 -4.71 -25.49
N PRO E 504 -9.83 -4.82 -25.97
CA PRO E 504 -9.51 -5.24 -27.31
C PRO E 504 -9.59 -6.74 -27.62
N ILE E 505 -10.65 -7.39 -27.19
CA ILE E 505 -10.86 -8.78 -27.53
C ILE E 505 -12.19 -8.91 -28.20
N GLY E 506 -12.21 -9.41 -29.42
CA GLY E 506 -13.47 -9.58 -30.10
C GLY E 506 -13.74 -11.02 -30.48
N LEU E 507 -14.98 -11.29 -30.78
CA LEU E 507 -15.44 -12.62 -31.17
C LEU E 507 -16.23 -12.48 -32.45
N ALA E 508 -16.05 -13.33 -33.45
CA ALA E 508 -16.85 -13.15 -34.66
C ALA E 508 -16.76 -14.42 -35.48
N PRO E 509 -17.85 -14.88 -36.10
CA PRO E 509 -17.86 -16.09 -36.85
C PRO E 509 -16.96 -16.01 -38.04
N THR E 510 -16.13 -17.03 -38.21
CA THR E 510 -15.24 -17.12 -39.34
C THR E 510 -14.78 -18.54 -39.59
N SER E 511 -14.42 -18.86 -40.82
CA SER E 511 -13.89 -20.19 -41.07
C SER E 511 -12.37 -20.16 -41.19
N CYS E 512 -11.70 -20.62 -40.14
CA CYS E 512 -10.25 -20.63 -40.09
C CYS E 512 -9.79 -21.34 -38.85
N LYS E 513 -10.46 -22.42 -38.47
CA LYS E 513 -10.08 -23.09 -37.22
C LYS E 513 -8.77 -23.84 -37.42
N ARG E 514 -8.03 -24.00 -36.34
CA ARG E 514 -6.79 -24.75 -36.35
C ARG E 514 -7.04 -26.20 -36.79
N TYR E 515 -6.20 -26.70 -37.73
CA TYR E 515 -6.20 -28.07 -38.29
C TYR E 515 -7.62 -28.64 -38.51
N GLY F 6 -0.60 7.34 -23.87
CA GLY F 6 -1.35 8.18 -24.78
C GLY F 6 -0.98 7.97 -26.26
N PHE F 7 -0.84 6.68 -26.67
CA PHE F 7 -0.52 6.24 -28.04
C PHE F 7 -1.77 6.29 -28.90
N LEU F 8 -2.88 5.91 -28.27
CA LEU F 8 -4.24 5.89 -28.81
C LEU F 8 -4.39 5.07 -30.11
N GLY F 9 -3.53 4.08 -30.29
CA GLY F 9 -3.53 3.25 -31.48
C GLY F 9 -4.82 2.49 -31.70
N PHE F 10 -5.50 2.09 -30.64
CA PHE F 10 -6.73 1.33 -30.84
C PHE F 10 -7.88 2.20 -31.27
N LEU F 11 -8.01 3.33 -30.62
CA LEU F 11 -9.11 4.20 -30.93
C LEU F 11 -8.97 4.77 -32.33
N ALA F 12 -7.75 4.92 -32.79
CA ALA F 12 -7.49 5.49 -34.09
C ALA F 12 -8.22 4.79 -35.25
N THR F 13 -8.52 3.48 -35.17
CA THR F 13 -9.18 2.81 -36.30
C THR F 13 -10.65 2.49 -35.99
N ALA F 14 -11.15 3.01 -34.89
CA ALA F 14 -12.50 2.73 -34.38
C ALA F 14 -13.61 3.08 -35.35
N GLY F 15 -13.43 4.10 -36.18
CA GLY F 15 -14.48 4.53 -37.09
C GLY F 15 -14.45 3.86 -38.45
N SER F 16 -13.63 2.81 -38.65
CA SER F 16 -13.54 2.20 -39.98
C SER F 16 -14.53 1.03 -40.19
N ALA F 17 -14.07 -0.21 -40.08
CA ALA F 17 -14.95 -1.38 -40.27
C ALA F 17 -14.28 -2.59 -39.66
N MET F 18 -15.07 -3.63 -39.37
CA MET F 18 -14.50 -4.83 -38.82
C MET F 18 -13.49 -5.44 -39.78
N GLY F 19 -13.87 -5.56 -41.04
CA GLY F 19 -13.01 -6.14 -42.05
C GLY F 19 -12.09 -5.08 -42.66
N ALA F 20 -11.36 -4.36 -41.82
CA ALA F 20 -10.56 -3.28 -42.37
C ALA F 20 -9.22 -3.02 -41.74
N ALA F 21 -9.10 -2.92 -40.41
CA ALA F 21 -7.83 -2.42 -39.89
C ALA F 21 -7.47 -2.82 -38.46
N SER F 22 -6.17 -2.65 -38.18
CA SER F 22 -5.53 -2.80 -36.88
C SER F 22 -5.26 -4.21 -36.36
N LEU F 23 -6.01 -4.65 -35.35
CA LEU F 23 -5.73 -5.92 -34.65
C LEU F 23 -4.30 -5.87 -34.11
N THR F 24 -4.07 -4.82 -33.31
CA THR F 24 -2.79 -4.49 -32.70
C THR F 24 -2.59 -5.11 -31.32
N LEU F 25 -1.44 -5.75 -31.09
CA LEU F 25 -1.13 -6.37 -29.81
C LEU F 25 -0.16 -5.55 -28.98
N THR F 26 0.85 -4.98 -29.65
CA THR F 26 1.93 -4.27 -28.96
C THR F 26 1.54 -2.95 -28.32
N ALA F 27 0.40 -2.40 -28.71
CA ALA F 27 -0.08 -1.16 -28.16
C ALA F 27 -0.39 -1.28 -26.68
N GLN F 28 -0.79 -2.48 -26.21
CA GLN F 28 -1.08 -2.58 -24.79
C GLN F 28 0.19 -2.48 -23.97
N SER F 29 1.29 -2.97 -24.53
CA SER F 29 2.55 -2.93 -23.82
C SER F 29 3.02 -1.52 -23.76
N ARG F 30 2.85 -0.79 -24.87
CA ARG F 30 3.30 0.59 -24.89
C ARG F 30 2.53 1.44 -23.90
N THR F 31 1.23 1.19 -23.80
CA THR F 31 0.41 1.95 -22.88
C THR F 31 0.85 1.68 -21.45
N LEU F 32 1.11 0.41 -21.11
CA LEU F 32 1.51 0.08 -19.76
C LEU F 32 2.85 0.70 -19.42
N LEU F 33 3.79 0.69 -20.36
CA LEU F 33 5.10 1.26 -20.11
C LEU F 33 5.02 2.73 -19.85
N ALA F 34 4.22 3.45 -20.62
CA ALA F 34 4.13 4.88 -20.38
C ALA F 34 3.58 5.15 -18.99
N GLY F 35 2.59 4.35 -18.58
CA GLY F 35 1.96 4.49 -17.29
C GLY F 35 2.90 4.23 -16.13
N ILE F 36 3.64 3.13 -16.22
CA ILE F 36 4.54 2.77 -15.15
C ILE F 36 5.64 3.78 -15.02
N VAL F 37 6.21 4.21 -16.12
CA VAL F 37 7.29 5.14 -15.99
C VAL F 37 6.86 6.43 -15.35
N GLN F 38 5.71 6.98 -15.74
CA GLN F 38 5.30 8.23 -15.13
C GLN F 38 4.98 8.08 -13.65
N GLN F 39 4.37 6.95 -13.26
CA GLN F 39 4.09 6.77 -11.85
C GLN F 39 5.38 6.65 -11.07
N GLN F 40 6.38 5.97 -11.63
CA GLN F 40 7.62 5.80 -10.91
C GLN F 40 8.35 7.11 -10.74
N GLN F 41 8.30 7.97 -11.74
CA GLN F 41 8.98 9.23 -11.62
C GLN F 41 8.36 10.03 -10.48
N GLN F 42 7.03 10.02 -10.37
CA GLN F 42 6.44 10.76 -9.25
C GLN F 42 6.70 10.09 -7.92
N LEU F 43 6.69 8.77 -7.86
CA LEU F 43 6.89 8.13 -6.59
C LEU F 43 8.29 8.42 -6.04
N LEU F 44 9.28 8.53 -6.94
CA LEU F 44 10.63 8.89 -6.54
C LEU F 44 10.69 10.36 -6.09
N ASP F 45 9.87 11.21 -6.72
CA ASP F 45 9.77 12.63 -6.43
C ASP F 45 9.03 12.98 -5.11
N VAL F 46 8.00 12.23 -4.72
CA VAL F 46 7.23 12.65 -3.54
C VAL F 46 8.15 12.79 -2.29
N PRO F 47 9.04 11.81 -1.94
CA PRO F 47 9.97 11.80 -0.82
C PRO F 47 10.96 12.96 -0.82
N LYS F 48 11.09 13.68 -1.94
CA LYS F 48 12.00 14.81 -1.99
C LYS F 48 11.49 15.93 -1.09
N ARG F 49 10.18 15.93 -0.81
CA ARG F 49 9.57 16.95 0.02
C ARG F 49 8.73 16.35 1.15
N GLN F 50 8.07 15.21 0.90
CA GLN F 50 7.13 14.63 1.84
C GLN F 50 7.33 13.14 2.06
N GLN F 51 8.04 12.76 3.12
CA GLN F 51 8.27 11.35 3.35
C GLN F 51 7.26 10.71 4.29
N GLU F 52 6.73 11.48 5.21
CA GLU F 52 5.84 10.89 6.20
C GLU F 52 4.47 10.52 5.64
N LEU F 53 3.86 11.41 4.87
CA LEU F 53 2.52 11.16 4.39
C LEU F 53 2.50 10.45 3.06
N LEU F 54 3.02 9.24 3.02
CA LEU F 54 3.06 8.52 1.73
C LEU F 54 1.90 7.55 1.44
N ARG F 55 1.29 6.92 2.45
CA ARG F 55 0.17 6.01 2.20
C ARG F 55 -0.82 6.26 3.29
N LEU F 56 -0.36 7.03 4.26
CA LEU F 56 -1.11 7.37 5.47
C LEU F 56 -2.40 8.10 5.20
N THR F 57 -2.38 8.97 4.21
CA THR F 57 -3.56 9.73 3.92
C THR F 57 -4.18 9.21 2.64
N VAL F 58 -5.47 9.48 2.46
CA VAL F 58 -6.21 8.91 1.35
C VAL F 58 -5.70 9.19 -0.07
N TRP F 59 -5.08 10.31 -0.35
CA TRP F 59 -4.65 10.46 -1.74
C TRP F 59 -3.74 9.31 -2.19
N GLY F 60 -2.98 8.70 -1.26
CA GLY F 60 -2.03 7.68 -1.61
C GLY F 60 -2.68 6.33 -1.74
N THR F 61 -3.92 6.22 -1.31
CA THR F 61 -4.56 4.94 -1.39
C THR F 61 -5.34 4.95 -2.66
N LYS F 62 -5.74 6.15 -3.08
CA LYS F 62 -6.44 6.24 -4.33
C LYS F 62 -5.46 5.99 -5.46
N ASN F 63 -4.23 6.56 -5.35
CA ASN F 63 -3.27 6.32 -6.41
C ASN F 63 -2.86 4.85 -6.41
N LEU F 64 -2.81 4.22 -5.24
CA LEU F 64 -2.46 2.82 -5.18
C LEU F 64 -3.52 1.93 -5.80
N GLN F 65 -4.80 2.19 -5.50
CA GLN F 65 -5.85 1.35 -6.07
C GLN F 65 -5.87 1.51 -7.57
N THR F 66 -5.60 2.72 -8.05
CA THR F 66 -5.62 2.97 -9.46
C THR F 66 -4.53 2.14 -10.14
N ARG F 67 -3.32 2.15 -9.56
CA ARG F 67 -2.23 1.38 -10.15
C ARG F 67 -2.47 -0.11 -10.10
N VAL F 68 -3.00 -0.61 -8.99
CA VAL F 68 -3.24 -2.04 -8.87
C VAL F 68 -4.27 -2.48 -9.87
N THR F 69 -5.34 -1.71 -10.05
CA THR F 69 -6.37 -2.08 -10.99
C THR F 69 -5.77 -2.18 -12.39
N ALA F 70 -4.94 -1.20 -12.79
CA ALA F 70 -4.34 -1.24 -14.12
C ALA F 70 -3.45 -2.48 -14.30
N ILE F 71 -2.71 -2.88 -13.27
CA ILE F 71 -1.86 -4.05 -13.39
C ILE F 71 -2.72 -5.29 -13.54
N GLU F 72 -3.78 -5.38 -12.76
CA GLU F 72 -4.63 -6.54 -12.84
C GLU F 72 -5.24 -6.63 -14.23
N LYS F 73 -5.64 -5.49 -14.80
CA LYS F 73 -6.22 -5.48 -16.13
C LYS F 73 -5.27 -6.00 -17.18
N TYR F 74 -4.03 -5.54 -17.13
CA TYR F 74 -3.05 -6.00 -18.09
C TYR F 74 -2.91 -7.50 -18.05
N LEU F 75 -2.75 -8.02 -16.84
CA LEU F 75 -2.55 -9.44 -16.67
C LEU F 75 -3.80 -10.22 -16.98
N LYS F 76 -4.98 -9.65 -16.74
CA LYS F 76 -6.24 -10.29 -17.01
C LYS F 76 -6.32 -10.65 -18.48
N ASP F 77 -5.99 -9.72 -19.38
CA ASP F 77 -6.07 -10.09 -20.78
C ASP F 77 -5.02 -11.12 -21.14
N GLN F 78 -3.83 -11.03 -20.55
CA GLN F 78 -2.83 -12.01 -20.94
C GLN F 78 -3.23 -13.40 -20.48
N ALA F 79 -3.83 -13.51 -19.30
CA ALA F 79 -4.24 -14.79 -18.78
C ALA F 79 -5.35 -15.39 -19.62
N GLN F 80 -6.29 -14.56 -20.09
CA GLN F 80 -7.35 -15.11 -20.91
C GLN F 80 -6.80 -15.62 -22.22
N LEU F 81 -5.83 -14.89 -22.78
CA LEU F 81 -5.26 -15.34 -24.03
C LEU F 81 -4.47 -16.61 -23.83
N ASN F 82 -3.76 -16.75 -22.70
CA ASN F 82 -3.01 -17.96 -22.52
C ASN F 82 -3.94 -19.15 -22.44
N ALA F 83 -5.12 -18.98 -21.85
CA ALA F 83 -6.07 -20.09 -21.78
C ALA F 83 -6.48 -20.52 -23.17
N TRP F 84 -6.70 -19.55 -24.07
CA TRP F 84 -7.10 -19.75 -25.46
C TRP F 84 -5.93 -20.11 -26.39
N GLY F 85 -4.74 -19.78 -25.92
CA GLY F 85 -3.47 -20.02 -26.57
C GLY F 85 -2.95 -18.85 -27.40
N CYS F 86 -3.80 -17.86 -27.70
CA CYS F 86 -3.35 -16.78 -28.56
C CYS F 86 -2.64 -15.65 -27.90
N ALA F 87 -1.59 -15.95 -27.16
CA ALA F 87 -0.83 -14.87 -26.54
C ALA F 87 -0.28 -13.97 -27.63
N PHE F 88 0.13 -14.60 -28.74
CA PHE F 88 0.66 -13.92 -29.90
C PHE F 88 0.04 -14.45 -31.19
N ARG F 89 -1.27 -14.76 -31.21
CA ARG F 89 -1.83 -15.34 -32.45
C ARG F 89 -2.85 -14.54 -33.26
N GLN F 90 -2.99 -13.23 -33.03
CA GLN F 90 -3.94 -12.46 -33.83
C GLN F 90 -5.37 -12.98 -33.76
N VAL F 91 -5.72 -13.89 -34.68
CA VAL F 91 -7.06 -14.45 -34.82
C VAL F 91 -7.27 -15.75 -34.01
N CYS F 92 -6.19 -16.32 -33.46
CA CYS F 92 -6.22 -17.52 -32.60
C CYS F 92 -6.57 -18.86 -33.27
N CYS F 93 -7.69 -18.89 -34.00
CA CYS F 93 -8.23 -20.06 -34.69
C CYS F 93 -8.80 -21.17 -33.80
N THR F 94 -9.67 -20.82 -32.87
CA THR F 94 -10.30 -21.84 -32.04
C THR F 94 -11.34 -22.60 -32.85
N THR F 95 -11.78 -23.72 -32.28
CA THR F 95 -12.69 -24.66 -32.91
C THR F 95 -14.14 -24.64 -32.41
N VAL F 96 -14.50 -23.69 -31.56
CA VAL F 96 -15.87 -23.63 -31.05
C VAL F 96 -16.80 -22.98 -32.06
N PRO F 97 -17.89 -23.62 -32.49
CA PRO F 97 -18.86 -23.08 -33.43
C PRO F 97 -19.50 -21.82 -32.91
N TRP F 98 -19.80 -20.92 -33.82
CA TRP F 98 -20.48 -19.70 -33.47
C TRP F 98 -21.87 -20.12 -33.00
N PRO F 99 -22.42 -19.58 -31.88
CA PRO F 99 -23.73 -19.96 -31.31
C PRO F 99 -24.92 -20.12 -32.27
N ASN F 100 -25.17 -19.18 -33.23
CA ASN F 100 -26.21 -19.36 -34.25
C ASN F 100 -25.93 -18.51 -35.49
N ALA F 101 -26.52 -18.92 -36.64
CA ALA F 101 -26.38 -18.29 -37.97
C ALA F 101 -27.24 -17.05 -38.09
N SER F 102 -27.99 -16.81 -37.06
CA SER F 102 -28.87 -15.67 -36.99
C SER F 102 -28.09 -14.40 -36.67
N LEU F 103 -26.91 -14.51 -36.04
CA LEU F 103 -26.20 -13.29 -35.70
C LEU F 103 -24.86 -13.28 -36.41
N ILE F 104 -24.80 -12.55 -37.53
CA ILE F 104 -23.64 -12.49 -38.43
C ILE F 104 -23.22 -11.04 -38.66
N PRO F 105 -21.91 -10.71 -38.62
CA PRO F 105 -21.37 -9.39 -38.86
C PRO F 105 -21.40 -8.99 -40.30
N LYS F 106 -21.46 -7.69 -40.53
CA LYS F 106 -21.31 -7.14 -41.86
C LYS F 106 -19.91 -6.59 -41.89
N TRP F 107 -18.99 -7.39 -42.39
CA TRP F 107 -17.58 -7.05 -42.28
C TRP F 107 -17.24 -5.74 -42.97
N ASN F 108 -17.98 -5.40 -44.01
CA ASN F 108 -17.75 -4.17 -44.73
C ASN F 108 -18.63 -2.95 -44.36
N ASN F 109 -19.55 -3.07 -43.36
CA ASN F 109 -20.46 -2.00 -42.93
C ASN F 109 -20.33 -1.65 -41.45
N GLU F 110 -20.17 -2.67 -40.56
CA GLU F 110 -20.10 -2.51 -39.10
C GLU F 110 -18.68 -2.34 -38.62
N THR F 111 -18.53 -1.62 -37.51
CA THR F 111 -17.25 -1.45 -36.85
C THR F 111 -17.18 -2.42 -35.69
N TRP F 112 -16.01 -2.56 -35.09
CA TRP F 112 -15.89 -3.46 -33.96
C TRP F 112 -16.64 -2.96 -32.76
N GLN F 113 -16.79 -1.65 -32.63
CA GLN F 113 -17.53 -1.14 -31.49
C GLN F 113 -18.99 -1.54 -31.60
N GLU F 114 -19.54 -1.38 -32.80
CA GLU F 114 -20.93 -1.70 -33.03
C GLU F 114 -21.20 -3.17 -32.90
N TRP F 115 -20.27 -3.97 -33.41
CA TRP F 115 -20.38 -5.40 -33.36
C TRP F 115 -20.29 -5.97 -31.98
N GLU F 116 -19.31 -5.54 -31.20
CA GLU F 116 -19.16 -6.14 -29.91
C GLU F 116 -20.37 -5.90 -29.03
N ARG F 117 -21.01 -4.76 -29.18
CA ARG F 117 -22.18 -4.51 -28.35
C ARG F 117 -23.40 -5.36 -28.75
N LYS F 118 -23.30 -6.09 -29.86
CA LYS F 118 -24.36 -6.97 -30.30
C LYS F 118 -24.11 -8.42 -29.89
N VAL F 119 -22.95 -8.71 -29.29
CA VAL F 119 -22.64 -10.09 -28.91
C VAL F 119 -22.35 -10.24 -27.42
N ASP F 120 -22.72 -9.24 -26.63
CA ASP F 120 -22.48 -9.26 -25.18
C ASP F 120 -23.19 -10.41 -24.47
N PHE F 121 -24.29 -10.84 -25.03
CA PHE F 121 -25.06 -11.93 -24.47
C PHE F 121 -24.59 -13.26 -25.03
N LEU F 122 -23.60 -13.25 -25.93
CA LEU F 122 -23.09 -14.51 -26.42
C LEU F 122 -21.81 -14.80 -25.66
N GLU F 123 -21.06 -13.72 -25.32
CA GLU F 123 -19.76 -13.83 -24.65
C GLU F 123 -19.87 -14.60 -23.36
N GLU F 124 -20.98 -14.41 -22.66
CA GLU F 124 -21.19 -15.11 -21.40
C GLU F 124 -21.05 -16.64 -21.53
N ASN F 125 -21.57 -17.23 -22.64
CA ASN F 125 -21.52 -18.67 -22.93
C ASN F 125 -20.23 -19.04 -23.67
N ILE F 126 -19.75 -18.14 -24.59
CA ILE F 126 -18.59 -18.35 -25.44
C ILE F 126 -17.32 -18.44 -24.64
N THR F 127 -17.11 -17.58 -23.66
CA THR F 127 -15.86 -17.70 -22.95
C THR F 127 -15.76 -19.09 -22.35
N ALA F 128 -16.83 -19.57 -21.72
CA ALA F 128 -16.80 -20.89 -21.13
C ALA F 128 -16.58 -21.97 -22.17
N LEU F 129 -17.23 -21.83 -23.34
CA LEU F 129 -17.09 -22.84 -24.38
C LEU F 129 -15.69 -22.88 -24.95
N LEU F 130 -15.06 -21.71 -25.10
CA LEU F 130 -13.72 -21.66 -25.64
C LEU F 130 -12.79 -22.34 -24.67
N GLU F 131 -13.01 -22.12 -23.37
CA GLU F 131 -12.16 -22.77 -22.39
C GLU F 131 -12.38 -24.28 -22.40
N GLU F 132 -13.63 -24.74 -22.56
CA GLU F 132 -13.89 -26.18 -22.59
C GLU F 132 -13.23 -26.82 -23.79
N ALA F 133 -13.26 -26.13 -24.94
CA ALA F 133 -12.62 -26.64 -26.13
C ALA F 133 -11.13 -26.76 -25.94
N GLN F 134 -10.55 -25.77 -25.25
CA GLN F 134 -9.13 -25.80 -25.00
C GLN F 134 -8.78 -26.96 -24.11
N ILE F 135 -9.65 -27.26 -23.16
CA ILE F 135 -9.44 -28.36 -22.25
C ILE F 135 -9.47 -29.68 -22.98
N GLN F 136 -10.44 -29.90 -23.86
CA GLN F 136 -10.41 -31.19 -24.55
C GLN F 136 -9.21 -31.30 -25.48
N GLN F 137 -8.83 -30.21 -26.13
CA GLN F 137 -7.69 -30.25 -27.01
C GLN F 137 -6.44 -30.53 -26.21
N GLU F 138 -6.40 -29.96 -25.03
CA GLU F 138 -5.29 -30.14 -24.13
C GLU F 138 -5.15 -31.60 -23.75
N LYS F 139 -6.28 -32.25 -23.44
CA LYS F 139 -6.26 -33.65 -23.08
C LYS F 139 -5.78 -34.50 -24.25
N ASN F 140 -6.19 -34.13 -25.46
CA ASN F 140 -5.80 -34.89 -26.61
C ASN F 140 -4.29 -34.75 -26.83
N MET F 141 -3.77 -33.54 -26.64
CA MET F 141 -2.34 -33.29 -26.81
C MET F 141 -1.53 -34.00 -25.75
N TYR F 142 -2.07 -34.09 -24.52
CA TYR F 142 -1.40 -34.80 -23.44
C TYR F 142 -1.16 -36.23 -23.85
N GLU F 143 -2.22 -36.90 -24.34
CA GLU F 143 -2.10 -38.29 -24.72
C GLU F 143 -1.15 -38.45 -25.91
N LEU F 144 -1.19 -37.54 -26.87
CA LEU F 144 -0.31 -37.66 -28.02
C LEU F 144 1.15 -37.51 -27.62
N GLN F 145 1.42 -36.58 -26.68
CA GLN F 145 2.77 -36.39 -26.20
C GLN F 145 3.25 -37.60 -25.40
N LYS F 146 2.35 -38.19 -24.60
CA LYS F 146 2.65 -39.38 -23.82
C LYS F 146 3.07 -40.57 -24.72
N LEU F 147 2.33 -40.78 -25.86
CA LEU F 147 2.55 -41.81 -26.87
C LEU F 147 3.87 -41.55 -27.61
N GLN G 21 -48.66 28.26 -46.08
CA GLN G 21 -47.34 28.56 -45.53
C GLN G 21 -46.22 28.29 -46.57
N LEU G 22 -46.09 27.02 -47.06
CA LEU G 22 -45.04 26.62 -48.03
C LEU G 22 -45.53 26.47 -49.45
N GLN G 23 -44.98 27.30 -50.33
CA GLN G 23 -45.35 27.24 -51.74
C GLN G 23 -44.13 26.97 -52.62
N GLU G 24 -44.06 25.80 -53.25
CA GLU G 24 -42.88 25.53 -54.05
C GLU G 24 -43.05 26.08 -55.47
N SER G 25 -42.00 25.98 -56.28
CA SER G 25 -42.03 26.45 -57.67
C SER G 25 -40.81 26.08 -58.51
N GLY G 26 -41.03 25.79 -59.78
CA GLY G 26 -39.90 25.59 -60.69
C GLY G 26 -40.35 24.96 -62.00
N PRO G 27 -39.43 24.78 -62.97
CA PRO G 27 -39.68 24.23 -64.27
C PRO G 27 -40.25 22.85 -64.17
N GLY G 28 -41.26 22.54 -64.98
CA GLY G 28 -41.82 21.20 -64.98
C GLY G 28 -40.92 20.26 -65.76
N VAL G 29 -40.23 20.80 -66.77
CA VAL G 29 -39.37 19.97 -67.58
C VAL G 29 -37.97 20.53 -67.66
N VAL G 30 -37.03 19.67 -67.37
CA VAL G 30 -35.62 19.96 -67.42
C VAL G 30 -34.96 18.88 -68.25
N ARG G 31 -33.75 19.12 -68.75
CA ARG G 31 -33.10 18.10 -69.55
C ARG G 31 -32.01 17.34 -68.79
N PRO G 32 -31.64 16.15 -69.26
CA PRO G 32 -30.56 15.37 -68.75
C PRO G 32 -29.31 16.21 -68.80
N SER G 33 -28.47 16.03 -67.79
CA SER G 33 -27.20 16.71 -67.59
C SER G 33 -27.33 18.19 -67.25
N GLN G 34 -28.55 18.69 -67.06
CA GLN G 34 -28.73 20.07 -66.65
C GLN G 34 -28.87 20.14 -65.15
N THR G 35 -28.98 21.36 -64.64
CA THR G 35 -29.22 21.54 -63.22
C THR G 35 -30.64 22.02 -62.99
N LEU G 36 -31.33 21.34 -62.09
CA LEU G 36 -32.68 21.67 -61.72
C LEU G 36 -32.69 22.62 -60.58
N SER G 37 -33.57 23.61 -60.63
CA SER G 37 -33.71 24.47 -59.48
C SER G 37 -35.16 24.53 -59.08
N LEU G 38 -35.36 24.62 -57.77
CA LEU G 38 -36.69 24.75 -57.15
C LEU G 38 -36.67 25.72 -55.99
N THR G 39 -37.58 26.69 -56.02
CA THR G 39 -37.60 27.70 -54.95
C THR G 39 -38.92 27.76 -54.22
N CYS G 40 -38.86 27.65 -52.91
CA CYS G 40 -40.04 27.68 -52.08
C CYS G 40 -40.16 28.90 -51.21
N ALA G 41 -41.32 29.54 -51.30
CA ALA G 41 -41.57 30.73 -50.53
C ALA G 41 -42.32 30.40 -49.25
N VAL G 42 -42.02 31.16 -48.21
CA VAL G 42 -42.70 31.05 -46.94
C VAL G 42 -43.63 32.24 -46.78
N SER G 43 -44.92 31.96 -46.61
CA SER G 43 -45.96 32.96 -46.50
C SER G 43 -46.51 33.13 -45.10
N GLY G 44 -46.36 34.34 -44.55
CA GLY G 44 -46.82 34.66 -43.20
C GLY G 44 -45.73 34.44 -42.16
N ASP G 45 -44.58 33.99 -42.63
CA ASP G 45 -43.45 33.72 -41.79
C ASP G 45 -42.20 33.95 -42.62
N THR G 46 -41.05 33.74 -42.03
CA THR G 46 -39.76 33.96 -42.69
C THR G 46 -38.91 32.71 -42.69
N VAL G 47 -37.69 32.83 -43.19
CA VAL G 47 -36.81 31.66 -43.24
C VAL G 47 -35.75 31.72 -42.17
N SER G 48 -35.73 32.84 -41.47
CA SER G 48 -34.81 33.11 -40.37
C SER G 48 -35.43 32.83 -38.99
N SER G 49 -36.65 32.31 -38.96
CA SER G 49 -37.30 32.04 -37.68
C SER G 49 -36.52 30.97 -36.97
N CYS G 50 -36.38 31.12 -35.66
CA CYS G 50 -35.61 30.23 -34.82
C CYS G 50 -36.10 28.81 -34.67
N CYS G 51 -35.12 27.90 -34.68
CA CYS G 51 -35.29 26.46 -34.49
C CYS G 51 -36.14 25.74 -35.53
N PHE G 52 -35.98 26.07 -36.80
CA PHE G 52 -36.68 25.38 -37.87
C PHE G 52 -35.71 24.95 -38.93
N PHE G 53 -36.07 23.94 -39.69
CA PHE G 53 -35.20 23.55 -40.77
C PHE G 53 -35.98 23.60 -42.06
N TRP G 54 -35.35 24.02 -43.12
CA TRP G 54 -36.06 24.01 -44.37
C TRP G 54 -35.58 22.80 -45.11
N THR G 55 -36.48 21.87 -45.35
CA THR G 55 -36.07 20.63 -45.94
C THR G 55 -36.78 20.32 -47.20
N TRP G 56 -36.17 19.40 -47.94
CA TRP G 56 -36.77 18.86 -49.15
C TRP G 56 -36.73 17.34 -49.17
N ILE G 57 -37.78 16.76 -49.73
CA ILE G 57 -37.84 15.33 -49.98
C ILE G 57 -38.24 15.15 -51.44
N ARG G 58 -38.09 13.94 -51.95
CA ARG G 58 -38.58 13.60 -53.28
C ARG G 58 -39.50 12.40 -53.25
N GLN G 59 -40.45 12.38 -54.18
CA GLN G 59 -41.28 11.22 -54.37
C GLN G 59 -41.41 10.85 -55.83
N PRO G 60 -40.55 9.97 -56.36
CA PRO G 60 -40.54 9.55 -57.75
C PRO G 60 -41.93 8.97 -57.99
N PRO G 61 -42.52 9.07 -59.18
CA PRO G 61 -43.83 8.54 -59.43
C PRO G 61 -43.83 7.05 -59.10
N GLY G 62 -44.85 6.61 -58.36
CA GLY G 62 -44.99 5.20 -58.01
C GLY G 62 -44.14 4.76 -56.82
N LYS G 63 -43.37 5.68 -56.25
CA LYS G 63 -42.48 5.37 -55.15
C LYS G 63 -42.86 6.04 -53.85
N GLY G 64 -42.11 5.70 -52.80
CA GLY G 64 -42.31 6.27 -51.48
C GLY G 64 -41.53 7.55 -51.36
N LEU G 65 -41.33 8.00 -50.14
CA LEU G 65 -40.71 9.28 -49.90
C LEU G 65 -39.22 9.13 -49.66
N GLU G 66 -38.41 10.06 -50.16
CA GLU G 66 -36.97 10.10 -49.93
C GLU G 66 -36.48 11.43 -49.41
N TRP G 67 -35.83 11.47 -48.27
CA TRP G 67 -35.32 12.76 -47.81
C TRP G 67 -34.08 13.11 -48.60
N ILE G 68 -33.94 14.36 -49.05
CA ILE G 68 -32.74 14.74 -49.79
C ILE G 68 -31.86 15.74 -49.08
N GLY G 69 -32.45 16.66 -48.32
CA GLY G 69 -31.59 17.62 -47.65
C GLY G 69 -32.29 18.60 -46.71
N ASN G 70 -31.46 19.28 -45.94
CA ASN G 70 -31.84 20.20 -44.88
C ASN G 70 -30.94 21.42 -44.62
N ILE G 71 -31.51 22.64 -44.61
CA ILE G 71 -30.74 23.83 -44.19
C ILE G 71 -31.35 24.40 -42.89
N TYR G 72 -30.50 24.70 -41.90
CA TYR G 72 -31.00 25.20 -40.61
C TYR G 72 -31.23 26.72 -40.62
N SER G 73 -32.39 27.16 -40.16
CA SER G 73 -32.74 28.58 -40.22
C SER G 73 -31.83 29.56 -39.49
N ASP G 74 -31.23 29.14 -38.39
CA ASP G 74 -30.40 30.06 -37.59
C ASP G 74 -28.92 29.96 -37.90
N ASN G 75 -28.56 29.21 -38.92
CA ASN G 75 -27.16 29.05 -39.21
C ASN G 75 -26.98 28.82 -40.70
N ASP G 76 -25.73 28.64 -41.14
CA ASP G 76 -25.46 28.39 -42.55
C ASP G 76 -25.14 26.92 -42.77
N ASN G 77 -25.46 26.12 -41.76
CA ASN G 77 -25.21 24.70 -41.77
C ASN G 77 -26.26 23.91 -42.51
N THR G 78 -25.80 22.91 -43.24
CA THR G 78 -26.67 22.02 -43.97
C THR G 78 -26.37 20.57 -43.65
N ASN G 79 -27.32 19.72 -43.99
CA ASN G 79 -27.26 18.28 -43.82
C ASN G 79 -27.87 17.60 -45.06
N TYR G 80 -27.08 16.81 -45.78
CA TYR G 80 -27.60 16.22 -47.01
C TYR G 80 -27.57 14.70 -47.00
N ASN G 81 -28.51 14.11 -47.74
CA ASN G 81 -28.53 12.68 -47.93
C ASN G 81 -27.27 12.32 -48.69
N PRO G 82 -26.40 11.46 -48.17
CA PRO G 82 -25.14 11.06 -48.77
C PRO G 82 -25.26 10.62 -50.22
N SER G 83 -26.41 10.09 -50.65
CA SER G 83 -26.52 9.65 -52.04
C SER G 83 -26.40 10.80 -53.04
N LEU G 84 -26.66 12.01 -52.60
CA LEU G 84 -26.56 13.19 -53.42
C LEU G 84 -25.45 14.10 -52.94
N LYS G 85 -24.50 13.57 -52.18
CA LYS G 85 -23.45 14.41 -51.61
C LYS G 85 -22.77 15.38 -52.58
N THR G 86 -22.56 14.97 -53.83
CA THR G 86 -21.90 15.82 -54.80
C THR G 86 -22.86 16.44 -55.82
N ARG G 87 -24.16 16.15 -55.65
CA ARG G 87 -25.19 16.60 -56.57
C ARG G 87 -26.17 17.64 -56.03
N ILE G 88 -26.36 17.67 -54.71
CA ILE G 88 -27.38 18.55 -54.11
C ILE G 88 -26.79 19.74 -53.35
N SER G 89 -27.42 20.89 -53.54
CA SER G 89 -27.05 22.09 -52.82
C SER G 89 -28.30 22.87 -52.37
N ILE G 90 -28.30 23.28 -51.10
CA ILE G 90 -29.40 24.04 -50.50
C ILE G 90 -28.95 25.37 -49.93
N SER G 91 -29.72 26.41 -50.22
CA SER G 91 -29.46 27.75 -49.72
C SER G 91 -30.74 28.47 -49.34
N LYS G 92 -30.60 29.57 -48.59
CA LYS G 92 -31.74 30.37 -48.15
C LYS G 92 -31.50 31.86 -48.40
N ASP G 93 -32.58 32.61 -48.59
CA ASP G 93 -32.51 34.05 -48.80
C ASP G 93 -33.57 34.79 -47.98
N MET G 94 -33.10 35.42 -46.92
CA MET G 94 -33.93 36.07 -45.93
C MET G 94 -34.66 37.30 -46.44
N SER G 95 -34.22 37.85 -47.56
CA SER G 95 -34.87 39.05 -48.08
C SER G 95 -36.10 38.68 -48.89
N LYS G 96 -36.24 37.40 -49.21
CA LYS G 96 -37.33 36.91 -50.02
C LYS G 96 -38.24 35.98 -49.25
N ASN G 97 -37.78 35.51 -48.08
CA ASN G 97 -38.46 34.48 -47.30
C ASN G 97 -38.54 33.23 -48.16
N GLN G 98 -37.44 32.96 -48.83
CA GLN G 98 -37.35 31.81 -49.71
C GLN G 98 -36.16 30.92 -49.43
N PHE G 99 -36.30 29.67 -49.82
CA PHE G 99 -35.19 28.73 -49.78
C PHE G 99 -35.24 27.88 -51.03
N SER G 100 -34.10 27.35 -51.43
CA SER G 100 -34.08 26.60 -52.67
C SER G 100 -33.05 25.51 -52.82
N LEU G 101 -33.36 24.64 -53.79
CA LEU G 101 -32.53 23.56 -54.28
C LEU G 101 -31.86 23.81 -55.59
N LYS G 102 -30.69 23.22 -55.71
CA LYS G 102 -30.02 23.04 -56.97
C LYS G 102 -29.61 21.57 -57.03
N LEU G 103 -30.04 20.87 -58.07
CA LEU G 103 -29.66 19.46 -58.25
C LEU G 103 -28.95 19.29 -59.59
N ASN G 104 -27.67 18.95 -59.55
CA ASN G 104 -26.92 18.90 -60.81
C ASN G 104 -26.94 17.51 -61.42
N SER G 105 -26.38 17.41 -62.64
CA SER G 105 -26.24 16.15 -63.35
C SER G 105 -27.54 15.36 -63.43
N LEU G 106 -28.62 16.01 -63.85
CA LEU G 106 -29.92 15.36 -63.90
C LEU G 106 -30.02 14.15 -64.82
N THR G 107 -30.76 13.17 -64.34
CA THR G 107 -31.04 11.97 -65.10
C THR G 107 -32.51 11.56 -65.06
N ALA G 108 -32.84 10.50 -65.75
CA ALA G 108 -34.23 10.03 -65.83
C ALA G 108 -34.81 9.65 -64.47
N THR G 109 -33.96 9.15 -63.60
CA THR G 109 -34.37 8.65 -62.30
C THR G 109 -34.61 9.78 -61.31
N ASP G 110 -34.37 11.02 -61.72
CA ASP G 110 -34.60 12.16 -60.86
C ASP G 110 -36.01 12.71 -61.05
N THR G 111 -36.81 12.05 -61.90
CA THR G 111 -38.18 12.51 -62.04
C THR G 111 -38.84 12.24 -60.71
N ALA G 112 -39.43 13.27 -60.13
CA ALA G 112 -40.05 13.14 -58.82
C ALA G 112 -40.88 14.31 -58.47
N ILE G 113 -41.73 14.14 -57.48
CA ILE G 113 -42.39 15.28 -56.93
C ILE G 113 -41.49 15.80 -55.85
N TYR G 114 -41.12 17.05 -55.95
CA TYR G 114 -40.25 17.65 -54.96
C TYR G 114 -41.12 18.36 -53.96
N TYR G 115 -40.89 18.11 -52.68
CA TYR G 115 -41.71 18.75 -51.65
C TYR G 115 -40.89 19.43 -50.59
N CYS G 116 -41.44 20.52 -50.07
CA CYS G 116 -40.85 21.18 -48.91
C CYS G 116 -41.53 20.87 -47.61
N ALA G 117 -40.75 20.99 -46.54
CA ALA G 117 -41.26 20.85 -45.19
C ALA G 117 -40.45 21.70 -44.20
N ARG G 118 -41.06 22.04 -43.06
CA ARG G 118 -40.39 22.88 -42.03
C ARG G 118 -39.65 22.10 -40.91
N GLU G 119 -39.99 20.83 -40.74
CA GLU G 119 -39.38 19.94 -39.76
C GLU G 119 -39.28 20.55 -38.37
N SER G 120 -40.38 21.01 -37.84
CA SER G 120 -40.34 21.65 -36.56
C SER G 120 -39.85 20.65 -35.50
N PRO G 121 -38.94 21.04 -34.60
CA PRO G 121 -38.50 20.28 -33.48
C PRO G 121 -39.55 20.34 -32.42
N SER G 122 -39.63 19.34 -31.58
CA SER G 122 -40.48 19.51 -30.42
C SER G 122 -39.59 20.03 -29.34
N ARG G 123 -39.69 21.31 -29.06
CA ARG G 123 -38.78 21.90 -28.09
C ARG G 123 -39.27 21.48 -26.74
N GLY G 124 -38.37 21.41 -25.78
CA GLY G 124 -38.82 21.02 -24.45
C GLY G 124 -37.91 20.02 -23.79
N ASN G 125 -38.43 19.35 -22.80
CA ASN G 125 -37.65 18.43 -21.99
C ASN G 125 -37.21 17.15 -22.70
N PHE G 126 -37.60 16.95 -23.94
CA PHE G 126 -37.11 15.82 -24.71
C PHE G 126 -36.11 16.17 -25.83
N CYS G 127 -35.79 17.47 -26.02
CA CYS G 127 -34.93 17.99 -27.08
C CYS G 127 -33.64 18.51 -26.47
N TYR G 128 -32.53 17.94 -26.86
CA TYR G 128 -31.29 18.31 -26.24
C TYR G 128 -30.43 19.16 -27.16
N ALA G 129 -30.57 18.88 -28.45
CA ALA G 129 -29.82 19.57 -29.48
C ALA G 129 -30.61 19.51 -30.76
N TYR G 130 -30.46 20.48 -31.65
CA TYR G 130 -31.21 20.37 -32.89
C TYR G 130 -30.45 19.55 -33.92
N LEU G 131 -30.32 18.27 -33.61
CA LEU G 131 -29.57 17.29 -34.37
C LEU G 131 -30.41 16.05 -34.59
N TYR G 132 -30.16 15.31 -35.66
CA TYR G 132 -30.92 14.08 -35.76
C TYR G 132 -30.44 13.18 -34.66
N GLY G 133 -31.37 12.54 -33.98
CA GLY G 133 -31.06 11.61 -32.90
C GLY G 133 -31.05 12.26 -31.52
N ASN G 134 -31.05 13.59 -31.45
CA ASN G 134 -31.04 14.27 -30.15
C ASN G 134 -32.24 15.21 -29.87
N CYS G 135 -33.35 15.10 -30.63
CA CYS G 135 -34.54 15.95 -30.51
C CYS G 135 -35.65 15.30 -31.31
N PRO G 136 -36.90 15.27 -30.83
CA PRO G 136 -38.01 14.86 -31.63
C PRO G 136 -38.03 15.83 -32.79
N LEU G 137 -38.18 15.35 -34.00
CA LEU G 137 -38.22 16.18 -35.18
C LEU G 137 -39.27 15.62 -36.10
N HIS G 138 -40.16 16.45 -36.58
CA HIS G 138 -41.17 15.96 -37.50
C HIS G 138 -41.67 16.97 -38.51
N PHE G 139 -42.12 16.47 -39.65
CA PHE G 139 -42.60 17.37 -40.67
C PHE G 139 -44.07 17.67 -40.47
N ASP G 140 -44.35 18.65 -39.62
CA ASP G 140 -45.71 19.02 -39.31
C ASP G 140 -46.28 19.79 -40.47
N LEU G 141 -45.45 20.60 -41.07
CA LEU G 141 -45.82 21.43 -42.18
C LEU G 141 -45.20 21.01 -43.48
N TRP G 142 -46.07 20.82 -44.48
CA TRP G 142 -45.71 20.43 -45.83
C TRP G 142 -46.22 21.41 -46.86
N GLY G 143 -45.51 21.50 -47.97
CA GLY G 143 -45.92 22.31 -49.10
C GLY G 143 -46.85 21.54 -50.05
N GLN G 144 -46.95 21.99 -51.30
CA GLN G 144 -47.88 21.39 -52.25
C GLN G 144 -47.27 20.29 -53.08
N GLY G 145 -46.02 20.51 -53.48
CA GLY G 145 -45.28 19.56 -54.32
C GLY G 145 -45.20 19.94 -55.79
N VAL G 146 -43.99 19.86 -56.35
CA VAL G 146 -43.77 20.19 -57.76
C VAL G 146 -43.27 18.99 -58.52
N LEU G 147 -43.99 18.59 -59.55
CA LEU G 147 -43.52 17.44 -60.30
C LEU G 147 -42.60 17.85 -61.41
N VAL G 148 -41.40 17.33 -61.33
CA VAL G 148 -40.37 17.64 -62.28
C VAL G 148 -39.99 16.41 -63.06
N THR G 149 -40.04 16.55 -64.37
CA THR G 149 -39.69 15.51 -65.32
C THR G 149 -38.39 15.81 -66.00
N VAL G 150 -37.52 14.80 -66.04
CA VAL G 150 -36.26 14.98 -66.74
C VAL G 150 -36.44 14.26 -68.08
N SER G 151 -36.33 15.00 -69.17
CA SER G 151 -36.60 14.46 -70.50
C SER G 151 -35.89 15.27 -71.58
N SER G 152 -35.81 14.75 -72.82
CA SER G 152 -35.21 15.41 -73.99
C SER G 152 -36.21 16.34 -74.71
N ASP H 20 -26.99 3.03 -42.89
CA ASP H 20 -28.26 3.64 -42.49
C ASP H 20 -29.18 2.58 -41.85
N ILE H 21 -30.38 3.02 -41.38
CA ILE H 21 -31.39 2.17 -40.77
C ILE H 21 -32.41 1.77 -41.80
N LEU H 22 -32.63 0.48 -41.94
CA LEU H 22 -33.62 0.00 -42.88
C LEU H 22 -34.93 -0.14 -42.16
N LEU H 23 -35.90 0.60 -42.64
CA LEU H 23 -37.22 0.64 -42.08
C LEU H 23 -38.19 0.00 -43.07
N THR H 24 -38.92 -1.01 -42.59
CA THR H 24 -39.83 -1.74 -43.44
C THR H 24 -41.24 -1.70 -42.86
N GLN H 25 -42.24 -2.03 -43.68
CA GLN H 25 -43.61 -1.97 -43.17
C GLN H 25 -44.44 -3.19 -43.59
N SER H 26 -45.41 -3.55 -42.75
CA SER H 26 -46.30 -4.67 -43.03
C SER H 26 -47.68 -4.57 -42.34
N PRO H 27 -48.77 -4.97 -43.02
CA PRO H 27 -48.95 -5.45 -44.38
C PRO H 27 -48.67 -4.36 -45.36
N SER H 28 -48.26 -4.70 -46.58
CA SER H 28 -48.05 -3.69 -47.60
C SER H 28 -49.36 -3.12 -48.11
N SER H 29 -50.40 -3.91 -48.02
CA SER H 29 -51.74 -3.55 -48.44
C SER H 29 -52.73 -4.28 -47.58
N LEU H 30 -53.60 -3.53 -46.94
CA LEU H 30 -54.60 -4.07 -46.07
C LEU H 30 -55.90 -3.29 -46.23
N SER H 31 -57.00 -3.92 -45.90
CA SER H 31 -58.27 -3.25 -46.01
C SER H 31 -59.21 -3.80 -44.97
N GLY H 32 -60.31 -3.10 -44.80
CA GLY H 32 -61.34 -3.50 -43.88
C GLY H 32 -62.51 -2.58 -44.06
N SER H 33 -63.57 -2.83 -43.32
CA SER H 33 -64.75 -2.04 -43.46
C SER H 33 -64.71 -0.82 -42.61
N VAL H 34 -65.57 0.11 -42.93
CA VAL H 34 -65.68 1.29 -42.13
C VAL H 34 -66.27 0.82 -40.82
N GLY H 35 -65.64 1.22 -39.74
CA GLY H 35 -66.01 0.83 -38.41
C GLY H 35 -65.11 -0.29 -37.84
N ASP H 36 -64.24 -0.91 -38.66
CA ASP H 36 -63.39 -1.95 -38.10
C ASP H 36 -62.13 -1.39 -37.43
N ARG H 37 -61.35 -2.30 -36.84
CA ARG H 37 -60.09 -1.95 -36.19
C ARG H 37 -58.92 -2.18 -37.12
N VAL H 38 -58.13 -1.14 -37.37
CA VAL H 38 -57.02 -1.28 -38.31
C VAL H 38 -55.66 -0.96 -37.74
N THR H 39 -54.71 -1.88 -37.93
CA THR H 39 -53.35 -1.59 -37.47
C THR H 39 -52.29 -1.84 -38.54
N ILE H 40 -51.23 -1.03 -38.48
CA ILE H 40 -50.04 -1.13 -39.34
C ILE H 40 -48.78 -1.26 -38.50
N THR H 41 -47.92 -2.22 -38.84
CA THR H 41 -46.69 -2.39 -38.06
C THR H 41 -45.44 -2.01 -38.88
N CYS H 42 -44.54 -1.21 -38.27
CA CYS H 42 -43.25 -0.80 -38.82
C CYS H 42 -42.12 -1.44 -38.02
N ARG H 43 -41.11 -1.90 -38.73
CA ARG H 43 -39.99 -2.58 -38.14
C ARG H 43 -38.68 -1.99 -38.57
N ALA H 44 -37.68 -2.08 -37.71
CA ALA H 44 -36.37 -1.56 -38.09
C ALA H 44 -35.25 -2.54 -37.87
N SER H 45 -34.24 -2.44 -38.74
CA SER H 45 -33.02 -3.25 -38.68
C SER H 45 -32.09 -2.85 -37.53
N GLN H 46 -32.31 -1.66 -37.01
CA GLN H 46 -31.55 -1.09 -35.91
C GLN H 46 -32.57 -0.53 -34.97
N GLY H 47 -32.26 -0.46 -33.69
CA GLY H 47 -33.23 0.17 -32.81
C GLY H 47 -33.26 1.67 -33.02
N ILE H 48 -34.44 2.22 -32.88
CA ILE H 48 -34.76 3.63 -32.92
C ILE H 48 -35.23 3.93 -31.50
N ASN H 49 -34.64 4.88 -30.80
CA ASN H 49 -35.08 4.98 -29.40
C ASN H 49 -36.58 5.22 -29.26
N SER H 50 -37.10 6.16 -30.03
CA SER H 50 -38.52 6.47 -30.02
C SER H 50 -38.77 7.38 -31.16
N TYR H 51 -37.70 7.72 -31.86
CA TYR H 51 -37.77 8.68 -32.93
C TYR H 51 -38.36 8.17 -34.23
N LEU H 52 -39.64 7.78 -34.18
CA LEU H 52 -40.32 7.33 -35.39
C LEU H 52 -41.57 8.19 -35.65
N ASN H 53 -41.73 8.69 -36.86
CA ASN H 53 -42.91 9.46 -37.20
C ASN H 53 -43.81 8.70 -38.16
N TRP H 54 -45.11 8.98 -38.13
CA TRP H 54 -46.04 8.42 -39.09
C TRP H 54 -46.64 9.53 -39.91
N TYR H 55 -46.77 9.30 -41.21
CA TYR H 55 -47.38 10.26 -42.12
C TYR H 55 -48.52 9.65 -42.91
N GLN H 56 -49.54 10.44 -43.16
CA GLN H 56 -50.69 10.00 -43.94
C GLN H 56 -50.75 10.73 -45.28
N GLN H 57 -50.55 10.02 -46.38
CA GLN H 57 -50.57 10.63 -47.69
C GLN H 57 -51.70 10.13 -48.57
N LYS H 58 -52.54 11.05 -49.01
CA LYS H 58 -53.62 10.65 -49.87
C LYS H 58 -53.17 10.97 -51.29
N PRO H 59 -53.65 10.28 -52.32
CA PRO H 59 -53.26 10.51 -53.69
C PRO H 59 -53.47 11.94 -54.11
N GLY H 60 -52.45 12.49 -54.77
CA GLY H 60 -52.48 13.85 -55.28
C GLY H 60 -52.09 14.91 -54.26
N LYS H 61 -51.78 14.50 -53.03
CA LYS H 61 -51.45 15.47 -51.97
C LYS H 61 -50.11 15.21 -51.30
N ALA H 62 -49.55 16.26 -50.68
CA ALA H 62 -48.34 16.08 -49.90
C ALA H 62 -48.73 15.25 -48.67
N PRO H 63 -47.84 14.45 -48.09
CA PRO H 63 -48.06 13.71 -46.86
C PRO H 63 -48.28 14.68 -45.73
N LYS H 64 -49.03 14.28 -44.71
CA LYS H 64 -49.12 15.13 -43.53
C LYS H 64 -48.76 14.33 -42.30
N LEU H 65 -48.24 14.99 -41.28
CA LEU H 65 -47.89 14.28 -40.08
C LEU H 65 -49.10 13.79 -39.35
N LEU H 66 -49.09 12.53 -38.98
CA LEU H 66 -50.20 11.93 -38.29
C LEU H 66 -49.86 11.80 -36.81
N ILE H 67 -48.73 11.14 -36.55
CA ILE H 67 -48.19 10.85 -35.20
C ILE H 67 -46.70 11.16 -35.16
N TYR H 68 -46.20 11.66 -34.04
CA TYR H 68 -44.78 11.91 -33.94
C TYR H 68 -44.13 11.34 -32.68
N PHE H 69 -42.82 11.11 -32.81
CA PHE H 69 -41.96 10.62 -31.72
C PHE H 69 -42.52 9.33 -31.10
N ALA H 70 -43.09 8.49 -31.98
CA ALA H 70 -43.71 7.19 -31.74
C ALA H 70 -44.83 7.19 -30.69
N ASN H 71 -45.30 8.36 -30.27
CA ASN H 71 -46.30 8.35 -29.19
C ASN H 71 -47.35 9.45 -29.21
N ARG H 72 -47.07 10.58 -29.83
CA ARG H 72 -47.97 11.70 -29.69
C ARG H 72 -48.73 12.01 -30.95
N LEU H 73 -50.00 12.25 -30.76
CA LEU H 73 -50.84 12.56 -31.89
C LEU H 73 -50.59 14.01 -32.31
N GLN H 74 -50.49 14.25 -33.60
CA GLN H 74 -50.33 15.61 -34.07
C GLN H 74 -51.62 16.39 -33.92
N SER H 75 -51.53 17.56 -33.34
CA SER H 75 -52.75 18.35 -33.18
C SER H 75 -53.43 18.58 -34.51
N GLY H 76 -54.75 18.44 -34.52
CA GLY H 76 -55.57 18.60 -35.70
C GLY H 76 -55.95 17.24 -36.29
N VAL H 77 -55.27 16.20 -35.86
CA VAL H 77 -55.53 14.85 -36.30
C VAL H 77 -56.59 14.27 -35.38
N PRO H 78 -57.66 13.65 -35.89
CA PRO H 78 -58.72 13.05 -35.13
C PRO H 78 -58.19 12.04 -34.12
N SER H 79 -58.86 11.99 -32.97
CA SER H 79 -58.54 11.16 -31.81
C SER H 79 -58.61 9.66 -32.05
N ARG H 80 -59.20 9.27 -33.17
CA ARG H 80 -59.28 7.86 -33.52
C ARG H 80 -57.90 7.32 -33.87
N PHE H 81 -56.94 8.20 -34.18
CA PHE H 81 -55.61 7.76 -34.49
C PHE H 81 -54.78 7.72 -33.23
N SER H 82 -54.00 6.67 -33.08
CA SER H 82 -53.12 6.51 -31.94
C SER H 82 -51.99 5.59 -32.30
N GLY H 83 -51.02 5.45 -31.42
CA GLY H 83 -49.93 4.54 -31.69
C GLY H 83 -48.95 4.52 -30.55
N SER H 84 -48.01 3.60 -30.65
CA SER H 84 -46.96 3.40 -29.65
C SER H 84 -45.82 2.60 -30.25
N GLY H 85 -44.71 2.51 -29.55
CA GLY H 85 -43.62 1.68 -30.03
C GLY H 85 -42.27 2.10 -29.49
N SER H 86 -41.29 1.22 -29.66
CA SER H 86 -39.93 1.46 -29.20
C SER H 86 -38.98 0.49 -29.86
N GLY H 87 -37.68 0.74 -29.74
CA GLY H 87 -36.74 -0.26 -30.23
C GLY H 87 -36.90 -0.49 -31.71
N THR H 88 -37.17 -1.72 -32.10
CA THR H 88 -37.32 -2.10 -33.48
C THR H 88 -38.74 -2.38 -33.92
N GLU H 89 -39.74 -2.14 -33.05
CA GLU H 89 -41.13 -2.41 -33.42
C GLU H 89 -42.11 -1.31 -33.02
N PHE H 90 -42.83 -0.79 -34.01
CA PHE H 90 -43.79 0.29 -33.81
C PHE H 90 -45.16 0.05 -34.46
N THR H 91 -46.23 0.51 -33.80
CA THR H 91 -47.58 0.35 -34.34
C THR H 91 -48.46 1.59 -34.43
N LEU H 92 -49.16 1.68 -35.58
CA LEU H 92 -50.20 2.68 -35.84
C LEU H 92 -51.54 2.02 -35.75
N THR H 93 -52.45 2.63 -35.01
CA THR H 93 -53.79 2.10 -34.86
C THR H 93 -54.88 3.13 -35.20
N ILE H 94 -55.89 2.67 -35.93
CA ILE H 94 -57.08 3.49 -36.16
C ILE H 94 -58.15 2.73 -35.38
N SER H 95 -58.70 3.35 -34.34
CA SER H 95 -59.63 2.61 -33.50
C SER H 95 -60.90 2.18 -34.21
N SER H 96 -61.34 2.99 -35.17
CA SER H 96 -62.51 2.76 -36.00
C SER H 96 -62.23 3.35 -37.38
N LEU H 97 -62.07 2.50 -38.37
CA LEU H 97 -61.72 2.97 -39.72
C LEU H 97 -62.81 3.82 -40.32
N GLN H 98 -62.45 4.96 -40.88
CA GLN H 98 -63.44 5.80 -41.53
C GLN H 98 -63.34 5.65 -43.04
N SER H 99 -64.41 6.01 -43.74
CA SER H 99 -64.44 5.94 -45.21
C SER H 99 -63.45 6.91 -45.85
N GLU H 100 -63.01 7.88 -45.06
CA GLU H 100 -62.08 8.90 -45.47
C GLU H 100 -60.63 8.55 -45.16
N ASP H 101 -60.37 7.39 -44.56
CA ASP H 101 -59.00 7.03 -44.16
C ASP H 101 -58.21 6.25 -45.18
N GLY H 102 -58.75 6.05 -46.37
CA GLY H 102 -57.94 5.37 -47.33
C GLY H 102 -56.76 6.29 -47.61
N ALA H 103 -55.56 5.76 -47.47
CA ALA H 103 -54.33 6.55 -47.62
C ALA H 103 -53.12 5.66 -47.62
N THR H 104 -51.98 6.19 -48.03
CA THR H 104 -50.76 5.46 -47.86
C THR H 104 -50.12 5.96 -46.58
N TYR H 105 -49.82 5.06 -45.69
CA TYR H 105 -49.23 5.45 -44.44
C TYR H 105 -47.75 5.15 -44.46
N TYR H 106 -46.94 6.12 -44.09
CA TYR H 106 -45.50 5.93 -44.10
C TYR H 106 -44.88 6.08 -42.74
N CYS H 107 -43.81 5.31 -42.48
CA CYS H 107 -42.96 5.45 -41.29
C CYS H 107 -41.67 6.15 -41.62
N GLN H 108 -41.25 7.01 -40.72
CA GLN H 108 -39.99 7.72 -40.83
C GLN H 108 -39.14 7.61 -39.61
N GLN H 109 -37.90 7.21 -39.78
CA GLN H 109 -37.03 7.20 -38.63
C GLN H 109 -36.21 8.43 -38.77
N TYR H 110 -35.92 9.09 -37.68
CA TYR H 110 -35.05 10.25 -37.76
C TYR H 110 -34.01 10.17 -36.68
N ASP H 111 -33.57 8.94 -36.43
CA ASP H 111 -32.53 8.66 -35.46
C ASP H 111 -31.25 9.18 -36.11
N THR H 112 -31.20 9.04 -37.44
CA THR H 112 -30.11 9.54 -38.27
C THR H 112 -30.57 9.77 -39.70
N PHE H 113 -29.99 10.75 -40.42
CA PHE H 113 -30.27 10.95 -41.85
C PHE H 113 -31.56 10.30 -42.31
N PRO H 114 -32.73 10.91 -42.13
CA PRO H 114 -34.01 10.25 -42.30
C PRO H 114 -34.12 9.57 -43.64
N THR H 115 -34.63 8.34 -43.64
CA THR H 115 -34.73 7.55 -44.87
C THR H 115 -36.13 7.17 -45.35
N PHE H 116 -37.10 7.12 -44.44
CA PHE H 116 -38.47 6.65 -44.67
C PHE H 116 -38.56 5.16 -45.02
N GLY H 117 -39.68 4.55 -44.64
CA GLY H 117 -39.98 3.19 -45.00
C GLY H 117 -40.72 3.22 -46.33
N PRO H 118 -41.06 2.08 -46.91
CA PRO H 118 -41.79 1.95 -48.17
C PRO H 118 -43.26 2.39 -48.20
N GLY H 119 -43.92 2.45 -47.04
CA GLY H 119 -45.33 2.81 -47.01
C GLY H 119 -46.25 1.60 -47.13
N THR H 120 -47.45 1.72 -46.56
CA THR H 120 -48.47 0.68 -46.70
C THR H 120 -49.79 1.32 -47.11
N LYS H 121 -50.65 0.58 -47.78
CA LYS H 121 -51.94 1.17 -48.15
C LYS H 121 -53.14 0.65 -47.39
N LEU H 122 -54.00 1.58 -46.97
CA LEU H 122 -55.29 1.19 -46.42
C LEU H 122 -56.37 1.47 -47.42
N ASP H 123 -57.10 0.44 -47.81
CA ASP H 123 -58.20 0.67 -48.72
C ASP H 123 -59.52 0.62 -47.93
N ILE H 124 -60.63 0.83 -48.61
CA ILE H 124 -61.94 0.82 -47.92
C ILE H 124 -62.91 -0.25 -48.47
N LYS H 125 -63.48 -1.08 -47.56
CA LYS H 125 -64.47 -2.14 -47.85
C LYS H 125 -65.74 -2.01 -46.96
N THR I 23 18.00 -41.09 -21.27
CA THR I 23 16.64 -41.57 -21.49
C THR I 23 15.61 -40.72 -20.72
N LEU I 24 15.79 -40.60 -19.38
CA LEU I 24 14.89 -39.89 -18.49
C LEU I 24 15.39 -38.51 -18.14
N TYR I 25 14.59 -37.56 -18.54
CA TYR I 25 14.84 -36.15 -18.42
C TYR I 25 13.87 -35.61 -17.42
N VAL I 26 14.22 -34.50 -16.81
CA VAL I 26 13.42 -33.92 -15.76
C VAL I 26 12.07 -33.47 -16.23
N THR I 27 12.07 -32.76 -17.34
CA THR I 27 10.90 -32.22 -17.99
C THR I 27 10.09 -31.40 -16.98
N VAL I 28 9.05 -30.74 -17.44
CA VAL I 28 8.25 -29.94 -16.52
C VAL I 28 6.81 -30.24 -16.75
N PHE I 29 6.08 -30.55 -15.71
CA PHE I 29 4.67 -30.86 -15.84
C PHE I 29 3.84 -29.74 -15.29
N TYR I 30 3.19 -29.00 -16.17
CA TYR I 30 2.40 -27.90 -15.65
C TYR I 30 0.96 -28.36 -15.54
N GLY I 31 0.32 -27.98 -14.44
CA GLY I 31 -1.07 -28.31 -14.25
C GLY I 31 -1.27 -29.44 -13.27
N VAL I 32 -0.29 -29.63 -12.39
CA VAL I 32 -0.25 -30.66 -11.36
C VAL I 32 -1.15 -30.43 -10.11
N PRO I 33 -2.03 -31.37 -9.75
CA PRO I 33 -2.99 -31.29 -8.65
C PRO I 33 -2.36 -31.54 -7.30
N ALA I 34 -1.54 -30.61 -6.82
CA ALA I 34 -0.84 -30.78 -5.56
C ALA I 34 -0.74 -29.46 -4.80
N TRP I 35 -0.54 -29.54 -3.47
CA TRP I 35 -0.49 -28.36 -2.60
C TRP I 35 0.40 -28.44 -1.37
N ARG I 36 0.60 -27.28 -0.75
CA ARG I 36 1.36 -27.12 0.49
C ARG I 36 0.67 -26.12 1.44
N ASN I 37 1.01 -26.11 2.75
CA ASN I 37 0.46 -25.18 3.75
C ASN I 37 0.69 -23.71 3.36
N ALA I 38 -0.38 -22.87 3.43
CA ALA I 38 -0.33 -21.43 3.13
C ALA I 38 -0.62 -20.61 4.36
N THR I 39 0.06 -19.49 4.47
CA THR I 39 -0.14 -18.56 5.57
C THR I 39 -0.37 -17.18 5.01
N ILE I 40 -1.55 -16.96 4.48
CA ILE I 40 -1.89 -15.70 3.85
C ILE I 40 -3.19 -15.22 4.46
N PRO I 41 -3.53 -13.92 4.37
CA PRO I 41 -4.81 -13.39 4.76
C PRO I 41 -5.92 -13.82 3.83
N LEU I 42 -7.10 -13.96 4.39
CA LEU I 42 -8.33 -14.26 3.67
C LEU I 42 -9.24 -13.05 3.56
N PHE I 43 -10.08 -13.03 2.53
CA PHE I 43 -11.07 -11.98 2.31
C PHE I 43 -12.29 -12.17 3.12
N CYS I 44 -12.94 -11.10 3.55
CA CYS I 44 -14.21 -11.28 4.19
C CYS I 44 -15.32 -11.03 3.18
N ALA I 45 -16.42 -11.76 3.32
CA ALA I 45 -17.61 -11.54 2.50
C ALA I 45 -18.87 -11.61 3.36
N THR I 46 -19.81 -10.71 3.13
CA THR I 46 -21.03 -10.68 3.95
C THR I 46 -22.33 -10.43 3.20
N LYS I 47 -23.40 -10.48 3.95
CA LYS I 47 -24.73 -10.19 3.46
C LYS I 47 -25.27 -8.87 4.02
N ASN I 48 -24.83 -8.48 5.22
CA ASN I 48 -25.32 -7.24 5.81
C ASN I 48 -24.36 -6.16 5.41
N ARG I 49 -24.77 -5.35 4.47
CA ARG I 49 -23.88 -4.38 3.90
C ARG I 49 -24.21 -2.96 4.26
N ASP I 50 -25.13 -2.77 5.20
CA ASP I 50 -25.62 -1.44 5.53
C ASP I 50 -24.53 -0.46 5.95
N THR I 51 -23.55 -0.92 6.72
CA THR I 51 -22.45 -0.10 7.20
C THR I 51 -21.13 -0.79 6.89
N TRP I 52 -20.74 -1.65 7.81
CA TRP I 52 -19.49 -2.39 7.79
C TRP I 52 -19.31 -3.23 6.54
N GLY I 53 -20.34 -3.94 6.11
CA GLY I 53 -20.20 -4.79 4.95
C GLY I 53 -19.78 -4.02 3.69
N THR I 54 -20.48 -2.95 3.28
CA THR I 54 -20.01 -2.24 2.09
C THR I 54 -18.60 -1.75 2.29
N THR I 55 -18.31 -1.25 3.48
CA THR I 55 -17.00 -0.69 3.74
C THR I 55 -15.86 -1.71 3.62
N GLN I 56 -16.00 -2.89 4.21
CA GLN I 56 -14.96 -3.92 4.24
C GLN I 56 -15.05 -5.16 3.35
N CYS I 57 -16.25 -5.65 3.15
CA CYS I 57 -16.46 -6.95 2.56
C CYS I 57 -16.92 -7.06 1.14
N LEU I 58 -16.60 -8.21 0.57
CA LEU I 58 -17.10 -8.58 -0.72
C LEU I 58 -18.53 -8.99 -0.46
N PRO I 59 -19.43 -8.93 -1.42
CA PRO I 59 -20.75 -9.45 -1.25
C PRO I 59 -20.61 -10.94 -1.15
N ASP I 60 -21.43 -11.56 -0.34
CA ASP I 60 -21.48 -13.00 -0.23
C ASP I 60 -22.28 -13.54 -1.40
N ASN I 61 -21.62 -14.28 -2.26
CA ASN I 61 -22.19 -14.83 -3.49
C ASN I 61 -23.31 -15.83 -3.22
N GLY I 62 -23.31 -16.42 -2.02
CA GLY I 62 -24.32 -17.39 -1.62
C GLY I 62 -24.01 -18.82 -2.04
N ASP I 63 -22.90 -19.01 -2.71
CA ASP I 63 -22.50 -20.32 -3.18
C ASP I 63 -21.65 -21.02 -2.14
N TYR I 64 -22.25 -22.00 -1.48
CA TYR I 64 -21.62 -22.75 -0.42
C TYR I 64 -21.37 -24.19 -0.83
N SER I 65 -21.34 -24.45 -2.14
CA SER I 65 -21.13 -25.83 -2.59
C SER I 65 -19.70 -26.28 -2.34
N GLU I 66 -19.52 -27.60 -2.25
CA GLU I 66 -18.21 -28.19 -2.00
C GLU I 66 -17.98 -29.49 -2.76
N MET I 67 -16.73 -29.88 -2.99
CA MET I 67 -16.45 -31.20 -3.60
C MET I 67 -15.51 -32.02 -2.73
N ALA I 68 -15.64 -33.33 -2.73
CA ALA I 68 -14.71 -34.14 -1.91
C ALA I 68 -13.55 -34.70 -2.71
N LEU I 69 -12.39 -34.79 -2.07
CA LEU I 69 -11.21 -35.42 -2.66
C LEU I 69 -10.86 -36.73 -1.99
N ASN I 70 -10.28 -37.70 -2.75
CA ASN I 70 -9.82 -38.99 -2.22
C ASN I 70 -8.38 -38.87 -1.69
N VAL I 71 -8.20 -38.00 -0.67
CA VAL I 71 -6.89 -37.68 -0.07
C VAL I 71 -6.96 -37.75 1.43
N THR I 72 -5.80 -37.81 2.07
CA THR I 72 -5.72 -37.77 3.52
C THR I 72 -4.90 -36.56 3.90
N GLU I 73 -5.35 -35.80 4.89
CA GLU I 73 -4.64 -34.59 5.31
C GLU I 73 -4.69 -34.37 6.82
N SER I 74 -3.70 -33.64 7.35
CA SER I 74 -3.62 -33.36 8.78
C SER I 74 -4.33 -32.07 9.17
N PHE I 75 -5.27 -32.14 10.10
CA PHE I 75 -5.99 -30.95 10.53
C PHE I 75 -5.84 -30.64 12.00
N ASP I 76 -5.82 -29.35 12.33
CA ASP I 76 -5.68 -28.92 13.76
C ASP I 76 -6.40 -27.59 13.96
N ALA I 77 -7.51 -27.58 14.71
CA ALA I 77 -8.33 -26.36 14.88
C ALA I 77 -7.54 -25.24 15.58
N TRP I 78 -6.78 -25.55 16.63
CA TRP I 78 -6.09 -24.49 17.42
C TRP I 78 -4.94 -23.83 16.65
N ASN I 79 -4.24 -24.57 15.78
CA ASN I 79 -3.06 -24.01 15.05
C ASN I 79 -3.48 -23.59 13.63
N ASN I 80 -4.76 -23.33 13.41
CA ASN I 80 -5.24 -23.02 12.03
C ASN I 80 -5.22 -21.52 11.77
N THR I 81 -4.46 -21.08 10.77
CA THR I 81 -4.38 -19.70 10.35
C THR I 81 -5.76 -19.16 10.13
N VAL I 82 -6.71 -20.05 9.87
CA VAL I 82 -8.06 -19.63 9.57
C VAL I 82 -8.72 -19.11 10.83
N THR I 83 -8.46 -19.78 11.95
CA THR I 83 -9.12 -19.44 13.24
C THR I 83 -8.23 -18.44 13.97
N GLU I 84 -7.07 -18.13 13.39
CA GLU I 84 -6.17 -17.13 14.02
C GLU I 84 -6.55 -15.79 13.41
N GLN I 85 -7.05 -15.81 12.18
CA GLN I 85 -7.52 -14.58 11.58
C GLN I 85 -8.88 -14.25 12.14
N ALA I 86 -9.76 -15.23 12.37
CA ALA I 86 -11.05 -14.83 12.89
C ALA I 86 -10.94 -14.11 14.22
N ILE I 87 -10.07 -14.59 15.09
CA ILE I 87 -9.96 -13.97 16.39
C ILE I 87 -9.33 -12.60 16.32
N GLU I 88 -8.24 -12.48 15.60
CA GLU I 88 -7.54 -11.22 15.54
C GLU I 88 -8.31 -10.18 14.74
N ASP I 89 -9.06 -10.60 13.72
CA ASP I 89 -9.80 -9.63 12.95
C ASP I 89 -10.97 -9.09 13.71
N VAL I 90 -11.66 -9.92 14.49
CA VAL I 90 -12.79 -9.37 15.21
C VAL I 90 -12.27 -8.39 16.22
N TRP I 91 -11.22 -8.75 16.92
CA TRP I 91 -10.69 -7.80 17.86
C TRP I 91 -10.18 -6.54 17.20
N GLN I 92 -9.44 -6.66 16.12
CA GLN I 92 -8.89 -5.48 15.52
C GLN I 92 -9.97 -4.58 14.93
N LEU I 93 -11.06 -5.13 14.37
CA LEU I 93 -12.09 -4.25 13.82
C LEU I 93 -12.80 -3.55 14.96
N PHE I 94 -12.89 -4.19 16.14
CA PHE I 94 -13.44 -3.50 17.28
C PHE I 94 -12.60 -2.27 17.59
N GLU I 95 -11.28 -2.46 17.65
CA GLU I 95 -10.41 -1.36 18.04
C GLU I 95 -10.49 -0.19 17.09
N THR I 96 -10.62 -0.44 15.80
CA THR I 96 -10.65 0.67 14.88
C THR I 96 -12.03 1.34 14.85
N SER I 97 -13.02 0.71 15.46
CA SER I 97 -14.35 1.29 15.48
C SER I 97 -14.46 2.24 16.67
N ILE I 98 -13.87 1.83 17.80
CA ILE I 98 -13.91 2.64 19.01
C ILE I 98 -12.91 3.78 19.00
N LYS I 99 -11.75 3.56 18.41
CA LYS I 99 -10.68 4.54 18.39
C LYS I 99 -11.09 6.03 18.37
N PRO I 100 -11.95 6.53 17.46
CA PRO I 100 -12.34 7.95 17.37
C PRO I 100 -13.46 8.48 18.32
N CYS I 101 -14.01 7.67 19.24
CA CYS I 101 -15.12 8.02 20.14
C CYS I 101 -14.68 8.89 21.32
N VAL I 102 -15.65 9.57 21.92
CA VAL I 102 -15.41 10.43 23.06
C VAL I 102 -14.81 9.70 24.24
N LYS I 103 -13.79 10.31 24.83
CA LYS I 103 -13.15 9.75 26.00
C LYS I 103 -13.93 10.23 27.19
N LEU I 104 -13.95 9.45 28.25
CA LEU I 104 -14.67 9.86 29.42
C LEU I 104 -13.77 10.32 30.56
N SER I 105 -12.52 10.68 30.28
CA SER I 105 -11.71 11.16 31.39
C SER I 105 -12.33 12.42 32.05
N PRO I 106 -13.06 13.33 31.36
CA PRO I 106 -13.73 14.47 31.94
C PRO I 106 -14.77 14.09 32.96
N LEU I 107 -15.20 12.83 32.97
CA LEU I 107 -16.21 12.38 33.92
C LEU I 107 -15.63 11.80 35.22
N CYS I 108 -14.28 11.66 35.35
CA CYS I 108 -13.63 11.05 36.50
C CYS I 108 -13.42 12.10 37.58
N ILE I 109 -14.53 12.59 38.07
CA ILE I 109 -14.61 13.63 39.05
C ILE I 109 -15.48 13.12 40.16
N THR I 110 -15.42 13.72 41.32
CA THR I 110 -16.30 13.24 42.35
C THR I 110 -17.74 13.49 41.99
N MET I 111 -18.57 12.46 42.09
CA MET I 111 -20.00 12.57 41.84
C MET I 111 -20.69 12.52 43.18
N ARG I 112 -21.80 13.24 43.33
CA ARG I 112 -22.57 13.28 44.57
C ARG I 112 -23.74 12.29 44.53
N CYS I 113 -23.58 11.12 45.20
CA CYS I 113 -24.49 9.98 45.10
C CYS I 113 -25.42 9.85 46.31
N ASN I 114 -26.64 9.41 46.04
CA ASN I 114 -27.56 9.17 47.13
C ASN I 114 -26.97 8.11 48.07
N LYS I 115 -26.89 8.46 49.36
CA LYS I 115 -26.30 7.63 50.42
C LYS I 115 -27.10 6.40 50.72
N SER I 116 -28.41 6.48 50.64
CA SER I 116 -29.18 5.31 51.01
C SER I 116 -28.86 4.19 50.05
N GLU I 117 -28.70 4.56 48.78
CA GLU I 117 -28.42 3.62 47.73
C GLU I 117 -26.98 3.11 47.78
N THR I 118 -25.99 3.97 48.10
CA THR I 118 -24.64 3.43 48.14
C THR I 118 -24.47 2.55 49.38
N ASP I 119 -25.20 2.83 50.47
CA ASP I 119 -25.06 1.97 51.63
C ASP I 119 -25.81 0.66 51.42
N ARG I 120 -27.01 0.74 50.84
CA ARG I 120 -27.85 -0.43 50.66
C ARG I 120 -27.25 -1.49 49.80
N TRP I 121 -26.56 -1.10 48.75
CA TRP I 121 -26.01 -2.09 47.86
C TRP I 121 -24.53 -2.35 48.06
N GLY I 122 -24.01 -1.95 49.22
CA GLY I 122 -22.64 -2.25 49.61
C GLY I 122 -21.49 -1.47 49.00
N LEU I 123 -21.68 -0.26 48.49
CA LEU I 123 -20.53 0.42 47.93
C LEU I 123 -19.88 1.16 49.07
N THR I 124 -20.70 1.55 50.03
CA THR I 124 -20.31 2.25 51.23
C THR I 124 -20.81 1.47 52.42
N LYS I 125 -20.35 1.79 53.60
CA LYS I 125 -20.72 1.05 54.79
C LYS I 125 -21.57 1.84 55.75
N SER I 126 -22.38 1.12 56.51
CA SER I 126 -23.18 1.72 57.55
C SER I 126 -23.42 0.75 58.68
N ILE I 127 -23.36 1.28 59.88
CA ILE I 127 -23.58 0.51 61.10
C ILE I 127 -24.80 1.00 61.85
N THR I 128 -25.62 1.81 61.19
CA THR I 128 -26.78 2.41 61.83
C THR I 128 -28.05 1.68 61.44
N THR I 129 -27.88 0.60 60.69
CA THR I 129 -28.99 -0.22 60.22
C THR I 129 -29.19 -1.45 61.09
N THR I 130 -28.16 -1.82 61.85
CA THR I 130 -28.12 -2.99 62.75
C THR I 130 -29.12 -4.08 62.37
N ALA I 131 -29.05 -4.54 61.12
CA ALA I 131 -29.96 -5.53 60.60
C ALA I 131 -29.69 -6.90 61.17
N SER I 132 -30.77 -7.68 61.33
CA SER I 132 -30.69 -9.07 61.76
C SER I 132 -31.86 -9.83 61.14
N THR I 133 -31.60 -11.01 60.59
CA THR I 133 -32.67 -11.78 59.95
C THR I 133 -32.92 -13.14 60.55
N THR I 134 -34.19 -13.39 60.82
CA THR I 134 -34.68 -14.68 61.31
C THR I 134 -35.59 -15.22 60.23
N SER I 135 -35.37 -16.44 59.79
CA SER I 135 -36.18 -17.02 58.74
C SER I 135 -36.19 -18.53 58.78
N THR I 136 -37.12 -19.11 58.02
CA THR I 136 -37.25 -20.55 57.87
C THR I 136 -36.03 -21.11 57.16
N THR I 137 -35.45 -22.19 57.70
CA THR I 137 -34.27 -22.77 57.07
C THR I 137 -34.67 -23.83 56.05
N ALA I 138 -35.85 -24.42 56.23
CA ALA I 138 -36.38 -25.41 55.30
C ALA I 138 -37.12 -24.64 54.20
N SER I 139 -36.37 -23.86 53.45
CA SER I 139 -36.92 -22.94 52.48
C SER I 139 -36.61 -23.16 51.01
N ALA I 140 -35.80 -24.17 50.64
CA ALA I 140 -35.50 -24.28 49.20
C ALA I 140 -36.75 -24.61 48.41
N LYS I 141 -36.93 -23.93 47.28
CA LYS I 141 -38.09 -24.11 46.40
C LYS I 141 -37.68 -24.49 45.00
N VAL I 142 -38.63 -25.02 44.23
CA VAL I 142 -38.41 -25.31 42.84
C VAL I 142 -39.37 -24.46 42.00
N ASP I 143 -38.84 -23.66 41.09
CA ASP I 143 -39.67 -22.78 40.28
C ASP I 143 -39.37 -22.81 38.80
N MET I 144 -40.38 -23.18 38.04
CA MET I 144 -40.25 -23.25 36.62
C MET I 144 -41.05 -22.20 35.90
N VAL I 145 -40.46 -21.63 34.85
CA VAL I 145 -41.19 -20.69 34.01
C VAL I 145 -41.10 -21.14 32.55
N ASN I 146 -42.11 -20.76 31.73
CA ASN I 146 -42.18 -21.04 30.30
C ASN I 146 -42.97 -19.90 29.63
N GLU I 147 -43.16 -19.95 28.29
CA GLU I 147 -43.80 -18.89 27.49
C GLU I 147 -45.20 -18.52 27.94
N THR I 148 -45.94 -19.50 28.35
CA THR I 148 -47.30 -19.33 28.78
C THR I 148 -47.38 -18.98 30.26
N SER I 149 -46.79 -17.84 30.63
CA SER I 149 -46.81 -17.41 32.03
C SER I 149 -46.76 -15.90 32.25
N SER I 150 -47.61 -15.45 33.15
CA SER I 150 -47.74 -14.05 33.51
C SER I 150 -46.56 -13.56 34.32
N CYS I 151 -45.78 -14.48 34.88
CA CYS I 151 -44.65 -14.06 35.70
C CYS I 151 -43.52 -13.59 34.80
N ILE I 152 -43.58 -13.93 33.52
CA ILE I 152 -42.54 -13.48 32.64
C ILE I 152 -43.00 -12.17 32.11
N ALA I 153 -44.26 -12.12 31.68
CA ALA I 153 -44.80 -10.88 31.11
C ALA I 153 -44.71 -9.71 32.07
N GLN I 154 -44.88 -9.95 33.35
CA GLN I 154 -44.82 -8.92 34.36
C GLN I 154 -43.45 -8.74 35.02
N ASP I 155 -42.44 -9.48 34.54
CA ASP I 155 -41.08 -9.44 35.08
C ASP I 155 -40.97 -9.62 36.60
N ASN I 156 -41.71 -10.59 37.18
CA ASN I 156 -41.69 -10.87 38.61
C ASN I 156 -41.89 -12.37 38.86
N CYS I 157 -40.78 -13.06 39.10
CA CYS I 157 -40.69 -14.48 39.31
C CYS I 157 -40.19 -14.61 40.72
N THR I 158 -40.46 -15.72 41.37
CA THR I 158 -40.02 -15.87 42.72
C THR I 158 -38.51 -15.76 42.78
N GLY I 159 -38.02 -14.96 43.71
CA GLY I 159 -36.58 -14.79 43.89
C GLY I 159 -35.93 -13.61 43.18
N LEU I 160 -36.64 -12.91 42.30
CA LEU I 160 -35.97 -11.78 41.65
C LEU I 160 -36.12 -10.50 42.49
N GLU I 161 -35.06 -9.71 42.50
CA GLU I 161 -34.92 -8.44 43.23
C GLU I 161 -34.85 -7.25 42.28
N GLN I 162 -34.62 -6.06 42.85
CA GLN I 162 -34.48 -4.80 42.11
C GLN I 162 -33.09 -4.70 41.46
N GLU I 163 -32.99 -3.92 40.39
CA GLU I 163 -31.75 -3.76 39.61
C GLU I 163 -30.51 -3.20 40.31
N GLN I 164 -30.68 -2.37 41.33
CA GLN I 164 -29.58 -1.69 42.04
C GLN I 164 -28.92 -0.56 41.27
N MET I 165 -29.74 0.42 40.90
CA MET I 165 -29.24 1.59 40.22
C MET I 165 -29.15 2.75 41.20
N ILE I 166 -28.03 3.46 41.18
CA ILE I 166 -27.73 4.57 42.09
C ILE I 166 -27.75 5.94 41.43
N SER I 167 -28.56 6.84 41.95
CA SER I 167 -28.65 8.20 41.38
C SER I 167 -27.55 9.12 41.91
N CYS I 168 -26.70 9.66 40.99
CA CYS I 168 -25.55 10.53 41.28
C CYS I 168 -25.63 11.84 40.46
N LYS I 169 -25.23 12.94 41.05
CA LYS I 169 -25.21 14.20 40.33
C LYS I 169 -23.81 14.76 40.13
N PHE I 170 -23.61 15.42 39.01
CA PHE I 170 -22.30 16.07 38.80
C PHE I 170 -22.36 17.31 37.91
N ASN I 171 -21.33 18.19 38.03
CA ASN I 171 -21.16 19.44 37.28
C ASN I 171 -20.19 19.25 36.09
N MET I 172 -20.74 19.30 34.85
CA MET I 172 -20.01 19.06 33.59
C MET I 172 -20.00 20.26 32.64
N THR I 173 -18.84 20.51 32.03
CA THR I 173 -18.61 21.62 31.10
C THR I 173 -18.74 21.23 29.63
N GLY I 174 -19.49 22.03 28.88
CA GLY I 174 -19.69 21.81 27.45
C GLY I 174 -18.76 22.68 26.61
N LEU I 175 -19.14 22.97 25.38
CA LEU I 175 -18.27 23.74 24.51
C LEU I 175 -18.21 25.21 24.80
N LYS I 176 -19.08 25.70 25.68
CA LYS I 176 -19.06 27.11 25.98
C LYS I 176 -18.00 27.49 27.00
N ARG I 177 -17.32 26.51 27.60
CA ARG I 177 -16.20 26.70 28.56
C ARG I 177 -16.49 27.40 29.89
N ASP I 178 -17.08 28.59 29.84
CA ASP I 178 -17.42 29.40 31.00
C ASP I 178 -18.72 28.96 31.63
N LYS I 179 -19.38 28.01 31.01
CA LYS I 179 -20.65 27.54 31.48
C LYS I 179 -20.61 26.05 31.74
N SER I 180 -21.32 25.63 32.77
CA SER I 180 -21.45 24.23 33.11
C SER I 180 -22.82 23.98 33.73
N LYS I 181 -23.26 22.73 33.64
CA LYS I 181 -24.55 22.31 34.16
C LYS I 181 -24.47 21.08 35.03
N GLU I 182 -25.41 20.99 35.95
CA GLU I 182 -25.53 19.81 36.76
C GLU I 182 -26.34 18.78 36.00
N TYR I 183 -25.91 17.53 36.02
CA TYR I 183 -26.63 16.45 35.37
C TYR I 183 -27.02 15.33 36.34
N ASN I 184 -28.18 14.68 36.07
CA ASN I 184 -28.72 13.51 36.77
C ASN I 184 -28.27 12.23 36.06
N GLU I 185 -27.33 11.45 36.65
CA GLU I 185 -26.79 10.21 36.08
C GLU I 185 -27.06 9.04 36.99
N THR I 186 -27.71 8.00 36.49
CA THR I 186 -27.95 6.87 37.36
C THR I 186 -27.04 5.74 36.93
N TRP I 187 -26.22 5.28 37.84
CA TRP I 187 -25.22 4.26 37.60
C TRP I 187 -25.64 2.91 38.07
N TYR I 188 -25.16 1.88 37.44
CA TYR I 188 -25.39 0.59 38.03
C TYR I 188 -24.42 0.48 39.17
N SER I 189 -24.77 -0.20 40.24
CA SER I 189 -23.83 -0.29 41.36
C SER I 189 -22.49 -0.91 40.98
N ALA I 190 -22.49 -1.77 39.96
CA ALA I 190 -21.27 -2.42 39.49
C ALA I 190 -20.23 -1.46 38.90
N ASP I 191 -20.69 -0.27 38.51
CA ASP I 191 -19.86 0.72 37.86
C ASP I 191 -19.25 1.79 38.77
N LEU I 192 -19.50 1.74 40.08
CA LEU I 192 -18.95 2.76 41.00
C LEU I 192 -17.96 2.24 42.05
N VAL I 193 -17.05 3.13 42.49
CA VAL I 193 -16.10 2.78 43.55
C VAL I 193 -16.62 3.16 44.97
N CYS I 194 -16.90 4.47 45.18
CA CYS I 194 -17.40 5.18 46.36
C CYS I 194 -16.42 5.20 47.55
N GLU I 195 -16.02 6.42 47.88
CA GLU I 195 -15.12 6.75 48.97
C GLU I 195 -15.79 6.36 50.28
N GLN I 196 -15.05 5.77 51.20
CA GLN I 196 -15.68 5.38 52.45
C GLN I 196 -15.14 6.09 53.68
N GLY I 197 -16.05 6.33 54.62
CA GLY I 197 -15.72 6.86 55.95
C GLY I 197 -16.16 8.32 56.22
N ASN I 198 -16.71 8.52 57.44
CA ASN I 198 -17.20 9.76 58.08
C ASN I 198 -18.26 10.55 57.30
N ASN I 199 -19.22 9.88 56.63
CA ASN I 199 -20.36 10.56 55.98
C ASN I 199 -21.52 10.34 56.92
N THR I 200 -21.91 11.40 57.61
CA THR I 200 -22.92 11.38 58.64
C THR I 200 -24.22 12.05 58.19
N GLY I 201 -24.26 12.39 56.91
CA GLY I 201 -25.35 13.08 56.25
C GLY I 201 -25.84 12.26 55.05
N ASN I 202 -25.64 12.81 53.83
CA ASN I 202 -26.00 12.24 52.53
C ASN I 202 -24.98 12.71 51.50
N GLU I 203 -25.17 12.37 50.20
CA GLU I 203 -24.26 12.71 49.08
C GLU I 203 -22.85 12.15 49.24
N SER I 204 -22.75 10.83 49.06
CA SER I 204 -21.49 10.15 49.19
C SER I 204 -20.66 10.53 47.97
N ARG I 205 -19.36 10.32 48.06
CA ARG I 205 -18.45 10.71 46.98
C ARG I 205 -17.94 9.54 46.14
N CYS I 206 -18.40 9.42 44.87
CA CYS I 206 -18.09 8.27 44.00
C CYS I 206 -17.43 8.66 42.67
N TYR I 207 -16.63 7.73 42.17
CA TYR I 207 -15.93 7.77 40.88
C TYR I 207 -16.24 6.51 40.09
N MET I 208 -16.03 6.55 38.77
CA MET I 208 -16.22 5.36 37.92
C MET I 208 -15.24 4.26 38.35
N ASN I 209 -15.73 3.00 38.36
CA ASN I 209 -14.98 1.81 38.84
C ASN I 209 -13.58 1.60 38.31
N HIS I 210 -13.37 1.89 37.05
CA HIS I 210 -12.05 1.69 36.47
C HIS I 210 -11.29 2.93 36.02
N CYS I 211 -11.65 4.14 36.52
CA CYS I 211 -10.96 5.38 36.13
C CYS I 211 -9.98 5.78 37.23
N ASN I 212 -8.73 5.94 36.81
CA ASN I 212 -7.53 6.27 37.61
C ASN I 212 -6.34 5.42 37.17
N THR I 213 -6.55 4.10 36.96
CA THR I 213 -5.58 3.15 36.41
C THR I 213 -5.59 3.25 34.90
N SER I 214 -6.66 3.82 34.38
CA SER I 214 -6.84 3.98 32.96
C SER I 214 -7.85 5.04 32.61
N VAL I 215 -8.05 5.19 31.32
CA VAL I 215 -9.03 6.07 30.72
C VAL I 215 -10.05 5.25 29.97
N ILE I 216 -11.30 5.48 30.29
CA ILE I 216 -12.42 4.77 29.72
C ILE I 216 -12.91 5.50 28.50
N GLN I 217 -13.12 4.77 27.40
CA GLN I 217 -13.61 5.36 26.14
C GLN I 217 -15.01 4.83 25.82
N GLU I 218 -15.90 5.67 25.33
CA GLU I 218 -17.25 5.18 24.99
C GLU I 218 -17.32 4.45 23.65
N SER I 219 -17.96 3.29 23.61
CA SER I 219 -18.12 2.54 22.37
C SER I 219 -19.34 3.07 21.62
N CYS I 220 -19.17 4.27 21.05
CA CYS I 220 -20.21 5.09 20.43
C CYS I 220 -20.75 4.61 19.07
N ASP I 221 -19.96 3.88 18.28
CA ASP I 221 -20.45 3.55 16.94
C ASP I 221 -21.27 2.26 16.82
N LYS I 222 -22.35 2.19 17.59
CA LYS I 222 -23.32 1.09 17.58
C LYS I 222 -22.66 -0.28 17.67
N HIS I 223 -21.60 -0.44 18.44
CA HIS I 223 -20.98 -1.74 18.38
C HIS I 223 -21.78 -2.67 19.24
N TYR I 224 -21.98 -3.87 18.74
CA TYR I 224 -22.77 -4.91 19.38
C TYR I 224 -24.27 -4.64 19.35
N TRP I 225 -24.74 -3.67 18.57
CA TRP I 225 -26.18 -3.44 18.57
C TRP I 225 -26.89 -4.33 17.55
N ASP I 226 -26.11 -5.06 16.77
CA ASP I 226 -26.61 -5.98 15.76
C ASP I 226 -25.66 -7.17 15.69
N ALA I 227 -25.95 -8.13 14.84
CA ALA I 227 -25.10 -9.30 14.69
C ALA I 227 -24.06 -9.09 13.61
N ILE I 228 -22.86 -9.58 13.83
CA ILE I 228 -21.85 -9.49 12.78
C ILE I 228 -21.56 -10.87 12.26
N ARG I 229 -21.85 -11.05 10.98
CA ARG I 229 -21.61 -12.34 10.36
C ARG I 229 -20.93 -12.18 9.04
N PHE I 230 -19.94 -13.02 8.82
CA PHE I 230 -19.21 -13.02 7.56
C PHE I 230 -18.52 -14.35 7.32
N ARG I 231 -18.07 -14.57 6.11
CA ARG I 231 -17.34 -15.78 5.80
C ARG I 231 -15.99 -15.41 5.24
N TYR I 232 -14.99 -16.30 5.34
CA TYR I 232 -13.70 -16.01 4.74
C TYR I 232 -13.54 -16.70 3.38
N CYS I 233 -12.89 -16.01 2.41
CA CYS I 233 -12.61 -16.55 1.07
C CYS I 233 -11.13 -16.47 0.71
N ALA I 234 -10.63 -17.53 0.11
CA ALA I 234 -9.25 -17.58 -0.32
C ALA I 234 -9.09 -16.80 -1.62
N PRO I 235 -7.95 -16.15 -1.87
CA PRO I 235 -7.62 -15.52 -3.13
C PRO I 235 -7.31 -16.59 -4.15
N PRO I 236 -7.34 -16.29 -5.44
CA PRO I 236 -7.01 -17.20 -6.50
C PRO I 236 -5.68 -17.85 -6.29
N GLY I 237 -5.63 -19.16 -6.52
CA GLY I 237 -4.43 -19.96 -6.35
C GLY I 237 -4.42 -20.67 -5.01
N TYR I 238 -5.32 -20.27 -4.13
CA TYR I 238 -5.43 -20.87 -2.82
C TYR I 238 -6.77 -21.54 -2.62
N ALA I 239 -6.80 -22.46 -1.69
CA ALA I 239 -8.00 -23.23 -1.40
C ALA I 239 -8.14 -23.55 0.06
N LEU I 240 -9.36 -23.82 0.47
CA LEU I 240 -9.59 -24.25 1.82
C LEU I 240 -9.99 -25.70 1.84
N LEU I 241 -9.34 -26.46 2.68
CA LEU I 241 -9.68 -27.86 2.81
C LEU I 241 -10.44 -27.99 4.09
N ARG I 242 -11.42 -28.86 4.15
CA ARG I 242 -12.18 -29.03 5.37
C ARG I 242 -12.38 -30.50 5.72
N CYS I 243 -12.34 -30.87 7.04
CA CYS I 243 -12.75 -32.22 7.46
C CYS I 243 -14.27 -32.36 7.43
N ASN I 244 -14.71 -33.44 6.81
CA ASN I 244 -16.13 -33.74 6.75
C ASN I 244 -16.46 -35.08 7.47
N ASP I 245 -15.67 -35.44 8.51
CA ASP I 245 -15.81 -36.63 9.33
C ASP I 245 -16.78 -36.34 10.47
N THR I 246 -17.04 -37.33 11.30
CA THR I 246 -17.89 -37.22 12.47
C THR I 246 -17.03 -37.51 13.67
N ASN I 247 -15.80 -37.92 13.38
CA ASN I 247 -14.81 -38.28 14.37
C ASN I 247 -13.81 -37.16 14.58
N TYR I 248 -14.11 -35.98 14.07
CA TYR I 248 -13.20 -34.87 14.24
C TYR I 248 -13.38 -34.33 15.63
N SER I 249 -12.26 -34.23 16.34
CA SER I 249 -12.20 -33.81 17.72
C SER I 249 -11.23 -32.66 17.86
N GLY I 250 -11.15 -31.83 16.84
CA GLY I 250 -10.26 -30.67 16.85
C GLY I 250 -8.87 -31.00 16.35
N PHE I 251 -8.24 -32.00 16.95
CA PHE I 251 -6.90 -32.40 16.53
C PHE I 251 -6.93 -33.76 15.84
N MET I 252 -6.66 -33.80 14.55
CA MET I 252 -6.73 -35.05 13.82
C MET I 252 -5.61 -35.20 12.79
N PRO I 253 -4.51 -35.95 13.07
CA PRO I 253 -3.38 -36.06 12.17
C PRO I 253 -3.66 -36.73 10.82
N LYS I 254 -4.69 -37.57 10.71
CA LYS I 254 -5.01 -38.18 9.42
C LYS I 254 -6.52 -38.15 9.14
N CYS I 255 -7.02 -37.08 8.51
CA CYS I 255 -8.43 -36.86 8.22
C CYS I 255 -8.68 -37.45 6.84
N SER I 256 -9.56 -38.45 6.80
CA SER I 256 -9.85 -39.18 5.58
C SER I 256 -10.91 -38.57 4.67
N LYS I 257 -11.74 -37.67 5.17
CA LYS I 257 -12.73 -37.05 4.33
C LYS I 257 -12.40 -35.61 4.13
N VAL I 258 -11.72 -35.30 3.05
CA VAL I 258 -11.27 -33.94 2.86
C VAL I 258 -12.03 -33.28 1.74
N VAL I 259 -12.67 -32.20 2.07
CA VAL I 259 -13.52 -31.44 1.19
C VAL I 259 -12.91 -30.10 0.79
N VAL I 260 -12.96 -29.81 -0.50
CA VAL I 260 -12.43 -28.58 -1.08
C VAL I 260 -13.47 -27.53 -1.33
N SER I 261 -13.17 -26.32 -0.90
CA SER I 261 -14.03 -25.20 -1.14
C SER I 261 -13.20 -23.93 -1.26
N SER I 262 -13.79 -22.88 -1.81
CA SER I 262 -13.08 -21.60 -1.88
C SER I 262 -13.34 -20.63 -0.71
N CYS I 263 -14.49 -20.80 0.01
CA CYS I 263 -14.95 -19.96 1.11
C CYS I 263 -15.44 -20.84 2.26
N THR I 264 -15.33 -20.30 3.46
CA THR I 264 -15.79 -20.96 4.66
C THR I 264 -17.26 -20.76 4.81
N ARG I 265 -17.81 -21.48 5.77
CA ARG I 265 -19.19 -21.34 6.16
C ARG I 265 -19.31 -19.97 6.81
N MET I 266 -20.52 -19.48 6.92
CA MET I 266 -20.76 -18.21 7.55
C MET I 266 -20.45 -18.31 9.05
N MET I 267 -19.70 -17.36 9.58
CA MET I 267 -19.32 -17.28 10.99
C MET I 267 -20.04 -16.22 11.79
N GLU I 268 -20.43 -16.57 13.02
CA GLU I 268 -21.06 -15.63 13.94
C GLU I 268 -20.06 -15.13 14.97
N THR I 269 -19.70 -13.84 14.92
CA THR I 269 -18.65 -13.33 15.79
C THR I 269 -19.21 -12.87 17.12
N GLN I 270 -19.77 -13.82 17.83
CA GLN I 270 -20.40 -13.58 19.10
C GLN I 270 -19.45 -13.93 20.23
N THR I 271 -19.47 -13.12 21.29
CA THR I 271 -18.51 -13.32 22.42
C THR I 271 -19.26 -13.41 23.75
N SER I 272 -19.47 -14.62 24.26
CA SER I 272 -20.11 -14.83 25.58
C SER I 272 -19.29 -15.84 26.36
N THR I 273 -19.39 -15.81 27.68
CA THR I 273 -18.64 -16.79 28.50
C THR I 273 -19.58 -17.93 28.88
N TRP I 274 -19.04 -19.03 29.38
CA TRP I 274 -19.82 -20.21 29.78
C TRP I 274 -20.56 -20.90 28.65
N PHE I 275 -21.53 -20.22 28.06
CA PHE I 275 -22.28 -20.77 26.93
C PHE I 275 -22.12 -19.89 25.72
N GLY I 276 -21.97 -20.50 24.57
CA GLY I 276 -21.89 -19.78 23.31
C GLY I 276 -23.26 -19.76 22.70
N PHE I 277 -23.57 -18.68 21.99
CA PHE I 277 -24.89 -18.56 21.41
C PHE I 277 -24.81 -18.41 19.91
N ASN I 278 -25.91 -18.79 19.22
CA ASN I 278 -26.13 -18.63 17.78
C ASN I 278 -25.02 -19.20 16.87
N GLY I 279 -24.41 -20.36 17.22
CA GLY I 279 -23.35 -20.96 16.43
C GLY I 279 -23.87 -21.48 15.09
N THR I 280 -22.99 -21.48 14.10
CA THR I 280 -23.35 -21.98 12.79
C THR I 280 -23.24 -23.48 12.79
N ARG I 281 -22.33 -24.01 13.61
CA ARG I 281 -22.17 -25.44 13.68
C ARG I 281 -23.20 -26.03 14.62
N ALA I 282 -24.44 -25.95 14.20
CA ALA I 282 -25.54 -26.48 14.95
C ALA I 282 -26.00 -27.69 14.23
N GLU I 283 -25.65 -28.84 14.76
CA GLU I 283 -25.93 -30.12 14.12
C GLU I 283 -26.70 -30.99 15.10
N ASN I 284 -27.39 -32.03 14.58
CA ASN I 284 -28.12 -33.00 15.40
C ASN I 284 -27.13 -34.07 15.90
N ARG I 285 -26.11 -33.62 16.68
CA ARG I 285 -25.02 -34.41 17.24
C ARG I 285 -24.20 -33.61 18.25
N THR I 286 -23.68 -34.27 19.26
CA THR I 286 -22.79 -33.62 20.21
C THR I 286 -21.35 -33.91 19.85
N TYR I 287 -20.55 -32.87 19.66
CA TYR I 287 -19.14 -33.01 19.34
C TYR I 287 -18.29 -32.39 20.41
N ILE I 288 -17.14 -32.95 20.70
CA ILE I 288 -16.29 -32.24 21.62
C ILE I 288 -14.92 -32.04 21.02
N TYR I 289 -14.50 -30.78 20.84
CA TYR I 289 -13.14 -30.52 20.34
C TYR I 289 -12.21 -30.46 21.56
N TRP I 290 -10.95 -30.88 21.41
CA TRP I 290 -9.99 -30.89 22.54
C TRP I 290 -8.67 -30.32 22.04
N HIS I 291 -8.08 -29.37 22.76
CA HIS I 291 -6.75 -28.88 22.34
C HIS I 291 -5.80 -30.08 22.39
N GLY I 292 -4.93 -30.22 21.40
CA GLY I 292 -4.04 -31.39 21.34
C GLY I 292 -3.13 -31.42 22.55
N ARG I 293 -2.62 -30.26 22.98
CA ARG I 293 -1.64 -30.23 24.09
C ARG I 293 -2.32 -29.96 25.44
N ASP I 294 -3.65 -29.84 25.49
CA ASP I 294 -4.28 -29.49 26.80
C ASP I 294 -5.57 -30.28 27.08
N ASN I 295 -6.42 -29.75 27.97
CA ASN I 295 -7.72 -30.38 28.32
C ASN I 295 -8.83 -29.33 28.19
N ARG I 296 -8.56 -28.26 27.43
CA ARG I 296 -9.59 -27.23 27.15
C ARG I 296 -10.48 -27.70 26.01
N THR I 297 -11.79 -27.63 26.19
CA THR I 297 -12.67 -28.13 25.16
C THR I 297 -13.83 -27.23 24.80
N ILE I 298 -14.32 -27.34 23.56
CA ILE I 298 -15.59 -26.62 23.19
C ILE I 298 -16.64 -27.68 22.88
N ILE I 299 -17.67 -27.85 23.72
CA ILE I 299 -18.65 -28.89 23.58
C ILE I 299 -19.82 -28.37 22.80
N SER I 300 -20.10 -28.95 21.65
CA SER I 300 -21.24 -28.42 20.93
C SER I 300 -22.44 -29.05 21.59
N LEU I 301 -23.60 -28.47 21.41
CA LEU I 301 -24.79 -29.07 21.98
C LEU I 301 -25.66 -29.58 20.86
N ASN I 302 -26.40 -30.65 21.13
CA ASN I 302 -27.26 -31.26 20.14
C ASN I 302 -28.52 -30.42 19.90
N LYS I 303 -28.66 -29.90 18.68
CA LYS I 303 -29.74 -28.97 18.31
C LYS I 303 -31.11 -29.61 18.45
N TYR I 304 -31.13 -30.92 18.54
CA TYR I 304 -32.34 -31.69 18.70
C TYR I 304 -33.17 -31.17 19.84
N TYR I 305 -32.52 -30.77 20.91
CA TYR I 305 -33.22 -30.36 22.11
C TYR I 305 -33.75 -28.89 22.14
N ASN I 306 -33.48 -28.08 21.07
CA ASN I 306 -33.90 -26.68 20.89
C ASN I 306 -33.62 -25.80 22.13
N LEU I 307 -32.36 -25.85 22.64
CA LEU I 307 -31.95 -25.09 23.82
C LEU I 307 -31.93 -23.62 23.45
N THR I 308 -32.53 -22.82 24.31
CA THR I 308 -32.69 -21.41 24.07
C THR I 308 -32.59 -20.58 25.32
N MET I 309 -32.05 -19.39 25.19
CA MET I 309 -31.97 -18.52 26.33
C MET I 309 -32.58 -17.18 26.02
N LYS I 310 -33.61 -16.86 26.78
CA LYS I 310 -34.36 -15.64 26.56
C LYS I 310 -34.12 -14.65 27.71
N CYS I 311 -33.49 -13.50 27.39
CA CYS I 311 -33.10 -12.48 28.37
C CYS I 311 -33.98 -11.27 28.26
N ARG I 312 -34.26 -10.72 29.41
CA ARG I 312 -35.08 -9.54 29.51
C ARG I 312 -34.45 -8.51 30.40
N ARG I 313 -34.53 -7.27 29.98
CA ARG I 313 -34.10 -6.19 30.80
C ARG I 313 -35.34 -5.31 30.96
N PRO I 314 -35.97 -5.35 32.12
CA PRO I 314 -37.20 -4.67 32.42
C PRO I 314 -36.95 -3.21 32.55
N GLY I 315 -37.99 -2.42 32.37
CA GLY I 315 -37.90 -1.00 32.57
C GLY I 315 -37.77 -0.29 31.23
N ASN I 316 -38.23 0.96 31.17
CA ASN I 316 -38.21 1.83 30.00
C ASN I 316 -37.15 2.92 30.20
N LYS I 317 -35.96 2.79 29.55
CA LYS I 317 -34.88 3.76 29.73
C LYS I 317 -35.02 4.98 28.87
N THR I 318 -34.51 6.05 29.40
CA THR I 318 -34.39 7.32 28.75
C THR I 318 -32.93 7.56 28.54
N VAL I 319 -32.56 8.11 27.41
CA VAL I 319 -31.15 8.36 27.13
C VAL I 319 -30.95 9.83 26.83
N LEU I 320 -29.98 10.43 27.49
CA LEU I 320 -29.71 11.85 27.31
C LEU I 320 -28.30 12.18 26.81
N PRO I 321 -28.12 12.55 25.55
CA PRO I 321 -26.86 12.95 25.00
C PRO I 321 -26.34 14.18 25.74
N VAL I 322 -25.06 14.19 26.08
CA VAL I 322 -24.40 15.32 26.72
C VAL I 322 -23.17 15.72 25.91
N THR I 323 -23.04 17.00 25.58
CA THR I 323 -21.86 17.41 24.82
C THR I 323 -20.80 17.82 25.82
N ILE I 324 -19.63 17.22 25.72
CA ILE I 324 -18.59 17.53 26.70
C ILE I 324 -17.32 18.07 26.09
N MET I 325 -16.90 19.26 26.53
CA MET I 325 -15.64 19.95 26.16
C MET I 325 -15.01 19.81 24.76
N SER I 326 -14.72 18.58 24.34
CA SER I 326 -14.10 18.28 23.06
C SER I 326 -15.10 18.43 21.93
N GLY I 327 -16.36 18.45 22.32
CA GLY I 327 -17.47 18.59 21.41
C GLY I 327 -18.11 17.28 21.06
N LEU I 328 -17.51 16.20 21.52
CA LEU I 328 -18.06 14.90 21.26
C LEU I 328 -19.10 14.59 22.33
N VAL I 329 -20.04 13.74 21.95
CA VAL I 329 -21.16 13.37 22.79
C VAL I 329 -21.11 12.05 23.54
N PHE I 330 -21.43 12.16 24.82
CA PHE I 330 -21.54 11.09 25.79
C PHE I 330 -22.99 10.76 26.02
N HIS I 331 -23.32 9.49 26.14
CA HIS I 331 -24.73 9.18 26.42
C HIS I 331 -24.97 8.84 27.87
N SER I 332 -25.68 9.73 28.55
CA SER I 332 -25.95 9.59 29.97
C SER I 332 -27.19 8.76 30.19
N GLN I 333 -27.42 8.38 31.44
CA GLN I 333 -28.54 7.53 31.81
C GLN I 333 -29.42 8.08 32.98
N PRO I 334 -30.22 9.15 32.78
CA PRO I 334 -31.04 9.82 33.79
C PRO I 334 -32.34 9.09 34.02
N ILE I 335 -32.25 7.88 34.56
CA ILE I 335 -33.43 7.03 34.67
C ILE I 335 -34.39 7.47 35.74
N ASN I 336 -33.89 7.81 36.91
CA ASN I 336 -34.74 8.29 37.98
C ASN I 336 -35.92 7.35 38.28
N ASP I 337 -35.63 6.05 38.35
CA ASP I 337 -36.63 5.02 38.61
C ASP I 337 -35.98 3.86 39.33
N ARG I 338 -36.77 2.85 39.66
CA ARG I 338 -36.26 1.67 40.32
C ARG I 338 -36.85 0.37 39.74
N PRO I 339 -36.37 -0.09 38.58
CA PRO I 339 -36.82 -1.27 37.88
C PRO I 339 -36.32 -2.55 38.53
N LYS I 340 -36.93 -3.66 38.15
CA LYS I 340 -36.52 -5.02 38.55
C LYS I 340 -35.21 -5.41 37.92
N GLN I 341 -34.56 -6.43 38.47
CA GLN I 341 -33.32 -6.91 37.90
C GLN I 341 -33.49 -7.49 36.56
N ALA I 342 -32.48 -7.29 35.75
CA ALA I 342 -32.43 -7.97 34.49
C ALA I 342 -32.37 -9.42 34.84
N TRP I 343 -32.99 -10.25 34.05
CA TRP I 343 -32.97 -11.65 34.38
C TRP I 343 -33.09 -12.46 33.11
N CYS I 344 -32.71 -13.76 33.15
CA CYS I 344 -32.80 -14.65 31.99
C CYS I 344 -33.47 -15.97 32.30
N TRP I 345 -34.26 -16.37 31.34
CA TRP I 345 -35.06 -17.58 31.27
C TRP I 345 -34.52 -18.65 30.32
N PHE I 346 -34.22 -19.82 30.84
CA PHE I 346 -33.71 -20.90 30.02
C PHE I 346 -34.80 -21.86 29.58
N GLY I 347 -34.93 -22.04 28.27
CA GLY I 347 -35.95 -22.95 27.76
C GLY I 347 -35.31 -24.09 26.99
N GLY I 348 -36.11 -25.02 26.48
CA GLY I 348 -35.61 -26.17 25.73
C GLY I 348 -35.37 -27.36 26.65
N LYS I 349 -35.03 -28.52 26.09
CA LYS I 349 -34.85 -29.72 26.88
C LYS I 349 -33.46 -29.83 27.47
N TRP I 350 -33.22 -29.00 28.47
CA TRP I 350 -31.92 -28.89 29.10
C TRP I 350 -31.46 -30.10 29.85
N LYS I 351 -32.36 -30.79 30.50
CA LYS I 351 -31.88 -31.91 31.27
C LYS I 351 -31.32 -32.98 30.37
N ASP I 352 -31.96 -33.19 29.23
CA ASP I 352 -31.51 -34.25 28.37
C ASP I 352 -30.33 -33.81 27.54
N ALA I 353 -30.27 -32.55 27.16
CA ALA I 353 -29.12 -32.14 26.39
C ALA I 353 -27.85 -32.26 27.21
N ILE I 354 -27.94 -31.94 28.50
CA ILE I 354 -26.77 -32.06 29.35
C ILE I 354 -26.43 -33.52 29.61
N LYS I 355 -27.41 -34.40 29.82
CA LYS I 355 -27.04 -35.79 30.00
C LYS I 355 -26.22 -36.26 28.80
N GLU I 356 -26.57 -35.83 27.58
CA GLU I 356 -25.77 -36.24 26.44
C GLU I 356 -24.36 -35.71 26.52
N VAL I 357 -24.16 -34.53 27.07
CA VAL I 357 -22.81 -34.02 27.16
C VAL I 357 -21.99 -34.94 28.02
N LYS I 358 -22.55 -35.35 29.14
CA LYS I 358 -21.79 -36.22 30.01
C LYS I 358 -21.48 -37.55 29.35
N GLN I 359 -22.42 -38.09 28.60
CA GLN I 359 -22.20 -39.36 27.93
C GLN I 359 -21.13 -39.24 26.86
N THR I 360 -21.14 -38.11 26.15
CA THR I 360 -20.19 -37.87 25.08
C THR I 360 -18.79 -37.80 25.67
N ILE I 361 -18.65 -37.18 26.84
CA ILE I 361 -17.35 -37.13 27.47
C ILE I 361 -16.89 -38.53 27.84
N VAL I 362 -17.77 -39.34 28.43
CA VAL I 362 -17.38 -40.68 28.85
C VAL I 362 -16.87 -41.52 27.70
N LYS I 363 -17.48 -41.40 26.55
CA LYS I 363 -17.11 -42.18 25.39
C LYS I 363 -16.02 -41.56 24.50
N HIS I 364 -15.53 -40.38 24.86
CA HIS I 364 -14.58 -39.67 24.01
C HIS I 364 -13.18 -40.31 24.01
N PRO I 365 -12.49 -40.40 22.87
CA PRO I 365 -11.12 -40.88 22.72
C PRO I 365 -10.08 -40.30 23.66
N ARG I 366 -10.17 -39.02 24.04
CA ARG I 366 -9.09 -38.44 24.87
C ARG I 366 -9.41 -38.56 26.37
N TYR I 367 -10.56 -39.12 26.73
CA TYR I 367 -10.96 -39.16 28.12
C TYR I 367 -10.68 -40.49 28.77
N THR I 368 -9.97 -40.45 29.87
CA THR I 368 -9.60 -41.60 30.68
C THR I 368 -9.93 -41.28 32.11
N GLY I 369 -11.19 -41.06 32.36
CA GLY I 369 -11.66 -40.61 33.65
C GLY I 369 -12.58 -41.60 34.29
N THR I 370 -13.83 -41.21 34.45
CA THR I 370 -14.72 -42.07 35.20
C THR I 370 -15.49 -43.06 34.31
N ASN I 371 -16.28 -43.89 35.00
CA ASN I 371 -17.10 -45.00 34.55
C ASN I 371 -18.53 -44.57 34.20
N ASN I 372 -19.14 -43.75 35.09
CA ASN I 372 -20.54 -43.31 35.04
C ASN I 372 -20.70 -41.81 34.97
N THR I 373 -21.85 -41.42 34.48
CA THR I 373 -22.19 -40.02 34.33
C THR I 373 -22.61 -39.37 35.62
N ASP I 374 -22.73 -40.12 36.71
CA ASP I 374 -23.12 -39.46 37.95
C ASP I 374 -21.89 -38.96 38.70
N LYS I 375 -20.70 -39.16 38.13
CA LYS I 375 -19.46 -38.72 38.73
C LYS I 375 -18.86 -37.57 37.93
N ILE I 376 -19.67 -37.05 37.00
CA ILE I 376 -19.34 -35.95 36.11
C ILE I 376 -20.34 -34.85 36.45
N ASN I 377 -19.89 -33.59 36.59
CA ASN I 377 -20.72 -32.46 37.09
C ASN I 377 -20.35 -31.12 36.43
N LEU I 378 -21.34 -30.31 35.98
CA LEU I 378 -21.09 -28.96 35.48
C LEU I 378 -20.73 -28.15 36.70
N THR I 379 -19.74 -27.30 36.59
CA THR I 379 -19.41 -26.50 37.74
C THR I 379 -18.82 -25.16 37.40
N ALA I 380 -19.06 -24.20 38.27
CA ALA I 380 -18.50 -22.88 38.09
C ALA I 380 -17.02 -22.92 38.43
N PRO I 381 -16.20 -22.04 37.85
CA PRO I 381 -14.83 -21.85 38.21
C PRO I 381 -14.86 -21.20 39.57
N GLY I 382 -13.81 -21.37 40.36
CA GLY I 382 -13.79 -20.71 41.66
C GLY I 382 -13.18 -19.33 41.63
N GLY I 383 -13.07 -18.72 42.81
CA GLY I 383 -12.53 -17.38 42.94
C GLY I 383 -13.67 -16.38 43.09
N GLY I 384 -13.33 -15.12 43.31
CA GLY I 384 -14.35 -14.07 43.47
C GLY I 384 -14.38 -13.14 42.25
N ASP I 385 -13.67 -13.54 41.21
CA ASP I 385 -13.51 -12.73 40.02
C ASP I 385 -14.74 -12.83 39.09
N PRO I 386 -15.56 -11.74 38.97
CA PRO I 386 -16.75 -11.73 38.11
C PRO I 386 -16.52 -12.16 36.66
N GLU I 387 -15.28 -12.12 36.20
CA GLU I 387 -15.08 -12.42 34.77
C GLU I 387 -15.17 -13.94 34.56
N VAL I 388 -15.15 -14.74 35.63
CA VAL I 388 -15.33 -16.16 35.47
C VAL I 388 -16.50 -16.70 36.28
N THR I 389 -16.88 -16.02 37.37
CA THR I 389 -17.93 -16.54 38.24
C THR I 389 -19.34 -16.23 37.76
N PHE I 390 -19.45 -15.43 36.70
CA PHE I 390 -20.78 -15.02 36.18
C PHE I 390 -20.90 -15.56 34.76
N MET I 391 -21.98 -15.26 34.06
CA MET I 391 -22.04 -15.63 32.62
C MET I 391 -22.32 -14.33 31.87
N TRP I 392 -21.51 -13.97 30.87
CA TRP I 392 -21.70 -12.65 30.22
C TRP I 392 -22.49 -12.85 28.92
N THR I 393 -23.62 -12.16 28.78
CA THR I 393 -24.47 -12.27 27.57
C THR I 393 -24.59 -10.88 26.94
N ASN I 394 -24.39 -10.78 25.63
CA ASN I 394 -24.42 -9.45 24.97
C ASN I 394 -25.84 -9.20 24.46
N CYS I 395 -26.70 -8.63 25.30
CA CYS I 395 -28.09 -8.45 24.86
C CYS I 395 -28.23 -7.10 24.17
N ARG I 396 -28.10 -7.12 22.85
CA ARG I 396 -28.23 -5.94 22.02
C ARG I 396 -27.45 -4.71 22.50
N GLY I 397 -26.20 -4.86 22.89
CA GLY I 397 -25.44 -3.68 23.29
C GLY I 397 -25.23 -3.50 24.79
N GLU I 398 -25.95 -4.23 25.63
CA GLU I 398 -25.72 -4.12 27.07
C GLU I 398 -25.18 -5.43 27.60
N PHE I 399 -24.10 -5.35 28.38
CA PHE I 399 -23.48 -6.61 28.86
C PHE I 399 -24.20 -7.04 30.13
N LEU I 400 -24.69 -8.28 30.16
CA LEU I 400 -25.47 -8.76 31.32
C LEU I 400 -24.71 -9.89 32.00
N TYR I 401 -24.34 -9.74 33.27
CA TYR I 401 -23.71 -10.86 34.00
C TYR I 401 -24.76 -11.59 34.85
N CYS I 402 -24.89 -12.91 34.70
CA CYS I 402 -25.96 -13.64 35.41
C CYS I 402 -25.42 -14.69 36.39
N LYS I 403 -25.78 -14.61 37.67
CA LYS I 403 -25.42 -15.65 38.66
C LYS I 403 -26.20 -16.94 38.34
N MET I 404 -25.51 -18.04 38.03
CA MET I 404 -26.19 -19.27 37.66
C MET I 404 -26.33 -20.42 38.63
N ASN I 405 -26.27 -20.21 39.93
CA ASN I 405 -26.41 -21.37 40.79
C ASN I 405 -27.79 -21.98 40.70
N TRP I 406 -28.82 -21.17 40.51
CA TRP I 406 -30.14 -21.74 40.47
C TRP I 406 -30.28 -22.65 39.28
N PHE I 407 -29.70 -22.22 38.17
CA PHE I 407 -29.77 -22.96 36.94
C PHE I 407 -29.04 -24.26 37.04
N LEU I 408 -27.82 -24.21 37.53
CA LEU I 408 -27.05 -25.42 37.59
C LEU I 408 -27.70 -26.41 38.54
N ASN I 409 -28.28 -25.92 39.64
CA ASN I 409 -28.90 -26.84 40.56
C ASN I 409 -30.08 -27.51 39.91
N TRP I 410 -30.85 -26.76 39.13
CA TRP I 410 -31.96 -27.33 38.43
C TRP I 410 -31.58 -28.35 37.39
N VAL I 411 -30.61 -28.04 36.54
CA VAL I 411 -30.27 -28.96 35.45
C VAL I 411 -29.78 -30.28 35.97
N GLU I 412 -28.95 -30.25 37.00
CA GLU I 412 -28.39 -31.47 37.53
C GLU I 412 -29.31 -32.14 38.55
N ASP I 413 -30.43 -31.49 38.89
CA ASP I 413 -31.35 -31.92 39.92
C ASP I 413 -30.49 -32.19 41.17
N ARG I 414 -29.63 -31.23 41.48
CA ARG I 414 -28.67 -31.34 42.55
C ARG I 414 -29.26 -31.28 43.93
N ASN I 415 -28.67 -32.06 44.82
CA ASN I 415 -29.02 -31.99 46.22
C ASN I 415 -28.18 -30.86 46.74
N THR I 416 -28.82 -29.75 47.03
CA THR I 416 -28.12 -28.55 47.38
C THR I 416 -27.75 -28.60 48.84
N ALA I 417 -28.68 -28.24 49.72
CA ALA I 417 -28.56 -28.34 51.19
C ALA I 417 -27.51 -27.44 51.86
N ASN I 418 -26.27 -27.49 51.39
CA ASN I 418 -25.14 -26.79 51.99
C ASN I 418 -24.64 -25.60 51.19
N GLN I 419 -25.45 -25.10 50.27
CA GLN I 419 -25.07 -23.97 49.43
C GLN I 419 -25.43 -22.60 50.00
N LYS I 420 -26.08 -22.62 51.14
CA LYS I 420 -26.64 -21.51 51.91
C LYS I 420 -27.98 -21.13 51.28
N PRO I 421 -28.98 -20.69 52.05
CA PRO I 421 -30.39 -20.57 51.67
C PRO I 421 -30.75 -19.85 50.38
N LYS I 422 -30.00 -18.86 49.94
CA LYS I 422 -30.42 -18.19 48.73
C LYS I 422 -29.93 -18.85 47.46
N GLU I 423 -28.99 -19.77 47.60
CA GLU I 423 -28.39 -20.42 46.46
C GLU I 423 -28.84 -21.87 46.31
N GLN I 424 -29.71 -22.31 47.22
CA GLN I 424 -30.16 -23.71 47.32
C GLN I 424 -31.37 -24.10 46.49
N HIS I 425 -31.89 -23.15 45.75
CA HIS I 425 -33.08 -23.28 44.94
C HIS I 425 -32.81 -23.93 43.59
N LYS I 426 -33.85 -24.52 43.01
CA LYS I 426 -33.74 -25.09 41.67
C LYS I 426 -34.65 -24.32 40.74
N ARG I 427 -34.07 -23.56 39.82
CA ARG I 427 -34.93 -22.78 38.95
C ARG I 427 -34.43 -22.79 37.53
N ASN I 428 -35.30 -22.54 36.56
CA ASN I 428 -34.78 -22.47 35.19
C ASN I 428 -34.58 -21.06 34.72
N TYR I 429 -34.46 -20.16 35.65
CA TYR I 429 -34.18 -18.79 35.36
C TYR I 429 -33.21 -18.30 36.40
N VAL I 430 -32.46 -17.27 36.04
CA VAL I 430 -31.48 -16.72 36.94
C VAL I 430 -31.55 -15.21 37.03
N PRO I 431 -31.15 -14.61 38.17
CA PRO I 431 -31.04 -13.19 38.36
C PRO I 431 -29.81 -12.79 37.61
N CYS I 432 -29.79 -11.54 37.11
CA CYS I 432 -28.63 -11.01 36.34
C CYS I 432 -28.50 -9.51 36.66
N HIS I 433 -27.34 -8.89 36.41
CA HIS I 433 -27.18 -7.43 36.61
C HIS I 433 -26.54 -6.78 35.38
N ILE I 434 -26.89 -5.52 35.07
CA ILE I 434 -26.23 -4.80 33.98
C ILE I 434 -24.99 -4.08 34.43
N ARG I 435 -23.94 -4.15 33.61
CA ARG I 435 -22.66 -3.46 33.90
C ARG I 435 -22.26 -2.67 32.66
N GLN I 436 -22.13 -1.35 32.76
CA GLN I 436 -21.78 -0.55 31.59
C GLN I 436 -20.29 -0.37 31.35
N ILE I 437 -19.43 -0.57 32.36
CA ILE I 437 -18.00 -0.39 32.09
C ILE I 437 -17.41 -1.78 32.00
N ILE I 438 -17.12 -2.17 30.75
CA ILE I 438 -16.68 -3.56 30.47
C ILE I 438 -15.24 -3.65 29.99
N ASN I 439 -14.47 -4.57 30.57
CA ASN I 439 -13.11 -4.88 30.19
C ASN I 439 -13.21 -5.77 28.95
N THR I 440 -12.71 -5.26 27.84
CA THR I 440 -12.82 -5.90 26.54
C THR I 440 -12.29 -7.32 26.59
N TRP I 441 -13.03 -8.23 25.98
CA TRP I 441 -12.76 -9.67 25.93
C TRP I 441 -11.39 -10.13 25.44
N HIS I 442 -10.70 -9.33 24.63
CA HIS I 442 -9.42 -9.75 24.09
C HIS I 442 -8.32 -9.51 25.13
N LYS I 443 -7.08 -9.85 24.83
CA LYS I 443 -6.04 -9.71 25.84
C LYS I 443 -5.46 -8.31 25.84
N VAL I 444 -6.30 -7.37 26.25
CA VAL I 444 -5.97 -5.96 26.25
C VAL I 444 -6.03 -5.23 27.59
N GLY I 445 -7.07 -5.45 28.38
CA GLY I 445 -7.21 -4.72 29.64
C GLY I 445 -7.85 -3.34 29.45
N LYS I 446 -8.40 -3.10 28.28
CA LYS I 446 -9.01 -1.84 27.95
C LYS I 446 -10.46 -1.78 28.38
N ASN I 447 -10.77 -0.74 29.17
CA ASN I 447 -12.12 -0.52 29.66
C ASN I 447 -12.88 0.43 28.77
N VAL I 448 -14.05 -0.01 28.35
CA VAL I 448 -14.86 0.81 27.49
C VAL I 448 -16.22 0.98 28.11
N TYR I 449 -16.90 2.02 27.70
CA TYR I 449 -18.23 2.26 28.24
C TYR I 449 -19.26 1.95 27.20
N LEU I 450 -20.28 1.21 27.60
CA LEU I 450 -21.32 0.90 26.66
C LEU I 450 -22.48 1.87 26.85
N PRO I 451 -22.93 2.57 25.81
CA PRO I 451 -24.05 3.45 25.86
C PRO I 451 -25.25 2.60 26.20
N PRO I 452 -26.26 3.14 26.87
CA PRO I 452 -27.50 2.49 27.22
C PRO I 452 -28.41 2.32 26.03
N ARG I 453 -29.29 1.34 26.07
CA ARG I 453 -30.31 1.30 25.03
C ARG I 453 -31.61 1.92 25.54
N GLU I 454 -32.23 2.74 24.72
CA GLU I 454 -33.49 3.41 25.02
C GLU I 454 -34.64 2.42 24.98
N GLY I 455 -35.64 2.58 25.85
CA GLY I 455 -36.76 1.64 25.85
C GLY I 455 -36.38 0.42 26.67
N ASP I 456 -37.03 -0.71 26.42
CA ASP I 456 -36.74 -1.91 27.19
C ASP I 456 -35.91 -2.84 26.31
N LEU I 457 -35.49 -3.98 26.84
CA LEU I 457 -34.78 -4.91 25.97
C LEU I 457 -35.20 -6.33 26.13
N THR I 458 -35.35 -6.97 25.01
CA THR I 458 -35.62 -8.39 24.97
C THR I 458 -34.69 -9.04 23.94
N CYS I 459 -34.07 -10.19 24.28
CA CYS I 459 -33.19 -10.97 23.38
C CYS I 459 -33.56 -12.43 23.43
N ASN I 460 -33.76 -13.05 22.25
CA ASN I 460 -34.03 -14.49 22.23
C ASN I 460 -32.94 -15.21 21.44
N SER I 461 -31.99 -15.86 22.14
CA SER I 461 -30.80 -16.49 21.54
C SER I 461 -30.90 -17.99 21.52
N THR I 462 -30.25 -18.64 20.55
CA THR I 462 -30.22 -20.09 20.65
C THR I 462 -28.98 -20.44 21.42
N VAL I 463 -28.94 -21.62 22.01
CA VAL I 463 -27.73 -22.01 22.72
C VAL I 463 -27.11 -23.12 21.95
N THR I 464 -25.91 -22.92 21.48
CA THR I 464 -25.32 -23.93 20.61
C THR I 464 -24.09 -24.59 21.15
N SER I 465 -23.45 -24.00 22.14
CA SER I 465 -22.23 -24.59 22.65
C SER I 465 -21.97 -24.30 24.10
N LEU I 466 -21.15 -25.12 24.69
CA LEU I 466 -20.69 -24.95 26.05
C LEU I 466 -19.16 -24.81 26.05
N ILE I 467 -18.65 -23.80 26.75
CA ILE I 467 -17.21 -23.55 26.78
C ILE I 467 -16.69 -24.00 28.12
N ALA I 468 -15.84 -25.02 28.16
CA ALA I 468 -15.43 -25.54 29.46
C ALA I 468 -14.15 -26.33 29.41
N ASN I 469 -13.49 -26.48 30.54
CA ASN I 469 -12.35 -27.39 30.59
C ASN I 469 -12.83 -28.69 31.20
N ILE I 470 -12.22 -29.81 30.85
CA ILE I 470 -12.60 -31.04 31.53
C ILE I 470 -11.44 -31.39 32.43
N ASP I 471 -11.66 -31.53 33.74
CA ASP I 471 -10.51 -31.68 34.62
C ASP I 471 -10.72 -32.71 35.73
N TRP I 472 -9.98 -33.81 35.65
CA TRP I 472 -10.14 -34.90 36.59
C TRP I 472 -8.77 -35.40 37.00
N ILE I 473 -8.66 -36.02 38.18
CA ILE I 473 -7.38 -36.57 38.61
C ILE I 473 -7.40 -38.08 38.79
N ASP I 474 -8.58 -38.67 38.82
CA ASP I 474 -8.82 -40.09 38.96
C ASP I 474 -10.19 -40.33 38.37
N GLY I 475 -10.66 -41.57 38.34
CA GLY I 475 -11.97 -41.86 37.75
C GLY I 475 -13.22 -41.65 38.63
N ASN I 476 -13.30 -40.48 39.30
CA ASN I 476 -14.34 -40.00 40.20
C ASN I 476 -14.21 -38.47 40.37
N GLN I 477 -15.21 -37.69 39.86
CA GLN I 477 -15.28 -36.22 39.81
C GLN I 477 -14.49 -35.75 38.62
N THR I 478 -15.22 -35.46 37.58
CA THR I 478 -14.63 -35.01 36.32
C THR I 478 -14.64 -33.50 36.02
N ASN I 479 -15.45 -32.72 36.77
CA ASN I 479 -15.62 -31.26 36.68
C ASN I 479 -15.53 -30.69 35.26
N ILE I 480 -16.70 -30.39 34.65
CA ILE I 480 -16.79 -29.67 33.38
C ILE I 480 -16.81 -28.25 33.86
N THR I 481 -15.67 -27.60 33.81
CA THR I 481 -15.57 -26.33 34.48
C THR I 481 -15.81 -25.26 33.50
N MET I 482 -16.80 -24.45 33.77
CA MET I 482 -17.17 -23.48 32.80
C MET I 482 -16.02 -22.50 32.65
N SER I 483 -15.74 -22.13 31.41
CA SER I 483 -14.63 -21.24 31.11
C SER I 483 -15.07 -19.94 30.46
N ALA I 484 -14.25 -18.92 30.64
CA ALA I 484 -14.52 -17.60 30.09
C ALA I 484 -13.64 -17.24 28.92
N GLU I 485 -12.96 -18.20 28.35
CA GLU I 485 -12.14 -17.81 27.22
C GLU I 485 -13.05 -17.72 26.01
N VAL I 486 -13.50 -16.51 25.72
CA VAL I 486 -14.51 -16.36 24.67
C VAL I 486 -13.91 -16.71 23.34
N ALA I 487 -12.62 -16.48 23.18
CA ALA I 487 -11.93 -16.72 21.93
C ALA I 487 -12.02 -18.16 21.47
N GLU I 488 -12.25 -19.09 22.38
CA GLU I 488 -12.32 -20.49 21.99
C GLU I 488 -13.46 -20.72 21.03
N LEU I 489 -14.53 -19.97 21.15
CA LEU I 489 -15.71 -20.19 20.34
C LEU I 489 -15.43 -20.07 18.84
N TYR I 490 -14.46 -19.26 18.44
CA TYR I 490 -14.18 -19.08 17.03
C TYR I 490 -13.63 -20.35 16.43
N ARG I 491 -13.09 -21.22 17.27
CA ARG I 491 -12.47 -22.48 16.78
C ARG I 491 -13.54 -23.55 16.62
N LEU I 492 -14.79 -23.25 16.99
CA LEU I 492 -15.86 -24.19 16.77
C LEU I 492 -16.53 -23.77 15.48
N GLU I 493 -16.60 -22.45 15.27
CA GLU I 493 -17.21 -21.87 14.08
C GLU I 493 -16.43 -22.22 12.83
N LEU I 494 -15.12 -22.22 12.96
CA LEU I 494 -14.23 -22.58 11.88
C LEU I 494 -13.51 -23.80 12.38
N GLY I 495 -12.19 -23.78 12.51
CA GLY I 495 -11.53 -24.94 13.13
C GLY I 495 -11.23 -26.11 12.22
N ASP I 496 -12.22 -26.61 11.53
CA ASP I 496 -12.02 -27.74 10.66
C ASP I 496 -11.47 -27.36 9.30
N TYR I 497 -11.12 -26.09 9.12
CA TYR I 497 -10.54 -25.63 7.87
C TYR I 497 -9.04 -25.56 7.90
N LYS I 498 -8.44 -25.88 6.78
CA LYS I 498 -7.01 -25.73 6.58
C LYS I 498 -6.79 -24.90 5.32
N LEU I 499 -5.86 -23.97 5.38
CA LEU I 499 -5.56 -23.15 4.20
C LEU I 499 -4.34 -23.61 3.47
N VAL I 500 -4.51 -23.91 2.17
CA VAL I 500 -3.40 -24.39 1.37
C VAL I 500 -3.20 -23.63 0.06
N GLU I 501 -1.99 -23.72 -0.44
CA GLU I 501 -1.56 -23.18 -1.71
C GLU I 501 -1.49 -24.25 -2.76
N ILE I 502 -2.11 -24.00 -3.90
CA ILE I 502 -2.02 -24.93 -5.01
C ILE I 502 -0.76 -24.56 -5.75
N THR I 503 0.10 -25.54 -5.99
CA THR I 503 1.39 -25.31 -6.63
C THR I 503 1.54 -26.18 -7.86
N PRO I 504 0.97 -25.82 -9.01
CA PRO I 504 0.78 -26.68 -10.16
C PRO I 504 1.98 -26.99 -11.04
N ILE I 505 3.19 -26.96 -10.49
CA ILE I 505 4.35 -27.31 -11.29
C ILE I 505 5.06 -28.49 -10.69
N GLY I 506 5.17 -29.56 -11.46
CA GLY I 506 5.86 -30.73 -10.96
C GLY I 506 7.00 -31.16 -11.87
N LEU I 507 7.81 -32.07 -11.37
CA LEU I 507 8.96 -32.59 -12.12
C LEU I 507 8.89 -34.09 -12.08
N ALA I 508 9.31 -34.81 -13.13
CA ALA I 508 9.30 -36.27 -13.03
C ALA I 508 10.07 -36.82 -14.21
N PRO I 509 10.85 -37.87 -14.05
CA PRO I 509 11.63 -38.44 -15.10
C PRO I 509 10.75 -38.98 -16.21
N THR I 510 11.08 -38.64 -17.43
CA THR I 510 10.36 -39.14 -18.59
C THR I 510 11.17 -39.02 -19.87
N SER I 511 10.86 -39.84 -20.87
CA SER I 511 11.56 -39.72 -22.13
C SER I 511 10.78 -38.96 -23.20
N CYS I 512 11.27 -37.75 -23.52
CA CYS I 512 10.64 -36.88 -24.52
C CYS I 512 11.52 -35.68 -24.83
N LYS I 513 12.82 -35.87 -24.86
CA LYS I 513 13.78 -34.76 -25.03
C LYS I 513 13.59 -33.93 -26.32
N ARG I 514 13.61 -32.58 -26.20
CA ARG I 514 13.52 -31.71 -27.38
C ARG I 514 14.64 -32.04 -28.37
N TYR I 515 14.26 -32.15 -29.68
CA TYR I 515 15.11 -32.46 -30.86
C TYR I 515 16.51 -33.03 -30.54
N GLY J 6 -12.44 -19.00 -8.39
CA GLY J 6 -12.72 -20.10 -9.28
C GLY J 6 -13.44 -21.20 -8.50
N PHE J 7 -13.68 -22.36 -9.17
CA PHE J 7 -14.37 -23.54 -8.60
C PHE J 7 -13.43 -24.54 -7.94
N LEU J 8 -12.13 -24.35 -8.17
CA LEU J 8 -11.06 -25.21 -7.66
C LEU J 8 -11.18 -26.66 -8.10
N GLY J 9 -11.84 -26.90 -9.24
CA GLY J 9 -12.08 -28.22 -9.83
C GLY J 9 -10.76 -28.85 -10.24
N PHE J 10 -9.74 -28.03 -10.29
CA PHE J 10 -8.39 -28.40 -10.61
C PHE J 10 -7.92 -29.55 -9.73
N LEU J 11 -8.24 -29.49 -8.43
CA LEU J 11 -7.78 -30.51 -7.51
C LEU J 11 -8.71 -31.69 -7.44
N ALA J 12 -9.79 -31.70 -8.21
CA ALA J 12 -10.80 -32.75 -8.14
C ALA J 12 -10.22 -34.13 -8.39
N THR J 13 -9.22 -34.19 -9.23
CA THR J 13 -8.57 -35.42 -9.60
C THR J 13 -7.65 -35.98 -8.53
N ALA J 14 -7.35 -35.19 -7.51
CA ALA J 14 -6.41 -35.64 -6.52
C ALA J 14 -6.84 -37.00 -5.98
N GLY J 15 -5.85 -37.90 -5.87
CA GLY J 15 -6.07 -39.27 -5.43
C GLY J 15 -6.09 -40.27 -6.61
N SER J 16 -6.12 -39.75 -7.84
CA SER J 16 -6.16 -40.53 -9.10
C SER J 16 -4.88 -41.22 -9.60
N ALA J 17 -3.73 -40.88 -9.02
CA ALA J 17 -2.37 -41.35 -9.38
C ALA J 17 -1.76 -40.45 -10.47
N MET J 18 -0.43 -40.33 -10.45
CA MET J 18 0.30 -39.38 -11.30
C MET J 18 0.08 -39.51 -12.79
N GLY J 19 -0.01 -40.73 -13.26
CA GLY J 19 -0.13 -40.98 -14.69
C GLY J 19 -1.55 -40.94 -15.20
N ALA J 20 -2.53 -40.65 -14.32
CA ALA J 20 -3.92 -40.64 -14.73
C ALA J 20 -4.30 -39.29 -15.34
N ALA J 21 -3.59 -38.92 -16.39
CA ALA J 21 -3.77 -37.67 -17.12
C ALA J 21 -4.05 -36.55 -16.14
N SER J 22 -5.18 -35.89 -16.34
CA SER J 22 -5.70 -34.85 -15.48
C SER J 22 -4.80 -33.66 -15.21
N LEU J 23 -4.01 -33.24 -16.18
CA LEU J 23 -3.20 -32.06 -15.96
C LEU J 23 -3.81 -30.96 -16.78
N THR J 24 -3.75 -29.74 -16.27
CA THR J 24 -4.22 -28.64 -17.11
C THR J 24 -3.50 -27.30 -16.96
N LEU J 25 -3.38 -26.62 -18.10
CA LEU J 25 -2.76 -25.30 -18.24
C LEU J 25 -3.74 -24.14 -18.23
N THR J 26 -5.05 -24.42 -18.13
CA THR J 26 -6.03 -23.34 -18.18
C THR J 26 -6.66 -23.03 -16.83
N ALA J 27 -6.53 -23.93 -15.86
CA ALA J 27 -7.19 -23.77 -14.57
C ALA J 27 -6.78 -22.53 -13.80
N GLN J 28 -5.54 -22.13 -13.89
CA GLN J 28 -5.13 -20.98 -13.11
C GLN J 28 -5.56 -19.70 -13.75
N SER J 29 -5.67 -19.68 -15.08
CA SER J 29 -6.09 -18.46 -15.72
C SER J 29 -7.53 -18.23 -15.36
N ARG J 30 -8.36 -19.27 -15.40
CA ARG J 30 -9.76 -19.02 -15.13
C ARG J 30 -10.00 -18.71 -13.65
N THR J 31 -9.20 -19.27 -12.75
CA THR J 31 -9.37 -18.96 -11.34
C THR J 31 -9.01 -17.49 -11.11
N LEU J 32 -7.90 -17.03 -11.70
CA LEU J 32 -7.47 -15.66 -11.52
C LEU J 32 -8.42 -14.68 -12.15
N LEU J 33 -8.92 -15.01 -13.33
CA LEU J 33 -9.81 -14.12 -14.03
C LEU J 33 -11.11 -13.94 -13.28
N ALA J 34 -11.65 -15.02 -12.70
CA ALA J 34 -12.88 -14.91 -11.94
C ALA J 34 -12.67 -14.01 -10.72
N GLY J 35 -11.49 -14.17 -10.11
CA GLY J 35 -11.08 -13.41 -8.96
C GLY J 35 -10.98 -11.92 -9.27
N ILE J 36 -10.27 -11.59 -10.35
CA ILE J 36 -10.07 -10.19 -10.70
C ILE J 36 -11.39 -9.51 -10.93
N VAL J 37 -12.33 -10.14 -11.60
CA VAL J 37 -13.58 -9.44 -11.80
C VAL J 37 -14.27 -9.15 -10.47
N GLN J 38 -14.36 -10.13 -9.57
CA GLN J 38 -15.05 -9.86 -8.32
C GLN J 38 -14.32 -8.84 -7.44
N GLN J 39 -12.99 -8.87 -7.46
CA GLN J 39 -12.26 -7.96 -6.61
C GLN J 39 -12.33 -6.54 -7.13
N GLN J 40 -12.30 -6.37 -8.46
CA GLN J 40 -12.37 -5.03 -9.03
C GLN J 40 -13.73 -4.45 -8.79
N GLN J 41 -14.77 -5.30 -8.83
CA GLN J 41 -16.09 -4.77 -8.58
C GLN J 41 -16.15 -4.24 -7.16
N GLN J 42 -15.55 -4.95 -6.19
CA GLN J 42 -15.60 -4.41 -4.84
C GLN J 42 -14.76 -3.15 -4.66
N LEU J 43 -13.61 -3.05 -5.35
CA LEU J 43 -12.81 -1.83 -5.20
C LEU J 43 -13.61 -0.61 -5.61
N LEU J 44 -14.43 -0.78 -6.63
CA LEU J 44 -15.22 0.31 -7.14
C LEU J 44 -16.55 0.48 -6.37
N ASP J 45 -17.02 -0.57 -5.67
CA ASP J 45 -18.23 -0.54 -4.85
C ASP J 45 -18.01 0.17 -3.49
N VAL J 46 -16.84 -0.04 -2.85
CA VAL J 46 -16.62 0.53 -1.50
C VAL J 46 -16.94 2.04 -1.37
N PRO J 47 -16.50 2.93 -2.30
CA PRO J 47 -16.69 4.38 -2.31
C PRO J 47 -18.16 4.82 -2.27
N LYS J 48 -19.12 3.92 -2.52
CA LYS J 48 -20.51 4.36 -2.47
C LYS J 48 -20.91 4.65 -1.01
N ARG J 49 -20.13 4.13 -0.04
CA ARG J 49 -20.38 4.41 1.37
C ARG J 49 -19.14 4.96 2.09
N GLN J 50 -17.94 4.50 1.72
CA GLN J 50 -16.73 4.95 2.42
C GLN J 50 -15.61 5.35 1.46
N GLN J 51 -15.46 6.67 1.26
CA GLN J 51 -14.48 7.16 0.29
C GLN J 51 -13.11 7.55 0.86
N GLU J 52 -13.06 7.89 2.16
CA GLU J 52 -11.78 8.34 2.72
C GLU J 52 -10.94 7.16 3.19
N LEU J 53 -11.55 6.28 3.95
CA LEU J 53 -10.80 5.21 4.57
C LEU J 53 -10.68 3.99 3.70
N LEU J 54 -9.88 4.11 2.65
CA LEU J 54 -9.75 3.01 1.70
C LEU J 54 -8.63 2.03 2.06
N ARG J 55 -7.50 2.56 2.56
CA ARG J 55 -6.36 1.73 2.99
C ARG J 55 -5.84 2.33 4.30
N LEU J 56 -6.69 3.09 4.99
CA LEU J 56 -6.36 3.82 6.22
C LEU J 56 -6.75 3.02 7.44
N THR J 57 -7.29 1.85 7.15
CA THR J 57 -7.80 0.91 8.10
C THR J 57 -7.15 -0.44 7.89
N VAL J 58 -7.35 -1.34 8.85
CA VAL J 58 -6.80 -2.67 8.74
C VAL J 58 -7.44 -3.46 7.60
N TRP J 59 -8.76 -3.38 7.46
CA TRP J 59 -9.35 -4.11 6.36
C TRP J 59 -8.93 -3.59 5.00
N GLY J 60 -8.59 -2.31 4.91
CA GLY J 60 -8.18 -1.74 3.65
C GLY J 60 -6.86 -2.33 3.24
N THR J 61 -5.96 -2.39 4.23
CA THR J 61 -4.63 -2.95 4.03
C THR J 61 -4.75 -4.42 3.71
N LYS J 62 -5.65 -5.13 4.39
CA LYS J 62 -5.81 -6.54 4.10
C LYS J 62 -6.30 -6.78 2.70
N ASN J 63 -7.26 -5.99 2.23
CA ASN J 63 -7.72 -6.23 0.89
C ASN J 63 -6.57 -5.97 -0.09
N LEU J 64 -5.70 -5.00 0.20
CA LEU J 64 -4.57 -4.77 -0.69
C LEU J 64 -3.72 -6.01 -0.73
N GLN J 65 -3.46 -6.56 0.43
CA GLN J 65 -2.60 -7.71 0.54
C GLN J 65 -3.13 -8.93 -0.18
N THR J 66 -4.43 -9.17 -0.17
CA THR J 66 -4.93 -10.34 -0.86
C THR J 66 -5.01 -10.14 -2.37
N ARG J 67 -5.21 -8.90 -2.84
CA ARG J 67 -5.24 -8.68 -4.29
C ARG J 67 -3.82 -8.82 -4.82
N VAL J 68 -2.86 -8.25 -4.09
CA VAL J 68 -1.48 -8.33 -4.50
C VAL J 68 -0.98 -9.76 -4.44
N THR J 69 -1.29 -10.50 -3.38
CA THR J 69 -0.81 -11.87 -3.30
C THR J 69 -1.24 -12.67 -4.51
N ALA J 70 -2.49 -12.54 -4.94
CA ALA J 70 -2.92 -13.31 -6.10
C ALA J 70 -2.08 -12.96 -7.34
N ILE J 71 -1.74 -11.68 -7.50
CA ILE J 71 -0.92 -11.27 -8.64
C ILE J 71 0.50 -11.74 -8.55
N GLU J 72 1.10 -11.63 -7.38
CA GLU J 72 2.47 -12.05 -7.24
C GLU J 72 2.60 -13.52 -7.54
N LYS J 73 1.65 -14.31 -7.06
CA LYS J 73 1.71 -15.74 -7.31
C LYS J 73 1.62 -16.07 -8.78
N TYR J 74 0.72 -15.40 -9.50
CA TYR J 74 0.60 -15.65 -10.91
C TYR J 74 1.91 -15.39 -11.60
N LEU J 75 2.50 -14.24 -11.29
CA LEU J 75 3.74 -13.86 -11.92
C LEU J 75 4.88 -14.79 -11.54
N LYS J 76 4.94 -15.26 -10.30
CA LYS J 76 6.05 -16.15 -9.95
C LYS J 76 6.05 -17.38 -10.83
N ASP J 77 4.88 -17.96 -11.07
CA ASP J 77 4.83 -19.17 -11.86
C ASP J 77 5.05 -18.91 -13.34
N GLN J 78 4.50 -17.83 -13.86
CA GLN J 78 4.69 -17.60 -15.28
C GLN J 78 6.12 -17.22 -15.55
N ALA J 79 6.75 -16.49 -14.64
CA ALA J 79 8.12 -16.09 -14.83
C ALA J 79 9.03 -17.30 -14.82
N GLN J 80 8.75 -18.28 -13.94
CA GLN J 80 9.61 -19.46 -13.91
C GLN J 80 9.45 -20.28 -15.19
N LEU J 81 8.22 -20.38 -15.69
CA LEU J 81 8.06 -21.16 -16.91
C LEU J 81 8.75 -20.48 -18.07
N ASN J 82 8.68 -19.16 -18.15
CA ASN J 82 9.32 -18.48 -19.26
C ASN J 82 10.81 -18.68 -19.20
N ALA J 83 11.37 -18.73 -17.99
CA ALA J 83 12.78 -18.97 -17.83
C ALA J 83 13.17 -20.33 -18.43
N TRP J 84 12.27 -21.32 -18.31
CA TRP J 84 12.47 -22.66 -18.87
C TRP J 84 12.01 -22.73 -20.34
N GLY J 85 11.23 -21.73 -20.74
CA GLY J 85 10.72 -21.46 -22.08
C GLY J 85 9.41 -22.15 -22.43
N CYS J 86 9.06 -23.15 -21.68
CA CYS J 86 7.92 -23.98 -21.97
C CYS J 86 6.59 -23.53 -21.39
N ALA J 87 6.22 -22.30 -21.67
CA ALA J 87 4.99 -21.73 -21.13
C ALA J 87 3.74 -22.49 -21.56
N PHE J 88 3.73 -23.01 -22.78
CA PHE J 88 2.57 -23.69 -23.33
C PHE J 88 2.86 -25.13 -23.72
N ARG J 89 3.82 -25.78 -23.08
CA ARG J 89 4.19 -27.12 -23.58
C ARG J 89 3.85 -28.36 -22.74
N GLN J 90 2.92 -28.28 -21.80
CA GLN J 90 2.56 -29.47 -21.02
C GLN J 90 3.75 -30.07 -20.29
N VAL J 91 4.36 -31.09 -20.93
CA VAL J 91 5.49 -31.85 -20.41
C VAL J 91 6.79 -31.06 -20.58
N CYS J 92 6.77 -30.08 -21.47
CA CYS J 92 7.86 -29.14 -21.74
C CYS J 92 9.11 -29.68 -22.47
N CYS J 93 9.46 -30.95 -22.21
CA CYS J 93 10.55 -31.68 -22.86
C CYS J 93 11.93 -31.10 -22.64
N THR J 94 12.24 -30.69 -21.43
CA THR J 94 13.53 -30.13 -21.25
C THR J 94 14.59 -31.21 -21.36
N THR J 95 15.83 -30.76 -21.54
CA THR J 95 16.98 -31.60 -21.82
C THR J 95 17.86 -31.95 -20.64
N VAL J 96 17.45 -31.50 -19.47
CA VAL J 96 18.18 -31.78 -18.25
C VAL J 96 17.87 -33.20 -17.83
N PRO J 97 18.85 -34.09 -17.59
CA PRO J 97 18.66 -35.47 -17.20
C PRO J 97 18.14 -35.51 -15.78
N TRP J 98 17.38 -36.54 -15.45
CA TRP J 98 16.90 -36.71 -14.10
C TRP J 98 18.09 -37.02 -13.20
N PRO J 99 18.27 -36.35 -12.04
CA PRO J 99 19.38 -36.54 -11.11
C PRO J 99 19.84 -37.97 -10.76
N ASN J 100 18.94 -38.93 -10.35
CA ASN J 100 19.36 -40.32 -10.12
C ASN J 100 18.18 -41.30 -10.22
N ALA J 101 18.51 -42.61 -10.33
CA ALA J 101 17.58 -43.75 -10.50
C ALA J 101 16.92 -44.19 -9.22
N SER J 102 17.31 -43.57 -8.13
CA SER J 102 16.76 -43.90 -6.84
C SER J 102 15.46 -43.15 -6.60
N LEU J 103 15.15 -42.18 -7.45
CA LEU J 103 13.96 -41.36 -7.28
C LEU J 103 13.07 -41.43 -8.50
N ILE J 104 12.39 -42.55 -8.68
CA ILE J 104 11.57 -42.78 -9.85
C ILE J 104 10.12 -42.99 -9.39
N PRO J 105 9.13 -42.27 -9.94
CA PRO J 105 7.73 -42.34 -9.57
C PRO J 105 7.07 -43.60 -10.01
N LYS J 106 6.04 -43.98 -9.29
CA LYS J 106 5.20 -45.07 -9.69
C LYS J 106 3.96 -44.44 -10.29
N TRP J 107 3.92 -44.36 -11.61
CA TRP J 107 2.91 -43.59 -12.32
C TRP J 107 1.49 -44.09 -12.09
N ASN J 108 1.36 -45.37 -11.81
CA ASN J 108 0.06 -45.96 -11.56
C ASN J 108 -0.22 -46.37 -10.11
N ASN J 109 0.52 -45.78 -9.13
CA ASN J 109 0.38 -46.04 -7.69
C ASN J 109 0.36 -44.73 -6.88
N GLU J 110 1.42 -43.88 -7.05
CA GLU J 110 1.62 -42.62 -6.34
C GLU J 110 0.84 -41.53 -7.00
N THR J 111 0.42 -40.57 -6.20
CA THR J 111 -0.26 -39.36 -6.66
C THR J 111 0.73 -38.22 -6.78
N TRP J 112 0.30 -37.13 -7.41
CA TRP J 112 1.19 -35.98 -7.52
C TRP J 112 1.46 -35.35 -6.18
N GLN J 113 0.52 -35.44 -5.24
CA GLN J 113 0.79 -34.84 -3.95
C GLN J 113 1.90 -35.58 -3.25
N GLU J 114 1.83 -36.90 -3.31
CA GLU J 114 2.83 -37.74 -2.66
C GLU J 114 4.17 -37.62 -3.33
N TRP J 115 4.16 -37.58 -4.65
CA TRP J 115 5.36 -37.49 -5.41
C TRP J 115 6.10 -36.21 -5.21
N GLU J 116 5.41 -35.08 -5.27
CA GLU J 116 6.12 -33.85 -5.16
C GLU J 116 6.78 -33.71 -3.80
N ARG J 117 6.16 -34.23 -2.75
CA ARG J 117 6.78 -34.09 -1.45
C ARG J 117 8.02 -34.98 -1.27
N LYS J 118 8.30 -35.85 -2.23
CA LYS J 118 9.48 -36.69 -2.19
C LYS J 118 10.64 -36.11 -3.01
N VAL J 119 10.40 -35.04 -3.78
CA VAL J 119 11.45 -34.46 -4.64
C VAL J 119 11.67 -32.96 -4.42
N ASP J 120 11.28 -32.45 -3.27
CA ASP J 120 11.44 -31.02 -2.94
C ASP J 120 12.89 -30.58 -2.97
N PHE J 121 13.80 -31.49 -2.68
CA PHE J 121 15.21 -31.17 -2.65
C PHE J 121 15.84 -31.29 -4.03
N LEU J 122 15.12 -31.81 -5.01
CA LEU J 122 15.73 -31.90 -6.32
C LEU J 122 15.43 -30.60 -7.03
N GLU J 123 14.26 -30.03 -6.74
CA GLU J 123 13.86 -28.79 -7.39
C GLU J 123 14.91 -27.72 -7.15
N GLU J 124 15.53 -27.77 -5.96
CA GLU J 124 16.55 -26.82 -5.58
C GLU J 124 17.77 -26.78 -6.53
N ASN J 125 18.18 -27.94 -7.13
CA ASN J 125 19.29 -28.04 -8.10
C ASN J 125 18.78 -27.96 -9.55
N ILE J 126 17.56 -28.51 -9.81
CA ILE J 126 16.92 -28.61 -11.10
C ILE J 126 16.52 -27.29 -11.68
N THR J 127 15.95 -26.41 -10.88
CA THR J 127 15.52 -25.15 -11.45
C THR J 127 16.66 -24.49 -12.19
N ALA J 128 17.83 -24.43 -11.57
CA ALA J 128 18.96 -23.79 -12.22
C ALA J 128 19.38 -24.53 -13.48
N LEU J 129 19.35 -25.85 -13.46
CA LEU J 129 19.76 -26.60 -14.64
C LEU J 129 18.81 -26.38 -15.80
N LEU J 130 17.53 -26.29 -15.51
CA LEU J 130 16.53 -26.10 -16.55
C LEU J 130 16.69 -24.72 -17.19
N GLU J 131 16.99 -23.73 -16.36
CA GLU J 131 17.18 -22.37 -16.87
C GLU J 131 18.40 -22.30 -17.77
N GLU J 132 19.47 -23.00 -17.38
CA GLU J 132 20.67 -22.95 -18.20
C GLU J 132 20.40 -23.65 -19.51
N ALA J 133 19.66 -24.75 -19.49
CA ALA J 133 19.40 -25.44 -20.73
C ALA J 133 18.69 -24.52 -21.72
N GLN J 134 17.76 -23.70 -21.23
CA GLN J 134 17.06 -22.79 -22.13
C GLN J 134 17.99 -21.74 -22.69
N ILE J 135 18.92 -21.25 -21.87
CA ILE J 135 19.87 -20.25 -22.33
C ILE J 135 20.78 -20.83 -23.39
N GLN J 136 21.26 -22.06 -23.18
CA GLN J 136 22.16 -22.67 -24.14
C GLN J 136 21.45 -22.90 -25.48
N GLN J 137 20.18 -23.28 -25.44
CA GLN J 137 19.48 -23.51 -26.68
C GLN J 137 19.31 -22.22 -27.47
N GLU J 138 19.00 -21.14 -26.76
CA GLU J 138 18.78 -19.87 -27.42
C GLU J 138 20.06 -19.20 -27.92
N LYS J 139 21.18 -19.38 -27.22
CA LYS J 139 22.40 -18.76 -27.73
C LYS J 139 22.86 -19.54 -28.96
N ASN J 140 22.54 -20.84 -29.03
CA ASN J 140 22.91 -21.59 -30.21
C ASN J 140 22.07 -21.10 -31.40
N MET J 141 20.80 -20.71 -31.15
CA MET J 141 20.00 -20.21 -32.25
C MET J 141 20.54 -18.90 -32.78
N TYR J 142 21.11 -18.08 -31.89
CA TYR J 142 21.74 -16.82 -32.31
C TYR J 142 22.88 -17.09 -33.26
N GLU J 143 23.73 -18.05 -32.90
CA GLU J 143 24.85 -18.37 -33.77
C GLU J 143 24.37 -18.89 -35.12
N LEU J 144 23.29 -19.68 -35.11
CA LEU J 144 22.77 -20.20 -36.35
C LEU J 144 22.18 -19.10 -37.22
N GLN J 145 21.52 -18.09 -36.62
CA GLN J 145 20.99 -17.00 -37.44
C GLN J 145 22.12 -16.20 -38.06
N LYS J 146 23.22 -15.99 -37.30
CA LYS J 146 24.37 -15.27 -37.88
C LYS J 146 24.97 -15.99 -39.11
N LEU J 147 25.07 -17.35 -39.04
CA LEU J 147 25.59 -18.23 -40.08
C LEU J 147 24.61 -18.29 -41.25
N GLN K 21 -12.71 -65.50 27.80
CA GLN K 21 -12.88 -64.18 27.20
C GLN K 21 -13.39 -64.29 25.74
N LEU K 22 -12.51 -64.60 24.74
CA LEU K 22 -12.91 -64.73 23.33
C LEU K 22 -12.85 -66.17 22.89
N GLN K 23 -14.01 -66.70 22.54
CA GLN K 23 -14.10 -68.09 22.11
C GLN K 23 -14.67 -68.20 20.71
N GLU K 24 -13.87 -68.64 19.75
CA GLU K 24 -14.42 -68.72 18.41
C GLU K 24 -15.09 -70.07 18.19
N SER K 25 -15.68 -70.24 17.01
CA SER K 25 -16.34 -71.48 16.66
C SER K 25 -16.62 -71.55 15.17
N GLY K 26 -16.89 -72.76 14.68
CA GLY K 26 -17.31 -72.91 13.29
C GLY K 26 -16.89 -74.25 12.73
N PRO K 27 -17.33 -74.58 11.51
CA PRO K 27 -17.05 -75.83 10.83
C PRO K 27 -15.60 -75.93 10.48
N GLY K 28 -15.04 -77.13 10.60
CA GLY K 28 -13.66 -77.32 10.18
C GLY K 28 -13.57 -77.41 8.68
N VAL K 29 -14.59 -77.98 8.05
CA VAL K 29 -14.56 -78.14 6.61
C VAL K 29 -15.76 -77.56 5.92
N VAL K 30 -15.46 -76.76 4.94
CA VAL K 30 -16.42 -76.12 4.08
C VAL K 30 -16.00 -76.44 2.65
N ARG K 31 -16.91 -76.34 1.69
CA ARG K 31 -16.52 -76.66 0.32
C ARG K 31 -16.26 -75.43 -0.53
N PRO K 32 -15.52 -75.58 -1.64
CA PRO K 32 -15.29 -74.55 -2.60
C PRO K 32 -16.65 -74.06 -3.08
N SER K 33 -16.72 -72.77 -3.34
CA SER K 33 -17.90 -72.06 -3.80
C SER K 33 -19.02 -71.94 -2.77
N GLN K 34 -18.77 -72.37 -1.54
CA GLN K 34 -19.75 -72.22 -0.48
C GLN K 34 -19.45 -70.98 0.34
N THR K 35 -20.31 -70.72 1.31
CA THR K 35 -20.09 -69.59 2.21
C THR K 35 -19.74 -70.09 3.60
N LEU K 36 -18.67 -69.54 4.13
CA LEU K 36 -18.18 -69.85 5.46
C LEU K 36 -18.74 -68.92 6.48
N SER K 37 -19.07 -69.44 7.64
CA SER K 37 -19.44 -68.55 8.71
C SER K 37 -18.67 -68.93 9.94
N LEU K 38 -18.32 -67.92 10.73
CA LEU K 38 -17.60 -68.12 11.98
C LEU K 38 -18.12 -67.22 13.08
N THR K 39 -18.36 -67.80 14.26
CA THR K 39 -18.94 -67.01 15.34
C THR K 39 -18.13 -67.01 16.62
N CYS K 40 -17.87 -65.82 17.13
CA CYS K 40 -17.14 -65.68 18.37
C CYS K 40 -17.94 -65.11 19.52
N ALA K 41 -17.91 -65.83 20.61
CA ALA K 41 -18.62 -65.44 21.80
C ALA K 41 -17.74 -64.66 22.73
N VAL K 42 -18.33 -63.67 23.37
CA VAL K 42 -17.63 -62.84 24.33
C VAL K 42 -18.11 -63.19 25.74
N SER K 43 -17.17 -63.59 26.59
CA SER K 43 -17.48 -64.02 27.94
C SER K 43 -16.95 -63.08 29.01
N GLY K 44 -17.86 -62.58 29.84
CA GLY K 44 -17.53 -61.65 30.93
C GLY K 44 -17.61 -60.20 30.46
N ASP K 45 -17.99 -60.03 29.23
CA ASP K 45 -18.12 -58.74 28.59
C ASP K 45 -19.24 -58.84 27.56
N THR K 46 -19.51 -57.76 26.88
CA THR K 46 -20.57 -57.68 25.87
C THR K 46 -20.04 -57.22 24.54
N VAL K 47 -20.92 -57.03 23.56
CA VAL K 47 -20.46 -56.60 22.25
C VAL K 47 -20.86 -55.18 21.96
N SER K 48 -21.40 -54.52 22.99
CA SER K 48 -21.81 -53.12 22.99
C SER K 48 -20.90 -52.24 23.85
N SER K 49 -19.80 -52.80 24.36
CA SER K 49 -18.91 -52.02 25.22
C SER K 49 -18.24 -50.91 24.43
N CYS K 50 -18.10 -49.76 25.06
CA CYS K 50 -17.55 -48.59 24.42
C CYS K 50 -16.10 -48.62 24.02
N CYS K 51 -15.86 -48.11 22.82
CA CYS K 51 -14.55 -47.96 22.19
C CYS K 51 -13.77 -49.24 21.93
N PHE K 52 -14.45 -50.30 21.52
CA PHE K 52 -13.79 -51.55 21.15
C PHE K 52 -14.18 -51.95 19.77
N PHE K 53 -13.34 -52.74 19.12
CA PHE K 53 -13.70 -53.20 17.81
C PHE K 53 -13.68 -54.70 17.83
N TRP K 54 -14.56 -55.32 17.09
CA TRP K 54 -14.50 -56.75 17.04
C TRP K 54 -13.82 -57.09 15.74
N THR K 55 -12.67 -57.71 15.82
CA THR K 55 -11.93 -57.93 14.60
C THR K 55 -11.59 -59.34 14.34
N TRP K 56 -11.24 -59.59 13.08
CA TRP K 56 -10.78 -60.89 12.65
C TRP K 56 -9.51 -60.80 11.81
N ILE K 57 -8.65 -61.79 11.98
CA ILE K 57 -7.47 -61.96 11.15
C ILE K 57 -7.45 -63.42 10.68
N ARG K 58 -6.62 -63.71 9.68
CA ARG K 58 -6.38 -65.07 9.22
C ARG K 58 -4.91 -65.42 9.22
N GLN K 59 -4.63 -66.69 9.43
CA GLN K 59 -3.27 -67.18 9.26
C GLN K 59 -3.24 -68.47 8.47
N PRO K 60 -3.09 -68.42 7.14
CA PRO K 60 -3.05 -69.57 6.27
C PRO K 60 -1.89 -70.41 6.77
N PRO K 61 -1.92 -71.74 6.70
CA PRO K 61 -0.83 -72.56 7.15
C PRO K 61 0.43 -72.16 6.42
N GLY K 62 1.52 -72.01 7.16
CA GLY K 62 2.81 -71.65 6.58
C GLY K 62 2.99 -70.15 6.34
N LYS K 63 1.97 -69.36 6.65
CA LYS K 63 2.00 -67.93 6.42
C LYS K 63 1.95 -67.09 7.69
N GLY K 64 2.14 -65.79 7.51
CA GLY K 64 2.08 -64.84 8.61
C GLY K 64 0.63 -64.44 8.81
N LEU K 65 0.42 -63.34 9.49
CA LEU K 65 -0.93 -62.93 9.83
C LEU K 65 -1.48 -61.97 8.78
N GLU K 66 -2.79 -62.08 8.49
CA GLU K 66 -3.49 -61.19 7.58
C GLU K 66 -4.74 -60.57 8.20
N TRP K 67 -4.85 -59.27 8.18
CA TRP K 67 -6.05 -58.65 8.73
C TRP K 67 -7.19 -58.82 7.76
N ILE K 68 -8.40 -59.19 8.21
CA ILE K 68 -9.48 -59.29 7.25
C ILE K 68 -10.60 -58.29 7.50
N GLY K 69 -10.78 -57.87 8.74
CA GLY K 69 -11.85 -56.91 8.97
C GLY K 69 -12.09 -56.51 10.42
N ASN K 70 -12.91 -55.48 10.55
CA ASN K 70 -13.28 -54.81 11.78
C ASN K 70 -14.70 -54.24 11.86
N ILE K 71 -15.45 -54.55 12.93
CA ILE K 71 -16.75 -53.90 13.18
C ILE K 71 -16.67 -53.08 14.48
N TYR K 72 -17.11 -51.84 14.44
CA TYR K 72 -17.01 -51.01 15.64
C TYR K 72 -18.16 -51.24 16.63
N SER K 73 -17.83 -51.47 17.89
CA SER K 73 -18.84 -51.78 18.90
C SER K 73 -19.95 -50.75 19.06
N ASP K 74 -19.61 -49.47 18.98
CA ASP K 74 -20.59 -48.41 19.24
C ASP K 74 -21.31 -47.91 18.00
N ASN K 75 -21.10 -48.54 16.85
CA ASN K 75 -21.74 -48.08 15.63
C ASN K 75 -21.99 -49.25 14.71
N ASP K 76 -22.55 -49.01 13.54
CA ASP K 76 -22.81 -50.09 12.59
C ASP K 76 -21.81 -50.06 11.44
N ASN K 77 -20.75 -49.31 11.65
CA ASN K 77 -19.69 -49.16 10.67
C ASN K 77 -18.69 -50.28 10.69
N THR K 78 -18.25 -50.66 9.51
CA THR K 78 -17.22 -51.67 9.34
C THR K 78 -16.10 -51.19 8.46
N ASN K 79 -15.00 -51.92 8.54
CA ASN K 79 -13.79 -51.67 7.77
C ASN K 79 -13.24 -53.02 7.30
N TYR K 80 -13.18 -53.23 5.99
CA TYR K 80 -12.74 -54.53 5.49
C TYR K 80 -11.47 -54.46 4.67
N ASN K 81 -10.70 -55.54 4.68
CA ASN K 81 -9.51 -55.62 3.85
C ASN K 81 -9.98 -55.55 2.41
N PRO K 82 -9.53 -54.60 1.59
CA PRO K 82 -9.94 -54.43 0.21
C PRO K 82 -9.87 -55.70 -0.63
N SER K 83 -8.99 -56.66 -0.30
CA SER K 83 -8.91 -57.87 -1.10
C SER K 83 -10.17 -58.72 -1.01
N LEU K 84 -10.95 -58.49 0.03
CA LEU K 84 -12.19 -59.19 0.30
C LEU K 84 -13.36 -58.22 0.16
N LYS K 85 -13.19 -57.11 -0.55
CA LYS K 85 -14.22 -56.09 -0.63
C LYS K 85 -15.62 -56.62 -0.93
N THR K 86 -15.75 -57.62 -1.81
CA THR K 86 -17.05 -58.14 -2.18
C THR K 86 -17.31 -59.54 -1.60
N ARG K 87 -16.40 -60.03 -0.76
CA ARG K 87 -16.49 -61.37 -0.21
C ARG K 87 -16.78 -61.45 1.28
N ILE K 88 -16.37 -60.45 2.04
CA ILE K 88 -16.50 -60.52 3.50
C ILE K 88 -17.54 -59.59 4.09
N SER K 89 -18.27 -60.12 5.06
CA SER K 89 -19.26 -59.35 5.80
C SER K 89 -19.14 -59.63 7.30
N ILE K 90 -19.19 -58.56 8.10
CA ILE K 90 -19.09 -58.65 9.56
C ILE K 90 -20.30 -58.05 10.24
N SER K 91 -20.82 -58.76 11.23
CA SER K 91 -21.96 -58.30 12.00
C SER K 91 -21.81 -58.63 13.48
N LYS K 92 -22.65 -58.01 14.31
CA LYS K 92 -22.67 -58.22 15.75
C LYS K 92 -24.09 -58.47 16.24
N ASP K 93 -24.24 -59.27 17.31
CA ASP K 93 -25.55 -59.58 17.87
C ASP K 93 -25.56 -59.50 19.40
N MET K 94 -26.18 -58.44 19.90
CA MET K 94 -26.19 -58.09 21.31
C MET K 94 -27.09 -58.95 22.16
N SER K 95 -27.89 -59.79 21.54
CA SER K 95 -28.75 -60.66 22.33
C SER K 95 -27.96 -61.89 22.74
N LYS K 96 -26.80 -62.09 22.10
CA LYS K 96 -25.97 -63.27 22.31
C LYS K 96 -24.59 -62.92 22.84
N ASN K 97 -24.18 -61.65 22.69
CA ASN K 97 -22.83 -61.20 23.00
C ASN K 97 -21.87 -61.95 22.10
N GLN K 98 -22.28 -62.02 20.84
CA GLN K 98 -21.51 -62.68 19.79
C GLN K 98 -21.31 -61.78 18.60
N PHE K 99 -20.28 -62.07 17.85
CA PHE K 99 -20.05 -61.40 16.57
C PHE K 99 -19.60 -62.42 15.56
N SER K 100 -19.79 -62.14 14.29
CA SER K 100 -19.46 -63.13 13.29
C SER K 100 -19.08 -62.64 11.89
N LEU K 101 -18.45 -63.57 11.20
CA LEU K 101 -18.07 -63.48 9.80
C LEU K 101 -18.96 -64.26 8.89
N LYS K 102 -19.09 -63.73 7.70
CA LYS K 102 -19.66 -64.42 6.57
C LYS K 102 -18.69 -64.21 5.39
N LEU K 103 -18.15 -65.30 4.84
CA LEU K 103 -17.21 -65.19 3.72
C LEU K 103 -17.68 -66.00 2.51
N ASN K 104 -18.00 -65.31 1.42
CA ASN K 104 -18.54 -66.04 0.27
C ASN K 104 -17.47 -66.49 -0.72
N SER K 105 -17.91 -67.26 -1.73
CA SER K 105 -17.06 -67.75 -2.81
C SER K 105 -15.77 -68.38 -2.33
N LEU K 106 -15.87 -69.33 -1.42
CA LEU K 106 -14.68 -69.96 -0.86
C LEU K 106 -13.80 -70.70 -1.84
N THR K 107 -12.51 -70.57 -1.63
CA THR K 107 -11.52 -71.26 -2.43
C THR K 107 -10.42 -71.92 -1.60
N ALA K 108 -9.49 -72.58 -2.27
CA ALA K 108 -8.41 -73.29 -1.58
C ALA K 108 -7.52 -72.36 -0.75
N THR K 109 -7.37 -71.14 -1.21
CA THR K 109 -6.49 -70.17 -0.59
C THR K 109 -7.12 -69.54 0.65
N ASP K 110 -8.35 -69.91 0.97
CA ASP K 110 -9.00 -69.39 2.15
C ASP K 110 -8.78 -70.31 3.34
N THR K 111 -7.99 -71.37 3.14
CA THR K 111 -7.71 -72.22 4.28
C THR K 111 -6.83 -71.42 5.20
N ALA K 112 -7.24 -71.31 6.45
CA ALA K 112 -6.51 -70.52 7.43
C ALA K 112 -7.01 -70.73 8.81
N ILE K 113 -6.23 -70.31 9.79
CA ILE K 113 -6.78 -70.26 11.11
C ILE K 113 -7.37 -68.88 11.29
N TYR K 114 -8.64 -68.83 11.64
CA TYR K 114 -9.34 -67.57 11.81
C TYR K 114 -9.30 -67.20 13.28
N TYR K 115 -8.94 -65.96 13.58
CA TYR K 115 -8.84 -65.54 14.98
C TYR K 115 -9.57 -64.26 15.28
N CYS K 116 -10.08 -64.17 16.51
CA CYS K 116 -10.67 -62.93 17.00
C CYS K 116 -9.82 -62.12 17.96
N ALA K 117 -10.07 -60.82 17.94
CA ALA K 117 -9.39 -59.88 18.85
C ALA K 117 -10.24 -58.62 19.14
N ARG K 118 -9.87 -57.89 20.22
CA ARG K 118 -10.59 -56.66 20.62
C ARG K 118 -10.06 -55.34 20.03
N GLU K 119 -8.80 -55.32 19.67
CA GLU K 119 -8.16 -54.13 19.13
C GLU K 119 -8.44 -52.92 19.99
N SER K 120 -8.22 -53.04 21.29
CA SER K 120 -8.51 -51.96 22.18
C SER K 120 -7.65 -50.73 21.87
N PRO K 121 -8.23 -49.52 21.91
CA PRO K 121 -7.52 -48.27 21.78
C PRO K 121 -6.84 -47.96 23.06
N SER K 122 -5.75 -47.23 23.00
CA SER K 122 -5.19 -46.70 24.22
C SER K 122 -5.81 -45.35 24.36
N ARG K 123 -6.78 -45.23 25.24
CA ARG K 123 -7.48 -43.97 25.35
C ARG K 123 -6.61 -43.02 26.12
N GLY K 124 -6.76 -41.73 25.88
CA GLY K 124 -5.93 -40.78 26.59
C GLY K 124 -5.40 -39.70 25.68
N ASN K 125 -4.35 -39.04 26.11
CA ASN K 125 -3.81 -37.90 25.39
C ASN K 125 -3.11 -38.24 24.06
N PHE K 126 -3.02 -39.51 23.72
CA PHE K 126 -2.48 -39.88 22.41
C PHE K 126 -3.54 -40.37 21.38
N CYS K 127 -4.84 -40.45 21.77
CA CYS K 127 -5.93 -40.96 20.95
C CYS K 127 -6.84 -39.81 20.56
N TYR K 128 -7.03 -39.61 19.28
CA TYR K 128 -7.80 -38.47 18.84
C TYR K 128 -9.14 -38.90 18.26
N ALA K 129 -9.13 -40.05 17.61
CA ALA K 129 -10.30 -40.61 16.96
C ALA K 129 -10.17 -42.10 16.90
N TYR K 130 -11.27 -42.84 16.88
CA TYR K 130 -11.11 -44.28 16.79
C TYR K 130 -11.04 -44.74 15.34
N LEU K 131 -9.98 -44.31 14.70
CA LEU K 131 -9.69 -44.54 13.29
C LEU K 131 -8.28 -45.08 13.14
N TYR K 132 -8.03 -45.83 12.09
CA TYR K 132 -6.63 -46.21 11.94
C TYR K 132 -5.87 -44.97 11.62
N GLY K 133 -4.72 -44.80 12.25
CA GLY K 133 -3.87 -43.65 12.02
C GLY K 133 -4.11 -42.48 12.99
N ASN K 134 -5.20 -42.53 13.76
CA ASN K 134 -5.50 -41.44 14.70
C ASN K 134 -5.62 -41.84 16.20
N CYS K 135 -5.16 -43.06 16.59
CA CYS K 135 -5.24 -43.59 17.96
C CYS K 135 -4.33 -44.81 18.04
N PRO K 136 -3.56 -45.00 19.12
CA PRO K 136 -2.84 -46.22 19.33
C PRO K 136 -3.90 -47.30 19.39
N LEU K 137 -3.68 -48.39 18.70
CA LEU K 137 -4.60 -49.51 18.66
C LEU K 137 -3.82 -50.79 18.69
N HIS K 138 -4.22 -51.72 19.53
CA HIS K 138 -3.53 -52.99 19.58
C HIS K 138 -4.41 -54.16 19.97
N PHE K 139 -4.02 -55.34 19.51
CA PHE K 139 -4.79 -56.51 19.85
C PHE K 139 -4.26 -57.15 21.13
N ASP K 140 -4.70 -56.65 22.27
CA ASP K 140 -4.21 -57.18 23.55
C ASP K 140 -4.86 -58.53 23.84
N LEU K 141 -6.16 -58.59 23.61
CA LEU K 141 -6.94 -59.77 23.84
C LEU K 141 -7.29 -60.53 22.58
N TRP K 142 -6.88 -61.80 22.58
CA TRP K 142 -7.05 -62.76 21.49
C TRP K 142 -7.80 -64.00 21.90
N GLY K 143 -8.48 -64.58 20.93
CA GLY K 143 -9.16 -65.85 21.13
C GLY K 143 -8.24 -67.04 20.85
N GLN K 144 -8.81 -68.21 20.58
CA GLN K 144 -8.04 -69.43 20.42
C GLN K 144 -7.67 -69.73 18.97
N GLY K 145 -8.60 -69.45 18.07
CA GLY K 145 -8.42 -69.71 16.65
C GLY K 145 -9.16 -70.93 16.11
N VAL K 146 -9.80 -70.78 14.96
CA VAL K 146 -10.54 -71.88 14.32
C VAL K 146 -9.89 -72.25 13.01
N LEU K 147 -9.48 -73.49 12.87
CA LEU K 147 -8.87 -73.87 11.61
C LEU K 147 -9.92 -74.31 10.63
N VAL K 148 -9.98 -73.59 9.53
CA VAL K 148 -10.95 -73.86 8.51
C VAL K 148 -10.27 -74.25 7.22
N THR K 149 -10.67 -75.41 6.71
CA THR K 149 -10.16 -75.97 5.47
C THR K 149 -11.23 -75.95 4.40
N VAL K 150 -10.84 -75.50 3.21
CA VAL K 150 -11.77 -75.52 2.10
C VAL K 150 -11.38 -76.71 1.26
N SER K 151 -12.27 -77.67 1.14
CA SER K 151 -11.96 -78.93 0.45
C SER K 151 -13.23 -79.64 -0.01
N SER K 152 -13.09 -80.68 -0.87
CA SER K 152 -14.18 -81.52 -1.40
C SER K 152 -14.60 -82.63 -0.39
N ASP L 20 -0.83 -49.86 -0.24
CA ASP L 20 -0.61 -50.14 1.17
C ASP L 20 0.89 -49.98 1.52
N ILE L 21 1.22 -50.18 2.81
CA ILE L 21 2.57 -50.10 3.38
C ILE L 21 3.20 -51.47 3.40
N LEU L 22 4.37 -51.58 2.80
CA LEU L 22 5.06 -52.84 2.84
C LEU L 22 5.95 -52.83 4.06
N LEU L 23 5.71 -53.78 4.93
CA LEU L 23 6.45 -53.85 6.16
C LEU L 23 7.26 -55.13 6.06
N THR L 24 8.55 -55.08 6.37
CA THR L 24 9.41 -56.24 6.28
C THR L 24 10.21 -56.44 7.55
N GLN L 25 10.76 -57.64 7.73
CA GLN L 25 11.58 -57.92 8.91
C GLN L 25 12.88 -58.62 8.58
N SER L 26 13.89 -58.39 9.42
CA SER L 26 15.18 -59.03 9.25
C SER L 26 15.96 -59.17 10.57
N PRO L 27 16.65 -60.30 10.78
CA PRO L 27 16.75 -61.54 10.02
C PRO L 27 15.44 -62.28 10.03
N SER L 28 15.18 -63.10 9.02
CA SER L 28 13.97 -63.90 8.99
C SER L 28 14.03 -65.05 9.98
N SER L 29 15.25 -65.43 10.32
CA SER L 29 15.54 -66.50 11.25
C SER L 29 16.86 -66.19 11.93
N LEU L 30 16.82 -66.14 13.24
CA LEU L 30 17.97 -65.84 14.05
C LEU L 30 17.92 -66.66 15.32
N SER L 31 19.07 -66.85 15.94
CA SER L 31 19.12 -67.60 17.16
C SER L 31 20.25 -67.13 18.02
N GLY L 32 20.25 -67.61 19.24
CA GLY L 32 21.31 -67.30 20.18
C GLY L 32 21.07 -68.12 21.42
N SER L 33 21.97 -68.02 22.36
CA SER L 33 21.88 -68.80 23.57
C SER L 33 21.01 -68.13 24.57
N VAL L 34 20.58 -68.90 25.54
CA VAL L 34 19.83 -68.33 26.61
C VAL L 34 20.81 -67.45 27.36
N GLY L 35 20.40 -66.22 27.61
CA GLY L 35 21.22 -65.22 28.24
C GLY L 35 21.83 -64.23 27.25
N ASP L 36 21.73 -64.47 25.94
CA ASP L 36 22.30 -63.50 25.00
C ASP L 36 21.38 -62.34 24.70
N ARG L 37 21.88 -61.39 23.89
CA ARG L 37 21.11 -60.23 23.47
C ARG L 37 20.51 -60.44 22.11
N VAL L 38 19.20 -60.34 22.01
CA VAL L 38 18.56 -60.59 20.73
C VAL L 38 17.74 -59.44 20.22
N THR L 39 18.01 -59.04 18.97
CA THR L 39 17.23 -57.97 18.38
C THR L 39 16.67 -58.34 17.02
N ILE L 40 15.48 -57.82 16.75
CA ILE L 40 14.76 -57.96 15.47
C ILE L 40 14.48 -56.60 14.85
N THR L 41 14.84 -56.42 13.58
CA THR L 41 14.59 -55.13 12.96
C THR L 41 13.40 -55.22 11.99
N CYS L 42 12.45 -54.27 12.11
CA CYS L 42 11.27 -54.10 11.27
C CYS L 42 11.39 -52.79 10.49
N ARG L 43 11.17 -52.89 9.18
CA ARG L 43 11.33 -51.74 8.29
C ARG L 43 10.09 -51.47 7.46
N ALA L 44 9.87 -50.21 7.10
CA ALA L 44 8.72 -49.88 6.27
C ALA L 44 9.08 -49.10 5.02
N SER L 45 8.31 -49.35 3.96
CA SER L 45 8.43 -48.64 2.68
C SER L 45 7.87 -47.23 2.75
N GLN L 46 7.08 -46.97 3.78
CA GLN L 46 6.45 -45.68 4.02
C GLN L 46 6.66 -45.37 5.47
N GLY L 47 6.79 -44.11 5.83
CA GLY L 47 6.95 -43.86 7.26
C GLY L 47 5.65 -44.12 8.00
N ILE L 48 5.80 -44.63 9.21
CA ILE L 48 4.76 -44.89 10.18
C ILE L 48 5.04 -43.90 11.29
N ASN L 49 4.08 -43.09 11.69
CA ASN L 49 4.48 -42.11 12.69
C ASN L 49 5.05 -42.76 13.95
N SER L 50 4.32 -43.71 14.51
CA SER L 50 4.76 -44.40 15.71
C SER L 50 3.84 -45.56 15.91
N TYR L 51 2.88 -45.67 15.03
CA TYR L 51 1.85 -46.69 15.14
C TYR L 51 2.30 -48.07 14.72
N LEU L 52 3.17 -48.66 15.54
CA LEU L 52 3.65 -50.00 15.28
C LEU L 52 3.67 -50.88 16.53
N ASN L 53 3.09 -52.06 16.40
CA ASN L 53 2.99 -53.03 17.49
C ASN L 53 3.90 -54.23 17.26
N TRP L 54 4.23 -54.93 18.34
CA TRP L 54 4.94 -56.19 18.21
C TRP L 54 4.14 -57.29 18.88
N TYR L 55 4.13 -58.46 18.26
CA TYR L 55 3.43 -59.64 18.75
C TYR L 55 4.37 -60.83 18.89
N GLN L 56 4.04 -61.73 19.83
CA GLN L 56 4.78 -62.96 20.05
C GLN L 56 3.89 -64.18 19.86
N GLN L 57 4.24 -65.07 18.94
CA GLN L 57 3.41 -66.24 18.67
C GLN L 57 4.10 -67.57 18.90
N LYS L 58 3.52 -68.37 19.79
CA LYS L 58 4.07 -69.68 20.02
C LYS L 58 3.35 -70.59 19.05
N PRO L 59 3.98 -71.65 18.52
CA PRO L 59 3.33 -72.56 17.62
C PRO L 59 2.08 -73.13 18.25
N GLY L 60 1.01 -73.19 17.46
CA GLY L 60 -0.26 -73.73 17.93
C GLY L 60 -1.15 -72.76 18.68
N LYS L 61 -0.70 -71.52 18.88
CA LYS L 61 -1.48 -70.54 19.63
C LYS L 61 -1.72 -69.24 18.89
N ALA L 62 -2.77 -68.52 19.31
CA ALA L 62 -3.01 -67.19 18.79
C ALA L 62 -1.84 -66.34 19.23
N PRO L 63 -1.43 -65.32 18.46
CA PRO L 63 -0.36 -64.42 18.80
C PRO L 63 -0.83 -63.55 19.95
N LYS L 64 0.09 -63.03 20.75
CA LYS L 64 -0.31 -62.10 21.80
C LYS L 64 0.49 -60.82 21.68
N LEU L 65 -0.09 -59.73 22.15
CA LEU L 65 0.61 -58.46 22.10
C LEU L 65 1.77 -58.45 23.06
N LEU L 66 2.91 -58.02 22.57
CA LEU L 66 4.09 -57.98 23.39
C LEU L 66 4.35 -56.53 23.79
N ILE L 67 4.43 -55.66 22.77
CA ILE L 67 4.69 -54.22 22.86
C ILE L 67 3.71 -53.45 22.01
N TYR L 68 3.28 -52.28 22.45
CA TYR L 68 2.40 -51.49 21.61
C TYR L 68 2.84 -50.04 21.44
N PHE L 69 2.38 -49.49 20.33
CA PHE L 69 2.61 -48.08 19.95
C PHE L 69 4.11 -47.75 19.98
N ALA L 70 4.89 -48.74 19.53
CA ALA L 70 6.33 -48.83 19.37
C ALA L 70 7.14 -48.59 20.62
N ASN L 71 6.53 -48.48 21.79
CA ASN L 71 7.30 -48.11 22.97
C ASN L 71 6.86 -48.69 24.28
N ARG L 72 5.60 -49.08 24.39
CA ARG L 72 5.03 -49.42 25.67
C ARG L 72 4.86 -50.90 25.84
N LEU L 73 5.33 -51.40 26.95
CA LEU L 73 5.23 -52.81 27.18
C LEU L 73 3.81 -53.14 27.56
N GLN L 74 3.27 -54.24 27.03
CA GLN L 74 1.95 -54.65 27.43
C GLN L 74 1.98 -55.23 28.82
N SER L 75 1.08 -54.77 29.67
CA SER L 75 1.06 -55.28 31.03
C SER L 75 0.89 -56.78 30.98
N GLY L 76 1.65 -57.48 31.82
CA GLY L 76 1.65 -58.93 31.91
C GLY L 76 2.86 -59.51 31.17
N VAL L 77 3.50 -58.69 30.34
CA VAL L 77 4.68 -59.09 29.61
C VAL L 77 5.90 -58.77 30.46
N PRO L 78 6.85 -59.70 30.62
CA PRO L 78 8.08 -59.50 31.36
C PRO L 78 8.88 -58.32 30.88
N SER L 79 9.56 -57.68 31.84
CA SER L 79 10.37 -56.47 31.66
C SER L 79 11.58 -56.64 30.76
N ARG L 80 11.92 -57.88 30.45
CA ARG L 80 13.04 -58.14 29.56
C ARG L 80 12.72 -57.73 28.13
N PHE L 81 11.44 -57.53 27.82
CA PHE L 81 11.09 -57.13 26.47
C PHE L 81 11.02 -55.62 26.41
N SER L 82 11.56 -55.05 25.35
CA SER L 82 11.54 -53.61 25.15
C SER L 82 11.71 -53.29 23.68
N GLY L 83 11.53 -52.04 23.30
CA GLY L 83 11.73 -51.67 21.92
C GLY L 83 11.53 -50.19 21.74
N SER L 84 11.84 -49.73 20.53
CA SER L 84 11.71 -48.33 20.14
C SER L 84 11.72 -48.21 18.63
N GLY L 85 11.38 -47.03 18.11
CA GLY L 85 11.45 -46.81 16.67
C GLY L 85 10.53 -45.73 16.18
N SER L 86 10.73 -45.32 14.94
CA SER L 86 9.93 -44.27 14.32
C SER L 86 10.10 -44.31 12.82
N GLY L 87 9.23 -43.62 12.09
CA GLY L 87 9.47 -43.49 10.67
C GLY L 87 9.49 -44.83 9.99
N THR L 88 10.59 -45.16 9.34
CA THR L 88 10.71 -46.41 8.61
C THR L 88 11.56 -47.47 9.29
N GLU L 89 12.00 -47.24 10.53
CA GLU L 89 12.82 -48.26 11.20
C GLU L 89 12.50 -48.44 12.70
N PHE L 90 12.16 -49.70 13.04
CA PHE L 90 11.80 -50.08 14.40
C PHE L 90 12.55 -51.32 14.90
N THR L 91 12.87 -51.35 16.20
CA THR L 91 13.54 -52.51 16.76
C THR L 91 12.90 -53.12 18.01
N LEU L 92 12.81 -54.43 17.99
CA LEU L 92 12.37 -55.24 19.13
C LEU L 92 13.58 -55.87 19.79
N THR L 93 13.70 -55.70 21.10
CA THR L 93 14.82 -56.25 21.83
C THR L 93 14.45 -57.12 23.02
N ILE L 94 15.17 -58.25 23.18
CA ILE L 94 15.02 -59.06 24.38
C ILE L 94 16.35 -58.87 25.11
N SER L 95 16.29 -58.29 26.31
CA SER L 95 17.52 -57.94 27.01
C SER L 95 18.40 -59.13 27.36
N SER L 96 17.75 -60.27 27.60
CA SER L 96 18.37 -61.55 27.91
C SER L 96 17.45 -62.64 27.41
N LEU L 97 17.86 -63.36 26.37
CA LEU L 97 17.00 -64.37 25.77
C LEU L 97 16.70 -65.49 26.73
N GLN L 98 15.42 -65.86 26.85
CA GLN L 98 15.07 -66.97 27.71
C GLN L 98 14.79 -68.22 26.91
N SER L 99 14.86 -69.38 27.55
CA SER L 99 14.59 -70.66 26.89
C SER L 99 13.14 -70.79 26.41
N GLU L 100 12.28 -69.96 26.97
CA GLU L 100 10.87 -69.93 26.65
C GLU L 100 10.53 -68.91 25.57
N ASP L 101 11.53 -68.19 25.06
CA ASP L 101 11.25 -67.14 24.08
C ASP L 101 11.33 -67.60 22.64
N GLY L 102 11.53 -68.89 22.42
CA GLY L 102 11.53 -69.31 21.04
C GLY L 102 10.12 -69.04 20.58
N ALA L 103 9.99 -68.28 19.51
CA ALA L 103 8.68 -67.86 19.01
C ALA L 103 8.80 -67.19 17.66
N THR L 104 7.67 -67.03 16.99
CA THR L 104 7.68 -66.21 15.81
C THR L 104 7.24 -64.84 16.26
N TYR L 105 8.02 -63.84 15.93
CA TYR L 105 7.69 -62.49 16.33
C TYR L 105 7.19 -61.76 15.12
N TYR L 106 6.24 -60.90 15.33
CA TYR L 106 5.71 -60.11 14.22
C TYR L 106 5.68 -58.64 14.56
N CYS L 107 5.89 -57.77 13.54
CA CYS L 107 5.65 -56.35 13.67
C CYS L 107 4.35 -56.03 12.91
N GLN L 108 3.62 -55.06 13.41
CA GLN L 108 2.39 -54.62 12.78
C GLN L 108 2.30 -53.13 12.64
N GLN L 109 1.93 -52.66 11.47
CA GLN L 109 1.69 -51.23 11.33
C GLN L 109 0.21 -51.08 11.38
N TYR L 110 -0.27 -50.02 11.97
CA TYR L 110 -1.69 -49.77 11.95
C TYR L 110 -1.94 -48.31 11.66
N ASP L 111 -1.09 -47.78 10.78
CA ASP L 111 -1.17 -46.42 10.31
C ASP L 111 -2.40 -46.39 9.41
N THR L 112 -2.61 -47.51 8.71
CA THR L 112 -3.77 -47.72 7.83
C THR L 112 -4.02 -49.21 7.66
N PHE L 113 -5.28 -49.64 7.45
CA PHE L 113 -5.58 -51.04 7.12
C PHE L 113 -4.48 -52.00 7.53
N PRO L 114 -4.35 -52.44 8.77
CA PRO L 114 -3.19 -53.14 9.28
C PRO L 114 -2.84 -54.32 8.40
N THR L 115 -1.56 -54.44 8.04
CA THR L 115 -1.12 -55.50 7.13
C THR L 115 -0.20 -56.57 7.70
N PHE L 116 0.46 -56.28 8.82
CA PHE L 116 1.47 -57.14 9.46
C PHE L 116 2.72 -57.32 8.60
N GLY L 117 3.85 -57.51 9.27
CA GLY L 117 5.09 -57.80 8.60
C GLY L 117 5.10 -59.32 8.41
N PRO L 118 6.11 -59.89 7.77
CA PRO L 118 6.23 -61.32 7.52
C PRO L 118 6.51 -62.18 8.74
N GLY L 119 7.05 -61.59 9.81
CA GLY L 119 7.41 -62.36 10.96
C GLY L 119 8.84 -62.87 10.89
N THR L 120 9.45 -63.09 12.05
CA THR L 120 10.80 -63.66 12.14
C THR L 120 10.82 -64.76 13.19
N LYS L 121 11.71 -65.72 13.06
CA LYS L 121 11.81 -66.75 14.09
C LYS L 121 13.00 -66.63 15.00
N LEU L 122 12.75 -66.75 16.31
CA LEU L 122 13.85 -66.85 17.25
C LEU L 122 13.96 -68.26 17.72
N ASP L 123 15.11 -68.89 17.50
CA ASP L 123 15.28 -70.25 17.98
C ASP L 123 16.13 -70.22 19.25
N ILE L 124 16.37 -71.38 19.85
CA ILE L 124 17.15 -71.44 21.08
C ILE L 124 18.41 -72.33 20.96
N LYS L 125 19.59 -71.78 21.35
CA LYS L 125 20.91 -72.45 21.35
C LYS L 125 21.59 -72.34 22.74
#